data_3UNA
#
_entry.id   3UNA
#
_cell.length_a   166.028
_cell.length_b   123.182
_cell.length_c   147.624
_cell.angle_alpha   90.00
_cell.angle_beta   91.02
_cell.angle_gamma   90.00
#
_symmetry.space_group_name_H-M   'C 1 2 1'
#
loop_
_entity.id
_entity.type
_entity.pdbx_description
1 polymer 'Xanthine dehydrogenase/oxidase'
2 non-polymer 'FE2/S2 (INORGANIC) CLUSTER'
3 non-polymer 'PHOSPHONIC ACIDMONO-(2-AMINO-5,6-DIMERCAPTO-4-OXO-3,7,8A,9,10,10A-HEXAHYDRO-4H-8-OXA-1,3,9,10-TETRAAZA-ANTHRACEN-7-YLMETHYL)ESTER'
4 non-polymer 'DIOXOTHIOMOLYBDENUM(VI) ION'
5 non-polymer 'FLAVIN-ADENINE DINUCLEOTIDE'
6 non-polymer NICOTINAMIDE-ADENINE-DINUCLEOTIDE
7 non-polymer 'CARBONATE ION'
8 non-polymer '2-HYDROXYBENZOIC ACID'
9 non-polymer GLYCEROL
10 non-polymer 'CALCIUM ION'
11 water water
#
_entity_poly.entity_id   1
_entity_poly.type   'polypeptide(L)'
_entity_poly.pdbx_seq_one_letter_code
;MTADELVFFVNGKKVVEKNADPETTLLAYLRRKLGLRGTKLGCGEGGCGACTVMLSKYDRLQDKIIHFSANACLAPICTL
HHVAVTTVEGIGSTKTRLHPVQERIAKSHGSQCGFCTPGIVMSMYTLLRNQPEPTVEEIEDAFQGNLCRCTGYRPILQGF
RTFAKNGGCCGGNGNNPNCCMNQKKDHTVTLSPSLFNPEEFMPLDPTQEPIFPPELLRLKDVPPKQLRFEGERVTWIQAS
TLKELLDLKAQHPEAKLVVGNTEIGIEMKFKNQLFPMIICPAWIPELNAVEHGPEGISFGAACALSSVEKTLLEAVAKLP
TQKTEVFRGVLEQLRWFAGKQVKSVASLGGNIITASPISDLNPVFMASGTKLTIVSRGTRRTVPMDHTFFPSYRKTLLGP
EEILLSIEIPYSREDEFFSAFKQASRREDDIAKVTCGMRVLFQPGSMQVKELALCYGGMADRTISALKTTQKQLSKFWNE
KLLQDVCAGLAEELSLSPDAPGGMIEFRRTLTLSFFFKFYLTVLKKLGKDSKDKCGKLDPTYTSATLLFQKDPPANIQLF
QEVPNGQSKEDTVGRPLPHLAAAMQASGEAVYCDDIPRYENELFLRLVTSTRAHAKIKSIDVSEAQKVPGFVCFLSADDI
PGSNETGLFNDETVFAKDTVTCVGHIIGAVVADTPEHAERAAHVVKVTYEDLPAIITIEDAIKNNSFYGSELKIEKGDLK
KGFSEADNVVSGELYIGGQDHFYLETHCTIAIPKGEEGEMELFVSTQNAMKTQSFVAKMLGVPVNRILVRVKRMGGGFGG
KETRSTLVSVAVALAAYKTGHPVRCMLDRNEDMLITGGRHPFLARYKVGFMKTGTIVALEVDHYSNAGNSRDLSHSIMER
ALFHMDNCYKIPNIRGTGRLCKTNLSSNTAFRGFGGPQALFIAENWMSEVAVTCGLPAEEVRWKNMYKEGDLTHFNQRLE
GFSVPRCWDECLKSSQYYARKSEVDKFNKENCWKKRGLCIIPTKFGISFTVPFLNQAGALIHVYTDGSVLVSHGGTEMGQ
GLHTKMVQVASKALKIPISKIYISETSTNTVPNSSPTAASVSTDIYGQAVYEACQTILKRLEPFKKKNPDGSWEDWVMAA
YQDRVSLSTTGFYRTPNLGYSFETNSGNAFHYFTYGVACSEVEIDCLTGDHKNLRTDIVMDVGSSLNPAIDIGQVEGAFV
QGLGLFTLEELHYSPEGSLHTRGPSTYKIPAFGSIPTEFRVSLLRDCPNKKAIYASKAVGEPPLFLGASVFFAIKDAIRA
ARAQHTNNNTKELFRLDSPATPEKIRNACVDKFTTLCVTGAPGNCKPWSLRV
;
_entity_poly.pdbx_strand_id   A,B
#
# COMPACT_ATOMS: atom_id res chain seq x y z
N ALA A 3 -2.62 9.47 36.01
CA ALA A 3 -3.18 8.10 35.77
C ALA A 3 -2.12 7.02 35.96
N ASP A 4 -2.56 5.87 36.42
CA ASP A 4 -1.67 4.73 36.65
C ASP A 4 -1.45 3.98 35.34
N GLU A 5 -0.32 3.29 35.24
CA GLU A 5 -0.03 2.52 34.05
C GLU A 5 -0.89 1.26 34.05
N LEU A 6 -1.35 0.87 32.88
CA LEU A 6 -2.14 -0.36 32.75
C LEU A 6 -1.12 -1.39 32.31
N VAL A 7 -0.99 -2.47 33.08
CA VAL A 7 -0.02 -3.49 32.74
C VAL A 7 -0.66 -4.85 32.56
N PHE A 8 -0.49 -5.42 31.38
CA PHE A 8 -1.04 -6.74 31.10
C PHE A 8 -0.17 -7.41 30.06
N PHE A 9 -0.49 -8.65 29.72
CA PHE A 9 0.31 -9.37 28.76
C PHE A 9 -0.52 -9.84 27.58
N VAL A 10 0.11 -9.87 26.41
CA VAL A 10 -0.56 -10.35 25.21
C VAL A 10 0.39 -11.35 24.59
N ASN A 11 -0.06 -12.60 24.53
CA ASN A 11 0.74 -13.70 23.98
C ASN A 11 2.11 -13.80 24.61
N GLY A 12 2.14 -13.67 25.94
CA GLY A 12 3.37 -13.78 26.67
C GLY A 12 4.22 -12.52 26.73
N LYS A 13 3.85 -11.51 25.95
CA LYS A 13 4.60 -10.27 25.92
C LYS A 13 3.98 -9.20 26.83
N LYS A 14 4.81 -8.57 27.64
CA LYS A 14 4.33 -7.55 28.56
C LYS A 14 3.92 -6.29 27.83
N VAL A 15 2.76 -5.75 28.23
CA VAL A 15 2.25 -4.53 27.64
C VAL A 15 2.11 -3.50 28.75
N VAL A 16 2.72 -2.33 28.55
CA VAL A 16 2.61 -1.27 29.54
C VAL A 16 1.94 -0.09 28.84
N GLU A 17 0.68 0.12 29.15
CA GLU A 17 -0.07 1.22 28.54
C GLU A 17 -0.08 2.35 29.55
N LYS A 18 0.71 3.38 29.28
CA LYS A 18 0.80 4.52 30.19
C LYS A 18 -0.39 5.48 30.14
N ASN A 19 -1.16 5.43 29.06
CA ASN A 19 -2.32 6.32 28.95
C ASN A 19 -3.56 5.58 28.51
N ALA A 20 -3.93 4.55 29.27
CA ALA A 20 -5.10 3.76 28.96
C ALA A 20 -6.39 4.58 28.97
N ASP A 21 -7.15 4.47 27.90
CA ASP A 21 -8.41 5.18 27.81
C ASP A 21 -9.47 4.15 28.19
N PRO A 22 -10.28 4.46 29.22
CA PRO A 22 -11.32 3.54 29.68
C PRO A 22 -12.26 3.02 28.59
N GLU A 23 -12.41 3.79 27.51
CA GLU A 23 -13.30 3.38 26.43
C GLU A 23 -12.66 2.44 25.41
N THR A 24 -11.36 2.23 25.53
CA THR A 24 -10.66 1.35 24.58
C THR A 24 -10.95 -0.12 24.86
N THR A 25 -11.47 -0.82 23.85
CA THR A 25 -11.75 -2.25 24.00
C THR A 25 -10.50 -3.03 23.67
N LEU A 26 -10.42 -4.27 24.15
CA LEU A 26 -9.27 -5.11 23.88
C LEU A 26 -9.15 -5.33 22.37
N LEU A 27 -10.29 -5.48 21.71
CA LEU A 27 -10.27 -5.72 20.27
C LEU A 27 -9.56 -4.56 19.56
N ALA A 28 -9.99 -3.34 19.85
CA ALA A 28 -9.39 -2.17 19.23
C ALA A 28 -7.91 -2.08 19.56
N TYR A 29 -7.56 -2.37 20.80
CA TYR A 29 -6.19 -2.32 21.23
C TYR A 29 -5.33 -3.34 20.48
N LEU A 30 -5.81 -4.57 20.40
CA LEU A 30 -5.08 -5.61 19.70
C LEU A 30 -4.85 -5.25 18.22
N ARG A 31 -5.92 -4.82 17.57
CA ARG A 31 -5.85 -4.50 16.15
C ARG A 31 -5.13 -3.21 15.78
N ARG A 32 -5.39 -2.14 16.52
CA ARG A 32 -4.79 -0.85 16.19
C ARG A 32 -3.50 -0.48 16.89
N LYS A 33 -3.31 -0.97 18.10
CA LYS A 33 -2.12 -0.65 18.86
C LYS A 33 -1.05 -1.73 18.82
N LEU A 34 -1.45 -2.98 18.91
CA LEU A 34 -0.50 -4.08 18.90
C LEU A 34 -0.26 -4.72 17.54
N GLY A 35 -1.06 -4.34 16.55
CA GLY A 35 -0.89 -4.88 15.22
C GLY A 35 -1.19 -6.37 15.10
N LEU A 36 -2.07 -6.88 15.98
CA LEU A 36 -2.45 -8.29 15.95
C LEU A 36 -3.87 -8.34 15.38
N ARG A 37 -3.95 -8.45 14.06
CA ARG A 37 -5.23 -8.47 13.37
C ARG A 37 -5.94 -9.81 13.22
N GLY A 38 -5.43 -10.84 13.89
CA GLY A 38 -6.05 -12.15 13.81
C GLY A 38 -7.43 -12.12 14.43
N THR A 39 -7.57 -11.39 15.53
CA THR A 39 -8.83 -11.23 16.23
C THR A 39 -9.65 -10.27 15.38
N LYS A 40 -10.89 -10.65 15.07
CA LYS A 40 -11.76 -9.85 14.19
C LYS A 40 -12.95 -9.18 14.83
N LEU A 41 -13.48 -8.19 14.12
CA LEU A 41 -14.68 -7.48 14.55
C LEU A 41 -15.78 -8.06 13.66
N GLY A 42 -16.78 -8.68 14.29
CA GLY A 42 -17.87 -9.26 13.53
C GLY A 42 -19.22 -8.66 13.86
N CYS A 43 -19.35 -8.07 15.05
CA CYS A 43 -20.62 -7.49 15.45
C CYS A 43 -20.50 -6.44 16.54
N GLY A 44 -19.42 -6.50 17.32
CA GLY A 44 -19.22 -5.54 18.39
C GLY A 44 -20.28 -5.62 19.48
N GLU A 45 -21.06 -6.70 19.49
CA GLU A 45 -22.10 -6.84 20.51
C GLU A 45 -22.11 -8.18 21.23
N GLY A 46 -21.00 -8.91 21.15
CA GLY A 46 -20.86 -10.18 21.85
C GLY A 46 -21.56 -11.40 21.29
N GLY A 47 -22.23 -11.27 20.15
CA GLY A 47 -22.94 -12.42 19.62
C GLY A 47 -22.30 -13.28 18.55
N CYS A 48 -21.20 -12.86 17.94
CA CYS A 48 -20.60 -13.68 16.88
C CYS A 48 -19.35 -14.44 17.29
N GLY A 49 -18.66 -13.96 18.32
CA GLY A 49 -17.47 -14.64 18.79
C GLY A 49 -16.23 -14.48 17.92
N ALA A 50 -16.31 -13.69 16.85
CA ALA A 50 -15.15 -13.52 15.97
C ALA A 50 -13.99 -12.83 16.68
N CYS A 51 -14.30 -12.14 17.78
CA CYS A 51 -13.29 -11.43 18.55
C CYS A 51 -12.85 -12.23 19.77
N THR A 52 -13.17 -13.53 19.79
CA THR A 52 -12.83 -14.34 20.94
C THR A 52 -11.34 -14.47 21.22
N VAL A 53 -10.97 -14.28 22.47
CA VAL A 53 -9.59 -14.41 22.89
C VAL A 53 -9.63 -15.19 24.19
N MET A 54 -8.48 -15.61 24.68
CA MET A 54 -8.43 -16.30 25.94
C MET A 54 -7.76 -15.36 26.92
N LEU A 55 -8.25 -15.39 28.16
CA LEU A 55 -7.71 -14.57 29.23
C LEU A 55 -7.26 -15.51 30.33
N SER A 56 -6.09 -15.27 30.87
CA SER A 56 -5.55 -16.09 31.95
C SER A 56 -5.15 -15.17 33.09
N LYS A 57 -5.44 -15.59 34.31
CA LYS A 57 -5.10 -14.79 35.48
C LYS A 57 -4.89 -15.68 36.68
N TYR A 58 -4.14 -15.18 37.66
CA TYR A 58 -3.92 -15.92 38.88
C TYR A 58 -5.11 -15.59 39.78
N ASP A 59 -5.90 -16.60 40.12
CA ASP A 59 -7.05 -16.37 40.98
C ASP A 59 -6.61 -16.46 42.43
N ARG A 60 -6.63 -15.33 43.13
CA ARG A 60 -6.22 -15.28 44.53
C ARG A 60 -7.07 -16.19 45.42
N LEU A 61 -8.38 -16.08 45.29
CA LEU A 61 -9.31 -16.87 46.09
C LEU A 61 -9.26 -18.37 45.80
N GLN A 62 -8.74 -18.74 44.64
CA GLN A 62 -8.65 -20.16 44.27
C GLN A 62 -7.21 -20.65 44.34
N ASP A 63 -6.27 -19.72 44.35
CA ASP A 63 -4.85 -20.04 44.41
C ASP A 63 -4.42 -20.90 43.23
N LYS A 64 -4.65 -20.40 42.01
CA LYS A 64 -4.25 -21.12 40.80
C LYS A 64 -4.53 -20.28 39.57
N ILE A 65 -3.93 -20.66 38.46
CA ILE A 65 -4.10 -19.95 37.21
C ILE A 65 -5.38 -20.42 36.53
N ILE A 66 -6.23 -19.48 36.13
CA ILE A 66 -7.48 -19.83 35.47
C ILE A 66 -7.48 -19.30 34.04
N HIS A 67 -8.11 -20.04 33.14
CA HIS A 67 -8.19 -19.66 31.73
C HIS A 67 -9.66 -19.62 31.32
N PHE A 68 -10.04 -18.55 30.62
CA PHE A 68 -11.42 -18.41 30.17
C PHE A 68 -11.46 -17.56 28.91
N SER A 69 -12.50 -17.73 28.11
CA SER A 69 -12.63 -16.97 26.88
C SER A 69 -13.40 -15.70 27.13
N ALA A 70 -13.27 -14.74 26.23
CA ALA A 70 -13.95 -13.47 26.37
C ALA A 70 -14.03 -12.79 25.01
N ASN A 71 -15.03 -11.93 24.86
CA ASN A 71 -15.20 -11.19 23.61
C ASN A 71 -14.31 -9.96 23.70
N ALA A 72 -13.30 -9.89 22.84
CA ALA A 72 -12.41 -8.73 22.86
C ALA A 72 -13.15 -7.44 22.55
N CYS A 73 -14.28 -7.55 21.84
CA CYS A 73 -15.04 -6.37 21.48
C CYS A 73 -15.77 -5.72 22.65
N LEU A 74 -15.95 -6.47 23.74
CA LEU A 74 -16.64 -5.95 24.91
C LEU A 74 -15.73 -5.84 26.13
N ALA A 75 -14.53 -6.39 26.03
CA ALA A 75 -13.60 -6.35 27.15
C ALA A 75 -12.83 -5.03 27.21
N PRO A 76 -13.10 -4.20 28.23
CA PRO A 76 -12.36 -2.93 28.30
C PRO A 76 -10.93 -3.31 28.69
N ILE A 77 -9.92 -2.73 28.05
CA ILE A 77 -8.57 -3.08 28.44
C ILE A 77 -8.35 -2.71 29.91
N CYS A 78 -9.11 -1.74 30.40
CA CYS A 78 -8.95 -1.31 31.79
C CYS A 78 -9.40 -2.36 32.81
N THR A 79 -9.95 -3.47 32.34
CA THR A 79 -10.36 -4.55 33.24
C THR A 79 -9.27 -5.61 33.22
N LEU A 80 -8.30 -5.45 32.33
CA LEU A 80 -7.25 -6.45 32.17
C LEU A 80 -5.91 -6.25 32.88
N HIS A 81 -5.84 -5.36 33.86
CA HIS A 81 -4.58 -5.15 34.56
C HIS A 81 -4.14 -6.49 35.15
N HIS A 82 -2.90 -6.88 34.87
CA HIS A 82 -2.31 -8.12 35.34
C HIS A 82 -3.05 -9.36 34.85
N VAL A 83 -3.58 -9.26 33.63
CA VAL A 83 -4.27 -10.39 33.02
C VAL A 83 -3.45 -10.75 31.79
N ALA A 84 -3.38 -12.04 31.48
CA ALA A 84 -2.63 -12.49 30.32
C ALA A 84 -3.59 -12.82 29.19
N VAL A 85 -3.42 -12.16 28.06
CA VAL A 85 -4.29 -12.40 26.91
C VAL A 85 -3.59 -13.32 25.93
N THR A 86 -4.37 -14.22 25.33
CA THR A 86 -3.84 -15.10 24.30
C THR A 86 -4.77 -14.96 23.11
N THR A 87 -4.21 -14.60 21.96
CA THR A 87 -5.00 -14.45 20.76
C THR A 87 -4.64 -15.63 19.85
N VAL A 88 -5.26 -15.68 18.69
CA VAL A 88 -4.98 -16.76 17.76
C VAL A 88 -3.49 -16.80 17.42
N GLU A 89 -2.87 -15.62 17.34
CA GLU A 89 -1.45 -15.55 17.04
C GLU A 89 -0.59 -16.12 18.15
N GLY A 90 -1.14 -16.19 19.36
CA GLY A 90 -0.37 -16.70 20.48
C GLY A 90 -0.29 -18.20 20.63
N ILE A 91 -1.05 -18.96 19.85
CA ILE A 91 -1.01 -20.41 19.99
C ILE A 91 -0.32 -21.13 18.84
N GLY A 92 -0.10 -20.41 17.74
CA GLY A 92 0.55 -21.02 16.60
C GLY A 92 0.39 -20.22 15.33
N SER A 93 1.11 -20.61 14.29
CA SER A 93 1.03 -19.92 13.00
C SER A 93 1.70 -20.78 11.94
N THR A 94 1.42 -20.48 10.68
CA THR A 94 2.00 -21.23 9.58
C THR A 94 3.48 -20.87 9.44
N LYS A 95 3.90 -19.75 10.02
CA LYS A 95 5.30 -19.32 9.95
C LYS A 95 6.14 -20.10 10.95
N THR A 96 5.49 -20.64 11.98
CA THR A 96 6.18 -21.42 12.98
C THR A 96 5.60 -22.82 12.88
N ARG A 97 4.55 -23.07 13.67
CA ARG A 97 3.88 -24.34 13.66
C ARG A 97 2.45 -24.11 14.12
N LEU A 98 1.49 -24.76 13.46
CA LEU A 98 0.09 -24.60 13.84
C LEU A 98 -0.20 -25.38 15.11
N HIS A 99 -1.07 -24.85 15.95
CA HIS A 99 -1.47 -25.53 17.16
C HIS A 99 -2.44 -26.60 16.67
N PRO A 100 -2.57 -27.73 17.38
CA PRO A 100 -3.50 -28.77 16.95
C PRO A 100 -4.90 -28.24 16.60
N VAL A 101 -5.42 -27.32 17.40
CA VAL A 101 -6.73 -26.75 17.14
C VAL A 101 -6.77 -26.12 15.74
N GLN A 102 -5.73 -25.38 15.40
CA GLN A 102 -5.63 -24.73 14.10
C GLN A 102 -5.46 -25.75 12.98
N GLU A 103 -4.59 -26.74 13.20
CA GLU A 103 -4.37 -27.75 12.18
C GLU A 103 -5.65 -28.52 11.85
N ARG A 104 -6.38 -28.92 12.90
CA ARG A 104 -7.58 -29.71 12.71
C ARG A 104 -8.74 -28.96 12.08
N ILE A 105 -8.97 -27.71 12.48
CA ILE A 105 -10.09 -27.00 11.88
C ILE A 105 -9.78 -26.77 10.40
N ALA A 106 -8.50 -26.60 10.08
CA ALA A 106 -8.09 -26.38 8.70
C ALA A 106 -8.18 -27.65 7.86
N LYS A 107 -7.59 -28.74 8.34
CA LYS A 107 -7.60 -30.00 7.61
C LYS A 107 -8.97 -30.67 7.56
N SER A 108 -9.85 -30.30 8.49
N SER A 108 -9.85 -30.34 8.49
CA SER A 108 -11.18 -30.89 8.54
CA SER A 108 -11.17 -30.96 8.50
C SER A 108 -12.18 -30.11 7.70
C SER A 108 -12.18 -30.14 7.69
N HIS A 109 -11.69 -29.09 7.01
CA HIS A 109 -12.53 -28.25 6.15
C HIS A 109 -13.51 -27.43 6.98
N GLY A 110 -13.09 -27.05 8.18
CA GLY A 110 -13.95 -26.26 9.06
C GLY A 110 -13.78 -24.76 8.84
N SER A 111 -13.01 -24.40 7.83
CA SER A 111 -12.78 -22.99 7.53
C SER A 111 -13.03 -22.73 6.04
N GLN A 112 -13.97 -21.85 5.75
CA GLN A 112 -14.27 -21.49 4.38
C GLN A 112 -13.81 -20.05 4.13
N CYS A 113 -14.63 -19.05 4.45
CA CYS A 113 -14.16 -17.68 4.23
C CYS A 113 -13.05 -17.40 5.24
N GLY A 114 -13.13 -18.09 6.38
CA GLY A 114 -12.12 -17.96 7.42
C GLY A 114 -12.22 -16.83 8.44
N PHE A 115 -13.20 -15.93 8.28
CA PHE A 115 -13.32 -14.81 9.20
C PHE A 115 -13.69 -15.21 10.63
N CYS A 116 -14.43 -16.29 10.79
CA CYS A 116 -14.87 -16.75 12.10
C CYS A 116 -13.86 -17.72 12.71
N THR A 117 -12.95 -18.22 11.88
CA THR A 117 -12.01 -19.22 12.35
C THR A 117 -11.17 -18.88 13.57
N PRO A 118 -10.55 -17.69 13.60
CA PRO A 118 -9.74 -17.37 14.78
C PRO A 118 -10.56 -17.45 16.07
N GLY A 119 -11.76 -16.87 16.05
CA GLY A 119 -12.61 -16.88 17.23
C GLY A 119 -13.01 -18.28 17.66
N ILE A 120 -13.32 -19.14 16.70
CA ILE A 120 -13.70 -20.50 17.00
C ILE A 120 -12.46 -21.26 17.49
N VAL A 121 -11.32 -20.98 16.87
CA VAL A 121 -10.07 -21.59 17.29
C VAL A 121 -9.84 -21.24 18.76
N MET A 122 -10.05 -19.98 19.13
CA MET A 122 -9.82 -19.58 20.51
C MET A 122 -10.82 -20.17 21.48
N SER A 123 -12.06 -20.36 21.05
CA SER A 123 -13.06 -20.95 21.94
C SER A 123 -12.66 -22.40 22.20
N MET A 124 -12.22 -23.08 21.15
CA MET A 124 -11.81 -24.47 21.27
C MET A 124 -10.52 -24.55 22.11
N TYR A 125 -9.58 -23.66 21.82
CA TYR A 125 -8.31 -23.63 22.54
C TYR A 125 -8.54 -23.44 24.04
N THR A 126 -9.41 -22.48 24.39
CA THR A 126 -9.71 -22.22 25.78
C THR A 126 -10.27 -23.48 26.43
N LEU A 127 -11.18 -24.15 25.72
CA LEU A 127 -11.76 -25.38 26.26
C LEU A 127 -10.65 -26.38 26.63
N LEU A 128 -9.75 -26.62 25.68
CA LEU A 128 -8.65 -27.57 25.90
C LEU A 128 -7.71 -27.18 27.03
N ARG A 129 -7.53 -25.88 27.25
CA ARG A 129 -6.66 -25.42 28.33
C ARG A 129 -7.34 -25.68 29.67
N ASN A 130 -8.65 -25.90 29.63
CA ASN A 130 -9.42 -26.18 30.83
C ASN A 130 -9.66 -27.68 30.96
N GLN A 131 -9.87 -28.32 29.82
CA GLN A 131 -10.14 -29.76 29.78
C GLN A 131 -9.45 -30.35 28.56
N PRO A 132 -8.23 -30.90 28.75
CA PRO A 132 -7.40 -31.52 27.72
C PRO A 132 -8.14 -32.61 26.94
N GLU A 133 -9.05 -33.30 27.61
CA GLU A 133 -9.83 -34.36 26.99
C GLU A 133 -11.30 -34.09 27.22
N PRO A 134 -11.87 -33.13 26.48
CA PRO A 134 -13.28 -32.76 26.60
C PRO A 134 -14.19 -33.81 26.00
N THR A 135 -15.45 -33.78 26.42
CA THR A 135 -16.46 -34.70 25.90
C THR A 135 -17.08 -33.98 24.71
N VAL A 136 -17.78 -34.72 23.87
CA VAL A 136 -18.42 -34.14 22.70
C VAL A 136 -19.36 -33.00 23.10
N GLU A 137 -20.08 -33.16 24.22
CA GLU A 137 -21.00 -32.14 24.66
C GLU A 137 -20.26 -30.86 25.07
N GLU A 138 -19.13 -31.02 25.74
CA GLU A 138 -18.34 -29.87 26.16
C GLU A 138 -17.83 -29.14 24.93
N ILE A 139 -17.47 -29.92 23.90
CA ILE A 139 -16.98 -29.33 22.68
C ILE A 139 -18.08 -28.49 22.02
N GLU A 140 -19.29 -29.03 21.91
CA GLU A 140 -20.36 -28.24 21.29
C GLU A 140 -20.65 -27.00 22.12
N ASP A 141 -20.70 -27.15 23.44
CA ASP A 141 -20.99 -26.02 24.32
C ASP A 141 -19.95 -24.92 24.25
N ALA A 142 -18.74 -25.27 23.82
CA ALA A 142 -17.68 -24.28 23.71
C ALA A 142 -18.01 -23.20 22.69
N PHE A 143 -18.93 -23.49 21.78
CA PHE A 143 -19.26 -22.54 20.73
C PHE A 143 -20.64 -21.90 20.77
N GLN A 144 -21.25 -21.87 21.96
CA GLN A 144 -22.56 -21.25 22.11
C GLN A 144 -22.49 -19.80 21.67
N GLY A 145 -21.30 -19.22 21.78
CA GLY A 145 -21.11 -17.82 21.40
C GLY A 145 -20.30 -17.58 20.13
N ASN A 146 -20.21 -18.57 19.26
CA ASN A 146 -19.48 -18.43 18.00
C ASN A 146 -20.39 -18.72 16.82
N LEU A 147 -20.36 -17.84 15.83
CA LEU A 147 -21.18 -18.00 14.63
C LEU A 147 -20.33 -18.18 13.39
N CYS A 148 -20.80 -19.04 12.49
CA CYS A 148 -20.12 -19.27 11.21
C CYS A 148 -21.23 -19.26 10.19
N ARG A 149 -21.04 -18.48 9.13
CA ARG A 149 -22.03 -18.34 8.08
C ARG A 149 -21.74 -19.23 6.87
N CYS A 150 -20.51 -19.72 6.77
CA CYS A 150 -20.10 -20.52 5.62
C CYS A 150 -20.17 -22.04 5.69
N THR A 151 -19.67 -22.60 6.78
CA THR A 151 -19.54 -24.05 6.91
C THR A 151 -20.71 -24.96 7.23
N GLY A 152 -21.74 -24.45 7.89
CA GLY A 152 -22.83 -25.33 8.25
C GLY A 152 -22.39 -26.06 9.52
N TYR A 153 -21.29 -25.58 10.10
CA TYR A 153 -20.75 -26.09 11.36
C TYR A 153 -20.27 -27.54 11.46
N ARG A 154 -20.93 -28.45 10.76
CA ARG A 154 -20.57 -29.87 10.81
C ARG A 154 -19.07 -30.19 10.81
N PRO A 155 -18.32 -29.66 9.83
CA PRO A 155 -16.88 -29.95 9.79
C PRO A 155 -16.07 -29.46 10.99
N ILE A 156 -16.48 -28.32 11.56
CA ILE A 156 -15.79 -27.76 12.72
C ILE A 156 -15.96 -28.72 13.88
N LEU A 157 -17.20 -29.15 14.13
CA LEU A 157 -17.48 -30.07 15.22
C LEU A 157 -16.88 -31.46 14.98
N GLN A 158 -16.98 -31.96 13.77
CA GLN A 158 -16.44 -33.29 13.48
C GLN A 158 -14.92 -33.32 13.59
N GLY A 159 -14.27 -32.25 13.16
CA GLY A 159 -12.83 -32.19 13.25
C GLY A 159 -12.39 -32.08 14.71
N PHE A 160 -13.09 -31.26 15.47
CA PHE A 160 -12.76 -31.08 16.87
C PHE A 160 -13.15 -32.28 17.73
N ARG A 161 -14.05 -33.09 17.22
CA ARG A 161 -14.51 -34.28 17.92
C ARG A 161 -13.32 -35.20 18.18
N THR A 162 -12.29 -35.06 17.34
CA THR A 162 -11.09 -35.88 17.47
C THR A 162 -10.34 -35.60 18.76
N PHE A 163 -10.69 -34.50 19.44
CA PHE A 163 -10.05 -34.15 20.70
C PHE A 163 -10.66 -34.90 21.88
N ALA A 164 -11.89 -35.40 21.69
CA ALA A 164 -12.57 -36.12 22.77
C ALA A 164 -11.96 -37.52 22.98
N PRO A 193 -14.22 -43.16 0.62
CA PRO A 193 -13.09 -42.26 0.99
C PRO A 193 -13.51 -41.28 2.08
N SER A 194 -12.53 -40.70 2.77
CA SER A 194 -12.81 -39.74 3.84
C SER A 194 -12.36 -38.34 3.47
N LEU A 195 -13.04 -37.34 4.01
CA LEU A 195 -12.70 -35.95 3.72
C LEU A 195 -11.40 -35.54 4.40
N PHE A 196 -11.05 -36.22 5.49
CA PHE A 196 -9.81 -35.95 6.18
C PHE A 196 -9.41 -37.16 7.01
N ASN A 197 -8.14 -37.23 7.39
CA ASN A 197 -7.64 -38.36 8.17
C ASN A 197 -7.08 -37.93 9.52
N PRO A 198 -7.83 -38.20 10.60
CA PRO A 198 -7.49 -37.86 11.99
C PRO A 198 -6.15 -38.45 12.42
N GLU A 199 -5.79 -39.57 11.83
CA GLU A 199 -4.54 -40.25 12.16
C GLU A 199 -3.33 -39.37 11.82
N GLU A 200 -3.52 -38.40 10.93
CA GLU A 200 -2.44 -37.50 10.54
C GLU A 200 -2.29 -36.33 11.50
N PHE A 201 -3.31 -36.11 12.33
CA PHE A 201 -3.30 -35.00 13.28
C PHE A 201 -2.23 -35.10 14.35
N MET A 202 -1.58 -33.97 14.63
CA MET A 202 -0.57 -33.95 15.67
C MET A 202 -1.28 -33.98 17.01
N PRO A 203 -0.90 -34.91 17.90
CA PRO A 203 -1.54 -35.02 19.21
C PRO A 203 -1.41 -33.74 20.03
N LEU A 204 -2.36 -33.51 20.91
CA LEU A 204 -2.34 -32.34 21.77
C LEU A 204 -1.39 -32.66 22.92
N ASP A 205 -0.44 -31.77 23.18
CA ASP A 205 0.50 -31.98 24.28
C ASP A 205 0.51 -30.72 25.14
N PRO A 206 -0.26 -30.73 26.24
CA PRO A 206 -0.37 -29.60 27.18
C PRO A 206 0.96 -29.10 27.73
N THR A 207 1.95 -29.97 27.78
CA THR A 207 3.26 -29.59 28.31
C THR A 207 3.97 -28.60 27.39
N GLN A 208 3.50 -28.49 26.16
CA GLN A 208 4.13 -27.58 25.21
C GLN A 208 3.39 -26.26 25.05
N GLU A 209 2.37 -26.05 25.86
CA GLU A 209 1.60 -24.80 25.81
C GLU A 209 2.40 -23.66 26.42
N PRO A 210 2.16 -22.41 25.97
CA PRO A 210 2.87 -21.26 26.51
C PRO A 210 2.68 -21.20 28.02
N ILE A 211 3.75 -20.90 28.74
CA ILE A 211 3.66 -20.82 30.20
C ILE A 211 3.01 -19.50 30.59
N PHE A 212 2.35 -19.47 31.74
CA PHE A 212 1.72 -18.25 32.24
C PHE A 212 2.90 -17.30 32.47
N PRO A 213 2.77 -16.03 32.05
CA PRO A 213 3.86 -15.06 32.24
C PRO A 213 4.45 -15.06 33.65
N PRO A 214 5.72 -15.47 33.78
CA PRO A 214 6.42 -15.51 35.07
C PRO A 214 6.28 -14.21 35.86
N GLU A 215 6.43 -13.09 35.17
CA GLU A 215 6.32 -11.78 35.80
C GLU A 215 4.97 -11.59 36.48
N LEU A 216 3.91 -12.11 35.86
CA LEU A 216 2.58 -11.99 36.45
C LEU A 216 2.48 -12.84 37.70
N LEU A 217 3.12 -14.00 37.67
CA LEU A 217 3.09 -14.88 38.82
C LEU A 217 3.78 -14.24 40.01
N ARG A 218 4.70 -13.32 39.75
CA ARG A 218 5.41 -12.63 40.81
C ARG A 218 4.50 -11.55 41.38
N LEU A 219 3.90 -10.78 40.47
CA LEU A 219 3.00 -9.69 40.85
C LEU A 219 1.82 -10.14 41.71
N LYS A 220 1.62 -11.45 41.82
CA LYS A 220 0.52 -11.97 42.63
C LYS A 220 0.86 -11.80 44.11
N ASP A 221 2.14 -11.66 44.39
CA ASP A 221 2.63 -11.51 45.76
C ASP A 221 2.64 -10.06 46.25
N VAL A 222 2.05 -9.16 45.47
CA VAL A 222 1.98 -7.76 45.87
C VAL A 222 0.51 -7.37 45.91
N PRO A 223 -0.01 -7.07 47.12
CA PRO A 223 -1.41 -6.67 47.31
C PRO A 223 -1.91 -5.63 46.32
N PRO A 224 -3.15 -5.79 45.85
CA PRO A 224 -3.78 -4.89 44.89
C PRO A 224 -3.85 -3.45 45.40
N LYS A 225 -3.78 -2.51 44.47
CA LYS A 225 -3.86 -1.10 44.81
C LYS A 225 -4.84 -0.45 43.86
N GLN A 226 -5.63 0.50 44.36
CA GLN A 226 -6.60 1.19 43.53
C GLN A 226 -5.89 1.88 42.36
N LEU A 227 -6.47 1.74 41.17
CA LEU A 227 -5.88 2.34 39.99
C LEU A 227 -6.82 3.37 39.37
N ARG A 228 -6.24 4.34 38.66
CA ARG A 228 -7.02 5.38 38.02
C ARG A 228 -6.57 5.52 36.57
N PHE A 229 -7.52 5.46 35.65
CA PHE A 229 -7.24 5.60 34.23
C PHE A 229 -8.03 6.77 33.71
N GLU A 230 -7.37 7.62 32.91
CA GLU A 230 -8.03 8.79 32.37
C GLU A 230 -8.06 8.76 30.86
N GLY A 231 -9.25 8.80 30.30
CA GLY A 231 -9.40 8.77 28.86
C GLY A 231 -9.84 10.11 28.32
N GLU A 232 -10.17 10.14 27.04
CA GLU A 232 -10.62 11.36 26.39
C GLU A 232 -11.90 11.88 27.04
N ARG A 233 -12.80 10.95 27.36
CA ARG A 233 -14.09 11.32 27.94
C ARG A 233 -14.44 10.61 29.25
N VAL A 234 -13.74 9.54 29.57
CA VAL A 234 -14.06 8.76 30.76
C VAL A 234 -12.93 8.56 31.76
N THR A 235 -13.29 8.53 33.04
CA THR A 235 -12.34 8.28 34.11
C THR A 235 -12.70 6.92 34.70
N TRP A 236 -11.70 6.05 34.79
CA TRP A 236 -11.91 4.69 35.30
C TRP A 236 -11.15 4.46 36.60
N ILE A 237 -11.88 4.03 37.63
CA ILE A 237 -11.28 3.73 38.92
C ILE A 237 -11.40 2.24 39.22
N GLN A 238 -10.27 1.56 39.31
CA GLN A 238 -10.26 0.13 39.62
C GLN A 238 -10.14 0.05 41.14
N ALA A 239 -11.26 -0.21 41.81
CA ALA A 239 -11.28 -0.28 43.28
C ALA A 239 -10.67 -1.59 43.77
N SER A 240 -9.75 -1.51 44.73
CA SER A 240 -9.11 -2.72 45.25
C SER A 240 -9.79 -3.30 46.49
N THR A 241 -10.48 -2.46 47.24
CA THR A 241 -11.16 -2.95 48.44
C THR A 241 -12.61 -2.49 48.49
N LEU A 242 -13.42 -3.18 49.28
CA LEU A 242 -14.83 -2.83 49.42
C LEU A 242 -14.94 -1.41 49.99
N LYS A 243 -14.07 -1.09 50.95
CA LYS A 243 -14.09 0.23 51.56
C LYS A 243 -13.90 1.31 50.50
N GLU A 244 -12.95 1.12 49.60
CA GLU A 244 -12.70 2.10 48.56
C GLU A 244 -13.93 2.22 47.65
N LEU A 245 -14.52 1.08 47.31
CA LEU A 245 -15.70 1.08 46.46
C LEU A 245 -16.82 1.88 47.10
N LEU A 246 -17.08 1.64 48.38
CA LEU A 246 -18.14 2.35 49.07
C LEU A 246 -17.83 3.83 49.23
N ASP A 247 -16.57 4.17 49.48
CA ASP A 247 -16.21 5.58 49.62
C ASP A 247 -16.43 6.27 48.28
N LEU A 248 -16.00 5.61 47.21
CA LEU A 248 -16.16 6.13 45.86
C LEU A 248 -17.62 6.35 45.49
N LYS A 249 -18.48 5.38 45.84
CA LYS A 249 -19.91 5.51 45.55
C LYS A 249 -20.57 6.59 46.39
N ALA A 250 -20.05 6.81 47.58
CA ALA A 250 -20.60 7.84 48.45
C ALA A 250 -20.26 9.20 47.85
N GLN A 251 -19.04 9.33 47.34
CA GLN A 251 -18.59 10.57 46.75
C GLN A 251 -19.10 10.75 45.33
N HIS A 252 -19.27 9.65 44.60
CA HIS A 252 -19.76 9.70 43.23
C HIS A 252 -20.87 8.69 43.01
N PRO A 253 -22.06 8.97 43.54
CA PRO A 253 -23.22 8.08 43.40
C PRO A 253 -23.55 7.76 41.95
N GLU A 254 -23.25 8.70 41.06
CA GLU A 254 -23.53 8.53 39.65
C GLU A 254 -22.55 7.60 38.97
N ALA A 255 -21.35 7.47 39.53
CA ALA A 255 -20.33 6.59 38.96
C ALA A 255 -20.98 5.28 38.54
N LYS A 256 -20.66 4.84 37.32
CA LYS A 256 -21.22 3.61 36.80
C LYS A 256 -20.30 2.43 37.11
N LEU A 257 -20.82 1.43 37.79
CA LEU A 257 -20.02 0.27 38.09
C LEU A 257 -19.90 -0.52 36.79
N VAL A 258 -18.79 -1.22 36.64
CA VAL A 258 -18.59 -2.05 35.46
C VAL A 258 -17.79 -3.26 35.89
N VAL A 259 -18.29 -4.44 35.54
CA VAL A 259 -17.59 -5.67 35.86
C VAL A 259 -17.28 -6.33 34.53
N GLY A 260 -18.26 -6.99 33.94
CA GLY A 260 -18.06 -7.65 32.66
C GLY A 260 -18.20 -6.72 31.46
N ASN A 261 -18.90 -5.60 31.66
CA ASN A 261 -19.12 -4.61 30.61
C ASN A 261 -19.98 -5.14 29.46
N THR A 262 -20.68 -6.26 29.69
CA THR A 262 -21.50 -6.83 28.63
C THR A 262 -22.83 -6.11 28.47
N GLU A 263 -23.10 -5.17 29.38
CA GLU A 263 -24.30 -4.34 29.31
C GLU A 263 -23.83 -2.91 29.03
N ILE A 264 -22.93 -2.40 29.85
CA ILE A 264 -22.42 -1.04 29.69
C ILE A 264 -21.76 -0.87 28.33
N GLY A 265 -21.02 -1.89 27.90
CA GLY A 265 -20.36 -1.83 26.61
C GLY A 265 -21.38 -1.63 25.49
N ILE A 266 -22.55 -2.26 25.65
CA ILE A 266 -23.61 -2.14 24.67
C ILE A 266 -24.21 -0.75 24.76
N GLU A 267 -24.48 -0.29 25.97
CA GLU A 267 -25.06 1.03 26.18
C GLU A 267 -24.16 2.12 25.58
N MET A 268 -22.85 1.98 25.78
N MET A 268 -22.91 2.02 25.76
CA MET A 268 -21.90 2.95 25.25
CA MET A 268 -22.01 3.03 25.23
C MET A 268 -21.87 2.96 23.72
C MET A 268 -21.90 2.99 23.71
N LYS A 269 -21.70 1.78 23.15
CA LYS A 269 -21.60 1.62 21.70
C LYS A 269 -22.89 1.79 20.90
N PHE A 270 -23.98 1.22 21.39
CA PHE A 270 -25.23 1.29 20.65
C PHE A 270 -26.32 2.23 21.16
N LYS A 271 -26.21 2.66 22.41
CA LYS A 271 -27.22 3.54 22.99
C LYS A 271 -26.76 4.99 23.15
N ASN A 272 -25.59 5.30 22.61
CA ASN A 272 -25.06 6.67 22.68
C ASN A 272 -24.86 7.13 24.12
N GLN A 273 -24.78 6.19 25.06
CA GLN A 273 -24.59 6.56 26.46
C GLN A 273 -23.14 6.92 26.76
N LEU A 274 -22.96 7.86 27.68
CA LEU A 274 -21.62 8.27 28.08
C LEU A 274 -21.57 8.40 29.59
N PHE A 275 -20.77 7.54 30.21
CA PHE A 275 -20.62 7.58 31.67
C PHE A 275 -19.22 8.11 31.95
N PRO A 276 -19.13 9.40 32.33
CA PRO A 276 -17.86 10.09 32.65
C PRO A 276 -16.99 9.39 33.67
N MET A 277 -17.63 8.70 34.62
CA MET A 277 -16.87 8.00 35.63
C MET A 277 -17.34 6.57 35.84
N ILE A 278 -16.41 5.64 35.75
CA ILE A 278 -16.68 4.24 35.93
C ILE A 278 -15.84 3.71 37.08
N ILE A 279 -16.41 2.79 37.85
CA ILE A 279 -15.70 2.17 38.95
C ILE A 279 -15.80 0.67 38.71
N CYS A 280 -14.66 0.01 38.61
CA CYS A 280 -14.67 -1.43 38.42
C CYS A 280 -14.33 -2.07 39.76
N PRO A 281 -15.28 -2.79 40.35
CA PRO A 281 -15.10 -3.46 41.65
C PRO A 281 -14.76 -4.94 41.54
N ALA A 282 -14.43 -5.39 40.33
CA ALA A 282 -14.11 -6.80 40.07
C ALA A 282 -13.05 -7.43 40.99
N TRP A 283 -12.07 -6.65 41.42
CA TRP A 283 -11.00 -7.17 42.28
C TRP A 283 -11.39 -7.41 43.74
N ILE A 284 -12.44 -6.75 44.20
CA ILE A 284 -12.86 -6.85 45.59
C ILE A 284 -13.25 -8.26 46.05
N PRO A 285 -12.52 -8.79 47.05
CA PRO A 285 -12.76 -10.12 47.61
C PRO A 285 -14.21 -10.40 48.00
N GLU A 286 -14.83 -9.45 48.69
CA GLU A 286 -16.21 -9.63 49.11
C GLU A 286 -17.16 -9.83 47.93
N LEU A 287 -16.88 -9.14 46.82
CA LEU A 287 -17.72 -9.25 45.62
C LEU A 287 -17.46 -10.53 44.82
N ASN A 288 -16.50 -11.33 45.27
CA ASN A 288 -16.17 -12.57 44.57
C ASN A 288 -16.27 -13.79 45.48
N ALA A 289 -16.67 -13.58 46.72
CA ALA A 289 -16.79 -14.65 47.69
C ALA A 289 -17.96 -15.60 47.43
N VAL A 290 -17.71 -16.89 47.66
CA VAL A 290 -18.73 -17.92 47.50
C VAL A 290 -18.89 -18.59 48.87
N GLU A 291 -20.07 -18.48 49.45
CA GLU A 291 -20.32 -19.06 50.76
C GLU A 291 -21.48 -20.04 50.76
N HIS A 292 -21.23 -21.23 51.32
CA HIS A 292 -22.25 -22.26 51.40
C HIS A 292 -22.91 -22.19 52.78
N GLY A 293 -24.04 -21.51 52.85
CA GLY A 293 -24.75 -21.37 54.10
C GLY A 293 -25.86 -22.39 54.29
N PRO A 294 -26.53 -22.36 55.45
CA PRO A 294 -27.63 -23.29 55.74
C PRO A 294 -28.88 -23.04 54.91
N GLU A 295 -29.07 -21.79 54.46
CA GLU A 295 -30.25 -21.45 53.68
C GLU A 295 -29.99 -21.53 52.17
N GLY A 296 -28.72 -21.48 51.79
CA GLY A 296 -28.38 -21.53 50.38
C GLY A 296 -26.93 -21.20 50.11
N ILE A 297 -26.62 -20.95 48.84
CA ILE A 297 -25.26 -20.62 48.44
C ILE A 297 -25.17 -19.16 48.05
N SER A 298 -24.29 -18.43 48.73
CA SER A 298 -24.10 -17.02 48.48
C SER A 298 -22.97 -16.76 47.49
N PHE A 299 -23.22 -15.85 46.55
CA PHE A 299 -22.24 -15.48 45.54
C PHE A 299 -22.00 -13.98 45.59
N GLY A 300 -20.74 -13.58 45.58
CA GLY A 300 -20.45 -12.16 45.57
C GLY A 300 -21.00 -11.64 44.25
N ALA A 301 -21.49 -10.41 44.23
CA ALA A 301 -22.08 -9.83 43.04
C ALA A 301 -21.16 -9.77 41.81
N ALA A 302 -19.84 -9.82 42.03
CA ALA A 302 -18.90 -9.76 40.93
C ALA A 302 -18.63 -11.12 40.30
N CYS A 303 -19.11 -12.17 40.94
CA CYS A 303 -18.91 -13.53 40.43
C CYS A 303 -19.44 -13.68 39.02
N ALA A 304 -18.63 -14.25 38.14
CA ALA A 304 -19.01 -14.47 36.75
C ALA A 304 -20.07 -15.55 36.70
N LEU A 305 -20.99 -15.44 35.75
CA LEU A 305 -22.04 -16.43 35.62
C LEU A 305 -21.46 -17.83 35.43
N SER A 306 -20.31 -17.93 34.76
CA SER A 306 -19.68 -19.23 34.55
C SER A 306 -19.28 -19.83 35.91
N SER A 307 -18.92 -18.96 36.85
CA SER A 307 -18.53 -19.43 38.17
C SER A 307 -19.76 -19.91 38.93
N VAL A 308 -20.84 -19.14 38.82
CA VAL A 308 -22.09 -19.51 39.47
C VAL A 308 -22.54 -20.86 38.93
N GLU A 309 -22.42 -21.01 37.61
CA GLU A 309 -22.82 -22.24 36.94
C GLU A 309 -22.02 -23.44 37.45
N LYS A 310 -20.70 -23.28 37.51
CA LYS A 310 -19.83 -24.36 37.97
C LYS A 310 -20.19 -24.74 39.41
N THR A 311 -20.33 -23.74 40.26
CA THR A 311 -20.66 -23.97 41.66
C THR A 311 -22.01 -24.66 41.81
N LEU A 312 -23.02 -24.17 41.08
CA LEU A 312 -24.33 -24.77 41.18
C LEU A 312 -24.37 -26.19 40.63
N LEU A 313 -23.59 -26.44 39.59
CA LEU A 313 -23.53 -27.78 39.01
C LEU A 313 -22.99 -28.73 40.07
N GLU A 314 -21.93 -28.31 40.75
CA GLU A 314 -21.33 -29.11 41.79
C GLU A 314 -22.33 -29.38 42.90
N ALA A 315 -23.07 -28.34 43.27
CA ALA A 315 -24.08 -28.46 44.32
C ALA A 315 -25.17 -29.45 43.95
N VAL A 316 -25.60 -29.40 42.68
CA VAL A 316 -26.65 -30.29 42.21
C VAL A 316 -26.17 -31.74 42.18
N ALA A 317 -24.88 -31.92 41.95
CA ALA A 317 -24.31 -33.26 41.88
C ALA A 317 -24.11 -33.86 43.28
N LYS A 318 -23.86 -33.01 44.27
CA LYS A 318 -23.62 -33.48 45.62
C LYS A 318 -24.83 -33.47 46.55
N LEU A 319 -25.69 -32.46 46.40
CA LEU A 319 -26.85 -32.33 47.27
C LEU A 319 -28.10 -33.07 46.81
N PRO A 320 -28.99 -33.38 47.75
CA PRO A 320 -30.24 -34.09 47.45
C PRO A 320 -31.05 -33.30 46.43
N THR A 321 -31.73 -34.00 45.55
CA THR A 321 -32.53 -33.36 44.52
C THR A 321 -33.51 -32.35 45.10
N GLN A 322 -34.16 -32.72 46.20
CA GLN A 322 -35.16 -31.86 46.82
C GLN A 322 -34.63 -30.52 47.33
N LYS A 323 -33.32 -30.38 47.46
CA LYS A 323 -32.73 -29.14 47.94
C LYS A 323 -32.19 -28.25 46.82
N THR A 324 -32.13 -28.79 45.61
CA THR A 324 -31.59 -28.04 44.48
C THR A 324 -32.57 -27.64 43.39
N GLU A 325 -33.85 -27.51 43.74
CA GLU A 325 -34.88 -27.13 42.75
C GLU A 325 -34.57 -25.76 42.14
N VAL A 326 -34.27 -24.79 42.99
CA VAL A 326 -33.97 -23.45 42.49
C VAL A 326 -32.64 -23.45 41.74
N PHE A 327 -31.66 -24.17 42.25
CA PHE A 327 -30.35 -24.24 41.61
C PHE A 327 -30.49 -24.74 40.17
N ARG A 328 -31.29 -25.79 39.99
CA ARG A 328 -31.48 -26.34 38.65
C ARG A 328 -32.23 -25.37 37.75
N GLY A 329 -33.05 -24.52 38.34
CA GLY A 329 -33.77 -23.54 37.54
C GLY A 329 -32.76 -22.54 37.02
N VAL A 330 -31.86 -22.11 37.90
CA VAL A 330 -30.83 -21.17 37.52
C VAL A 330 -29.96 -21.79 36.43
N LEU A 331 -29.58 -23.05 36.62
CA LEU A 331 -28.74 -23.75 35.66
C LEU A 331 -29.42 -23.89 34.30
N GLU A 332 -30.72 -24.18 34.30
CA GLU A 332 -31.44 -24.32 33.05
C GLU A 332 -31.37 -23.01 32.26
N GLN A 333 -31.52 -21.89 32.95
CA GLN A 333 -31.44 -20.59 32.28
C GLN A 333 -30.03 -20.34 31.78
N LEU A 334 -29.04 -20.69 32.61
CA LEU A 334 -27.65 -20.49 32.22
C LEU A 334 -27.23 -21.30 30.99
N ARG A 335 -27.89 -22.42 30.74
CA ARG A 335 -27.57 -23.24 29.57
C ARG A 335 -27.79 -22.40 28.32
N TRP A 336 -28.83 -21.59 28.35
CA TRP A 336 -29.21 -20.77 27.22
C TRP A 336 -28.93 -19.29 27.43
N PHE A 337 -27.99 -19.00 28.31
CA PHE A 337 -27.63 -17.62 28.60
C PHE A 337 -26.36 -17.25 27.84
N ALA A 338 -26.51 -16.49 26.75
CA ALA A 338 -25.37 -16.09 25.93
C ALA A 338 -24.51 -17.30 25.57
N GLY A 339 -23.20 -17.12 25.63
CA GLY A 339 -22.25 -18.19 25.33
C GLY A 339 -21.15 -18.22 26.37
N LYS A 340 -20.11 -19.00 26.14
CA LYS A 340 -19.00 -19.09 27.09
C LYS A 340 -18.28 -17.76 27.28
N GLN A 341 -18.03 -17.06 26.19
CA GLN A 341 -17.35 -15.76 26.26
C GLN A 341 -18.04 -14.77 27.19
N VAL A 342 -19.36 -14.62 27.03
CA VAL A 342 -20.12 -13.69 27.85
C VAL A 342 -20.30 -14.17 29.28
N LYS A 343 -20.62 -15.45 29.45
CA LYS A 343 -20.81 -15.98 30.80
C LYS A 343 -19.53 -15.97 31.63
N SER A 344 -18.38 -15.98 30.97
CA SER A 344 -17.11 -15.96 31.70
C SER A 344 -16.75 -14.58 32.24
N VAL A 345 -17.37 -13.53 31.71
CA VAL A 345 -17.09 -12.18 32.19
C VAL A 345 -18.32 -11.52 32.81
N ALA A 346 -19.50 -11.92 32.37
CA ALA A 346 -20.76 -11.36 32.87
C ALA A 346 -20.93 -11.70 34.35
N SER A 347 -21.17 -10.68 35.16
CA SER A 347 -21.33 -10.88 36.59
C SER A 347 -22.79 -11.05 36.99
N LEU A 348 -23.00 -11.71 38.12
CA LEU A 348 -24.32 -11.95 38.64
C LEU A 348 -24.95 -10.59 38.96
N GLY A 349 -24.19 -9.74 39.64
CA GLY A 349 -24.67 -8.42 40.01
C GLY A 349 -25.09 -7.61 38.78
N GLY A 350 -24.30 -7.70 37.72
CA GLY A 350 -24.60 -6.97 36.51
C GLY A 350 -25.96 -7.31 35.91
N ASN A 351 -26.29 -8.60 35.87
CA ASN A 351 -27.58 -8.99 35.31
C ASN A 351 -28.74 -8.49 36.17
N ILE A 352 -28.61 -8.64 37.47
CA ILE A 352 -29.65 -8.22 38.39
C ILE A 352 -29.92 -6.71 38.34
N ILE A 353 -28.85 -5.91 38.48
CA ILE A 353 -29.01 -4.46 38.49
C ILE A 353 -29.35 -3.85 37.13
N THR A 354 -28.91 -4.46 36.04
CA THR A 354 -29.24 -3.94 34.71
C THR A 354 -30.75 -3.92 34.63
N ALA A 355 -31.38 -4.89 35.29
CA ALA A 355 -32.83 -4.99 35.33
C ALA A 355 -33.51 -4.93 33.98
N SER A 356 -32.98 -5.68 33.02
CA SER A 356 -33.61 -5.70 31.70
C SER A 356 -34.93 -6.44 31.79
N PRO A 357 -35.94 -5.99 31.03
CA PRO A 357 -37.25 -6.64 31.03
C PRO A 357 -37.12 -8.11 30.67
N ILE A 358 -36.09 -8.44 29.88
CA ILE A 358 -35.90 -9.81 29.47
C ILE A 358 -34.77 -10.58 30.17
N SER A 359 -34.39 -10.12 31.36
CA SER A 359 -33.37 -10.83 32.12
C SER A 359 -33.89 -12.25 32.32
N ASP A 360 -33.03 -13.24 32.13
CA ASP A 360 -33.44 -14.63 32.31
C ASP A 360 -33.22 -15.08 33.75
N LEU A 361 -32.46 -14.30 34.52
CA LEU A 361 -32.17 -14.67 35.89
C LEU A 361 -33.07 -13.97 36.91
N ASN A 362 -33.41 -12.71 36.67
CA ASN A 362 -34.24 -12.01 37.63
C ASN A 362 -35.59 -12.68 37.90
N PRO A 363 -36.23 -13.27 36.87
CA PRO A 363 -37.51 -13.93 37.14
C PRO A 363 -37.31 -15.11 38.09
N VAL A 364 -36.16 -15.75 37.95
CA VAL A 364 -35.81 -16.91 38.78
C VAL A 364 -35.48 -16.46 40.20
N PHE A 365 -34.71 -15.38 40.31
CA PHE A 365 -34.35 -14.86 41.62
C PHE A 365 -35.59 -14.33 42.32
N MET A 366 -36.49 -13.72 41.56
CA MET A 366 -37.73 -13.19 42.12
C MET A 366 -38.66 -14.30 42.58
N ALA A 367 -38.84 -15.33 41.75
CA ALA A 367 -39.73 -16.43 42.10
C ALA A 367 -39.21 -17.22 43.30
N SER A 368 -37.89 -17.28 43.44
CA SER A 368 -37.29 -18.02 44.54
C SER A 368 -36.99 -17.14 45.76
N GLY A 369 -37.31 -15.86 45.65
CA GLY A 369 -37.06 -14.96 46.77
C GLY A 369 -35.58 -14.89 47.11
N THR A 370 -34.73 -15.07 46.11
CA THR A 370 -33.29 -15.01 46.30
C THR A 370 -32.92 -13.78 47.12
N LYS A 371 -32.10 -13.98 48.14
CA LYS A 371 -31.69 -12.89 49.03
C LYS A 371 -30.58 -12.02 48.48
N LEU A 372 -30.82 -10.71 48.53
CA LEU A 372 -29.87 -9.73 48.03
C LEU A 372 -29.29 -8.91 49.18
N THR A 373 -27.97 -8.94 49.31
CA THR A 373 -27.32 -8.15 50.36
C THR A 373 -26.83 -6.87 49.69
N ILE A 374 -27.38 -5.75 50.13
CA ILE A 374 -27.06 -4.45 49.58
C ILE A 374 -26.33 -3.59 50.61
N VAL A 375 -25.29 -2.90 50.17
CA VAL A 375 -24.51 -2.06 51.07
C VAL A 375 -24.12 -0.71 50.48
N SER A 376 -23.72 0.19 51.37
CA SER A 376 -23.26 1.52 51.02
C SER A 376 -22.40 1.89 52.22
N ARG A 377 -21.63 2.97 52.13
CA ARG A 377 -20.79 3.33 53.26
C ARG A 377 -21.66 3.55 54.48
N GLY A 378 -21.45 2.71 55.50
CA GLY A 378 -22.22 2.84 56.73
C GLY A 378 -23.54 2.08 56.79
N THR A 379 -23.93 1.41 55.71
CA THR A 379 -25.18 0.68 55.72
C THR A 379 -25.07 -0.71 55.11
N ARG A 380 -25.93 -1.61 55.57
CA ARG A 380 -25.95 -2.98 55.08
C ARG A 380 -27.34 -3.57 55.33
N ARG A 381 -27.96 -4.09 54.29
CA ARG A 381 -29.28 -4.68 54.41
C ARG A 381 -29.43 -5.87 53.47
N THR A 382 -30.25 -6.82 53.86
CA THR A 382 -30.49 -8.00 53.05
C THR A 382 -31.99 -8.16 52.86
N VAL A 383 -32.41 -8.22 51.62
CA VAL A 383 -33.83 -8.36 51.31
C VAL A 383 -34.03 -9.42 50.25
N PRO A 384 -35.14 -10.16 50.35
CA PRO A 384 -35.39 -11.19 49.33
C PRO A 384 -35.92 -10.45 48.11
N MET A 385 -35.52 -10.88 46.93
CA MET A 385 -36.01 -10.22 45.73
C MET A 385 -37.49 -10.55 45.60
N ASP A 386 -38.30 -9.54 45.30
CA ASP A 386 -39.73 -9.75 45.11
C ASP A 386 -40.19 -8.76 44.04
N HIS A 387 -41.47 -8.77 43.72
CA HIS A 387 -41.97 -7.89 42.67
C HIS A 387 -41.63 -6.41 42.84
N THR A 388 -41.51 -5.95 44.08
CA THR A 388 -41.21 -4.54 44.35
C THR A 388 -39.77 -4.14 44.07
N PHE A 389 -38.88 -5.12 43.93
CA PHE A 389 -37.48 -4.80 43.68
C PHE A 389 -37.27 -4.06 42.37
N PHE A 390 -38.15 -4.30 41.41
CA PHE A 390 -38.05 -3.63 40.11
C PHE A 390 -39.28 -2.75 39.94
N PRO A 391 -39.23 -1.51 40.47
CA PRO A 391 -40.32 -0.55 40.41
C PRO A 391 -40.69 -0.04 39.01
N SER A 392 -39.69 0.09 38.15
CA SER A 392 -39.95 0.58 36.81
C SER A 392 -38.83 0.20 35.85
N TYR A 393 -39.04 0.51 34.58
CA TYR A 393 -38.09 0.21 33.53
C TYR A 393 -36.62 0.46 33.88
N ARG A 394 -35.83 -0.60 33.81
CA ARG A 394 -34.39 -0.54 34.09
C ARG A 394 -33.99 -0.02 35.46
N LYS A 395 -34.92 -0.05 36.42
CA LYS A 395 -34.59 0.41 37.76
C LYS A 395 -34.80 -0.63 38.83
N THR A 396 -34.06 -0.49 39.92
CA THR A 396 -34.16 -1.41 41.05
C THR A 396 -34.29 -0.57 42.31
N LEU A 397 -34.55 -1.21 43.45
CA LEU A 397 -34.72 -0.49 44.71
C LEU A 397 -33.42 -0.10 45.41
N LEU A 398 -32.32 -0.08 44.68
CA LEU A 398 -31.05 0.31 45.28
C LEU A 398 -30.94 1.82 45.33
N GLY A 399 -30.31 2.34 46.37
CA GLY A 399 -30.14 3.77 46.48
C GLY A 399 -28.98 4.18 45.59
N PRO A 400 -28.77 5.48 45.36
CA PRO A 400 -27.67 5.92 44.50
C PRO A 400 -26.28 5.55 45.04
N GLU A 401 -26.15 5.50 46.36
CA GLU A 401 -24.86 5.17 46.99
C GLU A 401 -24.71 3.67 47.24
N GLU A 402 -25.77 2.90 47.02
CA GLU A 402 -25.71 1.47 47.27
C GLU A 402 -25.21 0.61 46.12
N ILE A 403 -24.61 -0.51 46.46
CA ILE A 403 -24.11 -1.46 45.49
C ILE A 403 -24.54 -2.84 45.98
N LEU A 404 -24.74 -3.77 45.05
CA LEU A 404 -25.15 -5.12 45.42
C LEU A 404 -23.88 -5.85 45.81
N LEU A 405 -23.83 -6.34 47.04
CA LEU A 405 -22.64 -7.03 47.55
C LEU A 405 -22.64 -8.53 47.23
N SER A 406 -23.72 -9.21 47.58
CA SER A 406 -23.82 -10.64 47.34
C SER A 406 -25.25 -11.09 47.15
N ILE A 407 -25.40 -12.28 46.59
CA ILE A 407 -26.69 -12.86 46.33
C ILE A 407 -26.71 -14.29 46.87
N GLU A 408 -27.75 -14.64 47.62
CA GLU A 408 -27.83 -15.99 48.14
C GLU A 408 -28.97 -16.73 47.47
N ILE A 409 -28.61 -17.69 46.62
CA ILE A 409 -29.60 -18.50 45.93
C ILE A 409 -29.97 -19.59 46.94
N PRO A 410 -31.24 -19.63 47.33
CA PRO A 410 -31.79 -20.57 48.30
C PRO A 410 -31.90 -22.05 47.93
N TYR A 411 -31.71 -22.89 48.93
CA TYR A 411 -31.86 -24.33 48.76
C TYR A 411 -33.38 -24.45 48.71
N SER A 412 -33.90 -25.43 47.98
CA SER A 412 -35.34 -25.60 47.95
C SER A 412 -35.70 -26.48 49.15
N ARG A 413 -36.90 -26.29 49.67
CA ARG A 413 -37.37 -27.05 50.84
C ARG A 413 -38.25 -28.23 50.43
N GLU A 414 -38.69 -29.00 51.42
CA GLU A 414 -39.56 -30.12 51.15
C GLU A 414 -40.88 -29.54 50.65
N ASP A 415 -41.56 -30.27 49.79
CA ASP A 415 -42.85 -29.81 49.27
C ASP A 415 -42.71 -28.53 48.46
N GLU A 416 -41.48 -28.23 48.01
CA GLU A 416 -41.25 -27.02 47.23
C GLU A 416 -40.60 -27.38 45.89
N PHE A 417 -41.24 -26.98 44.79
CA PHE A 417 -40.70 -27.28 43.49
C PHE A 417 -40.47 -26.04 42.65
N PHE A 418 -39.55 -26.14 41.71
CA PHE A 418 -39.20 -24.99 40.90
C PHE A 418 -38.96 -25.33 39.43
N SER A 419 -39.32 -24.40 38.56
CA SER A 419 -39.10 -24.55 37.12
C SER A 419 -38.69 -23.20 36.56
N ALA A 420 -37.87 -23.24 35.52
CA ALA A 420 -37.41 -22.04 34.83
C ALA A 420 -37.47 -22.39 33.35
N PHE A 421 -38.06 -21.51 32.56
CA PHE A 421 -38.18 -21.75 31.13
C PHE A 421 -37.80 -20.49 30.37
N LYS A 422 -37.32 -20.68 29.16
CA LYS A 422 -36.94 -19.58 28.30
C LYS A 422 -37.25 -19.98 26.87
N GLN A 423 -37.88 -19.08 26.13
CA GLN A 423 -38.17 -19.33 24.74
C GLN A 423 -37.79 -18.08 24.00
N ALA A 424 -36.98 -18.23 22.95
CA ALA A 424 -36.53 -17.11 22.16
C ALA A 424 -36.79 -17.42 20.69
N SER A 425 -35.93 -16.91 19.81
CA SER A 425 -36.09 -17.17 18.39
C SER A 425 -35.19 -18.35 18.01
N ARG A 426 -34.10 -18.50 18.78
CA ARG A 426 -33.15 -19.58 18.59
C ARG A 426 -32.75 -20.05 19.99
N ARG A 427 -32.49 -21.34 20.14
CA ARG A 427 -32.11 -21.88 21.43
C ARG A 427 -30.86 -21.26 22.02
N GLU A 428 -29.79 -21.27 21.26
CA GLU A 428 -28.50 -20.74 21.72
C GLU A 428 -28.34 -19.23 21.58
N ASP A 429 -27.68 -18.65 22.58
CA ASP A 429 -27.38 -17.22 22.63
C ASP A 429 -28.43 -16.31 22.01
N ASP A 430 -29.59 -16.24 22.63
CA ASP A 430 -30.66 -15.39 22.13
C ASP A 430 -31.35 -14.64 23.27
N ILE A 431 -32.09 -13.60 22.91
CA ILE A 431 -32.82 -12.80 23.88
C ILE A 431 -34.17 -13.46 24.10
N ALA A 432 -34.58 -13.57 25.34
CA ALA A 432 -35.86 -14.21 25.63
C ALA A 432 -37.04 -13.44 25.07
N LYS A 433 -38.04 -14.16 24.56
CA LYS A 433 -39.27 -13.55 24.08
C LYS A 433 -40.08 -13.53 25.37
N VAL A 434 -40.03 -14.66 26.06
CA VAL A 434 -40.68 -14.84 27.35
C VAL A 434 -39.76 -15.76 28.13
N THR A 435 -39.52 -15.44 29.39
CA THR A 435 -38.66 -16.24 30.24
C THR A 435 -39.31 -16.21 31.60
N CYS A 436 -39.12 -17.27 32.39
CA CYS A 436 -39.78 -17.29 33.69
C CYS A 436 -39.11 -18.13 34.75
N GLY A 437 -39.56 -17.87 35.97
CA GLY A 437 -39.10 -18.60 37.13
C GLY A 437 -40.42 -18.91 37.81
N MET A 438 -40.65 -20.18 38.15
CA MET A 438 -41.90 -20.54 38.79
C MET A 438 -41.64 -21.39 40.02
N ARG A 439 -42.26 -21.03 41.13
CA ARG A 439 -42.08 -21.75 42.36
C ARG A 439 -43.41 -22.04 43.04
N VAL A 440 -43.50 -23.20 43.65
CA VAL A 440 -44.71 -23.57 44.37
C VAL A 440 -44.27 -24.28 45.65
N LEU A 441 -44.91 -23.92 46.74
CA LEU A 441 -44.64 -24.51 48.05
C LEU A 441 -45.97 -25.06 48.50
N PHE A 442 -46.01 -26.36 48.79
CA PHE A 442 -47.25 -26.99 49.24
C PHE A 442 -47.21 -27.21 50.75
N GLN A 443 -48.38 -27.41 51.35
CA GLN A 443 -48.43 -27.70 52.78
C GLN A 443 -47.70 -29.04 52.88
N PRO A 444 -47.09 -29.34 54.04
CA PRO A 444 -46.36 -30.59 54.22
C PRO A 444 -47.02 -31.83 53.64
N GLY A 445 -46.30 -32.52 52.75
CA GLY A 445 -46.79 -33.73 52.12
C GLY A 445 -48.12 -33.68 51.40
N SER A 446 -48.56 -32.50 51.01
CA SER A 446 -49.84 -32.35 50.33
C SER A 446 -49.72 -31.77 48.93
N MET A 447 -50.87 -31.62 48.29
CA MET A 447 -50.96 -31.03 46.96
C MET A 447 -51.65 -29.69 47.13
N GLN A 448 -51.71 -29.22 48.37
CA GLN A 448 -52.36 -27.94 48.66
C GLN A 448 -51.34 -26.81 48.67
N VAL A 449 -51.56 -25.83 47.79
CA VAL A 449 -50.68 -24.69 47.64
C VAL A 449 -50.55 -23.79 48.86
N LYS A 450 -49.32 -23.57 49.31
CA LYS A 450 -49.06 -22.68 50.44
C LYS A 450 -48.54 -21.39 49.84
N GLU A 451 -47.62 -21.53 48.88
CA GLU A 451 -47.03 -20.39 48.20
C GLU A 451 -46.93 -20.70 46.71
N LEU A 452 -47.15 -19.68 45.88
CA LEU A 452 -47.06 -19.83 44.43
C LEU A 452 -46.52 -18.54 43.84
N ALA A 453 -45.45 -18.66 43.06
CA ALA A 453 -44.85 -17.50 42.45
C ALA A 453 -44.56 -17.76 40.98
N LEU A 454 -45.17 -16.98 40.11
CA LEU A 454 -44.97 -17.12 38.68
C LEU A 454 -44.43 -15.77 38.21
N CYS A 455 -43.13 -15.72 37.97
CA CYS A 455 -42.49 -14.49 37.55
C CYS A 455 -41.99 -14.58 36.11
N TYR A 456 -42.28 -13.54 35.35
CA TYR A 456 -41.92 -13.53 33.94
C TYR A 456 -41.09 -12.35 33.46
N GLY A 457 -40.31 -12.63 32.43
CA GLY A 457 -39.51 -11.61 31.79
C GLY A 457 -40.08 -11.55 30.38
N GLY A 458 -40.01 -10.40 29.73
CA GLY A 458 -40.52 -10.28 28.38
C GLY A 458 -42.02 -10.06 28.24
N MET A 459 -42.69 -9.73 29.34
CA MET A 459 -44.13 -9.49 29.31
C MET A 459 -44.49 -8.10 29.79
N ALA A 460 -43.47 -7.29 30.07
CA ALA A 460 -43.67 -5.92 30.53
C ALA A 460 -42.33 -5.20 30.45
N ASP A 461 -42.29 -3.95 30.88
CA ASP A 461 -41.03 -3.19 30.84
C ASP A 461 -40.16 -3.51 32.04
N ARG A 462 -40.43 -4.65 32.67
CA ARG A 462 -39.67 -5.09 33.84
C ARG A 462 -40.08 -6.51 34.20
N THR A 463 -39.28 -7.16 35.04
CA THR A 463 -39.60 -8.50 35.48
C THR A 463 -40.83 -8.34 36.35
N ILE A 464 -41.85 -9.17 36.12
CA ILE A 464 -43.07 -9.08 36.91
C ILE A 464 -43.52 -10.42 37.47
N SER A 465 -44.40 -10.33 38.47
CA SER A 465 -44.95 -11.51 39.09
C SER A 465 -46.46 -11.46 38.88
N ALA A 466 -47.06 -12.60 38.53
CA ALA A 466 -48.50 -12.66 38.32
C ALA A 466 -49.17 -12.85 39.67
N LEU A 467 -48.97 -11.88 40.56
CA LEU A 467 -49.52 -11.92 41.91
C LEU A 467 -51.03 -12.08 41.99
N LYS A 468 -51.77 -11.32 41.18
CA LYS A 468 -53.23 -11.41 41.20
C LYS A 468 -53.65 -12.85 40.95
N THR A 469 -53.03 -13.47 39.95
CA THR A 469 -53.34 -14.84 39.59
C THR A 469 -52.93 -15.87 40.64
N THR A 470 -51.68 -15.80 41.08
CA THR A 470 -51.19 -16.75 42.07
C THR A 470 -51.86 -16.60 43.44
N GLN A 471 -52.16 -15.37 43.83
CA GLN A 471 -52.82 -15.15 45.12
C GLN A 471 -54.13 -15.93 45.21
N LYS A 472 -54.85 -16.01 44.10
CA LYS A 472 -56.12 -16.71 44.07
C LYS A 472 -55.99 -18.23 44.24
N GLN A 473 -54.78 -18.76 44.12
CA GLN A 473 -54.59 -20.19 44.25
C GLN A 473 -54.08 -20.64 45.60
N LEU A 474 -53.75 -19.71 46.48
CA LEU A 474 -53.26 -20.08 47.79
C LEU A 474 -54.37 -20.88 48.47
N SER A 475 -53.99 -22.01 49.05
N SER A 475 -53.98 -21.99 49.09
CA SER A 475 -54.91 -22.93 49.74
CA SER A 475 -54.87 -22.92 49.79
C SER A 475 -55.67 -23.84 48.78
C SER A 475 -55.64 -23.83 48.83
N LYS A 476 -55.48 -23.65 47.49
CA LYS A 476 -56.14 -24.50 46.50
C LYS A 476 -55.26 -25.71 46.25
N PHE A 477 -55.81 -26.76 45.63
CA PHE A 477 -55.01 -27.95 45.36
C PHE A 477 -54.53 -28.01 43.92
N TRP A 478 -53.40 -28.66 43.73
CA TRP A 478 -52.81 -28.80 42.39
C TRP A 478 -53.68 -29.73 41.58
N ASN A 479 -54.57 -29.16 40.78
CA ASN A 479 -55.46 -29.95 39.94
C ASN A 479 -55.85 -29.22 38.67
N GLU A 480 -56.64 -29.90 37.83
CA GLU A 480 -57.09 -29.35 36.55
C GLU A 480 -57.79 -28.00 36.68
N LYS A 481 -58.60 -27.84 37.72
CA LYS A 481 -59.30 -26.58 37.94
C LYS A 481 -58.29 -25.46 38.22
N LEU A 482 -57.24 -25.78 38.97
CA LEU A 482 -56.21 -24.78 39.26
C LEU A 482 -55.50 -24.40 37.97
N LEU A 483 -55.23 -25.40 37.13
CA LEU A 483 -54.56 -25.16 35.86
C LEU A 483 -55.40 -24.20 35.02
N GLN A 484 -56.69 -24.50 34.91
CA GLN A 484 -57.60 -23.68 34.14
C GLN A 484 -57.70 -22.27 34.70
N ASP A 485 -57.81 -22.17 36.02
CA ASP A 485 -57.92 -20.87 36.67
C ASP A 485 -56.67 -20.03 36.50
N VAL A 486 -55.50 -20.65 36.66
CA VAL A 486 -54.25 -19.93 36.50
C VAL A 486 -54.06 -19.46 35.06
N CYS A 487 -54.42 -20.31 34.10
CA CYS A 487 -54.30 -19.94 32.70
C CYS A 487 -55.22 -18.78 32.37
N ALA A 488 -56.45 -18.85 32.85
CA ALA A 488 -57.41 -17.77 32.61
C ALA A 488 -56.87 -16.52 33.28
N GLY A 489 -56.35 -16.67 34.49
CA GLY A 489 -55.80 -15.54 35.21
C GLY A 489 -54.62 -14.91 34.48
N LEU A 490 -53.69 -15.74 34.03
CA LEU A 490 -52.53 -15.23 33.30
C LEU A 490 -52.96 -14.50 32.04
N ALA A 491 -53.94 -15.05 31.33
CA ALA A 491 -54.44 -14.45 30.11
C ALA A 491 -54.98 -13.05 30.36
N GLU A 492 -55.53 -12.84 31.54
CA GLU A 492 -56.09 -11.53 31.89
C GLU A 492 -55.05 -10.60 32.54
N GLU A 493 -54.29 -11.13 33.49
CA GLU A 493 -53.30 -10.33 34.21
C GLU A 493 -52.07 -9.96 33.37
N LEU A 494 -51.59 -10.88 32.55
CA LEU A 494 -50.42 -10.61 31.71
C LEU A 494 -50.84 -10.19 30.31
N SER A 495 -51.63 -9.13 30.24
CA SER A 495 -52.12 -8.62 28.97
C SER A 495 -51.03 -7.86 28.22
N LEU A 496 -51.19 -7.77 26.90
CA LEU A 496 -50.24 -7.05 26.07
C LEU A 496 -51.03 -6.18 25.11
N SER A 497 -50.74 -4.88 25.11
CA SER A 497 -51.43 -3.97 24.20
C SER A 497 -50.93 -4.26 22.80
N PRO A 498 -51.77 -4.01 21.78
CA PRO A 498 -51.36 -4.26 20.40
C PRO A 498 -50.03 -3.62 20.02
N ASP A 499 -49.70 -2.50 20.66
CA ASP A 499 -48.46 -1.78 20.37
C ASP A 499 -47.33 -2.12 21.32
N ALA A 500 -47.42 -3.26 22.00
CA ALA A 500 -46.38 -3.66 22.92
C ALA A 500 -45.04 -3.84 22.22
N PRO A 501 -43.95 -3.29 22.80
CA PRO A 501 -42.62 -3.41 22.21
C PRO A 501 -42.26 -4.89 22.04
N GLY A 502 -41.69 -5.23 20.89
CA GLY A 502 -41.31 -6.61 20.63
C GLY A 502 -42.35 -7.38 19.85
N GLY A 503 -43.57 -6.85 19.80
CA GLY A 503 -44.62 -7.52 19.06
C GLY A 503 -44.88 -8.95 19.50
N MET A 504 -45.24 -9.80 18.53
CA MET A 504 -45.52 -11.21 18.81
C MET A 504 -46.40 -11.32 20.05
N ILE A 505 -47.47 -10.54 20.05
CA ILE A 505 -48.41 -10.49 21.16
C ILE A 505 -49.04 -11.84 21.49
N GLU A 506 -49.63 -12.48 20.50
CA GLU A 506 -50.28 -13.78 20.71
C GLU A 506 -49.27 -14.82 21.18
N PHE A 507 -48.14 -14.89 20.50
CA PHE A 507 -47.11 -15.86 20.84
C PHE A 507 -46.62 -15.70 22.29
N ARG A 508 -46.29 -14.48 22.69
CA ARG A 508 -45.83 -14.26 24.05
C ARG A 508 -46.85 -14.63 25.10
N ARG A 509 -48.10 -14.24 24.88
CA ARG A 509 -49.15 -14.58 25.84
C ARG A 509 -49.34 -16.09 25.90
N THR A 510 -49.26 -16.75 24.75
CA THR A 510 -49.40 -18.20 24.69
C THR A 510 -48.28 -18.86 25.49
N LEU A 511 -47.06 -18.31 25.37
CA LEU A 511 -45.93 -18.85 26.10
C LEU A 511 -46.13 -18.73 27.61
N THR A 512 -46.70 -17.63 28.07
CA THR A 512 -46.90 -17.46 29.50
C THR A 512 -47.78 -18.60 30.04
N LEU A 513 -48.82 -18.96 29.29
CA LEU A 513 -49.70 -20.05 29.70
C LEU A 513 -49.05 -21.41 29.48
N SER A 514 -48.38 -21.56 28.34
CA SER A 514 -47.72 -22.81 28.01
C SER A 514 -46.65 -23.15 29.04
N PHE A 515 -45.89 -22.15 29.46
CA PHE A 515 -44.86 -22.34 30.47
C PHE A 515 -45.51 -22.80 31.77
N PHE A 516 -46.64 -22.20 32.11
CA PHE A 516 -47.28 -22.62 33.34
C PHE A 516 -47.78 -24.05 33.23
N PHE A 517 -48.28 -24.41 32.05
CA PHE A 517 -48.79 -25.76 31.82
C PHE A 517 -47.64 -26.75 32.04
N LYS A 518 -46.47 -26.42 31.48
CA LYS A 518 -45.30 -27.29 31.64
C LYS A 518 -44.95 -27.37 33.13
N PHE A 519 -45.05 -26.24 33.82
CA PHE A 519 -44.75 -26.20 35.24
C PHE A 519 -45.76 -27.07 35.99
N TYR A 520 -47.03 -26.90 35.65
CA TYR A 520 -48.12 -27.65 36.25
C TYR A 520 -47.89 -29.17 36.11
N LEU A 521 -47.61 -29.60 34.88
CA LEU A 521 -47.38 -31.02 34.63
C LEU A 521 -46.13 -31.52 35.36
N THR A 522 -45.09 -30.71 35.33
CA THR A 522 -43.83 -31.07 35.98
C THR A 522 -44.04 -31.23 37.49
N VAL A 523 -44.82 -30.33 38.08
CA VAL A 523 -45.07 -30.43 39.52
C VAL A 523 -45.87 -31.69 39.81
N LEU A 524 -46.85 -32.01 38.97
CA LEU A 524 -47.63 -33.23 39.18
C LEU A 524 -46.69 -34.42 39.23
N LYS A 525 -45.73 -34.43 38.30
CA LYS A 525 -44.75 -35.50 38.21
C LYS A 525 -43.89 -35.55 39.46
N LYS A 526 -43.45 -34.38 39.93
CA LYS A 526 -42.62 -34.30 41.13
C LYS A 526 -43.40 -34.67 42.40
N LEU A 527 -44.69 -34.36 42.41
CA LEU A 527 -45.53 -34.67 43.56
C LEU A 527 -45.75 -36.18 43.65
N GLY A 528 -45.62 -36.85 42.51
CA GLY A 528 -45.81 -38.29 42.46
C GLY A 528 -44.52 -39.05 42.73
N LYS A 537 -47.88 -41.01 37.54
CA LYS A 537 -49.31 -41.25 37.21
C LYS A 537 -49.76 -40.27 36.13
N LEU A 538 -48.78 -39.64 35.47
CA LEU A 538 -49.05 -38.68 34.41
C LEU A 538 -49.30 -39.43 33.10
N ASP A 539 -50.26 -38.97 32.30
CA ASP A 539 -50.56 -39.62 31.03
C ASP A 539 -49.27 -39.74 30.23
N PRO A 540 -48.91 -40.97 29.80
CA PRO A 540 -47.70 -41.21 29.03
C PRO A 540 -47.49 -40.24 27.87
N THR A 541 -48.56 -39.91 27.17
CA THR A 541 -48.49 -39.00 26.03
C THR A 541 -48.21 -37.55 26.45
N TYR A 542 -48.27 -37.30 27.76
CA TYR A 542 -48.04 -35.96 28.30
C TYR A 542 -46.64 -35.78 28.88
N THR A 543 -46.01 -36.90 29.22
CA THR A 543 -44.67 -36.89 29.82
C THR A 543 -43.60 -36.02 29.17
N SER A 544 -43.41 -36.15 27.87
CA SER A 544 -42.38 -35.36 27.19
C SER A 544 -42.54 -33.86 27.39
N ALA A 545 -43.75 -33.44 27.75
CA ALA A 545 -44.01 -32.01 27.97
C ALA A 545 -43.22 -31.48 29.17
N THR A 546 -42.82 -32.39 30.07
CA THR A 546 -42.09 -31.99 31.27
C THR A 546 -40.58 -32.15 31.13
N LEU A 547 -40.14 -32.73 30.02
CA LEU A 547 -38.71 -32.94 29.81
C LEU A 547 -37.98 -31.67 29.39
N LEU A 548 -36.80 -31.45 29.96
CA LEU A 548 -35.99 -30.29 29.62
C LEU A 548 -35.22 -30.68 28.36
N PHE A 549 -34.85 -29.68 27.57
CA PHE A 549 -34.14 -29.94 26.33
C PHE A 549 -32.99 -30.91 26.52
N GLN A 550 -32.90 -31.92 25.65
CA GLN A 550 -31.82 -32.88 25.75
C GLN A 550 -31.11 -33.08 24.42
N LYS A 551 -29.78 -33.02 24.46
CA LYS A 551 -28.96 -33.20 23.28
C LYS A 551 -28.91 -34.68 22.92
N ASP A 552 -28.86 -34.97 21.63
CA ASP A 552 -28.74 -36.33 21.18
C ASP A 552 -27.38 -36.37 20.49
N PRO A 553 -26.60 -37.46 20.70
CA PRO A 553 -25.29 -37.56 20.07
C PRO A 553 -25.30 -37.33 18.57
N PRO A 554 -24.36 -36.52 18.07
CA PRO A 554 -24.27 -36.25 16.63
C PRO A 554 -23.80 -37.44 15.82
N ALA A 555 -24.23 -37.50 14.57
CA ALA A 555 -23.85 -38.57 13.65
C ALA A 555 -23.73 -37.96 12.27
N ASN A 556 -22.51 -37.83 11.78
CA ASN A 556 -22.28 -37.24 10.47
C ASN A 556 -21.60 -38.22 9.54
N ILE A 557 -22.07 -38.26 8.31
CA ILE A 557 -21.50 -39.14 7.32
C ILE A 557 -21.44 -38.44 5.98
N GLN A 558 -20.27 -38.46 5.35
CA GLN A 558 -20.13 -37.86 4.04
C GLN A 558 -19.70 -38.94 3.07
N LEU A 559 -20.43 -39.05 1.96
CA LEU A 559 -20.13 -40.03 0.94
C LEU A 559 -19.79 -39.31 -0.37
N PHE A 560 -18.65 -39.67 -0.95
CA PHE A 560 -18.27 -39.08 -2.21
C PHE A 560 -17.49 -40.12 -3.00
N GLN A 561 -17.10 -39.77 -4.22
CA GLN A 561 -16.42 -40.72 -5.08
C GLN A 561 -14.91 -40.63 -5.07
N GLU A 562 -14.27 -41.79 -4.97
CA GLU A 562 -12.83 -41.85 -4.99
C GLU A 562 -12.41 -41.56 -6.42
N VAL A 563 -11.20 -41.04 -6.62
CA VAL A 563 -10.72 -40.74 -7.96
C VAL A 563 -10.23 -42.05 -8.58
N PRO A 564 -10.14 -42.11 -9.92
CA PRO A 564 -9.68 -43.32 -10.60
C PRO A 564 -8.37 -43.83 -9.97
N ASN A 565 -8.25 -45.15 -9.90
CA ASN A 565 -7.06 -45.76 -9.31
C ASN A 565 -5.74 -45.31 -9.94
N GLY A 566 -5.75 -45.10 -11.25
CA GLY A 566 -4.53 -44.70 -11.93
C GLY A 566 -4.25 -43.21 -11.99
N GLN A 567 -5.04 -42.41 -11.28
CA GLN A 567 -4.83 -40.96 -11.30
C GLN A 567 -3.58 -40.58 -10.53
N SER A 568 -2.77 -39.71 -11.14
CA SER A 568 -1.54 -39.24 -10.50
C SER A 568 -1.81 -38.54 -9.18
N LYS A 569 -0.90 -38.73 -8.22
CA LYS A 569 -1.05 -38.10 -6.91
C LYS A 569 -1.00 -36.59 -7.06
N GLU A 570 -0.29 -36.11 -8.08
CA GLU A 570 -0.18 -34.68 -8.33
C GLU A 570 -1.45 -34.11 -8.94
N ASP A 571 -2.28 -34.96 -9.51
CA ASP A 571 -3.54 -34.53 -10.08
C ASP A 571 -4.51 -34.51 -8.89
N THR A 572 -4.81 -33.32 -8.38
CA THR A 572 -5.70 -33.20 -7.22
C THR A 572 -7.16 -32.99 -7.56
N VAL A 573 -7.47 -32.88 -8.85
CA VAL A 573 -8.85 -32.70 -9.27
C VAL A 573 -9.63 -33.94 -8.88
N GLY A 574 -10.67 -33.75 -8.07
CA GLY A 574 -11.48 -34.85 -7.61
C GLY A 574 -11.09 -35.27 -6.20
N ARG A 575 -10.00 -34.71 -5.68
CA ARG A 575 -9.54 -35.02 -4.34
C ARG A 575 -10.02 -33.97 -3.33
N PRO A 576 -10.20 -34.36 -2.05
CA PRO A 576 -10.65 -33.47 -0.99
C PRO A 576 -9.57 -32.54 -0.42
N LEU A 577 -8.95 -31.77 -1.32
CA LEU A 577 -7.90 -30.84 -0.93
C LEU A 577 -8.47 -29.70 -0.09
N PRO A 578 -7.91 -29.47 1.11
CA PRO A 578 -8.42 -28.39 1.95
C PRO A 578 -8.21 -27.03 1.28
N HIS A 579 -9.07 -26.07 1.63
CA HIS A 579 -8.99 -24.70 1.12
C HIS A 579 -7.54 -24.26 1.31
N LEU A 580 -6.92 -23.76 0.24
CA LEU A 580 -5.52 -23.34 0.31
C LEU A 580 -5.16 -22.33 1.40
N ALA A 581 -6.12 -21.52 1.84
CA ALA A 581 -5.83 -20.52 2.87
C ALA A 581 -6.36 -20.91 4.25
N ALA A 582 -6.91 -22.11 4.37
CA ALA A 582 -7.46 -22.58 5.64
C ALA A 582 -6.48 -22.47 6.80
N ALA A 583 -5.24 -22.89 6.59
CA ALA A 583 -4.24 -22.83 7.65
C ALA A 583 -4.03 -21.39 8.10
N MET A 584 -3.87 -20.49 7.15
CA MET A 584 -3.66 -19.08 7.47
C MET A 584 -4.89 -18.45 8.09
N GLN A 585 -6.07 -18.97 7.76
CA GLN A 585 -7.29 -18.45 8.33
C GLN A 585 -7.40 -18.90 9.78
N ALA A 586 -6.98 -20.14 10.04
CA ALA A 586 -7.00 -20.69 11.39
C ALA A 586 -5.95 -20.01 12.26
N SER A 587 -4.90 -19.49 11.64
CA SER A 587 -3.82 -18.83 12.36
C SER A 587 -4.01 -17.33 12.47
N GLY A 588 -5.01 -16.80 11.78
CA GLY A 588 -5.24 -15.37 11.83
C GLY A 588 -4.25 -14.61 10.97
N GLU A 589 -3.52 -15.33 10.12
CA GLU A 589 -2.55 -14.71 9.24
C GLU A 589 -3.19 -14.26 7.93
N ALA A 590 -4.34 -14.84 7.60
CA ALA A 590 -5.05 -14.48 6.38
C ALA A 590 -5.46 -13.02 6.50
N VAL A 591 -5.12 -12.22 5.50
CA VAL A 591 -5.44 -10.80 5.54
C VAL A 591 -6.76 -10.45 4.87
N TYR A 592 -7.66 -9.83 5.64
CA TYR A 592 -8.92 -9.36 5.11
C TYR A 592 -8.73 -7.85 5.00
N CYS A 593 -9.60 -7.20 4.24
CA CYS A 593 -9.47 -5.77 4.00
C CYS A 593 -9.02 -4.91 5.17
N ASP A 594 -9.78 -4.89 6.26
CA ASP A 594 -9.39 -4.07 7.40
C ASP A 594 -8.11 -4.50 8.09
N ASP A 595 -7.65 -5.73 7.83
CA ASP A 595 -6.43 -6.21 8.44
C ASP A 595 -5.22 -5.56 7.78
N ILE A 596 -5.43 -4.97 6.61
CA ILE A 596 -4.34 -4.31 5.91
C ILE A 596 -3.94 -3.14 6.79
N PRO A 597 -2.63 -3.00 7.07
CA PRO A 597 -2.18 -1.89 7.92
C PRO A 597 -2.61 -0.54 7.36
N ARG A 598 -2.90 0.41 8.24
CA ARG A 598 -3.31 1.73 7.79
C ARG A 598 -2.07 2.57 7.55
N TYR A 599 -2.16 3.47 6.59
CA TYR A 599 -1.05 4.37 6.32
C TYR A 599 -1.00 5.35 7.49
N GLU A 600 0.16 5.93 7.74
CA GLU A 600 0.29 6.85 8.86
C GLU A 600 -0.68 8.01 8.72
N ASN A 601 -0.99 8.38 7.48
CA ASN A 601 -1.90 9.49 7.21
C ASN A 601 -3.30 9.03 6.80
N GLU A 602 -3.62 7.75 7.04
CA GLU A 602 -4.93 7.22 6.67
C GLU A 602 -6.05 7.70 7.58
N LEU A 603 -7.13 8.16 6.97
CA LEU A 603 -8.28 8.67 7.70
C LEU A 603 -9.42 7.66 7.69
N PHE A 604 -10.40 7.89 8.54
CA PHE A 604 -11.55 7.01 8.64
C PHE A 604 -12.83 7.69 8.25
N LEU A 605 -13.70 6.95 7.58
CA LEU A 605 -14.97 7.47 7.11
C LEU A 605 -16.13 6.80 7.80
N ARG A 606 -17.13 7.59 8.14
CA ARG A 606 -18.33 7.10 8.78
C ARG A 606 -19.51 7.63 7.98
N LEU A 607 -20.34 6.73 7.48
CA LEU A 607 -21.50 7.14 6.69
C LEU A 607 -22.55 7.83 7.56
N VAL A 608 -23.16 8.87 6.99
CA VAL A 608 -24.23 9.58 7.68
C VAL A 608 -25.46 9.16 6.88
N THR A 609 -26.38 8.46 7.52
CA THR A 609 -27.55 7.96 6.81
C THR A 609 -28.89 8.51 7.28
N SER A 610 -29.88 8.40 6.41
CA SER A 610 -31.22 8.86 6.70
C SER A 610 -31.92 8.08 7.79
N THR A 611 -32.65 8.80 8.63
CA THR A 611 -33.40 8.18 9.71
C THR A 611 -34.88 8.22 9.34
N ARG A 612 -35.16 8.65 8.11
CA ARG A 612 -36.54 8.73 7.60
C ARG A 612 -36.69 7.84 6.37
N ALA A 613 -37.84 7.17 6.25
CA ALA A 613 -38.08 6.30 5.11
C ALA A 613 -38.25 7.09 3.82
N HIS A 614 -38.84 8.27 3.91
CA HIS A 614 -39.05 9.10 2.72
C HIS A 614 -39.29 10.54 3.12
N ALA A 615 -38.40 11.43 2.73
CA ALA A 615 -38.56 12.82 3.11
C ALA A 615 -37.62 13.74 2.35
N LYS A 616 -37.94 15.02 2.41
CA LYS A 616 -37.10 16.02 1.78
C LYS A 616 -36.02 16.35 2.81
N ILE A 617 -34.82 16.62 2.34
CA ILE A 617 -33.75 17.01 3.25
C ILE A 617 -33.82 18.54 3.21
N LYS A 618 -34.24 19.14 4.31
CA LYS A 618 -34.37 20.59 4.39
C LYS A 618 -33.04 21.26 4.69
N SER A 619 -32.23 20.61 5.52
CA SER A 619 -30.93 21.17 5.86
C SER A 619 -30.07 20.14 6.59
N ILE A 620 -28.77 20.40 6.61
CA ILE A 620 -27.81 19.54 7.28
C ILE A 620 -26.93 20.47 8.10
N ASP A 621 -26.87 20.23 9.40
CA ASP A 621 -26.08 21.04 10.31
C ASP A 621 -24.90 20.22 10.81
N VAL A 622 -23.69 20.64 10.49
CA VAL A 622 -22.48 19.94 10.91
C VAL A 622 -21.75 20.67 12.03
N SER A 623 -22.34 21.78 12.50
CA SER A 623 -21.74 22.57 13.56
C SER A 623 -21.25 21.74 14.75
N GLU A 624 -22.07 20.80 15.20
CA GLU A 624 -21.69 19.97 16.33
C GLU A 624 -20.61 18.95 15.95
N ALA A 625 -20.73 18.37 14.77
CA ALA A 625 -19.75 17.38 14.32
C ALA A 625 -18.36 18.00 14.24
N GLN A 626 -18.30 19.22 13.75
CA GLN A 626 -17.03 19.94 13.61
C GLN A 626 -16.32 20.15 14.94
N LYS A 627 -17.05 19.99 16.05
CA LYS A 627 -16.47 20.17 17.37
C LYS A 627 -15.78 18.91 17.87
N VAL A 628 -16.16 17.77 17.29
CA VAL A 628 -15.56 16.50 17.69
C VAL A 628 -14.09 16.47 17.33
N PRO A 629 -13.22 16.10 18.29
CA PRO A 629 -11.79 16.03 18.03
C PRO A 629 -11.47 15.11 16.86
N GLY A 630 -10.49 15.49 16.05
CA GLY A 630 -10.11 14.65 14.92
C GLY A 630 -10.98 14.79 13.70
N PHE A 631 -12.04 15.57 13.80
CA PHE A 631 -12.94 15.78 12.67
C PHE A 631 -12.15 16.39 11.53
N VAL A 632 -12.33 15.85 10.32
CA VAL A 632 -11.62 16.36 9.17
C VAL A 632 -12.61 17.08 8.26
N CYS A 633 -13.69 16.41 7.91
CA CYS A 633 -14.69 17.02 7.04
C CYS A 633 -15.94 16.20 6.91
N PHE A 634 -17.00 16.86 6.43
CA PHE A 634 -18.26 16.20 6.18
C PHE A 634 -18.39 16.23 4.66
N LEU A 635 -18.68 15.08 4.07
CA LEU A 635 -18.82 14.99 2.63
C LEU A 635 -20.27 14.77 2.25
N SER A 636 -20.69 15.41 1.17
CA SER A 636 -22.06 15.26 0.69
C SER A 636 -22.06 15.37 -0.84
N ALA A 637 -23.25 15.27 -1.42
CA ALA A 637 -23.42 15.32 -2.87
C ALA A 637 -22.63 16.40 -3.59
N ASP A 638 -22.61 17.61 -3.05
CA ASP A 638 -21.91 18.71 -3.71
C ASP A 638 -20.40 18.55 -3.80
N ASP A 639 -19.84 17.62 -3.04
CA ASP A 639 -18.40 17.39 -3.07
C ASP A 639 -17.98 16.47 -4.20
N ILE A 640 -18.95 15.77 -4.80
CA ILE A 640 -18.66 14.85 -5.89
C ILE A 640 -18.16 15.61 -7.12
N PRO A 641 -16.96 15.26 -7.60
CA PRO A 641 -16.38 15.92 -8.77
C PRO A 641 -16.95 15.43 -10.09
N GLY A 642 -17.35 14.18 -10.13
CA GLY A 642 -17.90 13.62 -11.35
C GLY A 642 -19.41 13.54 -11.36
N SER A 643 -19.94 12.35 -11.15
CA SER A 643 -21.38 12.16 -11.16
C SER A 643 -21.93 11.59 -9.87
N ASN A 644 -23.13 12.06 -9.50
CA ASN A 644 -23.78 11.58 -8.29
C ASN A 644 -24.82 10.53 -8.69
N GLU A 645 -24.76 10.10 -9.95
CA GLU A 645 -25.67 9.09 -10.45
C GLU A 645 -24.92 7.76 -10.45
N THR A 646 -25.42 6.80 -9.69
CA THR A 646 -24.79 5.50 -9.59
C THR A 646 -25.82 4.38 -9.56
N GLY A 647 -25.36 3.17 -9.26
CA GLY A 647 -26.26 2.04 -9.20
C GLY A 647 -26.24 1.28 -10.51
N LEU A 648 -26.56 0.00 -10.45
CA LEU A 648 -26.56 -0.86 -11.62
C LEU A 648 -27.39 -0.25 -12.74
N PHE A 649 -28.49 0.41 -12.40
CA PHE A 649 -29.34 1.01 -13.41
C PHE A 649 -29.39 2.53 -13.33
N ASN A 650 -28.33 3.14 -12.80
CA ASN A 650 -28.24 4.59 -12.69
C ASN A 650 -29.46 5.26 -12.08
N ASP A 651 -30.07 4.60 -11.10
CA ASP A 651 -31.26 5.15 -10.45
C ASP A 651 -30.98 5.42 -8.98
N GLU A 652 -29.70 5.58 -8.64
CA GLU A 652 -29.29 5.82 -7.27
C GLU A 652 -28.36 7.03 -7.19
N THR A 653 -28.26 7.60 -6.00
CA THR A 653 -27.36 8.72 -5.77
C THR A 653 -26.21 8.14 -4.95
N VAL A 654 -25.05 8.76 -5.05
CA VAL A 654 -23.89 8.33 -4.27
C VAL A 654 -24.17 8.88 -2.88
N PHE A 655 -24.66 10.12 -2.87
CA PHE A 655 -25.02 10.84 -1.66
C PHE A 655 -26.39 11.45 -1.93
N ALA A 656 -27.35 11.23 -1.04
CA ALA A 656 -28.70 11.75 -1.21
C ALA A 656 -28.74 13.24 -1.58
N LYS A 657 -29.60 13.57 -2.54
CA LYS A 657 -29.76 14.94 -3.00
C LYS A 657 -31.23 15.33 -2.91
N ASP A 658 -31.53 16.33 -2.09
CA ASP A 658 -32.89 16.83 -1.90
C ASP A 658 -33.83 15.90 -1.15
N THR A 659 -33.77 14.60 -1.43
N THR A 659 -33.81 14.60 -1.40
CA THR A 659 -34.66 13.65 -0.78
CA THR A 659 -34.68 13.69 -0.66
C THR A 659 -33.99 12.35 -0.35
C THR A 659 -34.01 12.37 -0.30
N VAL A 660 -34.52 11.74 0.70
CA VAL A 660 -34.03 10.45 1.18
C VAL A 660 -35.18 9.50 0.88
N THR A 661 -34.87 8.30 0.43
CA THR A 661 -35.91 7.35 0.08
C THR A 661 -35.96 6.05 0.86
N CYS A 662 -35.23 6.00 1.98
CA CYS A 662 -35.26 4.84 2.86
C CYS A 662 -34.43 5.14 4.09
N VAL A 663 -34.73 4.44 5.18
CA VAL A 663 -33.95 4.63 6.38
C VAL A 663 -32.63 3.97 6.02
N GLY A 664 -31.53 4.68 6.18
CA GLY A 664 -30.24 4.12 5.85
C GLY A 664 -29.72 4.72 4.55
N HIS A 665 -30.56 5.50 3.88
CA HIS A 665 -30.15 6.14 2.64
C HIS A 665 -28.93 7.01 2.96
N ILE A 666 -27.83 6.79 2.26
CA ILE A 666 -26.63 7.54 2.52
C ILE A 666 -26.73 9.01 2.08
N ILE A 667 -26.66 9.90 3.06
CA ILE A 667 -26.74 11.34 2.82
C ILE A 667 -25.36 11.96 2.67
N GLY A 668 -24.41 11.44 3.44
CA GLY A 668 -23.06 11.95 3.35
C GLY A 668 -22.13 11.10 4.19
N ALA A 669 -21.02 11.68 4.60
CA ALA A 669 -20.07 10.94 5.40
C ALA A 669 -19.10 11.86 6.11
N VAL A 670 -18.72 11.45 7.31
CA VAL A 670 -17.76 12.21 8.09
C VAL A 670 -16.43 11.50 7.98
N VAL A 671 -15.37 12.29 7.83
CA VAL A 671 -14.02 11.76 7.77
C VAL A 671 -13.33 12.30 9.01
N ALA A 672 -12.67 11.43 9.76
CA ALA A 672 -11.98 11.85 10.98
C ALA A 672 -10.67 11.10 11.13
N ASP A 673 -9.86 11.49 12.12
CA ASP A 673 -8.57 10.86 12.34
C ASP A 673 -8.65 9.46 12.93
N THR A 674 -9.77 9.12 13.55
CA THR A 674 -9.95 7.78 14.11
C THR A 674 -11.39 7.35 13.83
N PRO A 675 -11.66 6.03 13.87
CA PRO A 675 -13.02 5.58 13.60
C PRO A 675 -14.00 6.04 14.68
N GLU A 676 -13.53 6.07 15.93
CA GLU A 676 -14.41 6.52 17.02
C GLU A 676 -14.81 7.97 16.83
N HIS A 677 -13.85 8.81 16.46
CA HIS A 677 -14.14 10.22 16.25
C HIS A 677 -15.07 10.40 15.05
N ALA A 678 -14.85 9.61 13.99
CA ALA A 678 -15.69 9.70 12.81
C ALA A 678 -17.11 9.31 13.19
N GLU A 679 -17.24 8.26 14.00
CA GLU A 679 -18.54 7.78 14.44
C GLU A 679 -19.27 8.81 15.28
N ARG A 680 -18.58 9.36 16.28
CA ARG A 680 -19.16 10.36 17.16
C ARG A 680 -19.59 11.61 16.41
N ALA A 681 -18.78 12.04 15.46
CA ALA A 681 -19.09 13.23 14.67
C ALA A 681 -20.31 12.98 13.80
N ALA A 682 -20.34 11.83 13.13
CA ALA A 682 -21.44 11.49 12.26
C ALA A 682 -22.74 11.43 13.03
N HIS A 683 -22.66 10.94 14.27
CA HIS A 683 -23.85 10.81 15.10
C HIS A 683 -24.46 12.15 15.48
N VAL A 684 -23.65 13.20 15.53
CA VAL A 684 -24.16 14.53 15.89
C VAL A 684 -24.46 15.42 14.68
N VAL A 685 -24.35 14.87 13.48
CA VAL A 685 -24.68 15.64 12.28
C VAL A 685 -26.20 15.71 12.31
N LYS A 686 -26.74 16.92 12.36
CA LYS A 686 -28.18 17.12 12.44
C LYS A 686 -28.84 17.35 11.08
N VAL A 687 -29.72 16.44 10.70
CA VAL A 687 -30.42 16.55 9.44
C VAL A 687 -31.87 16.92 9.72
N THR A 688 -32.38 17.93 9.03
CA THR A 688 -33.76 18.33 9.21
C THR A 688 -34.56 17.81 8.03
N TYR A 689 -35.63 17.07 8.31
CA TYR A 689 -36.46 16.49 7.26
C TYR A 689 -37.88 17.01 7.23
N GLU A 690 -38.53 16.74 6.12
CA GLU A 690 -39.94 17.05 5.89
C GLU A 690 -40.43 15.76 5.25
N ASP A 691 -41.12 14.95 6.05
CA ASP A 691 -41.63 13.67 5.56
C ASP A 691 -42.47 13.73 4.30
N LEU A 692 -42.34 12.68 3.50
CA LEU A 692 -43.11 12.54 2.27
C LEU A 692 -43.82 11.20 2.40
N PRO A 693 -44.96 11.03 1.72
CA PRO A 693 -45.68 9.76 1.80
C PRO A 693 -44.73 8.61 1.49
N ALA A 694 -44.71 7.61 2.35
CA ALA A 694 -43.82 6.47 2.15
C ALA A 694 -44.56 5.19 1.81
N ILE A 695 -43.93 4.36 0.97
CA ILE A 695 -44.49 3.08 0.56
C ILE A 695 -43.49 2.04 1.08
N ILE A 696 -43.89 1.30 2.10
CA ILE A 696 -43.00 0.34 2.74
C ILE A 696 -43.17 -1.12 2.32
N THR A 697 -44.39 -1.61 2.42
CA THR A 697 -44.69 -3.00 2.13
C THR A 697 -45.06 -3.33 0.70
N ILE A 698 -45.01 -4.62 0.38
CA ILE A 698 -45.40 -5.10 -0.94
C ILE A 698 -46.86 -4.71 -1.13
N GLU A 699 -47.65 -4.90 -0.09
CA GLU A 699 -49.06 -4.56 -0.12
C GLU A 699 -49.21 -3.06 -0.41
N ASP A 700 -48.35 -2.25 0.22
CA ASP A 700 -48.39 -0.80 0.00
C ASP A 700 -48.09 -0.50 -1.48
N ALA A 701 -47.04 -1.13 -2.00
CA ALA A 701 -46.64 -0.92 -3.39
C ALA A 701 -47.74 -1.28 -4.38
N ILE A 702 -48.35 -2.46 -4.18
CA ILE A 702 -49.42 -2.90 -5.05
C ILE A 702 -50.56 -1.90 -5.04
N LYS A 703 -50.99 -1.51 -3.85
CA LYS A 703 -52.08 -0.56 -3.69
C LYS A 703 -51.79 0.77 -4.39
N ASN A 704 -50.51 1.15 -4.40
CA ASN A 704 -50.10 2.40 -5.02
C ASN A 704 -49.49 2.24 -6.40
N ASN A 705 -49.56 1.03 -6.94
CA ASN A 705 -49.00 0.76 -8.26
C ASN A 705 -47.54 1.26 -8.32
N SER A 706 -46.80 1.03 -7.24
CA SER A 706 -45.39 1.43 -7.14
C SER A 706 -44.48 0.26 -7.52
N PHE A 707 -44.14 0.16 -8.80
CA PHE A 707 -43.30 -0.92 -9.29
C PHE A 707 -42.14 -0.44 -10.14
N TYR A 708 -41.16 -1.31 -10.32
CA TYR A 708 -40.01 -1.02 -11.17
C TYR A 708 -40.30 -1.79 -12.46
N GLY A 709 -40.43 -1.06 -13.56
CA GLY A 709 -40.68 -1.70 -14.84
C GLY A 709 -42.05 -2.38 -14.93
N SER A 710 -42.24 -3.13 -16.00
CA SER A 710 -43.49 -3.82 -16.23
C SER A 710 -43.43 -5.28 -15.78
N GLU A 711 -44.60 -5.90 -15.74
CA GLU A 711 -44.73 -7.29 -15.32
C GLU A 711 -43.86 -8.27 -16.09
N LEU A 712 -43.24 -9.19 -15.37
CA LEU A 712 -42.43 -10.23 -16.00
C LEU A 712 -43.35 -11.42 -16.08
N LYS A 713 -43.23 -12.22 -17.13
CA LYS A 713 -44.12 -13.36 -17.25
C LYS A 713 -43.63 -14.51 -18.13
N ILE A 714 -44.00 -15.72 -17.73
CA ILE A 714 -43.69 -16.91 -18.47
C ILE A 714 -45.01 -17.66 -18.51
N GLU A 715 -45.47 -18.00 -19.70
CA GLU A 715 -46.73 -18.73 -19.80
C GLU A 715 -46.62 -19.81 -20.86
N LYS A 716 -47.02 -21.02 -20.49
CA LYS A 716 -46.96 -22.14 -21.40
C LYS A 716 -48.24 -22.96 -21.27
N GLY A 717 -48.71 -23.50 -22.40
CA GLY A 717 -49.92 -24.31 -22.37
C GLY A 717 -51.19 -23.49 -22.37
N ASP A 718 -52.27 -24.11 -21.91
CA ASP A 718 -53.58 -23.46 -21.86
C ASP A 718 -54.12 -23.53 -20.43
N LEU A 719 -53.95 -22.45 -19.67
CA LEU A 719 -54.42 -22.43 -18.29
C LEU A 719 -55.91 -22.69 -18.18
N LYS A 720 -56.69 -21.95 -18.97
CA LYS A 720 -58.14 -22.10 -18.97
C LYS A 720 -58.50 -23.58 -19.08
N LYS A 721 -57.98 -24.24 -20.11
CA LYS A 721 -58.26 -25.65 -20.33
C LYS A 721 -57.70 -26.49 -19.17
N GLY A 722 -56.51 -26.14 -18.71
CA GLY A 722 -55.90 -26.86 -17.60
C GLY A 722 -56.79 -26.92 -16.38
N PHE A 723 -57.31 -25.77 -15.97
CA PHE A 723 -58.18 -25.72 -14.80
C PHE A 723 -59.50 -26.45 -15.01
N SER A 724 -59.96 -26.53 -16.26
CA SER A 724 -61.21 -27.22 -16.55
C SER A 724 -61.05 -28.72 -16.33
N GLU A 725 -59.88 -29.23 -16.71
CA GLU A 725 -59.54 -30.64 -16.56
C GLU A 725 -59.28 -31.06 -15.12
N ALA A 726 -58.82 -30.11 -14.30
CA ALA A 726 -58.49 -30.38 -12.90
C ALA A 726 -59.65 -30.86 -12.03
N ASP A 727 -59.39 -31.91 -11.25
CA ASP A 727 -60.40 -32.44 -10.35
C ASP A 727 -60.52 -31.50 -9.16
N ASN A 728 -59.40 -30.90 -8.78
CA ASN A 728 -59.36 -29.97 -7.65
C ASN A 728 -58.58 -28.72 -7.99
N VAL A 729 -58.94 -27.62 -7.32
CA VAL A 729 -58.26 -26.35 -7.52
C VAL A 729 -58.05 -25.69 -6.17
N VAL A 730 -56.79 -25.41 -5.85
CA VAL A 730 -56.47 -24.77 -4.59
C VAL A 730 -55.85 -23.41 -4.86
N SER A 731 -56.38 -22.39 -4.19
CA SER A 731 -55.86 -21.04 -4.34
C SER A 731 -55.35 -20.60 -2.98
N GLY A 732 -54.38 -19.69 -2.98
CA GLY A 732 -53.83 -19.21 -1.73
C GLY A 732 -52.83 -18.09 -1.90
N GLU A 733 -52.31 -17.64 -0.77
CA GLU A 733 -51.31 -16.58 -0.75
C GLU A 733 -50.20 -17.08 0.17
N LEU A 734 -48.97 -16.74 -0.16
CA LEU A 734 -47.83 -17.17 0.64
C LEU A 734 -46.82 -16.04 0.72
N TYR A 735 -46.11 -15.97 1.84
CA TYR A 735 -45.11 -14.93 2.03
C TYR A 735 -43.81 -15.56 2.53
N ILE A 736 -42.69 -15.03 2.06
CA ILE A 736 -41.40 -15.51 2.49
C ILE A 736 -40.58 -14.28 2.85
N GLY A 737 -40.19 -14.21 4.12
CA GLY A 737 -39.42 -13.08 4.60
C GLY A 737 -38.04 -12.97 3.96
N GLY A 738 -37.44 -11.79 4.10
CA GLY A 738 -36.14 -11.56 3.54
C GLY A 738 -35.04 -12.26 4.31
N GLN A 739 -33.81 -11.80 4.11
CA GLN A 739 -32.68 -12.40 4.79
C GLN A 739 -31.48 -11.47 4.68
N ASP A 740 -30.74 -11.36 5.78
CA ASP A 740 -29.54 -10.53 5.80
C ASP A 740 -28.39 -11.49 5.52
N HIS A 741 -27.47 -11.09 4.65
CA HIS A 741 -26.36 -11.95 4.30
C HIS A 741 -25.55 -12.42 5.51
N PHE A 742 -25.35 -11.50 6.44
CA PHE A 742 -24.55 -11.76 7.62
C PHE A 742 -23.22 -12.46 7.33
N TYR A 743 -22.50 -11.93 6.35
CA TYR A 743 -21.17 -12.44 6.05
C TYR A 743 -20.45 -12.02 7.33
N LEU A 744 -19.56 -12.86 7.86
CA LEU A 744 -18.91 -12.48 9.11
C LEU A 744 -18.11 -11.19 8.99
N GLU A 745 -17.52 -10.96 7.81
CA GLU A 745 -16.80 -9.72 7.58
C GLU A 745 -17.79 -8.79 6.86
N THR A 746 -18.06 -7.64 7.46
CA THR A 746 -18.98 -6.67 6.85
C THR A 746 -18.29 -5.98 5.68
N HIS A 747 -19.01 -5.08 5.02
CA HIS A 747 -18.45 -4.34 3.88
C HIS A 747 -17.28 -3.50 4.35
N CYS A 748 -16.27 -3.39 3.49
N CYS A 748 -16.30 -3.31 3.50
CA CYS A 748 -15.07 -2.64 3.83
CA CYS A 748 -15.16 -2.50 3.82
C CYS A 748 -14.34 -2.21 2.57
C CYS A 748 -14.37 -2.14 2.58
N THR A 749 -13.83 -0.99 2.60
CA THR A 749 -13.07 -0.46 1.49
C THR A 749 -11.97 0.44 2.02
N ILE A 750 -10.81 0.35 1.38
CA ILE A 750 -9.67 1.20 1.68
C ILE A 750 -9.43 1.84 0.32
N ALA A 751 -9.34 3.16 0.28
CA ALA A 751 -9.09 3.85 -0.98
C ALA A 751 -7.80 4.64 -0.85
N ILE A 752 -6.88 4.41 -1.78
CA ILE A 752 -5.60 5.10 -1.75
C ILE A 752 -5.47 6.05 -2.94
N PRO A 753 -5.55 7.37 -2.70
CA PRO A 753 -5.42 8.32 -3.79
C PRO A 753 -3.92 8.50 -4.07
N LYS A 754 -3.53 8.39 -5.33
CA LYS A 754 -2.12 8.51 -5.68
C LYS A 754 -1.67 9.96 -5.86
N GLY A 755 -2.60 10.82 -6.26
CA GLY A 755 -2.28 12.22 -6.46
C GLY A 755 -1.83 12.49 -7.88
N GLU A 756 -1.85 11.45 -8.72
CA GLU A 756 -1.46 11.56 -10.11
C GLU A 756 -2.57 11.17 -11.08
N GLU A 757 -2.88 12.05 -12.01
CA GLU A 757 -3.88 11.78 -13.04
C GLU A 757 -5.16 11.14 -12.55
N GLY A 758 -5.56 11.46 -11.33
CA GLY A 758 -6.79 10.89 -10.79
C GLY A 758 -6.69 9.43 -10.40
N GLU A 759 -5.47 8.89 -10.40
CA GLU A 759 -5.28 7.49 -10.04
C GLU A 759 -5.70 7.18 -8.63
N MET A 760 -6.30 6.00 -8.44
CA MET A 760 -6.71 5.57 -7.11
C MET A 760 -6.67 4.05 -7.07
N GLU A 761 -6.11 3.53 -5.99
CA GLU A 761 -5.99 2.09 -5.81
C GLU A 761 -6.87 1.76 -4.61
N LEU A 762 -7.78 0.81 -4.78
CA LEU A 762 -8.67 0.45 -3.69
C LEU A 762 -8.60 -1.03 -3.34
N PHE A 763 -8.68 -1.31 -2.05
CA PHE A 763 -8.68 -2.67 -1.54
C PHE A 763 -10.12 -2.78 -1.07
N VAL A 764 -10.86 -3.71 -1.67
CA VAL A 764 -12.26 -3.85 -1.36
C VAL A 764 -12.74 -5.26 -1.11
N SER A 765 -13.68 -5.38 -0.18
CA SER A 765 -14.29 -6.67 0.13
C SER A 765 -15.49 -6.72 -0.82
N THR A 766 -15.26 -7.13 -2.06
CA THR A 766 -16.33 -7.19 -3.04
C THR A 766 -16.17 -8.36 -4.00
N GLN A 767 -17.31 -8.82 -4.52
CA GLN A 767 -17.35 -9.92 -5.48
C GLN A 767 -17.37 -9.31 -6.87
N ASN A 768 -17.35 -7.99 -6.94
CA ASN A 768 -17.45 -7.30 -8.23
C ASN A 768 -16.47 -6.14 -8.37
N ALA A 769 -15.21 -6.46 -8.62
CA ALA A 769 -14.19 -5.45 -8.77
C ALA A 769 -14.43 -4.56 -9.98
N MET A 770 -15.01 -5.11 -11.03
N MET A 770 -15.02 -5.11 -11.01
CA MET A 770 -15.29 -4.36 -12.24
CA MET A 770 -15.26 -4.33 -12.21
C MET A 770 -16.26 -3.21 -11.99
C MET A 770 -16.25 -3.20 -11.98
N LYS A 771 -17.39 -3.52 -11.37
CA LYS A 771 -18.37 -2.48 -11.08
C LYS A 771 -17.83 -1.50 -10.05
N THR A 772 -17.05 -2.01 -9.09
CA THR A 772 -16.46 -1.13 -8.09
C THR A 772 -15.61 -0.12 -8.84
N GLN A 773 -14.78 -0.64 -9.74
CA GLN A 773 -13.89 0.19 -10.54
C GLN A 773 -14.63 1.23 -11.38
N SER A 774 -15.65 0.81 -12.12
CA SER A 774 -16.37 1.76 -12.96
C SER A 774 -17.22 2.74 -12.17
N PHE A 775 -17.82 2.29 -11.07
CA PHE A 775 -18.64 3.18 -10.25
C PHE A 775 -17.76 4.26 -9.59
N VAL A 776 -16.58 3.87 -9.15
CA VAL A 776 -15.67 4.83 -8.53
C VAL A 776 -15.22 5.81 -9.61
N ALA A 777 -14.87 5.28 -10.78
CA ALA A 777 -14.44 6.13 -11.88
C ALA A 777 -15.55 7.11 -12.28
N LYS A 778 -16.78 6.60 -12.32
CA LYS A 778 -17.93 7.42 -12.69
C LYS A 778 -18.15 8.57 -11.70
N MET A 779 -18.07 8.25 -10.41
CA MET A 779 -18.27 9.26 -9.37
C MET A 779 -17.16 10.30 -9.43
N LEU A 780 -15.94 9.85 -9.69
CA LEU A 780 -14.80 10.76 -9.77
C LEU A 780 -14.74 11.55 -11.07
N GLY A 781 -15.36 10.99 -12.12
CA GLY A 781 -15.34 11.64 -13.41
C GLY A 781 -14.01 11.43 -14.10
N VAL A 782 -13.44 10.24 -13.95
CA VAL A 782 -12.17 9.93 -14.58
C VAL A 782 -12.28 8.63 -15.35
N PRO A 783 -11.38 8.42 -16.32
CA PRO A 783 -11.42 7.19 -17.11
C PRO A 783 -11.26 5.97 -16.21
N VAL A 784 -11.92 4.88 -16.58
CA VAL A 784 -11.85 3.64 -15.80
C VAL A 784 -10.40 3.16 -15.63
N ASN A 785 -9.56 3.41 -16.63
CA ASN A 785 -8.16 2.97 -16.56
C ASN A 785 -7.33 3.65 -15.48
N ARG A 786 -7.92 4.58 -14.74
CA ARG A 786 -7.21 5.28 -13.67
C ARG A 786 -7.46 4.60 -12.33
N ILE A 787 -8.47 3.74 -12.30
CA ILE A 787 -8.85 3.07 -11.08
C ILE A 787 -8.44 1.62 -11.01
N LEU A 788 -7.80 1.26 -9.90
CA LEU A 788 -7.36 -0.11 -9.69
C LEU A 788 -8.05 -0.69 -8.46
N VAL A 789 -8.78 -1.78 -8.66
CA VAL A 789 -9.47 -2.42 -7.55
C VAL A 789 -8.83 -3.78 -7.33
N ARG A 790 -8.46 -4.04 -6.08
CA ARG A 790 -7.82 -5.28 -5.69
C ARG A 790 -8.63 -5.96 -4.61
N VAL A 791 -8.89 -7.24 -4.81
CA VAL A 791 -9.65 -8.03 -3.86
C VAL A 791 -8.84 -9.27 -3.50
N LYS A 792 -8.34 -9.29 -2.28
CA LYS A 792 -7.57 -10.43 -1.81
C LYS A 792 -8.57 -11.54 -1.53
N ARG A 793 -9.47 -11.26 -0.60
CA ARG A 793 -10.49 -12.21 -0.22
C ARG A 793 -11.57 -11.49 0.55
N MET A 794 -12.73 -12.13 0.68
CA MET A 794 -13.84 -11.58 1.44
C MET A 794 -14.15 -12.55 2.55
N GLY A 795 -14.49 -12.02 3.71
CA GLY A 795 -14.87 -12.89 4.81
C GLY A 795 -16.36 -13.10 4.61
N GLY A 796 -16.70 -13.69 3.46
CA GLY A 796 -18.09 -13.93 3.13
C GLY A 796 -18.65 -12.87 2.18
N GLY A 797 -19.53 -13.29 1.28
CA GLY A 797 -20.14 -12.37 0.32
C GLY A 797 -21.59 -12.75 0.13
N PHE A 798 -21.82 -14.00 -0.30
CA PHE A 798 -23.16 -14.54 -0.49
C PHE A 798 -24.07 -13.68 -1.37
N GLY A 799 -23.48 -12.88 -2.25
CA GLY A 799 -24.28 -12.05 -3.14
C GLY A 799 -24.40 -10.63 -2.60
N GLY A 800 -24.26 -10.49 -1.29
CA GLY A 800 -24.36 -9.18 -0.67
C GLY A 800 -23.24 -8.25 -1.06
N LYS A 801 -22.17 -8.79 -1.62
CA LYS A 801 -21.06 -7.96 -2.03
C LYS A 801 -20.91 -7.93 -3.54
N GLU A 802 -21.97 -8.36 -4.22
CA GLU A 802 -21.97 -8.36 -5.68
C GLU A 802 -22.13 -6.95 -6.24
N THR A 803 -22.93 -6.13 -5.57
CA THR A 803 -23.13 -4.77 -6.03
C THR A 803 -23.16 -3.73 -4.92
N ARG A 804 -23.84 -4.06 -3.82
CA ARG A 804 -23.98 -3.11 -2.73
C ARG A 804 -22.68 -2.71 -2.05
N SER A 805 -21.59 -3.40 -2.33
CA SER A 805 -20.32 -3.03 -1.74
C SER A 805 -19.91 -1.65 -2.26
N THR A 806 -20.45 -1.24 -3.40
CA THR A 806 -20.09 0.06 -3.95
C THR A 806 -20.60 1.23 -3.11
N LEU A 807 -21.64 0.99 -2.33
CA LEU A 807 -22.20 2.05 -1.48
C LEU A 807 -21.07 2.60 -0.61
N VAL A 808 -20.27 1.69 -0.07
CA VAL A 808 -19.16 2.09 0.78
C VAL A 808 -17.93 2.50 -0.05
N SER A 809 -17.62 1.71 -1.07
CA SER A 809 -16.46 1.99 -1.91
C SER A 809 -16.45 3.38 -2.52
N VAL A 810 -17.57 3.79 -3.09
CA VAL A 810 -17.64 5.10 -3.72
C VAL A 810 -17.54 6.23 -2.71
N ALA A 811 -18.12 6.04 -1.53
CA ALA A 811 -18.05 7.05 -0.49
C ALA A 811 -16.60 7.19 -0.03
N VAL A 812 -15.93 6.07 0.18
CA VAL A 812 -14.55 6.10 0.62
C VAL A 812 -13.65 6.68 -0.47
N ALA A 813 -13.95 6.34 -1.71
CA ALA A 813 -13.17 6.86 -2.84
C ALA A 813 -13.29 8.38 -2.84
N LEU A 814 -14.51 8.90 -2.66
CA LEU A 814 -14.68 10.36 -2.65
C LEU A 814 -13.85 10.98 -1.54
N ALA A 815 -13.87 10.36 -0.37
CA ALA A 815 -13.11 10.86 0.77
C ALA A 815 -11.63 10.94 0.45
N ALA A 816 -11.10 9.90 -0.20
CA ALA A 816 -9.69 9.88 -0.58
C ALA A 816 -9.42 10.99 -1.61
N TYR A 817 -10.34 11.14 -2.55
CA TYR A 817 -10.20 12.16 -3.58
C TYR A 817 -10.16 13.57 -2.97
N LYS A 818 -11.12 13.84 -2.09
CA LYS A 818 -11.21 15.16 -1.47
C LYS A 818 -10.09 15.48 -0.50
N THR A 819 -9.70 14.53 0.33
CA THR A 819 -8.65 14.76 1.31
C THR A 819 -7.25 14.55 0.76
N GLY A 820 -7.12 13.69 -0.23
CA GLY A 820 -5.81 13.40 -0.78
C GLY A 820 -5.10 12.39 0.12
N HIS A 821 -5.82 11.91 1.13
CA HIS A 821 -5.28 10.93 2.06
C HIS A 821 -5.92 9.57 1.86
N PRO A 822 -5.22 8.51 2.29
CA PRO A 822 -5.81 7.18 2.13
C PRO A 822 -6.99 7.24 3.11
N VAL A 823 -8.07 6.55 2.80
CA VAL A 823 -9.24 6.54 3.68
C VAL A 823 -9.83 5.15 3.69
N ARG A 824 -10.40 4.74 4.82
CA ARG A 824 -11.02 3.44 4.87
C ARG A 824 -12.29 3.47 5.68
N CYS A 825 -13.12 2.46 5.48
CA CYS A 825 -14.36 2.33 6.20
C CYS A 825 -14.80 0.88 6.22
N MET A 826 -15.00 0.37 7.42
CA MET A 826 -15.53 -0.98 7.56
C MET A 826 -16.82 -0.76 8.32
N LEU A 827 -17.93 -1.26 7.77
CA LEU A 827 -19.22 -1.07 8.42
C LEU A 827 -19.39 -1.87 9.71
N ASP A 828 -20.03 -1.25 10.68
CA ASP A 828 -20.34 -1.96 11.92
C ASP A 828 -21.52 -2.82 11.47
N ARG A 829 -21.80 -3.89 12.20
CA ARG A 829 -22.89 -4.77 11.82
C ARG A 829 -24.23 -4.06 11.67
N ASN A 830 -24.56 -3.14 12.59
CA ASN A 830 -25.85 -2.47 12.46
C ASN A 830 -25.96 -1.59 11.22
N GLU A 831 -24.86 -0.98 10.80
CA GLU A 831 -24.87 -0.16 9.60
C GLU A 831 -25.07 -1.08 8.41
N ASP A 832 -24.31 -2.16 8.39
CA ASP A 832 -24.35 -3.14 7.31
C ASP A 832 -25.76 -3.69 7.08
N MET A 833 -26.39 -4.18 8.14
CA MET A 833 -27.72 -4.75 8.03
C MET A 833 -28.78 -3.73 7.61
N LEU A 834 -28.59 -2.48 8.03
CA LEU A 834 -29.55 -1.44 7.69
C LEU A 834 -29.47 -0.94 6.26
N ILE A 835 -28.24 -0.68 5.83
CA ILE A 835 -27.94 -0.10 4.53
C ILE A 835 -27.77 -0.95 3.29
N THR A 836 -26.98 -2.02 3.40
CA THR A 836 -26.62 -2.83 2.26
C THR A 836 -27.62 -3.74 1.57
N GLY A 837 -28.83 -3.86 2.11
CA GLY A 837 -29.84 -4.70 1.49
C GLY A 837 -29.66 -6.18 1.77
N GLY A 838 -30.70 -6.94 1.48
CA GLY A 838 -30.63 -8.38 1.70
C GLY A 838 -31.45 -9.12 0.66
N ARG A 839 -31.87 -10.32 1.00
CA ARG A 839 -32.66 -11.12 0.08
C ARG A 839 -34.04 -10.46 -0.07
N HIS A 840 -34.64 -10.62 -1.24
CA HIS A 840 -35.94 -10.04 -1.52
C HIS A 840 -37.11 -10.76 -0.86
N PRO A 841 -37.89 -10.05 -0.05
CA PRO A 841 -39.02 -10.74 0.55
C PRO A 841 -39.93 -10.98 -0.66
N PHE A 842 -40.70 -12.06 -0.65
CA PHE A 842 -41.60 -12.36 -1.75
C PHE A 842 -43.00 -12.61 -1.24
N LEU A 843 -44.00 -12.11 -1.98
CA LEU A 843 -45.39 -12.34 -1.64
C LEU A 843 -45.90 -13.07 -2.87
N ALA A 844 -46.61 -14.17 -2.68
CA ALA A 844 -47.11 -14.92 -3.81
C ALA A 844 -48.59 -15.25 -3.73
N ARG A 845 -49.26 -15.11 -4.85
CA ARG A 845 -50.67 -15.43 -4.96
C ARG A 845 -50.69 -16.54 -6.00
N TYR A 846 -51.15 -17.71 -5.60
CA TYR A 846 -51.15 -18.87 -6.49
C TYR A 846 -52.49 -19.58 -6.59
N LYS A 847 -52.60 -20.39 -7.63
CA LYS A 847 -53.80 -21.16 -7.92
C LYS A 847 -53.31 -22.40 -8.65
N VAL A 848 -53.53 -23.56 -8.07
CA VAL A 848 -53.07 -24.80 -8.69
C VAL A 848 -54.21 -25.78 -8.95
N GLY A 849 -54.23 -26.34 -10.16
CA GLY A 849 -55.24 -27.30 -10.53
C GLY A 849 -54.61 -28.66 -10.66
N PHE A 850 -55.22 -29.66 -10.03
CA PHE A 850 -54.66 -31.01 -10.06
C PHE A 850 -55.74 -32.09 -10.05
N MET A 851 -55.32 -33.32 -10.32
CA MET A 851 -56.24 -34.46 -10.32
C MET A 851 -56.23 -35.12 -8.94
N LYS A 852 -57.20 -35.98 -8.68
CA LYS A 852 -57.28 -36.67 -7.39
C LYS A 852 -56.02 -37.48 -7.15
N THR A 853 -55.32 -37.80 -8.23
CA THR A 853 -54.08 -38.58 -8.15
C THR A 853 -52.91 -37.70 -7.72
N GLY A 854 -53.11 -36.39 -7.70
CA GLY A 854 -52.06 -35.48 -7.31
C GLY A 854 -51.32 -34.88 -8.50
N THR A 855 -51.65 -35.34 -9.70
CA THR A 855 -51.02 -34.83 -10.91
C THR A 855 -51.43 -33.38 -11.15
N ILE A 856 -50.44 -32.52 -11.38
CA ILE A 856 -50.70 -31.11 -11.62
C ILE A 856 -51.05 -30.87 -13.08
N VAL A 857 -52.11 -30.11 -13.34
CA VAL A 857 -52.51 -29.84 -14.71
C VAL A 857 -52.59 -28.36 -15.02
N ALA A 858 -52.49 -27.53 -13.98
CA ALA A 858 -52.54 -26.09 -14.17
C ALA A 858 -51.97 -25.38 -12.95
N LEU A 859 -51.25 -24.30 -13.20
CA LEU A 859 -50.66 -23.52 -12.12
C LEU A 859 -50.49 -22.08 -12.53
N GLU A 860 -50.93 -21.17 -11.67
CA GLU A 860 -50.78 -19.75 -11.90
C GLU A 860 -50.17 -19.20 -10.62
N VAL A 861 -49.08 -18.45 -10.76
CA VAL A 861 -48.45 -17.87 -9.59
C VAL A 861 -48.02 -16.46 -9.92
N ASP A 862 -48.51 -15.51 -9.13
CA ASP A 862 -48.13 -14.11 -9.32
C ASP A 862 -47.14 -13.79 -8.21
N HIS A 863 -45.91 -13.46 -8.60
CA HIS A 863 -44.88 -13.13 -7.62
C HIS A 863 -44.72 -11.63 -7.45
N TYR A 864 -44.43 -11.21 -6.22
CA TYR A 864 -44.19 -9.81 -5.91
C TYR A 864 -43.02 -9.79 -4.95
N SER A 865 -41.98 -9.04 -5.30
CA SER A 865 -40.81 -8.95 -4.45
C SER A 865 -40.70 -7.53 -3.93
N ASN A 866 -40.17 -7.38 -2.72
CA ASN A 866 -39.98 -6.06 -2.17
C ASN A 866 -38.56 -5.68 -2.59
N ALA A 867 -38.46 -4.85 -3.63
CA ALA A 867 -37.19 -4.43 -4.18
C ALA A 867 -36.44 -3.32 -3.46
N GLY A 868 -37.15 -2.49 -2.71
CA GLY A 868 -36.46 -1.40 -2.03
C GLY A 868 -36.36 -0.13 -2.87
N ASN A 869 -35.49 0.79 -2.47
CA ASN A 869 -35.37 2.07 -3.15
C ASN A 869 -34.57 2.17 -4.44
N SER A 870 -34.20 1.04 -5.04
CA SER A 870 -33.49 1.08 -6.31
C SER A 870 -33.69 -0.27 -7.01
N ARG A 871 -33.42 -0.30 -8.31
CA ARG A 871 -33.60 -1.52 -9.07
C ARG A 871 -32.54 -2.56 -8.72
N ASP A 872 -31.28 -2.17 -8.85
CA ASP A 872 -30.18 -3.08 -8.58
C ASP A 872 -30.42 -4.39 -9.34
N LEU A 873 -30.29 -5.53 -8.67
CA LEU A 873 -30.47 -6.82 -9.34
C LEU A 873 -31.87 -7.40 -9.23
N SER A 874 -32.83 -6.59 -8.79
CA SER A 874 -34.19 -7.07 -8.60
C SER A 874 -34.85 -7.71 -9.82
N HIS A 875 -34.58 -7.19 -11.02
CA HIS A 875 -35.19 -7.75 -12.22
C HIS A 875 -34.69 -9.16 -12.50
N SER A 876 -33.38 -9.32 -12.56
CA SER A 876 -32.81 -10.64 -12.83
C SER A 876 -33.20 -11.64 -11.75
N ILE A 877 -33.31 -11.15 -10.52
CA ILE A 877 -33.72 -12.01 -9.42
C ILE A 877 -35.12 -12.54 -9.67
N MET A 878 -36.02 -11.66 -10.13
CA MET A 878 -37.38 -12.09 -10.41
C MET A 878 -37.36 -13.05 -11.61
N GLU A 879 -36.49 -12.80 -12.59
CA GLU A 879 -36.42 -13.70 -13.72
C GLU A 879 -36.00 -15.10 -13.26
N ARG A 880 -34.99 -15.17 -12.39
CA ARG A 880 -34.55 -16.48 -11.90
C ARG A 880 -35.68 -17.13 -11.12
N ALA A 881 -36.44 -16.30 -10.39
CA ALA A 881 -37.57 -16.82 -9.63
C ALA A 881 -38.54 -17.50 -10.61
N LEU A 882 -38.89 -16.79 -11.67
CA LEU A 882 -39.80 -17.35 -12.66
C LEU A 882 -39.23 -18.61 -13.29
N PHE A 883 -37.91 -18.64 -13.49
CA PHE A 883 -37.25 -19.80 -14.06
C PHE A 883 -37.32 -21.02 -13.16
N HIS A 884 -37.61 -20.82 -11.87
CA HIS A 884 -37.67 -21.94 -10.94
C HIS A 884 -39.00 -22.20 -10.25
N MET A 885 -40.07 -21.57 -10.73
CA MET A 885 -41.39 -21.75 -10.12
C MET A 885 -41.91 -23.17 -10.33
N ASP A 886 -41.19 -23.94 -11.14
CA ASP A 886 -41.55 -25.32 -11.45
C ASP A 886 -40.82 -26.32 -10.57
N ASN A 887 -39.69 -25.88 -10.03
CA ASN A 887 -38.81 -26.74 -9.26
C ASN A 887 -38.50 -27.96 -10.14
N CYS A 888 -38.90 -29.15 -9.71
CA CYS A 888 -38.63 -30.35 -10.50
C CYS A 888 -39.88 -31.02 -11.04
N TYR A 889 -40.96 -30.24 -11.18
CA TYR A 889 -42.23 -30.79 -11.63
C TYR A 889 -42.70 -30.30 -13.00
N LYS A 890 -43.19 -31.23 -13.81
CA LYS A 890 -43.70 -30.89 -15.13
C LYS A 890 -45.13 -30.38 -15.00
N ILE A 891 -45.36 -29.13 -15.43
CA ILE A 891 -46.67 -28.51 -15.38
C ILE A 891 -47.04 -28.12 -16.81
N PRO A 892 -47.92 -28.91 -17.44
CA PRO A 892 -48.34 -28.64 -18.82
C PRO A 892 -48.90 -27.24 -19.06
N ASN A 893 -49.73 -26.76 -18.15
CA ASN A 893 -50.32 -25.44 -18.28
C ASN A 893 -49.88 -24.62 -17.08
N ILE A 894 -49.07 -23.59 -17.35
CA ILE A 894 -48.52 -22.78 -16.28
C ILE A 894 -48.36 -21.33 -16.67
N ARG A 895 -48.61 -20.45 -15.72
CA ARG A 895 -48.48 -19.03 -15.93
C ARG A 895 -47.86 -18.41 -14.69
N GLY A 896 -46.71 -17.78 -14.85
CA GLY A 896 -46.06 -17.16 -13.71
C GLY A 896 -45.74 -15.71 -14.04
N THR A 897 -46.08 -14.82 -13.12
CA THR A 897 -45.80 -13.41 -13.31
C THR A 897 -45.00 -12.90 -12.13
N GLY A 898 -44.35 -11.76 -12.34
CA GLY A 898 -43.57 -11.17 -11.27
C GLY A 898 -43.57 -9.66 -11.36
N ARG A 899 -43.66 -8.99 -10.23
CA ARG A 899 -43.63 -7.53 -10.18
C ARG A 899 -42.61 -7.13 -9.13
N LEU A 900 -41.83 -6.11 -9.43
CA LEU A 900 -40.83 -5.60 -8.51
C LEU A 900 -41.45 -4.43 -7.79
N CYS A 901 -41.65 -4.56 -6.48
CA CYS A 901 -42.26 -3.49 -5.73
C CYS A 901 -41.24 -2.42 -5.34
N LYS A 902 -41.51 -1.20 -5.77
CA LYS A 902 -40.65 -0.05 -5.48
C LYS A 902 -41.08 0.49 -4.13
N THR A 903 -40.20 0.39 -3.15
CA THR A 903 -40.52 0.83 -1.80
C THR A 903 -39.44 1.67 -1.14
N ASN A 904 -39.79 2.28 -0.03
CA ASN A 904 -38.85 3.11 0.71
C ASN A 904 -38.11 2.29 1.77
N LEU A 905 -37.36 1.32 1.28
CA LEU A 905 -36.55 0.45 2.12
C LEU A 905 -35.23 0.33 1.39
N SER A 906 -34.18 -0.06 2.11
CA SER A 906 -32.90 -0.23 1.47
C SER A 906 -33.09 -1.19 0.32
N SER A 907 -32.42 -0.92 -0.79
CA SER A 907 -32.52 -1.73 -2.00
C SER A 907 -32.06 -3.15 -1.77
N ASN A 908 -32.94 -4.12 -2.04
CA ASN A 908 -32.55 -5.51 -1.86
C ASN A 908 -31.72 -5.96 -3.05
N THR A 909 -30.93 -7.01 -2.85
CA THR A 909 -30.01 -7.41 -3.90
C THR A 909 -29.84 -8.92 -4.00
N ALA A 910 -28.72 -9.34 -4.56
CA ALA A 910 -28.43 -10.75 -4.70
C ALA A 910 -28.12 -11.39 -3.35
N PHE A 911 -28.59 -12.62 -3.19
CA PHE A 911 -28.35 -13.40 -1.99
C PHE A 911 -28.45 -14.84 -2.46
N ARG A 912 -27.38 -15.59 -2.25
CA ARG A 912 -27.28 -17.01 -2.60
C ARG A 912 -28.65 -17.60 -2.94
N GLY A 913 -28.88 -17.85 -4.22
CA GLY A 913 -30.17 -18.38 -4.64
C GLY A 913 -30.73 -17.43 -5.69
N PHE A 914 -30.55 -16.14 -5.45
CA PHE A 914 -30.94 -15.11 -6.40
C PHE A 914 -32.37 -15.26 -6.91
N GLY A 915 -33.34 -15.32 -5.99
CA GLY A 915 -34.73 -15.47 -6.39
C GLY A 915 -35.20 -16.91 -6.51
N GLY A 916 -34.26 -17.81 -6.75
CA GLY A 916 -34.62 -19.21 -6.87
C GLY A 916 -35.27 -19.78 -5.63
N PRO A 917 -34.65 -19.61 -4.45
CA PRO A 917 -35.21 -20.12 -3.21
C PRO A 917 -36.66 -19.69 -2.95
N GLN A 918 -36.95 -18.43 -3.25
CA GLN A 918 -38.31 -17.92 -3.05
C GLN A 918 -39.31 -18.64 -3.95
N ALA A 919 -38.99 -18.72 -5.23
CA ALA A 919 -39.87 -19.38 -6.18
C ALA A 919 -39.99 -20.87 -5.88
N LEU A 920 -38.88 -21.50 -5.50
CA LEU A 920 -38.87 -22.92 -5.19
C LEU A 920 -39.72 -23.18 -3.95
N PHE A 921 -39.66 -22.25 -3.01
CA PHE A 921 -40.42 -22.37 -1.77
C PHE A 921 -41.91 -22.30 -2.10
N ILE A 922 -42.28 -21.34 -2.93
CA ILE A 922 -43.68 -21.17 -3.32
C ILE A 922 -44.15 -22.44 -4.02
N ALA A 923 -43.29 -23.00 -4.86
CA ALA A 923 -43.63 -24.22 -5.59
C ALA A 923 -43.90 -25.36 -4.61
N GLU A 924 -42.96 -25.64 -3.71
CA GLU A 924 -43.13 -26.71 -2.76
C GLU A 924 -44.31 -26.48 -1.82
N ASN A 925 -44.67 -25.22 -1.61
CA ASN A 925 -45.80 -24.95 -0.73
C ASN A 925 -47.11 -25.45 -1.34
N TRP A 926 -47.38 -25.10 -2.60
CA TRP A 926 -48.64 -25.60 -3.17
C TRP A 926 -48.55 -27.10 -3.44
N MET A 927 -47.34 -27.60 -3.68
CA MET A 927 -47.18 -29.03 -3.92
C MET A 927 -47.53 -29.77 -2.63
N SER A 928 -47.12 -29.21 -1.50
CA SER A 928 -47.43 -29.82 -0.21
C SER A 928 -48.93 -29.79 0.03
N GLU A 929 -49.59 -28.74 -0.46
CA GLU A 929 -51.03 -28.63 -0.28
C GLU A 929 -51.78 -29.59 -1.22
N VAL A 930 -51.21 -29.84 -2.38
CA VAL A 930 -51.83 -30.77 -3.33
C VAL A 930 -51.86 -32.15 -2.70
N ALA A 931 -50.77 -32.52 -2.04
CA ALA A 931 -50.67 -33.82 -1.39
C ALA A 931 -51.70 -33.96 -0.27
N VAL A 932 -51.79 -32.95 0.58
CA VAL A 932 -52.75 -32.97 1.69
C VAL A 932 -54.17 -33.06 1.15
N THR A 933 -54.47 -32.24 0.15
CA THR A 933 -55.80 -32.22 -0.44
C THR A 933 -56.17 -33.58 -1.04
N CYS A 934 -55.22 -34.22 -1.71
CA CYS A 934 -55.46 -35.51 -2.32
C CYS A 934 -55.46 -36.67 -1.32
N GLY A 935 -54.93 -36.41 -0.13
CA GLY A 935 -54.87 -37.46 0.87
C GLY A 935 -53.88 -38.53 0.46
N LEU A 936 -52.81 -38.11 -0.20
CA LEU A 936 -51.78 -39.03 -0.66
C LEU A 936 -50.42 -38.66 -0.08
N PRO A 937 -49.52 -39.66 0.06
CA PRO A 937 -48.18 -39.43 0.59
C PRO A 937 -47.48 -38.36 -0.25
N ALA A 938 -46.91 -37.36 0.42
CA ALA A 938 -46.23 -36.28 -0.26
C ALA A 938 -45.16 -36.75 -1.25
N GLU A 939 -44.35 -37.72 -0.85
CA GLU A 939 -43.30 -38.21 -1.73
C GLU A 939 -43.89 -38.82 -3.00
N GLU A 940 -45.06 -39.45 -2.87
CA GLU A 940 -45.71 -40.07 -4.01
C GLU A 940 -46.17 -38.99 -5.00
N VAL A 941 -46.78 -37.94 -4.45
CA VAL A 941 -47.27 -36.84 -5.28
C VAL A 941 -46.11 -36.12 -5.96
N ARG A 942 -45.01 -35.95 -5.26
CA ARG A 942 -43.87 -35.27 -5.84
C ARG A 942 -43.27 -36.12 -6.97
N TRP A 943 -43.06 -37.40 -6.68
CA TRP A 943 -42.49 -38.29 -7.68
C TRP A 943 -43.27 -38.37 -8.98
N LYS A 944 -44.59 -38.56 -8.89
CA LYS A 944 -45.39 -38.68 -10.10
C LYS A 944 -45.46 -37.38 -10.91
N ASN A 945 -45.13 -36.25 -10.28
CA ASN A 945 -45.15 -34.97 -10.98
C ASN A 945 -43.76 -34.56 -11.47
N MET A 946 -42.76 -35.29 -11.03
CA MET A 946 -41.37 -35.01 -11.39
C MET A 946 -41.09 -35.13 -12.87
N TYR A 947 -40.24 -34.23 -13.37
CA TYR A 947 -39.85 -34.25 -14.77
C TYR A 947 -39.14 -35.58 -15.02
N LYS A 948 -38.99 -35.91 -16.30
CA LYS A 948 -38.28 -37.11 -16.69
C LYS A 948 -37.21 -36.65 -17.67
N GLU A 949 -36.17 -37.47 -17.83
CA GLU A 949 -35.08 -37.16 -18.74
C GLU A 949 -35.61 -36.72 -20.10
N GLY A 950 -35.17 -35.55 -20.57
CA GLY A 950 -35.61 -35.07 -21.87
C GLY A 950 -36.81 -34.14 -21.88
N ASP A 951 -37.52 -34.02 -20.76
CA ASP A 951 -38.67 -33.13 -20.70
C ASP A 951 -38.23 -31.69 -20.87
N LEU A 952 -39.16 -30.84 -21.28
CA LEU A 952 -38.87 -29.43 -21.44
C LEU A 952 -39.45 -28.73 -20.22
N THR A 953 -38.79 -27.66 -19.79
CA THR A 953 -39.27 -26.91 -18.64
C THR A 953 -40.36 -25.96 -19.14
N HIS A 954 -40.94 -25.19 -18.23
CA HIS A 954 -41.98 -24.24 -18.59
C HIS A 954 -41.38 -23.13 -19.45
N PHE A 955 -40.05 -23.02 -19.45
CA PHE A 955 -39.40 -22.02 -20.29
C PHE A 955 -38.77 -22.73 -21.48
N ASN A 956 -39.33 -23.90 -21.78
CA ASN A 956 -38.96 -24.74 -22.90
C ASN A 956 -37.51 -25.19 -23.09
N GLN A 957 -36.78 -25.37 -22.01
CA GLN A 957 -35.41 -25.84 -22.15
C GLN A 957 -35.41 -27.33 -21.84
N ARG A 958 -34.70 -28.11 -22.65
CA ARG A 958 -34.65 -29.54 -22.44
C ARG A 958 -33.80 -29.91 -21.24
N LEU A 959 -34.29 -30.86 -20.46
CA LEU A 959 -33.58 -31.33 -19.28
C LEU A 959 -32.74 -32.54 -19.65
N GLU A 960 -31.47 -32.29 -19.95
CA GLU A 960 -30.53 -33.33 -20.33
C GLU A 960 -29.66 -33.69 -19.14
N GLY A 961 -29.60 -34.98 -18.83
CA GLY A 961 -28.81 -35.42 -17.69
C GLY A 961 -29.56 -35.05 -16.42
N PHE A 962 -30.88 -35.17 -16.47
CA PHE A 962 -31.75 -34.85 -15.34
C PHE A 962 -31.55 -35.95 -14.29
N SER A 963 -30.74 -35.67 -13.28
CA SER A 963 -30.43 -36.66 -12.25
C SER A 963 -31.28 -36.67 -11.00
N VAL A 964 -32.31 -35.82 -10.93
CA VAL A 964 -33.16 -35.81 -9.76
C VAL A 964 -33.64 -37.21 -9.38
N PRO A 965 -34.14 -37.99 -10.36
CA PRO A 965 -34.60 -39.35 -10.05
C PRO A 965 -33.59 -40.18 -9.25
N ARG A 966 -32.33 -40.17 -9.67
CA ARG A 966 -31.29 -40.92 -8.97
C ARG A 966 -31.07 -40.37 -7.57
N CYS A 967 -30.99 -39.04 -7.44
CA CYS A 967 -30.79 -38.41 -6.14
C CYS A 967 -31.96 -38.75 -5.23
N TRP A 968 -33.15 -38.74 -5.82
CA TRP A 968 -34.39 -39.02 -5.11
C TRP A 968 -34.43 -40.45 -4.58
N ASP A 969 -34.23 -41.43 -5.47
CA ASP A 969 -34.26 -42.82 -5.04
C ASP A 969 -33.12 -43.13 -4.07
N GLU A 970 -31.93 -42.61 -4.34
CA GLU A 970 -30.81 -42.86 -3.45
C GLU A 970 -31.01 -42.20 -2.09
N CYS A 971 -31.61 -41.02 -2.08
CA CYS A 971 -31.84 -40.34 -0.82
C CYS A 971 -32.90 -41.08 -0.02
N LEU A 972 -33.93 -41.56 -0.71
CA LEU A 972 -34.99 -42.30 -0.05
C LEU A 972 -34.39 -43.51 0.65
N LYS A 973 -33.52 -44.21 -0.07
CA LYS A 973 -32.87 -45.41 0.45
C LYS A 973 -31.91 -45.14 1.61
N SER A 974 -30.92 -44.29 1.39
CA SER A 974 -29.95 -44.02 2.44
C SER A 974 -30.55 -43.32 3.66
N SER A 975 -31.62 -42.58 3.46
CA SER A 975 -32.26 -41.88 4.59
C SER A 975 -33.25 -42.79 5.29
N GLN A 976 -33.52 -43.95 4.68
CA GLN A 976 -34.47 -44.90 5.24
C GLN A 976 -35.79 -44.19 5.46
N TYR A 977 -36.15 -43.36 4.50
CA TYR A 977 -37.37 -42.55 4.53
C TYR A 977 -38.62 -43.31 4.98
N TYR A 978 -38.97 -44.38 4.26
CA TYR A 978 -40.16 -45.14 4.60
C TYR A 978 -40.19 -45.70 6.01
N ALA A 979 -39.10 -46.34 6.43
CA ALA A 979 -39.04 -46.89 7.77
C ALA A 979 -39.25 -45.79 8.80
N ARG A 980 -38.58 -44.67 8.61
CA ARG A 980 -38.69 -43.56 9.53
C ARG A 980 -40.05 -42.89 9.51
N LYS A 981 -40.71 -42.93 8.35
CA LYS A 981 -42.03 -42.32 8.23
C LYS A 981 -42.98 -42.96 9.24
N SER A 982 -42.92 -44.28 9.38
CA SER A 982 -43.79 -44.97 10.32
C SER A 982 -43.37 -44.69 11.76
N GLU A 983 -42.07 -44.52 11.97
CA GLU A 983 -41.56 -44.23 13.30
C GLU A 983 -42.03 -42.85 13.72
N VAL A 984 -42.12 -41.93 12.76
CA VAL A 984 -42.60 -40.58 13.03
C VAL A 984 -44.05 -40.64 13.47
N ASP A 985 -44.87 -41.39 12.75
CA ASP A 985 -46.29 -41.51 13.09
C ASP A 985 -46.45 -42.10 14.49
N LYS A 986 -45.60 -43.07 14.81
CA LYS A 986 -45.66 -43.71 16.12
C LYS A 986 -45.37 -42.68 17.20
N PHE A 987 -44.29 -41.92 17.00
CA PHE A 987 -43.90 -40.90 17.97
C PHE A 987 -45.05 -39.93 18.23
N ASN A 988 -45.72 -39.53 17.15
CA ASN A 988 -46.83 -38.58 17.26
C ASN A 988 -48.03 -39.14 18.00
N LYS A 989 -48.26 -40.44 17.89
CA LYS A 989 -49.38 -41.07 18.58
C LYS A 989 -49.03 -41.14 20.06
N GLU A 990 -47.73 -41.28 20.35
CA GLU A 990 -47.24 -41.40 21.71
C GLU A 990 -46.94 -40.06 22.38
N ASN A 991 -47.02 -38.97 21.62
CA ASN A 991 -46.71 -37.66 22.19
C ASN A 991 -47.77 -36.63 21.85
N CYS A 992 -48.29 -36.01 22.89
N CYS A 992 -48.43 -35.92 22.89
CA CYS A 992 -49.34 -35.01 22.76
CA CYS A 992 -49.44 -34.90 22.65
C CYS A 992 -48.82 -33.58 22.61
C CYS A 992 -48.86 -33.49 22.55
N TRP A 993 -47.70 -33.28 23.25
CA TRP A 993 -47.18 -31.91 23.18
C TRP A 993 -45.87 -31.74 22.43
N LYS A 994 -45.48 -32.79 21.72
CA LYS A 994 -44.29 -32.78 20.89
C LYS A 994 -44.68 -33.59 19.67
N LYS A 995 -44.23 -33.16 18.50
CA LYS A 995 -44.56 -33.85 17.28
C LYS A 995 -43.36 -33.87 16.37
N ARG A 996 -43.28 -34.90 15.52
CA ARG A 996 -42.20 -34.99 14.57
C ARG A 996 -42.75 -34.89 13.17
N GLY A 997 -41.90 -34.42 12.26
CA GLY A 997 -42.27 -34.26 10.88
C GLY A 997 -41.13 -34.72 10.01
N LEU A 998 -41.46 -35.24 8.85
CA LEU A 998 -40.48 -35.75 7.92
C LEU A 998 -40.86 -35.31 6.52
N CYS A 999 -39.90 -34.85 5.75
CA CYS A 999 -40.18 -34.42 4.39
C CYS A 999 -38.95 -34.56 3.51
N ILE A 1000 -39.16 -35.00 2.29
CA ILE A 1000 -38.07 -35.15 1.35
C ILE A 1000 -38.43 -34.31 0.15
N ILE A 1001 -37.56 -33.36 -0.19
CA ILE A 1001 -37.83 -32.50 -1.33
C ILE A 1001 -36.66 -32.44 -2.29
N PRO A 1002 -36.96 -32.28 -3.59
CA PRO A 1002 -35.91 -32.21 -4.59
C PRO A 1002 -35.69 -30.76 -5.00
N THR A 1003 -34.72 -30.55 -5.88
CA THR A 1003 -34.45 -29.22 -6.37
C THR A 1003 -33.56 -29.31 -7.59
N LYS A 1004 -33.69 -28.31 -8.45
CA LYS A 1004 -32.87 -28.20 -9.63
C LYS A 1004 -32.60 -26.71 -9.68
N PHE A 1005 -31.40 -26.34 -10.07
CA PHE A 1005 -31.03 -24.93 -10.13
C PHE A 1005 -30.33 -24.70 -11.45
N GLY A 1006 -30.84 -23.74 -12.22
CA GLY A 1006 -30.27 -23.43 -13.51
C GLY A 1006 -28.92 -22.76 -13.36
N ILE A 1007 -27.92 -23.28 -14.07
CA ILE A 1007 -26.59 -22.73 -13.97
C ILE A 1007 -26.19 -21.84 -15.14
N SER A 1008 -25.86 -20.59 -14.80
CA SER A 1008 -25.42 -19.54 -15.73
C SER A 1008 -26.07 -18.22 -15.37
N PHE A 1009 -25.42 -17.12 -15.74
CA PHE A 1009 -26.01 -15.80 -15.50
C PHE A 1009 -27.18 -15.73 -16.48
N THR A 1010 -28.33 -15.24 -16.02
CA THR A 1010 -29.48 -15.13 -16.92
C THR A 1010 -29.32 -13.92 -17.83
N VAL A 1011 -28.21 -13.22 -17.65
CA VAL A 1011 -27.87 -12.08 -18.51
C VAL A 1011 -26.73 -12.68 -19.33
N PRO A 1012 -26.99 -12.98 -20.61
CA PRO A 1012 -26.00 -13.57 -21.51
C PRO A 1012 -24.55 -13.06 -21.44
N PHE A 1013 -24.34 -11.76 -21.58
CA PHE A 1013 -22.97 -11.24 -21.60
C PHE A 1013 -22.13 -11.43 -20.34
N LEU A 1014 -22.75 -11.73 -19.21
CA LEU A 1014 -21.97 -11.94 -18.00
C LEU A 1014 -21.28 -13.30 -17.98
N ASN A 1015 -21.71 -14.20 -18.86
CA ASN A 1015 -21.12 -15.53 -18.94
C ASN A 1015 -19.82 -15.54 -19.74
N GLN A 1016 -18.86 -14.78 -19.26
CA GLN A 1016 -17.54 -14.67 -19.88
C GLN A 1016 -16.53 -14.62 -18.74
N ALA A 1017 -15.33 -15.13 -18.98
CA ALA A 1017 -14.32 -15.15 -17.93
C ALA A 1017 -12.92 -15.09 -18.51
N GLY A 1018 -12.07 -14.31 -17.87
CA GLY A 1018 -10.70 -14.17 -18.33
C GLY A 1018 -9.73 -14.62 -17.26
N ALA A 1019 -8.54 -15.03 -17.68
CA ALA A 1019 -7.51 -15.45 -16.76
C ALA A 1019 -6.20 -14.92 -17.33
N LEU A 1020 -5.22 -14.78 -16.46
CA LEU A 1020 -3.90 -14.31 -16.86
C LEU A 1020 -2.93 -15.20 -16.11
N ILE A 1021 -2.03 -15.84 -16.83
CA ILE A 1021 -1.08 -16.73 -16.19
C ILE A 1021 0.36 -16.40 -16.58
N HIS A 1022 1.22 -16.35 -15.58
CA HIS A 1022 2.63 -16.08 -15.80
C HIS A 1022 3.42 -17.25 -15.23
N VAL A 1023 4.46 -17.67 -15.94
CA VAL A 1023 5.33 -18.72 -15.44
C VAL A 1023 6.66 -17.99 -15.31
N TYR A 1024 7.15 -17.87 -14.09
CA TYR A 1024 8.42 -17.19 -13.88
C TYR A 1024 9.56 -18.14 -14.17
N THR A 1025 10.77 -17.59 -14.33
CA THR A 1025 11.93 -18.41 -14.67
C THR A 1025 12.34 -19.52 -13.72
N ASP A 1026 11.77 -19.53 -12.51
CA ASP A 1026 12.09 -20.60 -11.57
C ASP A 1026 11.04 -21.68 -11.74
N GLY A 1027 10.13 -21.46 -12.69
CA GLY A 1027 9.08 -22.43 -12.95
C GLY A 1027 7.83 -22.21 -12.12
N SER A 1028 7.89 -21.32 -11.14
CA SER A 1028 6.70 -21.07 -10.32
C SER A 1028 5.67 -20.35 -11.18
N VAL A 1029 4.40 -20.65 -10.94
CA VAL A 1029 3.32 -20.08 -11.72
C VAL A 1029 2.39 -19.18 -10.91
N LEU A 1030 2.08 -18.02 -11.47
CA LEU A 1030 1.17 -17.10 -10.81
C LEU A 1030 -0.08 -17.03 -11.65
N VAL A 1031 -1.18 -17.47 -11.09
CA VAL A 1031 -2.44 -17.45 -11.81
C VAL A 1031 -3.30 -16.31 -11.33
N SER A 1032 -3.95 -15.65 -12.28
CA SER A 1032 -4.86 -14.56 -11.95
C SER A 1032 -6.11 -14.78 -12.78
N HIS A 1033 -7.29 -14.60 -12.19
CA HIS A 1033 -8.52 -14.76 -12.94
C HIS A 1033 -9.52 -13.74 -12.45
N GLY A 1034 -10.62 -13.56 -13.18
CA GLY A 1034 -11.61 -12.57 -12.80
C GLY A 1034 -12.41 -12.88 -11.55
N GLY A 1035 -12.33 -14.12 -11.07
CA GLY A 1035 -13.08 -14.51 -9.89
C GLY A 1035 -12.47 -14.07 -8.57
N THR A 1036 -13.32 -13.93 -7.55
CA THR A 1036 -12.86 -13.53 -6.22
C THR A 1036 -13.13 -14.64 -5.22
N GLU A 1037 -12.31 -14.68 -4.18
CA GLU A 1037 -12.44 -15.68 -3.13
C GLU A 1037 -13.25 -15.10 -1.96
N MET A 1038 -14.34 -15.77 -1.62
CA MET A 1038 -15.18 -15.31 -0.52
C MET A 1038 -15.42 -16.47 0.43
N GLY A 1039 -14.57 -17.49 0.31
CA GLY A 1039 -14.67 -18.65 1.18
C GLY A 1039 -15.11 -19.92 0.48
N GLN A 1040 -15.59 -19.80 -0.75
CA GLN A 1040 -16.09 -20.96 -1.50
C GLN A 1040 -14.97 -21.83 -2.06
N GLY A 1041 -13.72 -21.40 -1.90
CA GLY A 1041 -12.60 -22.19 -2.39
C GLY A 1041 -12.39 -22.12 -3.89
N LEU A 1042 -12.71 -20.97 -4.49
CA LEU A 1042 -12.53 -20.79 -5.93
C LEU A 1042 -11.05 -20.85 -6.33
N HIS A 1043 -10.21 -20.08 -5.64
CA HIS A 1043 -8.80 -20.09 -5.98
C HIS A 1043 -8.22 -21.49 -5.81
N THR A 1044 -8.66 -22.18 -4.76
CA THR A 1044 -8.20 -23.54 -4.52
C THR A 1044 -8.51 -24.39 -5.74
N LYS A 1045 -9.76 -24.31 -6.21
CA LYS A 1045 -10.18 -25.07 -7.38
C LYS A 1045 -9.43 -24.68 -8.64
N MET A 1046 -9.16 -23.38 -8.81
CA MET A 1046 -8.44 -22.92 -9.98
C MET A 1046 -7.00 -23.44 -9.96
N VAL A 1047 -6.41 -23.50 -8.77
CA VAL A 1047 -5.05 -24.02 -8.65
C VAL A 1047 -5.09 -25.51 -8.96
N GLN A 1048 -6.13 -26.18 -8.47
CA GLN A 1048 -6.26 -27.62 -8.73
C GLN A 1048 -6.39 -27.82 -10.24
N VAL A 1049 -7.19 -26.97 -10.88
CA VAL A 1049 -7.38 -27.04 -12.32
C VAL A 1049 -6.08 -26.79 -13.07
N ALA A 1050 -5.39 -25.72 -12.72
CA ALA A 1050 -4.13 -25.37 -13.36
C ALA A 1050 -3.10 -26.48 -13.21
N SER A 1051 -3.02 -27.05 -12.01
CA SER A 1051 -2.08 -28.13 -11.73
C SER A 1051 -2.33 -29.34 -12.62
N LYS A 1052 -3.60 -29.71 -12.78
CA LYS A 1052 -3.93 -30.84 -13.63
C LYS A 1052 -3.62 -30.52 -15.09
N ALA A 1053 -4.08 -29.37 -15.55
CA ALA A 1053 -3.85 -28.97 -16.94
C ALA A 1053 -2.37 -28.91 -17.31
N LEU A 1054 -1.54 -28.38 -16.41
CA LEU A 1054 -0.11 -28.26 -16.68
C LEU A 1054 0.66 -29.51 -16.26
N LYS A 1055 0.00 -30.39 -15.52
CA LYS A 1055 0.61 -31.61 -15.03
C LYS A 1055 1.82 -31.32 -14.15
N ILE A 1056 1.64 -30.40 -13.23
CA ILE A 1056 2.67 -30.02 -12.27
C ILE A 1056 1.99 -29.95 -10.91
N PRO A 1057 2.74 -30.13 -9.82
CA PRO A 1057 2.18 -30.08 -8.48
C PRO A 1057 1.54 -28.73 -8.19
N ILE A 1058 0.50 -28.72 -7.36
CA ILE A 1058 -0.16 -27.47 -7.01
C ILE A 1058 0.81 -26.57 -6.25
N SER A 1059 1.84 -27.18 -5.66
CA SER A 1059 2.84 -26.44 -4.90
C SER A 1059 3.58 -25.41 -5.75
N LYS A 1060 3.60 -25.61 -7.06
CA LYS A 1060 4.28 -24.68 -7.96
C LYS A 1060 3.36 -23.60 -8.49
N ILE A 1061 2.08 -23.64 -8.11
CA ILE A 1061 1.12 -22.67 -8.59
C ILE A 1061 0.61 -21.82 -7.43
N TYR A 1062 0.32 -20.54 -7.71
CA TYR A 1062 -0.16 -19.65 -6.66
C TYR A 1062 -1.11 -18.60 -7.21
N ILE A 1063 -2.13 -18.25 -6.41
CA ILE A 1063 -3.06 -17.21 -6.78
C ILE A 1063 -3.04 -16.25 -5.60
N SER A 1064 -2.61 -15.02 -5.85
CA SER A 1064 -2.51 -14.02 -4.80
C SER A 1064 -3.76 -13.21 -4.56
N GLU A 1065 -4.35 -12.70 -5.64
CA GLU A 1065 -5.52 -11.86 -5.50
C GLU A 1065 -6.22 -11.70 -6.83
N THR A 1066 -7.29 -10.91 -6.79
CA THR A 1066 -8.08 -10.60 -7.97
C THR A 1066 -7.88 -9.10 -8.14
N SER A 1067 -7.52 -8.67 -9.35
CA SER A 1067 -7.28 -7.25 -9.59
C SER A 1067 -7.69 -6.83 -10.99
N THR A 1068 -8.24 -5.63 -11.10
CA THR A 1068 -8.69 -5.11 -12.39
C THR A 1068 -7.58 -4.83 -13.38
N ASN A 1069 -6.34 -4.81 -12.93
CA ASN A 1069 -5.23 -4.56 -13.85
C ASN A 1069 -4.55 -5.85 -14.32
N THR A 1070 -5.12 -6.99 -13.96
CA THR A 1070 -4.59 -8.27 -14.42
C THR A 1070 -5.66 -8.90 -15.32
N VAL A 1071 -6.90 -8.88 -14.88
CA VAL A 1071 -8.02 -9.40 -15.66
C VAL A 1071 -9.12 -8.33 -15.62
N PRO A 1072 -9.33 -7.63 -16.74
CA PRO A 1072 -10.34 -6.58 -16.81
C PRO A 1072 -11.74 -7.05 -17.18
N ASN A 1073 -12.69 -6.14 -17.01
CA ASN A 1073 -14.09 -6.36 -17.37
C ASN A 1073 -14.67 -7.69 -16.90
N SER A 1074 -14.31 -8.07 -15.68
CA SER A 1074 -14.80 -9.33 -15.14
C SER A 1074 -16.23 -9.21 -14.65
N SER A 1075 -16.99 -10.29 -14.79
CA SER A 1075 -18.35 -10.31 -14.31
C SER A 1075 -18.21 -10.50 -12.80
N PRO A 1076 -19.26 -10.17 -12.03
CA PRO A 1076 -19.14 -10.35 -10.58
C PRO A 1076 -19.00 -11.84 -10.30
N THR A 1077 -18.36 -12.18 -9.19
CA THR A 1077 -18.21 -13.58 -8.81
C THR A 1077 -19.58 -13.97 -8.29
N ALA A 1078 -20.38 -14.56 -9.16
CA ALA A 1078 -21.74 -14.92 -8.79
C ALA A 1078 -22.35 -15.98 -9.71
N ALA A 1079 -23.61 -16.28 -9.46
CA ALA A 1079 -24.37 -17.25 -10.25
C ALA A 1079 -23.79 -18.67 -10.14
N SER A 1080 -22.96 -18.89 -9.13
CA SER A 1080 -22.35 -20.21 -8.92
C SER A 1080 -21.54 -20.73 -10.11
N VAL A 1081 -21.28 -19.88 -11.11
CA VAL A 1081 -20.55 -20.33 -12.28
C VAL A 1081 -19.06 -19.99 -12.33
N SER A 1082 -18.55 -19.40 -11.25
CA SER A 1082 -17.14 -19.01 -11.23
C SER A 1082 -16.18 -20.16 -11.55
N THR A 1083 -16.37 -21.31 -10.91
CA THR A 1083 -15.50 -22.45 -11.14
C THR A 1083 -15.58 -22.86 -12.62
N ASP A 1084 -16.80 -22.93 -13.13
CA ASP A 1084 -17.05 -23.31 -14.52
C ASP A 1084 -16.31 -22.40 -15.50
N ILE A 1085 -16.58 -21.11 -15.40
CA ILE A 1085 -15.98 -20.18 -16.34
C ILE A 1085 -14.53 -19.81 -16.13
N TYR A 1086 -14.12 -19.56 -14.89
CA TYR A 1086 -12.72 -19.23 -14.66
C TYR A 1086 -11.90 -20.50 -14.81
N GLY A 1087 -12.53 -21.64 -14.57
CA GLY A 1087 -11.84 -22.90 -14.73
C GLY A 1087 -11.44 -23.07 -16.19
N GLN A 1088 -12.35 -22.73 -17.09
CA GLN A 1088 -12.09 -22.84 -18.53
C GLN A 1088 -11.03 -21.83 -18.96
N ALA A 1089 -11.16 -20.59 -18.48
CA ALA A 1089 -10.20 -19.55 -18.83
C ALA A 1089 -8.81 -19.96 -18.37
N VAL A 1090 -8.71 -20.45 -17.14
CA VAL A 1090 -7.43 -20.89 -16.60
C VAL A 1090 -6.92 -22.07 -17.43
N TYR A 1091 -7.82 -22.99 -17.73
CA TYR A 1091 -7.48 -24.16 -18.54
C TYR A 1091 -6.90 -23.73 -19.89
N GLU A 1092 -7.59 -22.83 -20.56
CA GLU A 1092 -7.15 -22.35 -21.86
C GLU A 1092 -5.77 -21.70 -21.77
N ALA A 1093 -5.58 -20.86 -20.77
CA ALA A 1093 -4.29 -20.20 -20.58
C ALA A 1093 -3.20 -21.26 -20.40
N CYS A 1094 -3.51 -22.31 -19.65
CA CYS A 1094 -2.54 -23.38 -19.44
C CYS A 1094 -2.23 -24.10 -20.74
N GLN A 1095 -3.25 -24.32 -21.58
CA GLN A 1095 -3.02 -25.00 -22.86
C GLN A 1095 -2.04 -24.19 -23.70
N THR A 1096 -2.21 -22.87 -23.71
CA THR A 1096 -1.32 -22.02 -24.48
C THR A 1096 0.10 -22.15 -23.95
N ILE A 1097 0.24 -22.18 -22.63
CA ILE A 1097 1.56 -22.33 -22.02
C ILE A 1097 2.17 -23.65 -22.47
N LEU A 1098 1.39 -24.73 -22.39
CA LEU A 1098 1.87 -26.05 -22.80
C LEU A 1098 2.30 -26.05 -24.28
N LYS A 1099 1.51 -25.42 -25.14
CA LYS A 1099 1.86 -25.37 -26.55
C LYS A 1099 3.20 -24.68 -26.76
N ARG A 1100 3.46 -23.64 -25.96
CA ARG A 1100 4.72 -22.90 -26.07
C ARG A 1100 5.91 -23.67 -25.53
N LEU A 1101 5.67 -24.51 -24.52
CA LEU A 1101 6.72 -25.31 -23.92
C LEU A 1101 6.97 -26.60 -24.68
N GLU A 1102 5.98 -27.02 -25.46
CA GLU A 1102 6.05 -28.26 -26.23
C GLU A 1102 7.37 -28.51 -26.97
N PRO A 1103 7.85 -27.52 -27.73
CA PRO A 1103 9.11 -27.69 -28.47
C PRO A 1103 10.29 -28.02 -27.55
N PHE A 1104 10.29 -27.45 -26.36
CA PHE A 1104 11.37 -27.67 -25.42
C PHE A 1104 11.23 -29.00 -24.69
N LYS A 1105 9.99 -29.43 -24.50
CA LYS A 1105 9.73 -30.70 -23.84
C LYS A 1105 10.18 -31.80 -24.80
N LYS A 1106 9.92 -31.59 -26.08
CA LYS A 1106 10.30 -32.56 -27.11
C LYS A 1106 11.81 -32.69 -27.22
N LYS A 1107 12.51 -31.57 -27.21
CA LYS A 1107 13.96 -31.57 -27.32
C LYS A 1107 14.65 -32.11 -26.07
N ASN A 1108 13.91 -32.16 -24.96
CA ASN A 1108 14.45 -32.64 -23.70
C ASN A 1108 13.35 -33.36 -22.91
N PRO A 1109 12.84 -34.48 -23.46
CA PRO A 1109 11.78 -35.29 -22.86
C PRO A 1109 11.98 -35.67 -21.40
N ASP A 1110 13.22 -35.97 -21.02
CA ASP A 1110 13.50 -36.36 -19.64
C ASP A 1110 13.81 -35.16 -18.75
N GLY A 1111 13.68 -33.96 -19.30
CA GLY A 1111 13.94 -32.76 -18.51
C GLY A 1111 12.82 -32.47 -17.54
N SER A 1112 13.04 -31.51 -16.64
CA SER A 1112 12.03 -31.14 -15.66
C SER A 1112 11.23 -29.95 -16.14
N TRP A 1113 10.14 -29.66 -15.44
CA TRP A 1113 9.31 -28.52 -15.76
C TRP A 1113 10.22 -27.30 -15.75
N GLU A 1114 11.03 -27.19 -14.70
CA GLU A 1114 11.95 -26.07 -14.55
C GLU A 1114 12.90 -25.95 -15.74
N ASP A 1115 13.39 -27.10 -16.22
CA ASP A 1115 14.31 -27.11 -17.36
C ASP A 1115 13.63 -26.54 -18.60
N TRP A 1116 12.42 -27.01 -18.89
CA TRP A 1116 11.69 -26.55 -20.06
C TRP A 1116 11.38 -25.06 -19.98
N VAL A 1117 11.00 -24.60 -18.79
CA VAL A 1117 10.66 -23.20 -18.61
C VAL A 1117 11.85 -22.29 -18.86
N MET A 1118 12.99 -22.64 -18.27
CA MET A 1118 14.20 -21.84 -18.47
C MET A 1118 14.61 -21.86 -19.93
N ALA A 1119 14.44 -23.00 -20.58
CA ALA A 1119 14.79 -23.13 -21.99
C ALA A 1119 13.92 -22.20 -22.81
N ALA A 1120 12.62 -22.21 -22.54
CA ALA A 1120 11.69 -21.34 -23.26
C ALA A 1120 12.09 -19.89 -23.05
N TYR A 1121 12.39 -19.54 -21.80
CA TYR A 1121 12.79 -18.18 -21.50
C TYR A 1121 14.06 -17.80 -22.27
N GLN A 1122 15.05 -18.67 -22.21
CA GLN A 1122 16.31 -18.45 -22.90
C GLN A 1122 16.14 -18.37 -24.42
N ASP A 1123 15.09 -18.97 -24.94
CA ASP A 1123 14.85 -18.94 -26.38
C ASP A 1123 13.89 -17.81 -26.72
N ARG A 1124 13.62 -16.98 -25.73
CA ARG A 1124 12.73 -15.85 -25.88
C ARG A 1124 11.33 -16.21 -26.33
N VAL A 1125 10.74 -17.13 -25.58
CA VAL A 1125 9.37 -17.57 -25.81
C VAL A 1125 8.63 -17.00 -24.62
N SER A 1126 7.56 -16.23 -24.88
CA SER A 1126 6.78 -15.64 -23.80
C SER A 1126 6.15 -16.68 -22.89
N LEU A 1127 6.27 -16.48 -21.58
CA LEU A 1127 5.70 -17.38 -20.61
C LEU A 1127 4.51 -16.73 -19.93
N SER A 1128 3.87 -15.82 -20.65
CA SER A 1128 2.71 -15.12 -20.13
C SER A 1128 1.59 -15.15 -21.15
N THR A 1129 0.38 -15.45 -20.68
CA THR A 1129 -0.75 -15.49 -21.59
C THR A 1129 -2.07 -15.33 -20.88
N THR A 1130 -3.08 -14.93 -21.65
CA THR A 1130 -4.41 -14.79 -21.12
C THR A 1130 -5.15 -16.07 -21.47
N GLY A 1131 -6.31 -16.24 -20.85
CA GLY A 1131 -7.16 -17.39 -21.09
C GLY A 1131 -8.54 -16.77 -21.06
N PHE A 1132 -9.44 -17.26 -21.90
CA PHE A 1132 -10.79 -16.68 -21.94
C PHE A 1132 -11.82 -17.76 -22.23
N TYR A 1133 -13.01 -17.59 -21.67
CA TYR A 1133 -14.09 -18.54 -21.89
C TYR A 1133 -15.41 -17.80 -22.02
N ARG A 1134 -16.26 -18.31 -22.90
CA ARG A 1134 -17.57 -17.75 -23.16
C ARG A 1134 -18.51 -18.94 -23.20
N THR A 1135 -19.43 -19.01 -22.23
CA THR A 1135 -20.37 -20.13 -22.19
C THR A 1135 -21.19 -20.09 -23.48
N PRO A 1136 -21.17 -21.19 -24.24
CA PRO A 1136 -21.90 -21.27 -25.50
C PRO A 1136 -23.40 -21.56 -25.41
N ASN A 1137 -24.10 -21.25 -26.50
CA ASN A 1137 -25.53 -21.50 -26.65
C ASN A 1137 -26.46 -20.98 -25.55
N LEU A 1138 -26.23 -19.75 -25.11
CA LEU A 1138 -27.08 -19.15 -24.09
C LEU A 1138 -27.83 -17.98 -24.69
N GLY A 1139 -29.06 -17.77 -24.24
CA GLY A 1139 -29.85 -16.67 -24.76
C GLY A 1139 -31.34 -16.99 -24.74
N TYR A 1140 -31.98 -16.67 -23.62
CA TYR A 1140 -33.41 -16.92 -23.48
C TYR A 1140 -34.18 -15.62 -23.63
N SER A 1141 -35.39 -15.72 -24.17
CA SER A 1141 -36.24 -14.55 -24.34
C SER A 1141 -37.58 -14.81 -23.68
N PHE A 1142 -38.00 -13.90 -22.81
CA PHE A 1142 -39.28 -14.04 -22.13
C PHE A 1142 -40.42 -13.75 -23.11
N GLU A 1143 -40.11 -12.98 -24.15
CA GLU A 1143 -41.10 -12.64 -25.17
C GLU A 1143 -41.53 -13.84 -26.00
N THR A 1144 -40.56 -14.70 -26.30
CA THR A 1144 -40.85 -15.88 -27.13
C THR A 1144 -40.79 -17.19 -26.35
N ASN A 1145 -40.42 -17.11 -25.08
CA ASN A 1145 -40.29 -18.29 -24.23
C ASN A 1145 -39.47 -19.34 -24.98
N SER A 1146 -38.32 -18.90 -25.50
CA SER A 1146 -37.43 -19.79 -26.23
C SER A 1146 -35.97 -19.43 -25.97
N GLY A 1147 -35.08 -20.35 -26.29
CA GLY A 1147 -33.66 -20.11 -26.09
C GLY A 1147 -33.20 -20.66 -24.76
N ASN A 1148 -31.95 -21.10 -24.72
CA ASN A 1148 -31.37 -21.67 -23.51
C ASN A 1148 -31.06 -20.62 -22.45
N ALA A 1149 -31.74 -20.71 -21.32
CA ALA A 1149 -31.51 -19.78 -20.22
C ALA A 1149 -30.28 -20.25 -19.45
N PHE A 1150 -30.12 -21.56 -19.34
CA PHE A 1150 -29.01 -22.13 -18.59
C PHE A 1150 -28.17 -23.10 -19.38
N HIS A 1151 -26.92 -23.26 -18.94
CA HIS A 1151 -26.00 -24.18 -19.61
C HIS A 1151 -26.34 -25.60 -19.19
N TYR A 1152 -26.77 -25.75 -17.95
CA TYR A 1152 -27.16 -27.05 -17.40
C TYR A 1152 -27.78 -26.79 -16.04
N PHE A 1153 -28.25 -27.85 -15.38
CA PHE A 1153 -28.84 -27.70 -14.06
C PHE A 1153 -28.12 -28.56 -13.04
N THR A 1154 -28.05 -28.05 -11.80
CA THR A 1154 -27.43 -28.80 -10.72
C THR A 1154 -28.63 -29.32 -9.94
N TYR A 1155 -28.56 -30.58 -9.52
CA TYR A 1155 -29.68 -31.18 -8.81
C TYR A 1155 -29.33 -31.75 -7.46
N GLY A 1156 -30.36 -31.98 -6.66
CA GLY A 1156 -30.16 -32.54 -5.34
C GLY A 1156 -31.46 -32.85 -4.65
N VAL A 1157 -31.39 -33.68 -3.62
CA VAL A 1157 -32.56 -34.06 -2.86
C VAL A 1157 -32.19 -34.06 -1.39
N ALA A 1158 -33.11 -33.63 -0.55
CA ALA A 1158 -32.85 -33.59 0.88
C ALA A 1158 -34.05 -34.09 1.67
N CYS A 1159 -33.76 -34.95 2.64
CA CYS A 1159 -34.80 -35.48 3.50
C CYS A 1159 -34.47 -35.01 4.90
N SER A 1160 -35.40 -34.32 5.53
CA SER A 1160 -35.18 -33.83 6.89
C SER A 1160 -36.29 -34.22 7.84
N GLU A 1161 -35.91 -34.50 9.07
CA GLU A 1161 -36.85 -34.88 10.11
C GLU A 1161 -36.64 -33.90 11.25
N VAL A 1162 -37.74 -33.48 11.85
CA VAL A 1162 -37.68 -32.54 12.96
C VAL A 1162 -38.63 -32.96 14.06
N GLU A 1163 -38.45 -32.34 15.22
CA GLU A 1163 -39.31 -32.58 16.36
C GLU A 1163 -39.65 -31.20 16.88
N ILE A 1164 -40.92 -30.86 16.90
CA ILE A 1164 -41.31 -29.54 17.40
C ILE A 1164 -41.88 -29.65 18.80
N ASP A 1165 -41.68 -28.58 19.57
CA ASP A 1165 -42.22 -28.50 20.91
C ASP A 1165 -43.49 -27.71 20.68
N CYS A 1166 -44.62 -28.40 20.68
CA CYS A 1166 -45.91 -27.77 20.43
C CYS A 1166 -46.28 -26.71 21.45
N LEU A 1167 -45.59 -26.70 22.59
CA LEU A 1167 -45.90 -25.72 23.64
C LEU A 1167 -45.02 -24.47 23.62
N THR A 1168 -43.88 -24.51 22.94
CA THR A 1168 -42.98 -23.36 22.90
C THR A 1168 -42.64 -22.85 21.51
N GLY A 1169 -42.69 -23.73 20.52
CA GLY A 1169 -42.35 -23.30 19.18
C GLY A 1169 -40.92 -23.70 18.84
N ASP A 1170 -40.16 -24.12 19.83
CA ASP A 1170 -38.79 -24.55 19.58
C ASP A 1170 -38.88 -25.88 18.83
N HIS A 1171 -37.79 -26.27 18.18
CA HIS A 1171 -37.76 -27.54 17.47
C HIS A 1171 -36.33 -28.04 17.33
N LYS A 1172 -36.20 -29.34 17.13
CA LYS A 1172 -34.89 -29.93 16.93
C LYS A 1172 -34.82 -30.42 15.49
N ASN A 1173 -33.67 -30.23 14.87
CA ASN A 1173 -33.47 -30.74 13.52
C ASN A 1173 -32.80 -32.07 13.82
N LEU A 1174 -33.59 -33.13 13.86
CA LEU A 1174 -33.11 -34.47 14.18
C LEU A 1174 -32.14 -35.07 13.19
N ARG A 1175 -32.54 -35.08 11.92
CA ARG A 1175 -31.69 -35.68 10.91
C ARG A 1175 -31.99 -35.14 9.52
N THR A 1176 -30.92 -34.99 8.74
CA THR A 1176 -31.04 -34.52 7.38
C THR A 1176 -30.11 -35.36 6.52
N ASP A 1177 -30.65 -35.86 5.41
CA ASP A 1177 -29.89 -36.67 4.47
C ASP A 1177 -29.95 -35.95 3.13
N ILE A 1178 -28.78 -35.66 2.57
CA ILE A 1178 -28.70 -34.95 1.31
C ILE A 1178 -27.94 -35.75 0.25
N VAL A 1179 -28.51 -35.79 -0.96
CA VAL A 1179 -27.83 -36.45 -2.07
C VAL A 1179 -27.77 -35.34 -3.10
N MET A 1180 -26.55 -34.88 -3.39
CA MET A 1180 -26.34 -33.80 -4.33
C MET A 1180 -25.61 -34.22 -5.59
N ASP A 1181 -26.09 -33.75 -6.73
CA ASP A 1181 -25.44 -34.05 -8.00
C ASP A 1181 -24.56 -32.88 -8.38
N VAL A 1182 -23.25 -33.01 -8.15
CA VAL A 1182 -22.30 -31.97 -8.50
C VAL A 1182 -21.39 -32.50 -9.60
N GLY A 1183 -21.93 -33.41 -10.41
CA GLY A 1183 -21.15 -34.00 -11.49
C GLY A 1183 -19.92 -34.64 -10.88
N SER A 1184 -18.81 -34.60 -11.61
CA SER A 1184 -17.56 -35.14 -11.09
C SER A 1184 -16.93 -33.99 -10.32
N SER A 1185 -17.11 -33.99 -9.00
CA SER A 1185 -16.58 -32.93 -8.16
C SER A 1185 -15.09 -32.67 -8.36
N LEU A 1186 -14.73 -31.38 -8.46
CA LEU A 1186 -13.33 -31.01 -8.60
C LEU A 1186 -12.67 -31.16 -7.24
N ASN A 1187 -13.48 -31.02 -6.20
CA ASN A 1187 -13.00 -31.11 -4.83
C ASN A 1187 -14.20 -31.45 -3.94
N PRO A 1188 -14.36 -32.75 -3.60
CA PRO A 1188 -15.48 -33.18 -2.75
C PRO A 1188 -15.54 -32.55 -1.37
N ALA A 1189 -14.39 -32.13 -0.84
CA ALA A 1189 -14.37 -31.50 0.47
C ALA A 1189 -15.05 -30.14 0.38
N ILE A 1190 -14.59 -29.33 -0.58
CA ILE A 1190 -15.15 -28.00 -0.77
C ILE A 1190 -16.61 -28.09 -1.24
N ASP A 1191 -16.93 -29.06 -2.08
CA ASP A 1191 -18.30 -29.18 -2.56
C ASP A 1191 -19.25 -29.64 -1.46
N ILE A 1192 -18.82 -30.57 -0.63
CA ILE A 1192 -19.69 -31.01 0.45
C ILE A 1192 -19.80 -29.82 1.40
N GLY A 1193 -18.74 -29.03 1.49
CA GLY A 1193 -18.75 -27.86 2.35
C GLY A 1193 -19.74 -26.84 1.82
N GLN A 1194 -19.83 -26.73 0.50
CA GLN A 1194 -20.77 -25.79 -0.10
C GLN A 1194 -22.20 -26.30 0.11
N VAL A 1195 -22.38 -27.60 -0.01
CA VAL A 1195 -23.70 -28.20 0.18
C VAL A 1195 -24.19 -27.98 1.62
N GLU A 1196 -23.32 -28.25 2.59
CA GLU A 1196 -23.70 -28.08 3.99
C GLU A 1196 -23.90 -26.61 4.31
N GLY A 1197 -23.00 -25.78 3.82
CA GLY A 1197 -23.09 -24.34 4.08
C GLY A 1197 -24.35 -23.74 3.47
N ALA A 1198 -24.62 -24.07 2.22
CA ALA A 1198 -25.80 -23.56 1.54
C ALA A 1198 -27.06 -24.06 2.26
N PHE A 1199 -27.09 -25.35 2.56
CA PHE A 1199 -28.22 -25.96 3.25
C PHE A 1199 -28.52 -25.26 4.57
N VAL A 1200 -27.49 -25.00 5.35
CA VAL A 1200 -27.69 -24.34 6.64
C VAL A 1200 -28.16 -22.90 6.47
N GLN A 1201 -27.68 -22.24 5.43
CA GLN A 1201 -28.11 -20.88 5.19
C GLN A 1201 -29.58 -20.89 4.78
N GLY A 1202 -29.98 -21.95 4.07
CA GLY A 1202 -31.36 -22.08 3.64
C GLY A 1202 -32.20 -22.40 4.87
N LEU A 1203 -31.64 -23.25 5.72
CA LEU A 1203 -32.29 -23.63 6.97
C LEU A 1203 -32.58 -22.35 7.75
N GLY A 1204 -31.61 -21.44 7.75
CA GLY A 1204 -31.78 -20.17 8.45
C GLY A 1204 -32.88 -19.34 7.82
N LEU A 1205 -32.84 -19.23 6.50
CA LEU A 1205 -33.85 -18.47 5.76
C LEU A 1205 -35.28 -18.94 6.07
N PHE A 1206 -35.46 -20.25 6.08
CA PHE A 1206 -36.80 -20.82 6.29
C PHE A 1206 -37.26 -21.08 7.72
N THR A 1207 -36.36 -21.01 8.70
CA THR A 1207 -36.77 -21.32 10.07
C THR A 1207 -36.29 -20.46 11.22
N LEU A 1208 -35.24 -19.68 11.03
CA LEU A 1208 -34.71 -18.89 12.13
C LEU A 1208 -34.57 -17.40 11.88
N GLU A 1209 -34.09 -17.05 10.70
CA GLU A 1209 -33.83 -15.68 10.34
C GLU A 1209 -35.04 -14.86 9.97
N GLU A 1210 -35.19 -13.74 10.68
CA GLU A 1210 -36.30 -12.85 10.42
C GLU A 1210 -35.92 -11.42 10.73
N LEU A 1211 -36.21 -10.54 9.78
CA LEU A 1211 -35.93 -9.12 9.94
C LEU A 1211 -37.26 -8.46 10.29
N HIS A 1212 -37.25 -7.60 11.29
CA HIS A 1212 -38.46 -6.91 11.73
C HIS A 1212 -38.30 -5.42 11.48
N TYR A 1213 -39.34 -4.81 10.92
CA TYR A 1213 -39.34 -3.38 10.63
C TYR A 1213 -40.54 -2.72 11.28
N SER A 1214 -40.35 -1.47 11.71
CA SER A 1214 -41.44 -0.71 12.31
C SER A 1214 -42.38 -0.40 11.15
N PRO A 1215 -43.61 0.03 11.45
CA PRO A 1215 -44.55 0.34 10.38
C PRO A 1215 -44.01 1.46 9.50
N GLU A 1216 -43.16 2.31 10.08
CA GLU A 1216 -42.57 3.44 9.36
C GLU A 1216 -41.39 3.03 8.50
N GLY A 1217 -41.07 1.74 8.48
CA GLY A 1217 -39.97 1.27 7.65
C GLY A 1217 -38.58 1.27 8.27
N SER A 1218 -38.50 1.30 9.60
CA SER A 1218 -37.20 1.29 10.25
C SER A 1218 -36.84 -0.10 10.77
N LEU A 1219 -35.73 -0.63 10.29
CA LEU A 1219 -35.27 -1.95 10.70
C LEU A 1219 -34.99 -2.02 12.20
N HIS A 1220 -35.59 -3.01 12.87
CA HIS A 1220 -35.39 -3.21 14.30
C HIS A 1220 -34.22 -4.16 14.53
N THR A 1221 -34.14 -5.18 13.68
CA THR A 1221 -33.15 -6.23 13.74
C THR A 1221 -31.82 -5.83 13.11
N ARG A 1222 -30.90 -5.31 13.90
CA ARG A 1222 -29.63 -4.87 13.36
C ARG A 1222 -28.39 -5.49 13.98
N GLY A 1223 -28.53 -6.71 14.50
CA GLY A 1223 -27.39 -7.37 15.10
C GLY A 1223 -27.68 -8.83 15.38
N PRO A 1224 -26.65 -9.62 15.67
CA PRO A 1224 -26.85 -11.05 15.95
C PRO A 1224 -27.72 -11.27 17.19
N SER A 1225 -27.84 -10.25 18.04
CA SER A 1225 -28.65 -10.38 19.25
C SER A 1225 -30.13 -10.54 18.88
N THR A 1226 -30.52 -9.91 17.78
CA THR A 1226 -31.92 -9.96 17.35
C THR A 1226 -32.13 -10.71 16.04
N TYR A 1227 -31.08 -10.82 15.25
CA TYR A 1227 -31.16 -11.53 13.97
C TYR A 1227 -30.44 -12.84 14.23
N LYS A 1228 -31.20 -13.92 14.30
CA LYS A 1228 -30.63 -15.22 14.62
C LYS A 1228 -30.33 -16.14 13.47
N ILE A 1229 -29.07 -16.22 13.07
CA ILE A 1229 -28.69 -17.14 12.00
C ILE A 1229 -28.44 -18.48 12.66
N PRO A 1230 -28.31 -19.55 11.86
CA PRO A 1230 -28.07 -20.86 12.45
C PRO A 1230 -26.84 -20.87 13.35
N ALA A 1231 -26.95 -21.52 14.49
CA ALA A 1231 -25.84 -21.63 15.44
C ALA A 1231 -25.31 -23.06 15.37
N PHE A 1232 -24.18 -23.31 16.03
CA PHE A 1232 -23.63 -24.67 16.06
C PHE A 1232 -24.72 -25.66 16.40
N GLY A 1233 -25.51 -25.33 17.43
CA GLY A 1233 -26.58 -26.22 17.86
C GLY A 1233 -27.81 -26.27 16.98
N SER A 1234 -27.86 -25.46 15.91
CA SER A 1234 -29.01 -25.44 15.03
C SER A 1234 -29.00 -26.49 13.93
N ILE A 1235 -27.83 -27.05 13.63
CA ILE A 1235 -27.73 -28.03 12.55
C ILE A 1235 -28.34 -29.40 12.87
N PRO A 1236 -28.69 -30.17 11.82
CA PRO A 1236 -29.27 -31.50 12.04
C PRO A 1236 -28.29 -32.33 12.86
N THR A 1237 -28.80 -32.98 13.90
CA THR A 1237 -27.97 -33.80 14.76
C THR A 1237 -27.31 -34.90 13.94
N GLU A 1238 -28.10 -35.54 13.09
CA GLU A 1238 -27.57 -36.56 12.20
C GLU A 1238 -27.56 -35.82 10.86
N PHE A 1239 -26.36 -35.56 10.36
CA PHE A 1239 -26.20 -34.80 9.13
C PHE A 1239 -25.42 -35.63 8.11
N ARG A 1240 -26.13 -36.13 7.10
CA ARG A 1240 -25.49 -36.95 6.07
C ARG A 1240 -25.54 -36.28 4.70
N VAL A 1241 -24.40 -36.23 4.03
CA VAL A 1241 -24.31 -35.64 2.71
C VAL A 1241 -23.59 -36.61 1.77
N SER A 1242 -24.20 -36.84 0.61
CA SER A 1242 -23.63 -37.74 -0.38
C SER A 1242 -23.59 -37.02 -1.72
N LEU A 1243 -22.46 -37.13 -2.42
CA LEU A 1243 -22.33 -36.54 -3.73
C LEU A 1243 -22.65 -37.68 -4.70
N LEU A 1244 -23.58 -37.43 -5.61
CA LEU A 1244 -23.97 -38.46 -6.57
C LEU A 1244 -22.76 -39.04 -7.28
N ARG A 1245 -22.73 -40.37 -7.37
CA ARG A 1245 -21.62 -41.07 -8.02
C ARG A 1245 -21.88 -41.26 -9.51
N ASP A 1246 -20.79 -41.36 -10.27
CA ASP A 1246 -20.84 -41.59 -11.71
C ASP A 1246 -21.88 -40.74 -12.44
N CYS A 1247 -21.64 -39.43 -12.46
CA CYS A 1247 -22.54 -38.51 -13.13
C CYS A 1247 -21.75 -37.36 -13.72
N PRO A 1248 -20.74 -37.66 -14.54
CA PRO A 1248 -19.94 -36.59 -15.14
C PRO A 1248 -20.79 -35.61 -15.93
N ASN A 1249 -20.45 -34.33 -15.83
CA ASN A 1249 -21.16 -33.28 -16.54
C ASN A 1249 -20.27 -32.76 -17.67
N LYS A 1250 -20.53 -33.21 -18.88
CA LYS A 1250 -19.73 -32.79 -20.03
C LYS A 1250 -19.85 -31.30 -20.35
N LYS A 1251 -20.77 -30.62 -19.67
CA LYS A 1251 -20.98 -29.19 -19.90
C LYS A 1251 -20.02 -28.28 -19.14
N ALA A 1252 -19.22 -28.83 -18.23
CA ALA A 1252 -18.32 -27.98 -17.46
C ALA A 1252 -16.93 -28.55 -17.23
N ILE A 1253 -16.03 -27.67 -16.81
CA ILE A 1253 -14.63 -28.00 -16.56
C ILE A 1253 -14.45 -29.32 -15.80
N TYR A 1254 -13.71 -30.23 -16.41
CA TYR A 1254 -13.42 -31.54 -15.85
C TYR A 1254 -14.65 -32.30 -15.34
N ALA A 1255 -15.76 -32.15 -16.06
CA ALA A 1255 -17.01 -32.82 -15.75
C ALA A 1255 -17.67 -32.44 -14.43
N SER A 1256 -17.29 -31.31 -13.86
CA SER A 1256 -17.86 -30.85 -12.59
C SER A 1256 -19.17 -30.09 -12.80
N LYS A 1257 -19.78 -29.69 -11.69
CA LYS A 1257 -21.01 -28.90 -11.71
C LYS A 1257 -20.95 -27.80 -10.66
N ALA A 1258 -21.60 -26.68 -10.95
CA ALA A 1258 -21.67 -25.55 -10.03
C ALA A 1258 -22.37 -26.05 -8.77
N VAL A 1259 -21.90 -25.59 -7.61
CA VAL A 1259 -22.46 -26.03 -6.34
C VAL A 1259 -22.79 -24.89 -5.37
N GLY A 1260 -22.31 -23.70 -5.66
CA GLY A 1260 -22.54 -22.56 -4.79
C GLY A 1260 -23.94 -22.36 -4.23
N GLU A 1261 -24.88 -22.08 -5.13
CA GLU A 1261 -26.27 -21.82 -4.75
C GLU A 1261 -27.27 -22.97 -4.74
N PRO A 1262 -27.18 -23.90 -5.70
CA PRO A 1262 -28.10 -25.04 -5.77
C PRO A 1262 -28.58 -25.70 -4.48
N PRO A 1263 -27.67 -26.00 -3.55
CA PRO A 1263 -28.10 -26.66 -2.31
C PRO A 1263 -28.92 -25.83 -1.31
N LEU A 1264 -28.85 -24.51 -1.39
CA LEU A 1264 -29.55 -23.69 -0.41
C LEU A 1264 -31.02 -24.03 -0.24
N PHE A 1265 -31.77 -24.16 -1.33
CA PHE A 1265 -33.18 -24.46 -1.20
C PHE A 1265 -33.49 -25.75 -0.45
N LEU A 1266 -32.57 -26.70 -0.47
CA LEU A 1266 -32.81 -27.96 0.22
C LEU A 1266 -33.05 -27.75 1.71
N GLY A 1267 -32.69 -26.56 2.20
CA GLY A 1267 -32.93 -26.25 3.59
C GLY A 1267 -34.42 -26.23 3.84
N ALA A 1268 -35.19 -26.04 2.78
CA ALA A 1268 -36.65 -26.01 2.89
C ALA A 1268 -37.20 -27.36 3.34
N SER A 1269 -36.38 -28.40 3.21
CA SER A 1269 -36.82 -29.72 3.64
C SER A 1269 -37.14 -29.65 5.11
N VAL A 1270 -36.42 -28.79 5.84
CA VAL A 1270 -36.66 -28.62 7.26
C VAL A 1270 -37.97 -27.89 7.47
N PHE A 1271 -38.22 -26.88 6.64
CA PHE A 1271 -39.45 -26.11 6.75
C PHE A 1271 -40.66 -27.01 6.58
N PHE A 1272 -40.63 -27.86 5.57
CA PHE A 1272 -41.79 -28.71 5.34
C PHE A 1272 -41.90 -29.88 6.30
N ALA A 1273 -40.80 -30.24 6.95
CA ALA A 1273 -40.85 -31.30 7.95
C ALA A 1273 -41.57 -30.64 9.12
N ILE A 1274 -41.24 -29.38 9.37
CA ILE A 1274 -41.88 -28.63 10.45
C ILE A 1274 -43.37 -28.50 10.14
N LYS A 1275 -43.70 -28.21 8.89
CA LYS A 1275 -45.10 -28.07 8.50
C LYS A 1275 -45.83 -29.38 8.75
N ASP A 1276 -45.16 -30.48 8.43
CA ASP A 1276 -45.72 -31.81 8.62
C ASP A 1276 -45.99 -32.02 10.12
N ALA A 1277 -45.01 -31.63 10.94
CA ALA A 1277 -45.14 -31.77 12.39
C ALA A 1277 -46.30 -30.95 12.92
N ILE A 1278 -46.46 -29.74 12.39
CA ILE A 1278 -47.54 -28.86 12.81
C ILE A 1278 -48.90 -29.48 12.45
N ARG A 1279 -48.98 -30.14 11.30
CA ARG A 1279 -50.24 -30.77 10.91
C ARG A 1279 -50.60 -31.81 11.96
N ALA A 1280 -49.61 -32.54 12.44
CA ALA A 1280 -49.83 -33.57 13.45
C ALA A 1280 -50.33 -32.92 14.75
N ALA A 1281 -49.74 -31.78 15.09
CA ALA A 1281 -50.12 -31.08 16.31
C ALA A 1281 -51.55 -30.55 16.20
N ARG A 1282 -51.90 -30.02 15.03
CA ARG A 1282 -53.25 -29.50 14.81
C ARG A 1282 -54.26 -30.65 14.79
N ALA A 1283 -53.87 -31.79 14.26
CA ALA A 1283 -54.75 -32.95 14.22
C ALA A 1283 -54.99 -33.39 15.66
N GLN A 1284 -54.00 -33.17 16.51
CA GLN A 1284 -54.05 -33.55 17.92
C GLN A 1284 -54.94 -32.66 18.77
N HIS A 1285 -54.77 -31.34 18.66
CA HIS A 1285 -55.54 -30.40 19.48
C HIS A 1285 -56.40 -29.37 18.75
N THR A 1286 -56.19 -29.18 17.45
CA THR A 1286 -56.96 -28.20 16.71
C THR A 1286 -58.30 -28.72 16.22
N ASN A 1287 -58.29 -29.47 15.12
CA ASN A 1287 -59.52 -30.03 14.56
C ASN A 1287 -59.29 -31.42 13.98
N ASN A 1288 -60.32 -31.98 13.34
CA ASN A 1288 -60.23 -33.31 12.76
C ASN A 1288 -60.16 -33.31 11.24
N ASN A 1289 -60.15 -32.13 10.64
CA ASN A 1289 -60.09 -32.04 9.19
C ASN A 1289 -58.70 -32.41 8.68
N THR A 1290 -58.54 -33.66 8.28
CA THR A 1290 -57.26 -34.16 7.80
C THR A 1290 -56.83 -33.55 6.47
N LYS A 1291 -57.69 -32.74 5.87
CA LYS A 1291 -57.38 -32.10 4.60
C LYS A 1291 -57.32 -30.59 4.72
N GLU A 1292 -57.27 -30.10 5.95
CA GLU A 1292 -57.19 -28.66 6.19
C GLU A 1292 -55.89 -28.13 5.61
N LEU A 1293 -55.95 -26.93 5.04
CA LEU A 1293 -54.76 -26.32 4.46
C LEU A 1293 -54.45 -25.03 5.21
N PHE A 1294 -53.71 -25.13 6.30
CA PHE A 1294 -53.36 -23.95 7.07
C PHE A 1294 -52.13 -23.31 6.47
N ARG A 1295 -52.13 -21.98 6.42
CA ARG A 1295 -51.02 -21.25 5.85
C ARG A 1295 -49.85 -21.12 6.82
N LEU A 1296 -48.65 -21.33 6.30
CA LEU A 1296 -47.44 -21.21 7.10
C LEU A 1296 -46.43 -20.48 6.24
N ASP A 1297 -46.22 -19.20 6.54
CA ASP A 1297 -45.26 -18.42 5.78
C ASP A 1297 -43.86 -18.69 6.31
N SER A 1298 -42.86 -18.28 5.52
CA SER A 1298 -41.47 -18.44 5.90
C SER A 1298 -41.01 -17.07 6.40
N PRO A 1299 -40.15 -17.05 7.43
CA PRO A 1299 -39.59 -18.21 8.12
C PRO A 1299 -40.53 -18.83 9.15
N ALA A 1300 -40.45 -20.15 9.28
CA ALA A 1300 -41.25 -20.88 10.25
C ALA A 1300 -40.51 -20.80 11.58
N THR A 1301 -40.63 -19.64 12.21
CA THR A 1301 -40.00 -19.33 13.49
C THR A 1301 -40.78 -19.95 14.65
N PRO A 1302 -40.25 -19.84 15.88
CA PRO A 1302 -40.96 -20.40 17.03
C PRO A 1302 -42.34 -19.75 17.13
N GLU A 1303 -42.43 -18.47 16.81
CA GLU A 1303 -43.71 -17.76 16.86
C GLU A 1303 -44.73 -18.40 15.91
N LYS A 1304 -44.34 -18.58 14.65
CA LYS A 1304 -45.25 -19.17 13.68
C LYS A 1304 -45.58 -20.62 14.00
N ILE A 1305 -44.59 -21.36 14.47
CA ILE A 1305 -44.82 -22.76 14.81
C ILE A 1305 -45.78 -22.85 16.00
N ARG A 1306 -45.48 -22.12 17.07
CA ARG A 1306 -46.34 -22.15 18.25
C ARG A 1306 -47.75 -21.69 17.96
N ASN A 1307 -47.89 -20.56 17.27
CA ASN A 1307 -49.20 -20.03 16.93
C ASN A 1307 -49.98 -21.02 16.07
N ALA A 1308 -49.27 -21.80 15.27
CA ALA A 1308 -49.92 -22.76 14.38
C ALA A 1308 -50.43 -23.96 15.16
N CYS A 1309 -49.82 -24.23 16.31
CA CYS A 1309 -50.24 -25.36 17.13
C CYS A 1309 -51.40 -24.91 18.01
N VAL A 1310 -52.52 -24.63 17.36
CA VAL A 1310 -53.72 -24.18 18.04
C VAL A 1310 -54.16 -25.20 19.06
N ASP A 1311 -54.42 -24.73 20.28
CA ASP A 1311 -54.85 -25.61 21.36
C ASP A 1311 -55.67 -24.79 22.35
N LYS A 1312 -55.91 -25.37 23.52
CA LYS A 1312 -56.70 -24.67 24.53
C LYS A 1312 -55.98 -23.43 25.06
N PHE A 1313 -54.66 -23.36 24.89
CA PHE A 1313 -53.91 -22.22 25.38
C PHE A 1313 -53.93 -21.06 24.39
N THR A 1314 -53.67 -21.34 23.12
CA THR A 1314 -53.68 -20.29 22.11
C THR A 1314 -55.08 -19.68 22.06
N THR A 1315 -56.09 -20.52 22.26
CA THR A 1315 -57.47 -20.06 22.24
C THR A 1315 -57.78 -19.07 23.36
N LEU A 1316 -57.25 -19.32 24.55
CA LEU A 1316 -57.48 -18.42 25.68
C LEU A 1316 -56.80 -17.07 25.47
N CYS A 1317 -55.64 -17.09 24.82
CA CYS A 1317 -54.89 -15.87 24.56
C CYS A 1317 -55.42 -15.06 23.37
N LYS A 1326 -67.39 -11.63 19.93
CA LYS A 1326 -68.59 -11.36 20.77
C LYS A 1326 -69.44 -10.21 20.24
N PRO A 1327 -69.73 -10.21 18.93
CA PRO A 1327 -70.54 -9.13 18.36
C PRO A 1327 -71.99 -9.20 18.85
N TRP A 1328 -72.63 -8.03 18.92
CA TRP A 1328 -74.01 -7.95 19.38
C TRP A 1328 -74.89 -8.90 18.58
N SER A 1329 -74.72 -8.92 17.27
CA SER A 1329 -75.52 -9.80 16.42
C SER A 1329 -74.67 -10.46 15.35
N LEU A 1330 -75.20 -11.55 14.77
CA LEU A 1330 -74.52 -12.30 13.73
C LEU A 1330 -75.58 -12.87 12.80
N ARG A 1331 -75.47 -12.60 11.51
CA ARG A 1331 -76.45 -13.10 10.56
C ARG A 1331 -76.51 -14.63 10.61
N VAL A 1332 -77.70 -15.19 10.46
CA VAL A 1332 -77.87 -16.63 10.51
C VAL A 1332 -77.85 -17.26 9.11
N ALA B 3 9.98 24.05 24.59
CA ALA B 3 9.00 24.71 25.49
C ALA B 3 8.11 25.66 24.71
N ASP B 4 8.72 26.62 24.03
CA ASP B 4 7.97 27.58 23.24
C ASP B 4 7.43 26.94 21.97
N GLU B 5 6.32 27.46 21.46
CA GLU B 5 5.74 26.93 20.25
C GLU B 5 6.49 27.52 19.06
N LEU B 6 6.68 26.71 18.02
CA LEU B 6 7.34 27.17 16.80
C LEU B 6 6.19 27.48 15.85
N VAL B 7 6.10 28.73 15.43
CA VAL B 7 5.02 29.12 14.54
C VAL B 7 5.51 29.68 13.23
N PHE B 8 5.17 28.99 12.15
CA PHE B 8 5.55 29.44 10.81
C PHE B 8 4.46 29.04 9.85
N PHE B 9 4.59 29.46 8.59
CA PHE B 9 3.57 29.14 7.60
C PHE B 9 4.16 28.34 6.44
N VAL B 10 3.32 27.49 5.86
CA VAL B 10 3.72 26.67 4.72
C VAL B 10 2.60 26.77 3.70
N ASN B 11 2.92 27.37 2.56
CA ASN B 11 1.95 27.57 1.50
C ASN B 11 0.70 28.28 2.00
N GLY B 12 0.91 29.28 2.85
CA GLY B 12 -0.20 30.05 3.37
C GLY B 12 -0.91 29.46 4.58
N LYS B 13 -0.61 28.21 4.92
CA LYS B 13 -1.26 27.59 6.06
C LYS B 13 -0.39 27.71 7.31
N LYS B 14 -1.01 28.12 8.40
CA LYS B 14 -0.29 28.30 9.66
C LYS B 14 0.14 26.96 10.23
N VAL B 15 1.37 26.87 10.68
CA VAL B 15 1.88 25.65 11.28
C VAL B 15 2.27 25.97 12.72
N VAL B 16 1.71 25.24 13.66
CA VAL B 16 2.04 25.44 15.06
C VAL B 16 2.68 24.16 15.58
N GLU B 17 4.00 24.18 15.73
CA GLU B 17 4.73 23.02 16.22
C GLU B 17 5.03 23.24 17.69
N LYS B 18 4.31 22.52 18.54
CA LYS B 18 4.45 22.65 19.99
C LYS B 18 5.70 22.03 20.57
N ASN B 19 6.30 21.10 19.84
CA ASN B 19 7.51 20.44 20.33
C ASN B 19 8.55 20.31 19.23
N ALA B 20 8.95 21.45 18.68
CA ALA B 20 9.94 21.48 17.63
C ALA B 20 11.26 20.94 18.13
N ASP B 21 11.85 20.02 17.37
CA ASP B 21 13.13 19.44 17.74
C ASP B 21 14.18 20.20 16.92
N PRO B 22 15.13 20.84 17.60
CA PRO B 22 16.19 21.60 16.93
C PRO B 22 16.88 20.88 15.77
N GLU B 23 16.88 19.54 15.81
CA GLU B 23 17.55 18.79 14.76
C GLU B 23 16.67 18.55 13.54
N THR B 24 15.40 18.92 13.62
CA THR B 24 14.50 18.71 12.50
C THR B 24 14.70 19.72 11.38
N THR B 25 14.98 19.23 10.17
CA THR B 25 15.18 20.11 9.04
C THR B 25 13.82 20.38 8.41
N LEU B 26 13.73 21.45 7.62
CA LEU B 26 12.48 21.78 6.97
C LEU B 26 12.09 20.66 6.02
N LEU B 27 13.07 20.08 5.34
CA LEU B 27 12.80 19.01 4.39
C LEU B 27 12.10 17.84 5.08
N ALA B 28 12.67 17.39 6.20
CA ALA B 28 12.08 16.29 6.95
C ALA B 28 10.67 16.64 7.41
N TYR B 29 10.50 17.86 7.89
CA TYR B 29 9.21 18.31 8.38
C TYR B 29 8.15 18.30 7.27
N LEU B 30 8.49 18.90 6.14
CA LEU B 30 7.58 18.96 5.01
C LEU B 30 7.16 17.56 4.57
N ARG B 31 8.14 16.69 4.41
CA ARG B 31 7.91 15.33 3.94
C ARG B 31 7.30 14.35 4.94
N ARG B 32 7.75 14.39 6.18
CA ARG B 32 7.25 13.46 7.19
C ARG B 32 6.12 13.93 8.07
N LYS B 33 6.05 15.24 8.32
CA LYS B 33 5.00 15.77 9.18
C LYS B 33 3.86 16.42 8.40
N LEU B 34 4.20 17.22 7.40
CA LEU B 34 3.18 17.91 6.63
C LEU B 34 2.66 17.15 5.40
N GLY B 35 3.28 16.04 5.06
CA GLY B 35 2.84 15.27 3.90
C GLY B 35 2.99 15.96 2.56
N LEU B 36 3.96 16.85 2.45
CA LEU B 36 4.21 17.57 1.20
C LEU B 36 5.49 17.00 0.62
N ARG B 37 5.36 15.97 -0.20
CA ARG B 37 6.52 15.31 -0.79
C ARG B 37 7.05 15.87 -2.09
N GLY B 38 6.59 17.05 -2.48
CA GLY B 38 7.07 17.66 -3.71
C GLY B 38 8.54 18.02 -3.59
N THR B 39 8.92 18.45 -2.38
CA THR B 39 10.29 18.83 -2.11
C THR B 39 11.07 17.52 -1.89
N LYS B 40 12.20 17.40 -2.57
CA LYS B 40 12.99 16.17 -2.53
C LYS B 40 14.33 16.23 -1.83
N LEU B 41 14.83 15.04 -1.50
CA LEU B 41 16.14 14.87 -0.90
C LEU B 41 17.00 14.34 -2.04
N GLY B 42 18.04 15.09 -2.40
CA GLY B 42 18.91 14.65 -3.47
C GLY B 42 20.34 14.47 -3.00
N CYS B 43 20.71 15.09 -1.87
CA CYS B 43 22.07 14.98 -1.38
C CYS B 43 22.22 15.29 0.11
N GLY B 44 21.36 16.17 0.62
CA GLY B 44 21.42 16.52 2.02
C GLY B 44 22.61 17.41 2.38
N GLU B 45 23.33 17.90 1.38
CA GLU B 45 24.47 18.76 1.65
C GLU B 45 24.46 20.09 0.94
N GLY B 46 23.26 20.51 0.48
CA GLY B 46 23.10 21.79 -0.18
C GLY B 46 23.61 21.96 -1.60
N GLY B 47 24.06 20.88 -2.23
CA GLY B 47 24.58 21.02 -3.57
C GLY B 47 23.71 20.68 -4.77
N CYS B 48 22.59 19.98 -4.58
CA CYS B 48 21.76 19.62 -5.73
C CYS B 48 20.54 20.51 -5.94
N GLY B 49 20.08 21.15 -4.87
CA GLY B 49 18.93 22.04 -4.97
C GLY B 49 17.57 21.36 -5.13
N ALA B 50 17.54 20.03 -5.09
CA ALA B 50 16.28 19.31 -5.24
C ALA B 50 15.32 19.62 -4.08
N CYS B 51 15.86 20.13 -2.99
CA CYS B 51 15.07 20.46 -1.81
C CYS B 51 14.76 21.95 -1.73
N THR B 52 14.97 22.67 -2.83
CA THR B 52 14.74 24.11 -2.82
C THR B 52 13.31 24.54 -2.54
N VAL B 53 13.18 25.51 -1.64
CA VAL B 53 11.89 26.06 -1.30
C VAL B 53 12.07 27.56 -1.25
N MET B 54 10.98 28.30 -1.19
CA MET B 54 11.09 29.73 -1.08
C MET B 54 10.66 30.09 0.33
N LEU B 55 11.36 31.05 0.91
CA LEU B 55 11.04 31.52 2.25
C LEU B 55 10.68 33.00 2.10
N SER B 56 9.68 33.44 2.85
CA SER B 56 9.24 34.83 2.82
C SER B 56 9.11 35.32 4.24
N LYS B 57 9.52 36.56 4.48
CA LYS B 57 9.42 37.15 5.80
C LYS B 57 9.42 38.65 5.72
N TYR B 58 8.86 39.27 6.75
CA TYR B 58 8.83 40.73 6.81
C TYR B 58 10.16 41.14 7.42
N ASP B 59 10.97 41.88 6.67
CA ASP B 59 12.25 42.32 7.20
C ASP B 59 12.02 43.63 7.95
N ARG B 60 12.19 43.57 9.27
CA ARG B 60 11.99 44.75 10.12
C ARG B 60 12.87 45.91 9.67
N LEU B 61 14.17 45.66 9.60
CA LEU B 61 15.14 46.69 9.20
C LEU B 61 14.89 47.27 7.81
N GLN B 62 14.18 46.53 6.94
CA GLN B 62 13.90 47.00 5.60
C GLN B 62 12.46 47.48 5.43
N ASP B 63 11.60 47.06 6.35
CA ASP B 63 10.19 47.43 6.32
C ASP B 63 9.50 46.95 5.06
N LYS B 64 9.68 45.67 4.73
CA LYS B 64 9.05 45.08 3.56
C LYS B 64 9.20 43.57 3.55
N ILE B 65 8.35 42.91 2.78
CA ILE B 65 8.38 41.46 2.66
C ILE B 65 9.46 41.06 1.67
N ILE B 66 10.38 40.21 2.10
CA ILE B 66 11.44 39.74 1.22
C ILE B 66 11.23 38.27 0.93
N HIS B 67 11.69 37.84 -0.25
CA HIS B 67 11.55 36.46 -0.67
C HIS B 67 12.92 35.95 -1.07
N PHE B 68 13.26 34.75 -0.62
CA PHE B 68 14.54 34.16 -0.97
C PHE B 68 14.43 32.64 -0.96
N SER B 69 15.31 31.98 -1.70
CA SER B 69 15.27 30.53 -1.76
C SER B 69 16.20 29.95 -0.69
N ALA B 70 15.99 28.68 -0.36
CA ALA B 70 16.81 28.02 0.63
C ALA B 70 16.72 26.51 0.45
N ASN B 71 17.74 25.81 0.91
CA ASN B 71 17.76 24.35 0.83
C ASN B 71 17.02 23.83 2.04
N ALA B 72 15.88 23.18 1.81
CA ALA B 72 15.12 22.64 2.93
C ALA B 72 15.92 21.59 3.70
N CYS B 73 16.87 20.94 3.03
CA CYS B 73 17.68 19.90 3.68
C CYS B 73 18.64 20.45 4.73
N LEU B 74 18.93 21.75 4.67
CA LEU B 74 19.84 22.36 5.63
C LEU B 74 19.17 23.40 6.52
N ALA B 75 17.93 23.73 6.20
CA ALA B 75 17.20 24.73 6.99
C ALA B 75 16.56 24.13 8.24
N PRO B 76 17.06 24.51 9.43
CA PRO B 76 16.44 23.96 10.64
C PRO B 76 15.08 24.60 10.77
N ILE B 77 14.05 23.84 11.13
CA ILE B 77 12.74 24.46 11.26
C ILE B 77 12.78 25.50 12.38
N CYS B 78 13.68 25.31 13.35
CA CYS B 78 13.78 26.24 14.45
C CYS B 78 14.29 27.64 14.06
N THR B 79 14.66 27.82 12.80
CA THR B 79 15.12 29.13 12.33
C THR B 79 13.96 29.79 11.59
N LEU B 80 12.87 29.05 11.42
CA LEU B 80 11.73 29.55 10.66
C LEU B 80 10.55 30.16 11.40
N HIS B 81 10.73 30.50 12.68
CA HIS B 81 9.62 31.10 13.43
C HIS B 81 9.19 32.38 12.71
N HIS B 82 7.90 32.48 12.41
CA HIS B 82 7.33 33.63 11.72
C HIS B 82 7.87 33.85 10.31
N VAL B 83 8.19 32.75 9.64
CA VAL B 83 8.65 32.80 8.27
C VAL B 83 7.59 32.06 7.46
N ALA B 84 7.39 32.47 6.22
CA ALA B 84 6.41 31.82 5.38
C ALA B 84 7.15 30.98 4.35
N VAL B 85 6.84 29.69 4.33
CA VAL B 85 7.48 28.78 3.39
C VAL B 85 6.56 28.52 2.19
N THR B 86 7.17 28.45 1.00
CA THR B 86 6.42 28.14 -0.21
C THR B 86 7.15 27.00 -0.88
N THR B 87 6.44 25.89 -1.06
CA THR B 87 7.01 24.72 -1.70
C THR B 87 6.42 24.64 -3.10
N VAL B 88 6.83 23.64 -3.88
CA VAL B 88 6.32 23.50 -5.22
C VAL B 88 4.79 23.38 -5.22
N GLU B 89 4.24 22.73 -4.21
CA GLU B 89 2.79 22.55 -4.11
C GLU B 89 2.05 23.85 -3.84
N GLY B 90 2.78 24.85 -3.35
CA GLY B 90 2.15 26.12 -3.03
C GLY B 90 1.98 27.10 -4.18
N ILE B 91 2.56 26.80 -5.34
CA ILE B 91 2.43 27.74 -6.46
C ILE B 91 1.54 27.23 -7.58
N GLY B 92 1.13 25.98 -7.51
CA GLY B 92 0.28 25.43 -8.55
C GLY B 92 0.27 23.91 -8.57
N SER B 93 -0.61 23.33 -9.36
CA SER B 93 -0.71 21.88 -9.47
C SER B 93 -1.60 21.52 -10.65
N THR B 94 -1.49 20.28 -11.11
CA THR B 94 -2.31 19.84 -12.23
C THR B 94 -3.76 19.68 -11.82
N LYS B 95 -4.01 19.66 -10.51
CA LYS B 95 -5.37 19.53 -10.00
C LYS B 95 -6.07 20.89 -10.02
N THR B 96 -5.28 21.95 -9.99
CA THR B 96 -5.83 23.30 -10.03
C THR B 96 -5.35 23.90 -11.34
N ARG B 97 -4.22 24.57 -11.31
CA ARG B 97 -3.64 25.17 -12.50
C ARG B 97 -2.15 25.29 -12.23
N LEU B 98 -1.33 25.01 -13.23
CA LEU B 98 0.10 25.12 -13.07
C LEU B 98 0.51 26.58 -13.08
N HIS B 99 1.51 26.91 -12.27
CA HIS B 99 2.02 28.26 -12.25
C HIS B 99 2.83 28.37 -13.55
N PRO B 100 2.99 29.59 -14.09
CA PRO B 100 3.77 29.74 -15.32
C PRO B 100 5.12 29.00 -15.30
N VAL B 101 5.83 29.07 -14.18
CA VAL B 101 7.12 28.40 -14.07
C VAL B 101 6.98 26.89 -14.31
N GLN B 102 5.94 26.29 -13.73
CA GLN B 102 5.72 24.85 -13.87
C GLN B 102 5.27 24.52 -15.29
N GLU B 103 4.37 25.31 -15.83
CA GLU B 103 3.87 25.09 -17.18
C GLU B 103 5.00 25.16 -18.20
N ARG B 104 5.88 26.16 -18.08
CA ARG B 104 6.95 26.29 -19.05
C ARG B 104 8.03 25.22 -18.96
N ILE B 105 8.44 24.83 -17.76
CA ILE B 105 9.48 23.82 -17.69
C ILE B 105 8.94 22.49 -18.23
N ALA B 106 7.65 22.24 -18.02
CA ALA B 106 7.02 21.02 -18.52
C ALA B 106 6.87 21.06 -20.04
N LYS B 107 6.26 22.12 -20.55
CA LYS B 107 6.03 22.25 -21.98
C LYS B 107 7.31 22.37 -22.82
N SER B 108 8.35 22.95 -22.23
N SER B 108 8.37 22.95 -22.19
CA SER B 108 9.61 23.13 -22.95
CA SER B 108 9.65 23.15 -22.86
C SER B 108 10.52 21.91 -22.88
C SER B 108 10.53 21.91 -22.83
N HIS B 109 9.99 20.82 -22.32
CA HIS B 109 10.73 19.57 -22.19
C HIS B 109 11.92 19.72 -21.23
N GLY B 110 11.72 20.53 -20.19
CA GLY B 110 12.76 20.76 -19.21
C GLY B 110 12.72 19.77 -18.06
N SER B 111 11.84 18.77 -18.16
CA SER B 111 11.73 17.77 -17.11
C SER B 111 11.75 16.38 -17.74
N GLN B 112 12.70 15.54 -17.30
CA GLN B 112 12.78 14.19 -17.80
C GLN B 112 12.40 13.23 -16.67
N CYS B 113 13.34 12.84 -15.82
CA CYS B 113 12.97 11.96 -14.72
C CYS B 113 12.11 12.78 -13.76
N GLY B 114 12.34 14.09 -13.75
CA GLY B 114 11.57 15.00 -12.92
C GLY B 114 11.94 15.18 -11.45
N PHE B 115 12.95 14.46 -10.96
CA PHE B 115 13.30 14.58 -9.55
C PHE B 115 13.86 15.95 -9.17
N CYS B 116 14.53 16.60 -10.11
CA CYS B 116 15.12 17.93 -9.87
C CYS B 116 14.13 19.05 -10.17
N THR B 117 13.06 18.71 -10.86
CA THR B 117 12.10 19.73 -11.28
C THR B 117 11.51 20.63 -10.20
N PRO B 118 10.97 20.06 -9.12
CA PRO B 118 10.42 20.96 -8.10
C PRO B 118 11.45 21.97 -7.62
N GLY B 119 12.67 21.51 -7.35
CA GLY B 119 13.72 22.40 -6.86
C GLY B 119 14.05 23.50 -7.85
N ILE B 120 14.13 23.15 -9.13
CA ILE B 120 14.44 24.12 -10.17
C ILE B 120 13.26 25.09 -10.32
N VAL B 121 12.05 24.55 -10.23
CA VAL B 121 10.84 25.36 -10.32
C VAL B 121 10.88 26.42 -9.20
N MET B 122 11.23 26.00 -7.99
CA MET B 122 11.27 26.93 -6.88
C MET B 122 12.38 27.97 -6.99
N SER B 123 13.50 27.58 -7.59
CA SER B 123 14.58 28.53 -7.79
C SER B 123 14.12 29.58 -8.80
N MET B 124 13.44 29.14 -9.84
CA MET B 124 12.93 30.07 -10.86
C MET B 124 11.81 30.93 -10.27
N TYR B 125 10.92 30.30 -9.50
CA TYR B 125 9.81 31.01 -8.89
C TYR B 125 10.33 32.13 -7.99
N THR B 126 11.34 31.81 -7.18
CA THR B 126 11.92 32.79 -6.28
C THR B 126 12.46 33.99 -7.05
N LEU B 127 13.16 33.72 -8.16
CA LEU B 127 13.72 34.79 -8.96
C LEU B 127 12.58 35.72 -9.39
N LEU B 128 11.54 35.13 -9.97
CA LEU B 128 10.40 35.90 -10.45
C LEU B 128 9.69 36.72 -9.38
N ARG B 129 9.64 36.18 -8.15
CA ARG B 129 9.00 36.91 -7.06
C ARG B 129 9.85 38.12 -6.67
N ASN B 130 11.13 38.09 -7.04
CA ASN B 130 12.04 39.19 -6.75
C ASN B 130 12.16 40.09 -7.97
N GLN B 131 12.10 39.47 -9.14
CA GLN B 131 12.21 40.19 -10.41
C GLN B 131 11.27 39.57 -11.44
N PRO B 132 10.08 40.17 -11.64
CA PRO B 132 9.04 39.75 -12.58
C PRO B 132 9.55 39.62 -14.02
N GLU B 133 10.49 40.49 -14.38
CA GLU B 133 11.07 40.47 -15.72
C GLU B 133 12.58 40.41 -15.59
N PRO B 134 13.12 39.22 -15.29
CA PRO B 134 14.56 39.05 -15.13
C PRO B 134 15.30 39.02 -16.47
N THR B 135 16.61 39.25 -16.39
CA THR B 135 17.46 39.21 -17.58
C THR B 135 17.90 37.76 -17.75
N VAL B 136 18.47 37.45 -18.91
CA VAL B 136 18.94 36.09 -19.19
C VAL B 136 20.01 35.69 -18.17
N GLU B 137 20.87 36.64 -17.82
CA GLU B 137 21.92 36.36 -16.86
C GLU B 137 21.35 36.01 -15.49
N GLU B 138 20.32 36.74 -15.07
CA GLU B 138 19.71 36.47 -13.77
C GLU B 138 19.06 35.09 -13.78
N ILE B 139 18.46 34.74 -14.91
CA ILE B 139 17.82 33.44 -15.02
C ILE B 139 18.86 32.34 -14.85
N GLU B 140 19.99 32.45 -15.54
CA GLU B 140 21.03 31.43 -15.42
C GLU B 140 21.55 31.36 -13.99
N ASP B 141 21.78 32.53 -13.39
CA ASP B 141 22.32 32.59 -12.02
C ASP B 141 21.37 32.06 -10.97
N ALA B 142 20.08 31.98 -11.30
CA ALA B 142 19.11 31.49 -10.34
C ALA B 142 19.35 30.01 -10.03
N PHE B 143 20.10 29.33 -10.90
CA PHE B 143 20.34 27.89 -10.73
C PHE B 143 21.77 27.48 -10.41
N GLN B 144 22.57 28.37 -9.83
CA GLN B 144 23.94 28.03 -9.47
C GLN B 144 23.92 26.85 -8.50
N GLY B 145 22.81 26.71 -7.78
CA GLY B 145 22.68 25.65 -6.80
C GLY B 145 21.69 24.55 -7.14
N ASN B 146 21.38 24.37 -8.42
CA ASN B 146 20.46 23.31 -8.84
C ASN B 146 21.13 22.42 -9.86
N LEU B 147 20.99 21.11 -9.67
CA LEU B 147 21.58 20.13 -10.58
C LEU B 147 20.51 19.30 -11.27
N CYS B 148 20.78 18.96 -12.53
CA CYS B 148 19.89 18.11 -13.29
C CYS B 148 20.80 17.14 -14.02
N ARG B 149 20.50 15.85 -13.88
CA ARG B 149 21.31 14.80 -14.48
C ARG B 149 20.75 14.31 -15.81
N CYS B 150 19.49 14.65 -16.10
CA CYS B 150 18.84 14.16 -17.31
C CYS B 150 18.78 15.05 -18.56
N THR B 151 18.42 16.31 -18.37
CA THR B 151 18.20 17.24 -19.48
C THR B 151 19.33 17.89 -20.24
N GLY B 152 20.49 18.06 -19.62
CA GLY B 152 21.55 18.75 -20.33
C GLY B 152 21.28 20.23 -20.16
N TYR B 153 20.31 20.55 -19.31
CA TYR B 153 19.93 21.92 -18.96
C TYR B 153 19.36 22.85 -20.05
N ARG B 154 19.79 22.68 -21.29
CA ARG B 154 19.33 23.51 -22.39
C ARG B 154 17.84 23.85 -22.40
N PRO B 155 16.96 22.84 -22.39
CA PRO B 155 15.51 23.08 -22.41
C PRO B 155 15.00 23.90 -21.21
N ILE B 156 15.59 23.68 -20.05
CA ILE B 156 15.16 24.41 -18.87
C ILE B 156 15.45 25.90 -19.06
N LEU B 157 16.68 26.20 -19.43
CA LEU B 157 17.08 27.60 -19.65
C LEU B 157 16.32 28.24 -20.81
N GLN B 158 16.20 27.51 -21.92
CA GLN B 158 15.51 28.06 -23.08
C GLN B 158 14.03 28.29 -22.77
N GLY B 159 13.43 27.37 -22.02
CA GLY B 159 12.03 27.52 -21.66
C GLY B 159 11.82 28.71 -20.74
N PHE B 160 12.70 28.89 -19.77
CA PHE B 160 12.57 29.99 -18.83
C PHE B 160 13.00 31.32 -19.44
N ARG B 161 13.82 31.25 -20.48
CA ARG B 161 14.30 32.43 -21.16
C ARG B 161 13.10 33.27 -21.61
N THR B 162 11.97 32.61 -21.85
CA THR B 162 10.76 33.30 -22.28
C THR B 162 10.24 34.28 -21.22
N PHE B 163 10.75 34.17 -20.00
CA PHE B 163 10.32 35.08 -18.93
C PHE B 163 11.03 36.42 -19.03
N ALA B 164 12.13 36.45 -19.76
CA ALA B 164 12.89 37.69 -19.90
C ALA B 164 12.24 38.63 -20.92
N PRO B 193 10.12 23.13 -37.72
CA PRO B 193 9.18 22.92 -36.59
C PRO B 193 9.87 23.24 -35.27
N SER B 194 9.07 23.56 -34.25
CA SER B 194 9.62 23.90 -32.93
C SER B 194 9.24 22.86 -31.88
N LEU B 195 10.11 22.68 -30.90
CA LEU B 195 9.85 21.71 -29.83
C LEU B 195 8.73 22.19 -28.91
N PHE B 196 8.53 23.50 -28.84
CA PHE B 196 7.45 24.05 -28.02
C PHE B 196 7.05 25.44 -28.51
N ASN B 197 5.86 25.89 -28.12
CA ASN B 197 5.37 27.18 -28.57
C ASN B 197 5.16 28.19 -27.44
N PRO B 198 6.09 29.14 -27.29
CA PRO B 198 6.04 30.17 -26.26
C PRO B 198 4.74 30.97 -26.27
N GLU B 199 4.09 31.02 -27.43
CA GLU B 199 2.83 31.77 -27.56
C GLU B 199 1.73 31.17 -26.71
N GLU B 200 1.87 29.90 -26.36
CA GLU B 200 0.88 29.21 -25.53
C GLU B 200 1.11 29.46 -24.06
N PHE B 201 2.27 30.01 -23.72
CA PHE B 201 2.62 30.28 -22.32
C PHE B 201 1.84 31.40 -21.67
N MET B 202 1.26 31.09 -20.52
CA MET B 202 0.50 32.08 -19.77
C MET B 202 1.48 33.08 -19.16
N PRO B 203 1.24 34.38 -19.37
CA PRO B 203 2.13 35.40 -18.82
C PRO B 203 2.09 35.38 -17.30
N LEU B 204 3.18 35.84 -16.68
CA LEU B 204 3.23 35.90 -15.23
C LEU B 204 2.36 37.08 -14.83
N ASP B 205 1.59 36.92 -13.76
CA ASP B 205 0.72 37.99 -13.27
C ASP B 205 0.86 38.10 -11.75
N PRO B 206 1.79 38.94 -11.28
CA PRO B 206 2.06 39.15 -9.85
C PRO B 206 0.81 39.34 -9.00
N THR B 207 -0.22 39.95 -9.56
CA THR B 207 -1.45 40.19 -8.81
C THR B 207 -2.16 38.89 -8.44
N GLN B 208 -1.79 37.79 -9.08
CA GLN B 208 -2.42 36.51 -8.81
C GLN B 208 -1.58 35.58 -7.93
N GLU B 209 -0.44 36.08 -7.45
CA GLU B 209 0.45 35.30 -6.60
C GLU B 209 -0.08 35.23 -5.17
N PRO B 210 0.25 34.15 -4.44
CA PRO B 210 -0.22 34.02 -3.05
C PRO B 210 0.21 35.22 -2.22
N ILE B 211 -0.73 35.79 -1.47
CA ILE B 211 -0.43 36.94 -0.63
C ILE B 211 0.31 36.49 0.62
N PHE B 212 1.21 37.34 1.11
CA PHE B 212 1.96 37.04 2.32
C PHE B 212 0.94 36.83 3.44
N PRO B 213 1.08 35.75 4.21
CA PRO B 213 0.15 35.46 5.32
C PRO B 213 -0.19 36.70 6.15
N PRO B 214 -1.45 37.13 6.10
CA PRO B 214 -1.92 38.30 6.85
C PRO B 214 -1.56 38.23 8.35
N GLU B 215 -1.71 37.05 8.93
CA GLU B 215 -1.42 36.87 10.35
C GLU B 215 0.04 37.19 10.67
N LEU B 216 0.94 36.82 9.76
CA LEU B 216 2.35 37.09 9.97
C LEU B 216 2.63 38.58 9.93
N LEU B 217 1.96 39.26 9.00
CA LEU B 217 2.13 40.69 8.85
C LEU B 217 1.71 41.41 10.13
N ARG B 218 0.79 40.81 10.87
CA ARG B 218 0.32 41.40 12.13
C ARG B 218 1.38 41.18 13.21
N LEU B 219 1.95 39.98 13.21
CA LEU B 219 2.96 39.61 14.19
C LEU B 219 4.21 40.49 14.11
N LYS B 220 4.46 41.06 12.93
CA LYS B 220 5.62 41.91 12.74
C LYS B 220 5.62 43.05 13.75
N ASP B 221 4.44 43.43 14.20
CA ASP B 221 4.29 44.50 15.17
C ASP B 221 4.83 44.09 16.54
N VAL B 222 4.39 42.92 17.01
CA VAL B 222 4.83 42.42 18.31
C VAL B 222 6.35 42.30 18.36
N PRO B 223 6.96 42.83 19.44
CA PRO B 223 8.42 42.77 19.60
C PRO B 223 8.91 41.35 19.84
N PRO B 224 9.99 40.95 19.16
CA PRO B 224 10.56 39.60 19.31
C PRO B 224 10.86 39.22 20.75
N LYS B 225 10.71 37.94 21.05
CA LYS B 225 10.98 37.41 22.40
C LYS B 225 11.83 36.16 22.28
N GLN B 226 12.77 35.99 23.21
CA GLN B 226 13.64 34.82 23.18
C GLN B 226 12.79 33.56 23.23
N LEU B 227 13.14 32.58 22.39
CA LEU B 227 12.40 31.33 22.35
C LEU B 227 13.31 30.16 22.66
N ARG B 228 12.72 29.10 23.20
CA ARG B 228 13.47 27.91 23.54
C ARG B 228 12.79 26.67 22.98
N PHE B 229 13.55 25.86 22.28
CA PHE B 229 13.03 24.62 21.70
C PHE B 229 13.85 23.47 22.28
N GLU B 230 13.18 22.40 22.67
CA GLU B 230 13.86 21.25 23.24
C GLU B 230 13.61 20.00 22.41
N GLY B 231 14.68 19.40 21.93
CA GLY B 231 14.57 18.19 21.12
C GLY B 231 15.07 16.97 21.88
N GLU B 232 15.20 15.86 21.17
CA GLU B 232 15.67 14.63 21.78
C GLU B 232 17.09 14.76 22.34
N ARG B 233 17.96 15.45 21.60
CA ARG B 233 19.35 15.60 22.02
C ARG B 233 19.84 17.04 22.05
N VAL B 234 19.09 17.95 21.44
CA VAL B 234 19.52 19.34 21.37
C VAL B 234 18.54 20.37 21.89
N THR B 235 19.09 21.43 22.48
CA THR B 235 18.31 22.54 23.00
C THR B 235 18.65 23.73 22.11
N TRP B 236 17.63 24.46 21.68
CA TRP B 236 17.82 25.60 20.80
C TRP B 236 17.26 26.87 21.42
N ILE B 237 18.09 27.89 21.49
CA ILE B 237 17.66 29.17 22.03
C ILE B 237 17.73 30.21 20.93
N GLN B 238 16.60 30.80 20.61
CA GLN B 238 16.53 31.84 19.59
C GLN B 238 16.68 33.15 20.36
N ALA B 239 17.87 33.74 20.31
CA ALA B 239 18.14 35.00 21.02
C ALA B 239 17.51 36.19 20.29
N SER B 240 16.73 37.00 21.01
CA SER B 240 16.07 38.14 20.39
C SER B 240 16.87 39.44 20.45
N THR B 241 17.82 39.53 21.39
CA THR B 241 18.63 40.75 21.52
C THR B 241 20.10 40.41 21.68
N LEU B 242 20.95 41.41 21.45
CA LEU B 242 22.39 41.24 21.59
C LEU B 242 22.73 40.90 23.04
N LYS B 243 22.11 41.62 23.96
CA LYS B 243 22.36 41.38 25.39
C LYS B 243 22.06 39.92 25.72
N GLU B 244 20.93 39.42 25.23
CA GLU B 244 20.56 38.03 25.49
C GLU B 244 21.63 37.09 24.93
N LEU B 245 22.09 37.38 23.72
CA LEU B 245 23.11 36.55 23.10
C LEU B 245 24.40 36.52 23.93
N LEU B 246 24.88 37.69 24.33
CA LEU B 246 26.11 37.74 25.10
C LEU B 246 25.95 37.06 26.46
N ASP B 247 24.78 37.18 27.07
CA ASP B 247 24.56 36.52 28.35
C ASP B 247 24.51 35.02 28.14
N LEU B 248 23.86 34.58 27.07
CA LEU B 248 23.75 33.16 26.76
C LEU B 248 25.13 32.57 26.51
N LYS B 249 25.99 33.31 25.82
CA LYS B 249 27.35 32.86 25.53
C LYS B 249 28.16 32.71 26.81
N ALA B 250 27.87 33.56 27.79
CA ALA B 250 28.58 33.50 29.07
C ALA B 250 28.07 32.30 29.85
N GLN B 251 26.76 32.05 29.76
CA GLN B 251 26.15 30.94 30.47
C GLN B 251 26.45 29.59 29.84
N HIS B 252 26.57 29.57 28.51
CA HIS B 252 26.85 28.34 27.78
C HIS B 252 27.92 28.64 26.72
N PRO B 253 29.19 28.74 27.15
CA PRO B 253 30.32 29.01 26.27
C PRO B 253 30.48 28.00 25.14
N GLU B 254 30.09 26.76 25.41
CA GLU B 254 30.20 25.70 24.42
C GLU B 254 29.03 25.69 23.44
N ALA B 255 28.03 26.53 23.70
CA ALA B 255 26.88 26.63 22.83
C ALA B 255 27.32 27.00 21.42
N LYS B 256 26.78 26.31 20.44
CA LYS B 256 27.11 26.57 19.05
C LYS B 256 26.14 27.57 18.46
N LEU B 257 26.67 28.62 17.86
CA LEU B 257 25.80 29.60 17.23
C LEU B 257 25.42 28.99 15.89
N VAL B 258 24.22 29.29 15.43
CA VAL B 258 23.75 28.81 14.15
C VAL B 258 22.93 29.90 13.53
N VAL B 259 23.23 30.21 12.27
CA VAL B 259 22.49 31.22 11.53
C VAL B 259 21.93 30.50 10.31
N GLY B 260 22.77 30.28 9.31
CA GLY B 260 22.32 29.59 8.11
C GLY B 260 22.35 28.08 8.23
N ASN B 261 23.15 27.58 9.16
CA ASN B 261 23.29 26.14 9.39
C ASN B 261 23.94 25.40 8.22
N THR B 262 24.55 26.14 7.30
CA THR B 262 25.17 25.50 6.15
C THR B 262 26.50 24.85 6.48
N GLU B 263 26.99 25.08 7.69
CA GLU B 263 28.24 24.45 8.13
C GLU B 263 27.88 23.45 9.24
N ILE B 264 27.13 23.93 10.23
CA ILE B 264 26.72 23.09 11.35
C ILE B 264 25.87 21.93 10.89
N GLY B 265 25.01 22.18 9.90
CA GLY B 265 24.16 21.12 9.38
C GLY B 265 25.02 20.02 8.79
N ILE B 266 26.12 20.40 8.14
CA ILE B 266 27.03 19.44 7.55
C ILE B 266 27.76 18.69 8.65
N GLU B 267 28.23 19.44 9.65
CA GLU B 267 28.96 18.81 10.75
C GLU B 267 28.07 17.80 11.47
N MET B 268 26.81 18.16 11.68
N MET B 268 26.83 18.14 11.69
CA MET B 268 25.86 17.29 12.35
CA MET B 268 25.91 17.25 12.37
C MET B 268 25.54 16.04 11.54
C MET B 268 25.54 16.02 11.55
N LYS B 269 25.22 16.23 10.26
CA LYS B 269 24.86 15.10 9.40
C LYS B 269 26.00 14.25 8.87
N PHE B 270 27.12 14.88 8.52
CA PHE B 270 28.23 14.13 7.95
C PHE B 270 29.45 13.90 8.83
N LYS B 271 29.64 14.74 9.84
CA LYS B 271 30.80 14.57 10.72
C LYS B 271 30.43 13.96 12.06
N ASN B 272 29.18 13.50 12.15
CA ASN B 272 28.69 12.88 13.38
C ASN B 272 28.95 13.74 14.61
N GLN B 273 28.73 15.04 14.47
CA GLN B 273 28.92 15.96 15.58
C GLN B 273 27.59 16.13 16.30
N LEU B 274 27.66 16.39 17.59
CA LEU B 274 26.47 16.61 18.39
C LEU B 274 26.66 17.81 19.30
N PHE B 275 25.97 18.89 18.98
CA PHE B 275 26.04 20.11 19.77
C PHE B 275 24.74 20.19 20.54
N PRO B 276 24.77 19.78 21.82
CA PRO B 276 23.59 19.78 22.69
C PRO B 276 22.94 21.14 22.90
N MET B 277 23.68 22.21 22.64
CA MET B 277 23.17 23.55 22.83
C MET B 277 23.45 24.46 21.64
N ILE B 278 22.38 25.02 21.07
CA ILE B 278 22.49 25.93 19.94
C ILE B 278 21.84 27.26 20.28
N ILE B 279 22.49 28.34 19.86
CA ILE B 279 21.96 29.67 20.06
C ILE B 279 21.87 30.28 18.68
N CYS B 280 20.68 30.70 18.27
CA CYS B 280 20.51 31.31 16.96
C CYS B 280 20.33 32.80 17.19
N PRO B 281 21.31 33.61 16.74
CA PRO B 281 21.30 35.07 16.89
C PRO B 281 20.76 35.81 15.66
N ALA B 282 20.24 35.07 14.69
CA ALA B 282 19.73 35.65 13.45
C ALA B 282 18.80 36.86 13.58
N TRP B 283 17.99 36.90 14.63
CA TRP B 283 17.04 38.00 14.84
C TRP B 283 17.64 39.32 15.30
N ILE B 284 18.78 39.24 15.98
CA ILE B 284 19.43 40.42 16.54
C ILE B 284 19.78 41.52 15.52
N PRO B 285 19.22 42.72 15.72
CA PRO B 285 19.46 43.88 14.85
C PRO B 285 20.93 44.19 14.60
N GLU B 286 21.72 44.23 15.66
CA GLU B 286 23.14 44.52 15.53
C GLU B 286 23.87 43.54 14.62
N LEU B 287 23.45 42.28 14.63
CA LEU B 287 24.07 41.27 13.79
C LEU B 287 23.54 41.31 12.36
N ASN B 288 22.62 42.23 12.11
CA ASN B 288 22.03 42.37 10.78
C ASN B 288 22.16 43.78 10.21
N ALA B 289 22.79 44.67 10.97
CA ALA B 289 22.95 46.05 10.54
C ALA B 289 24.00 46.25 9.46
N VAL B 290 23.69 47.17 8.54
CA VAL B 290 24.59 47.51 7.44
C VAL B 290 24.86 49.00 7.60
N GLU B 291 26.12 49.34 7.83
CA GLU B 291 26.49 50.73 8.04
C GLU B 291 27.56 51.20 7.06
N HIS B 292 27.29 52.34 6.42
CA HIS B 292 28.22 52.92 5.47
C HIS B 292 29.04 53.99 6.18
N GLY B 293 30.27 53.64 6.53
CA GLY B 293 31.13 54.59 7.22
C GLY B 293 32.20 55.18 6.33
N PRO B 294 33.10 56.01 6.88
CA PRO B 294 34.17 56.62 6.11
C PRO B 294 35.29 55.67 5.69
N GLU B 295 35.48 54.60 6.46
CA GLU B 295 36.53 53.62 6.14
C GLU B 295 36.04 52.47 5.29
N GLY B 296 34.74 52.21 5.31
CA GLY B 296 34.20 51.12 4.52
C GLY B 296 32.76 50.81 4.88
N ILE B 297 32.29 49.65 4.48
CA ILE B 297 30.92 49.25 4.76
C ILE B 297 30.90 48.12 5.77
N SER B 298 30.18 48.33 6.86
CA SER B 298 30.07 47.36 7.92
C SER B 298 28.82 46.51 7.80
N PHE B 299 28.98 45.20 8.00
CA PHE B 299 27.87 44.26 7.93
C PHE B 299 27.76 43.50 9.24
N GLY B 300 26.53 43.34 9.73
CA GLY B 300 26.33 42.57 10.94
C GLY B 300 26.75 41.15 10.58
N ALA B 301 27.30 40.41 11.54
CA ALA B 301 27.78 39.05 11.29
C ALA B 301 26.72 38.07 10.81
N ALA B 302 25.44 38.35 11.07
CA ALA B 302 24.37 37.46 10.64
C ALA B 302 23.88 37.77 9.23
N CYS B 303 24.35 38.86 8.65
CA CYS B 303 23.94 39.24 7.30
C CYS B 303 24.23 38.11 6.33
N ALA B 304 23.24 37.76 5.51
CA ALA B 304 23.40 36.70 4.53
C ALA B 304 24.32 37.16 3.42
N LEU B 305 25.08 36.23 2.85
CA LEU B 305 26.00 36.55 1.78
C LEU B 305 25.27 37.24 0.62
N SER B 306 24.02 36.85 0.39
CA SER B 306 23.24 37.47 -0.68
C SER B 306 23.04 38.96 -0.38
N SER B 307 22.83 39.28 0.89
CA SER B 307 22.65 40.67 1.30
C SER B 307 23.95 41.43 1.10
N VAL B 308 25.06 40.81 1.48
CA VAL B 308 26.37 41.44 1.32
C VAL B 308 26.60 41.70 -0.16
N GLU B 309 26.27 40.71 -0.98
CA GLU B 309 26.44 40.80 -2.41
C GLU B 309 25.62 41.95 -2.99
N LYS B 310 24.36 42.03 -2.60
CA LYS B 310 23.48 43.08 -3.09
C LYS B 310 24.02 44.47 -2.70
N THR B 311 24.39 44.61 -1.43
CA THR B 311 24.92 45.88 -0.94
C THR B 311 26.20 46.28 -1.64
N LEU B 312 27.12 45.34 -1.80
CA LEU B 312 28.38 45.64 -2.46
C LEU B 312 28.18 45.96 -3.94
N LEU B 313 27.24 45.27 -4.57
CA LEU B 313 26.97 45.55 -5.97
C LEU B 313 26.51 47.00 -6.09
N GLU B 314 25.61 47.41 -5.20
CA GLU B 314 25.10 48.78 -5.21
C GLU B 314 26.24 49.77 -4.99
N ALA B 315 27.15 49.42 -4.09
CA ALA B 315 28.28 50.29 -3.80
C ALA B 315 29.21 50.41 -5.01
N VAL B 316 29.50 49.29 -5.65
CA VAL B 316 30.38 49.30 -6.82
C VAL B 316 29.79 50.13 -7.96
N ALA B 317 28.47 50.11 -8.08
CA ALA B 317 27.80 50.85 -9.14
C ALA B 317 27.74 52.35 -8.87
N LYS B 318 27.70 52.73 -7.60
CA LYS B 318 27.61 54.14 -7.23
C LYS B 318 28.90 54.82 -6.79
N LEU B 319 29.90 54.04 -6.43
CA LEU B 319 31.17 54.62 -5.97
C LEU B 319 32.28 54.56 -7.01
N PRO B 320 33.28 55.45 -6.87
CA PRO B 320 34.40 55.48 -7.80
C PRO B 320 35.08 54.11 -7.81
N THR B 321 35.53 53.68 -8.99
CA THR B 321 36.18 52.40 -9.13
C THR B 321 37.36 52.24 -8.17
N GLN B 322 38.08 53.34 -7.92
CA GLN B 322 39.24 53.27 -7.05
C GLN B 322 38.92 53.02 -5.58
N LYS B 323 37.64 53.12 -5.21
CA LYS B 323 37.26 52.88 -3.82
C LYS B 323 36.62 51.51 -3.60
N THR B 324 36.38 50.79 -4.69
CA THR B 324 35.72 49.49 -4.58
C THR B 324 36.54 48.28 -4.99
N GLU B 325 37.87 48.40 -4.91
CA GLU B 325 38.74 47.28 -5.27
C GLU B 325 38.47 46.05 -4.41
N VAL B 326 38.36 46.26 -3.10
CA VAL B 326 38.09 45.15 -2.19
C VAL B 326 36.68 44.63 -2.42
N PHE B 327 35.73 45.55 -2.56
CA PHE B 327 34.34 45.15 -2.77
C PHE B 327 34.21 44.23 -3.97
N ARG B 328 34.89 44.57 -5.06
CA ARG B 328 34.82 43.75 -6.27
C ARG B 328 35.50 42.41 -6.08
N GLY B 329 36.50 42.36 -5.21
CA GLY B 329 37.18 41.11 -4.94
C GLY B 329 36.20 40.19 -4.21
N VAL B 330 35.47 40.77 -3.25
CA VAL B 330 34.48 40.01 -2.50
C VAL B 330 33.39 39.53 -3.47
N LEU B 331 32.96 40.42 -4.36
CA LEU B 331 31.93 40.09 -5.33
C LEU B 331 32.36 38.96 -6.28
N GLU B 332 33.62 38.98 -6.69
CA GLU B 332 34.12 37.95 -7.60
C GLU B 332 34.04 36.58 -6.93
N GLN B 333 34.37 36.51 -5.64
CA GLN B 333 34.31 35.24 -4.93
C GLN B 333 32.86 34.81 -4.74
N LEU B 334 32.00 35.77 -4.41
CA LEU B 334 30.58 35.46 -4.21
C LEU B 334 29.91 34.92 -5.46
N ARG B 335 30.43 35.28 -6.63
CA ARG B 335 29.87 34.80 -7.90
C ARG B 335 29.97 33.28 -7.92
N TRP B 336 31.08 32.76 -7.40
CA TRP B 336 31.34 31.33 -7.40
C TRP B 336 31.21 30.71 -6.02
N PHE B 337 30.45 31.36 -5.15
CA PHE B 337 30.25 30.87 -3.79
C PHE B 337 28.91 30.15 -3.70
N ALA B 338 28.97 28.81 -3.67
CA ALA B 338 27.75 28.00 -3.58
C ALA B 338 26.74 28.46 -4.63
N GLY B 339 25.49 28.57 -4.22
CA GLY B 339 24.44 29.00 -5.13
C GLY B 339 23.51 29.96 -4.41
N LYS B 340 22.39 30.32 -5.03
CA LYS B 340 21.45 31.24 -4.42
C LYS B 340 20.89 30.76 -3.09
N GLN B 341 20.53 29.48 -3.02
CA GLN B 341 19.96 28.90 -1.81
C GLN B 341 20.89 29.04 -0.60
N VAL B 342 22.15 28.68 -0.79
CA VAL B 342 23.11 28.76 0.31
C VAL B 342 23.46 30.21 0.63
N LYS B 343 23.73 31.01 -0.39
CA LYS B 343 24.07 32.41 -0.17
C LYS B 343 22.95 33.20 0.50
N SER B 344 21.71 32.78 0.30
CA SER B 344 20.58 33.48 0.93
C SER B 344 20.42 33.19 2.41
N VAL B 345 21.05 32.14 2.91
CA VAL B 345 20.95 31.82 4.33
C VAL B 345 22.32 31.86 5.02
N ALA B 346 23.38 31.63 4.24
CA ALA B 346 24.74 31.63 4.78
C ALA B 346 25.13 33.03 5.27
N SER B 347 25.67 33.10 6.48
CA SER B 347 26.06 34.39 7.05
C SER B 347 27.54 34.68 6.94
N LEU B 348 27.89 35.95 7.07
CA LEU B 348 29.28 36.39 7.02
C LEU B 348 30.04 35.77 8.18
N GLY B 349 29.48 35.91 9.37
CA GLY B 349 30.10 35.37 10.56
C GLY B 349 30.32 33.87 10.46
N GLY B 350 29.35 33.18 9.87
CA GLY B 350 29.47 31.74 9.72
C GLY B 350 30.69 31.34 8.92
N ASN B 351 30.91 32.00 7.80
CA ASN B 351 32.06 31.66 6.96
C ASN B 351 33.38 32.01 7.64
N ILE B 352 33.43 33.18 8.26
CA ILE B 352 34.64 33.63 8.93
C ILE B 352 35.03 32.74 10.11
N ILE B 353 34.08 32.49 11.01
CA ILE B 353 34.35 31.68 12.18
C ILE B 353 34.55 30.19 11.89
N THR B 354 33.88 29.67 10.86
CA THR B 354 34.05 28.26 10.51
C THR B 354 35.53 28.03 10.23
N ALA B 355 36.18 29.09 9.74
CA ALA B 355 37.60 29.04 9.44
C ALA B 355 38.04 27.83 8.63
N SER B 356 37.28 27.50 7.59
CA SER B 356 37.65 26.39 6.76
C SER B 356 38.90 26.74 5.96
N PRO B 357 39.79 25.77 5.76
CA PRO B 357 41.03 26.00 5.00
C PRO B 357 40.71 26.52 3.59
N ILE B 358 39.55 26.12 3.07
CA ILE B 358 39.15 26.53 1.72
C ILE B 358 38.13 27.65 1.66
N SER B 359 37.97 28.40 2.74
CA SER B 359 37.05 29.52 2.74
C SER B 359 37.45 30.45 1.59
N ASP B 360 36.47 30.93 0.83
CA ASP B 360 36.78 31.83 -0.27
C ASP B 360 36.75 33.29 0.16
N LEU B 361 36.18 33.55 1.34
CA LEU B 361 36.09 34.90 1.84
C LEU B 361 37.20 35.30 2.80
N ASN B 362 37.63 34.37 3.64
CA ASN B 362 38.70 34.70 4.59
C ASN B 362 39.99 35.16 3.93
N PRO B 363 40.38 34.58 2.78
CA PRO B 363 41.63 35.06 2.17
C PRO B 363 41.45 36.52 1.76
N VAL B 364 40.24 36.87 1.32
CA VAL B 364 39.95 38.24 0.89
C VAL B 364 39.90 39.18 2.08
N PHE B 365 39.25 38.75 3.16
CA PHE B 365 39.15 39.57 4.36
C PHE B 365 40.52 39.77 4.98
N MET B 366 41.37 38.74 4.90
CA MET B 366 42.71 38.80 5.45
C MET B 366 43.63 39.70 4.61
N ALA B 367 43.57 39.54 3.30
CA ALA B 367 44.40 40.34 2.41
C ALA B 367 44.01 41.81 2.50
N SER B 368 42.72 42.07 2.73
CA SER B 368 42.22 43.43 2.83
C SER B 368 42.25 43.99 4.24
N GLY B 369 42.60 43.16 5.21
CA GLY B 369 42.62 43.63 6.59
C GLY B 369 41.25 44.05 7.06
N THR B 370 40.22 43.35 6.58
CA THR B 370 38.84 43.64 6.97
C THR B 370 38.72 43.71 8.48
N LYS B 371 38.03 44.74 8.96
CA LYS B 371 37.88 44.97 10.40
C LYS B 371 36.84 44.08 11.05
N LEU B 372 37.25 43.38 12.12
CA LEU B 372 36.36 42.49 12.84
C LEU B 372 36.02 43.06 14.22
N THR B 373 34.73 43.25 14.48
CA THR B 373 34.30 43.76 15.77
C THR B 373 33.82 42.56 16.57
N ILE B 374 34.58 42.22 17.61
CA ILE B 374 34.31 41.07 18.44
C ILE B 374 33.86 41.50 19.84
N VAL B 375 32.74 40.98 20.30
CA VAL B 375 32.21 41.34 21.60
C VAL B 375 31.85 40.13 22.47
N SER B 376 31.80 40.38 23.77
CA SER B 376 31.42 39.38 24.76
C SER B 376 30.70 40.22 25.79
N ARG B 377 30.09 39.58 26.78
CA ARG B 377 29.40 40.34 27.80
C ARG B 377 30.40 41.26 28.49
N GLY B 378 30.20 42.56 28.34
CA GLY B 378 31.10 43.51 28.98
C GLY B 378 32.36 43.92 28.22
N THR B 379 32.65 43.26 27.10
CA THR B 379 33.84 43.62 26.34
C THR B 379 33.56 43.79 24.85
N ARG B 380 34.35 44.66 24.22
CA ARG B 380 34.23 44.92 22.79
C ARG B 380 35.60 45.31 22.24
N ARG B 381 35.94 44.76 21.07
CA ARG B 381 37.21 45.06 20.44
C ARG B 381 37.08 44.93 18.92
N THR B 382 37.89 45.70 18.20
CA THR B 382 37.88 45.65 16.76
C THR B 382 39.31 45.45 16.30
N VAL B 383 39.54 44.40 15.53
CA VAL B 383 40.87 44.12 15.04
C VAL B 383 40.85 43.78 13.56
N PRO B 384 41.87 44.22 12.82
CA PRO B 384 41.90 43.91 11.39
C PRO B 384 42.28 42.45 11.25
N MET B 385 41.61 41.73 10.36
CA MET B 385 41.94 40.33 10.17
C MET B 385 43.32 40.22 9.54
N ASP B 386 44.19 39.41 10.13
CA ASP B 386 45.51 39.18 9.58
C ASP B 386 45.81 37.69 9.75
N HIS B 387 47.01 37.28 9.38
CA HIS B 387 47.38 35.87 9.46
C HIS B 387 47.25 35.25 10.85
N THR B 388 47.37 36.05 11.90
CA THR B 388 47.29 35.51 13.25
C THR B 388 45.86 35.18 13.69
N PHE B 389 44.87 35.68 12.96
CA PHE B 389 43.48 35.43 13.32
C PHE B 389 43.11 33.96 13.23
N PHE B 390 43.81 33.21 12.38
CA PHE B 390 43.57 31.78 12.22
C PHE B 390 44.83 31.06 12.68
N PRO B 391 44.98 30.87 14.01
CA PRO B 391 46.13 30.20 14.61
C PRO B 391 46.33 28.72 14.23
N SER B 392 45.23 28.01 14.04
CA SER B 392 45.32 26.59 13.69
C SER B 392 44.05 26.09 13.02
N TYR B 393 44.08 24.83 12.59
CA TYR B 393 42.96 24.21 11.91
C TYR B 393 41.60 24.53 12.49
N ARG B 394 40.74 25.12 11.66
CA ARG B 394 39.38 25.49 12.03
C ARG B 394 39.21 26.28 13.33
N LYS B 395 40.22 27.06 13.68
CA LYS B 395 40.14 27.88 14.89
C LYS B 395 40.43 29.33 14.56
N THR B 396 39.86 30.23 15.37
CA THR B 396 40.07 31.66 15.21
C THR B 396 40.50 32.19 16.58
N LEU B 397 40.85 33.47 16.65
CA LEU B 397 41.28 34.06 17.91
C LEU B 397 40.14 34.50 18.83
N LEU B 398 38.92 34.07 18.55
CA LEU B 398 37.80 34.45 19.41
C LEU B 398 37.81 33.62 20.69
N GLY B 399 37.42 34.26 21.78
CA GLY B 399 37.35 33.57 23.05
C GLY B 399 36.09 32.74 23.11
N PRO B 400 35.98 31.81 24.06
CA PRO B 400 34.79 30.96 24.18
C PRO B 400 33.49 31.72 24.43
N GLU B 401 33.59 32.91 25.01
CA GLU B 401 32.40 33.70 25.30
C GLU B 401 32.20 34.89 24.36
N GLU B 402 33.06 35.00 23.36
CA GLU B 402 32.95 36.08 22.39
C GLU B 402 32.21 35.65 21.14
N ILE B 403 31.61 36.62 20.46
CA ILE B 403 30.91 36.36 19.21
C ILE B 403 31.33 37.46 18.26
N LEU B 404 31.31 37.17 16.96
CA LEU B 404 31.67 38.17 15.96
C LEU B 404 30.42 39.00 15.76
N LEU B 405 30.50 40.28 16.11
CA LEU B 405 29.37 41.19 15.98
C LEU B 405 29.19 41.72 14.56
N SER B 406 30.28 42.21 13.97
CA SER B 406 30.22 42.75 12.63
C SER B 406 31.59 42.81 11.99
N ILE B 407 31.60 43.02 10.68
CA ILE B 407 32.84 43.13 9.94
C ILE B 407 32.72 44.33 9.03
N GLU B 408 33.81 45.07 8.88
CA GLU B 408 33.77 46.23 8.01
C GLU B 408 34.70 45.98 6.84
N ILE B 409 34.10 45.83 5.65
CA ILE B 409 34.88 45.62 4.43
C ILE B 409 35.33 47.02 4.02
N PRO B 410 36.65 47.24 3.98
CA PRO B 410 37.28 48.51 3.62
C PRO B 410 37.19 49.01 2.18
N TYR B 411 37.09 50.32 2.06
CA TYR B 411 37.09 50.96 0.75
C TYR B 411 38.56 50.88 0.37
N SER B 412 38.86 50.83 -0.91
CA SER B 412 40.26 50.79 -1.32
C SER B 412 40.71 52.23 -1.43
N ARG B 413 42.00 52.45 -1.19
CA ARG B 413 42.56 53.80 -1.26
C ARG B 413 43.22 54.03 -2.60
N GLU B 414 43.69 55.25 -2.83
CA GLU B 414 44.38 55.55 -4.08
C GLU B 414 45.65 54.73 -4.03
N ASP B 415 46.11 54.28 -5.20
CA ASP B 415 47.33 53.49 -5.30
C ASP B 415 47.18 52.10 -4.66
N GLU B 416 45.93 51.69 -4.41
CA GLU B 416 45.66 50.40 -3.80
C GLU B 416 44.81 49.53 -4.71
N PHE B 417 45.32 48.36 -5.07
CA PHE B 417 44.59 47.46 -5.96
C PHE B 417 44.38 46.10 -5.33
N PHE B 418 43.32 45.43 -5.76
CA PHE B 418 42.96 44.13 -5.19
C PHE B 418 42.42 43.17 -6.24
N SER B 419 42.65 41.89 -6.00
CA SER B 419 42.16 40.82 -6.85
C SER B 419 41.82 39.64 -5.94
N ALA B 420 40.85 38.85 -6.38
CA ALA B 420 40.42 37.66 -5.66
C ALA B 420 40.21 36.64 -6.76
N PHE B 421 40.75 35.44 -6.60
CA PHE B 421 40.59 34.38 -7.59
C PHE B 421 40.23 33.08 -6.91
N LYS B 422 39.51 32.24 -7.63
CA LYS B 422 39.13 30.94 -7.11
C LYS B 422 39.17 29.95 -8.26
N GLN B 423 39.73 28.78 -8.01
CA GLN B 423 39.77 27.73 -9.01
C GLN B 423 39.42 26.43 -8.31
N ALA B 424 38.44 25.73 -8.85
CA ALA B 424 37.99 24.46 -8.28
C ALA B 424 38.00 23.43 -9.40
N SER B 425 37.02 22.53 -9.36
CA SER B 425 36.89 21.50 -10.38
C SER B 425 35.84 21.96 -11.38
N ARG B 426 34.89 22.75 -10.89
CA ARG B 426 33.81 23.29 -11.70
C ARG B 426 33.59 24.73 -11.25
N ARG B 427 33.32 25.63 -12.19
CA ARG B 427 33.11 27.03 -11.83
C ARG B 427 32.01 27.22 -10.81
N GLU B 428 30.83 26.68 -11.12
CA GLU B 428 29.67 26.82 -10.26
C GLU B 428 29.62 25.92 -9.03
N ASP B 429 29.21 26.51 -7.92
CA ASP B 429 29.04 25.81 -6.64
C ASP B 429 30.04 24.69 -6.39
N ASP B 430 31.29 25.07 -6.17
CA ASP B 430 32.33 24.08 -5.90
C ASP B 430 33.24 24.54 -4.78
N ILE B 431 34.04 23.62 -4.26
CA ILE B 431 34.98 23.92 -3.18
C ILE B 431 36.29 24.33 -3.83
N ALA B 432 36.85 25.44 -3.39
CA ALA B 432 38.10 25.91 -3.96
C ALA B 432 39.24 24.90 -3.86
N LYS B 433 40.02 24.81 -4.92
CA LYS B 433 41.20 23.94 -4.94
C LYS B 433 42.23 24.91 -4.34
N VAL B 434 42.22 26.12 -4.86
CA VAL B 434 43.07 27.21 -4.39
C VAL B 434 42.22 28.47 -4.58
N THR B 435 42.21 29.33 -3.58
CA THR B 435 41.42 30.55 -3.62
C THR B 435 42.28 31.62 -2.98
N CYS B 436 42.08 32.88 -3.34
CA CYS B 436 42.91 33.89 -2.77
C CYS B 436 42.38 35.30 -2.80
N GLY B 437 43.04 36.14 -2.01
CA GLY B 437 42.74 37.55 -1.94
C GLY B 437 44.13 38.14 -2.06
N MET B 438 44.29 39.14 -2.92
CA MET B 438 45.60 39.75 -3.10
C MET B 438 45.46 41.25 -3.13
N ARG B 439 46.30 41.92 -2.35
CA ARG B 439 46.26 43.37 -2.25
C ARG B 439 47.65 43.96 -2.35
N VAL B 440 47.73 45.12 -2.99
CA VAL B 440 49.00 45.82 -3.08
C VAL B 440 48.72 47.30 -2.90
N LEU B 441 49.57 47.95 -2.12
CA LEU B 441 49.46 49.38 -1.90
C LEU B 441 50.78 49.95 -2.32
N PHE B 442 50.75 50.90 -3.24
CA PHE B 442 51.98 51.53 -3.71
C PHE B 442 52.15 52.90 -3.07
N GLN B 443 53.37 53.42 -3.13
CA GLN B 443 53.62 54.75 -2.60
C GLN B 443 52.78 55.66 -3.51
N PRO B 444 52.38 56.83 -3.01
CA PRO B 444 51.57 57.75 -3.83
C PRO B 444 52.06 57.92 -5.27
N GLY B 445 51.18 57.64 -6.21
CA GLY B 445 51.50 57.78 -7.62
C GLY B 445 52.69 57.03 -8.16
N SER B 446 53.13 55.98 -7.47
CA SER B 446 54.29 55.23 -7.93
C SER B 446 53.95 53.76 -8.17
N MET B 447 54.98 53.00 -8.52
CA MET B 447 54.86 51.57 -8.76
C MET B 447 55.73 50.91 -7.69
N GLN B 448 56.00 51.65 -6.62
CA GLN B 448 56.81 51.12 -5.54
C GLN B 448 55.92 50.54 -4.46
N VAL B 449 56.10 49.25 -4.20
CA VAL B 449 55.31 48.53 -3.22
C VAL B 449 55.50 49.02 -1.79
N LYS B 450 54.41 49.43 -1.16
CA LYS B 450 54.44 49.89 0.23
C LYS B 450 53.94 48.71 1.06
N GLU B 451 52.85 48.12 0.62
CA GLU B 451 52.25 46.97 1.29
C GLU B 451 51.87 45.92 0.24
N LEU B 452 52.04 44.65 0.60
CA LEU B 452 51.71 43.56 -0.31
C LEU B 452 51.19 42.39 0.51
N ALA B 453 50.01 41.88 0.15
CA ALA B 453 49.43 40.76 0.87
C ALA B 453 48.88 39.72 -0.10
N LEU B 454 49.40 38.50 -0.02
CA LEU B 454 48.94 37.42 -0.87
C LEU B 454 48.44 36.34 0.07
N CYS B 455 47.12 36.26 0.23
CA CYS B 455 46.52 35.30 1.12
C CYS B 455 45.81 34.20 0.34
N TYR B 456 46.06 32.96 0.74
CA TYR B 456 45.49 31.82 0.07
C TYR B 456 44.70 30.84 0.93
N GLY B 457 43.76 30.17 0.27
CA GLY B 457 42.97 29.15 0.91
C GLY B 457 43.32 27.92 0.10
N GLY B 458 43.20 26.73 0.69
CA GLY B 458 43.50 25.51 -0.03
C GLY B 458 44.99 25.17 -0.16
N MET B 459 45.85 25.84 0.61
CA MET B 459 47.28 25.56 0.57
C MET B 459 47.84 25.14 1.92
N ALA B 460 46.97 25.08 2.93
CA ALA B 460 47.36 24.69 4.27
C ALA B 460 46.11 24.29 5.03
N ASP B 461 46.23 24.00 6.32
CA ASP B 461 45.07 23.60 7.11
C ASP B 461 44.35 24.84 7.63
N ARG B 462 44.65 25.98 7.01
CA ARG B 462 44.04 27.24 7.40
C ARG B 462 44.37 28.29 6.35
N THR B 463 43.66 29.41 6.39
CA THR B 463 43.93 30.49 5.45
C THR B 463 45.30 31.03 5.83
N ILE B 464 46.20 31.16 4.85
CA ILE B 464 47.53 31.66 5.13
C ILE B 464 47.93 32.84 4.25
N SER B 465 48.94 33.55 4.69
CA SER B 465 49.47 34.70 3.98
C SER B 465 50.92 34.36 3.63
N ALA B 466 51.33 34.67 2.41
CA ALA B 466 52.69 34.38 1.98
C ALA B 466 53.60 35.51 2.48
N LEU B 467 53.61 35.70 3.79
CA LEU B 467 54.39 36.76 4.42
C LEU B 467 55.87 36.81 4.06
N LYS B 468 56.53 35.66 4.09
CA LYS B 468 57.95 35.62 3.77
C LYS B 468 58.22 36.15 2.37
N THR B 469 57.36 35.76 1.42
CA THR B 469 57.51 36.19 0.05
C THR B 469 57.17 37.67 -0.16
N THR B 470 56.02 38.10 0.35
CA THR B 470 55.60 39.48 0.18
C THR B 470 56.50 40.47 0.92
N GLN B 471 57.03 40.06 2.07
CA GLN B 471 57.90 40.94 2.84
C GLN B 471 59.13 41.35 2.04
N LYS B 472 59.70 40.41 1.30
CA LYS B 472 60.88 40.66 0.49
C LYS B 472 60.65 41.70 -0.61
N GLN B 473 59.38 41.94 -0.95
CA GLN B 473 59.06 42.88 -2.01
C GLN B 473 58.70 44.29 -1.57
N LEU B 474 58.67 44.53 -0.27
CA LEU B 474 58.35 45.87 0.22
C LEU B 474 59.45 46.83 -0.22
N SER B 475 59.04 47.96 -0.78
CA SER B 475 59.94 49.00 -1.28
C SER B 475 60.48 48.64 -2.67
N LYS B 476 60.04 47.49 -3.19
CA LYS B 476 60.46 47.07 -4.52
C LYS B 476 59.45 47.65 -5.51
N PHE B 477 59.74 47.57 -6.79
CA PHE B 477 58.83 48.11 -7.79
C PHE B 477 58.10 47.03 -8.58
N TRP B 478 56.91 47.37 -9.06
CA TRP B 478 56.11 46.42 -9.82
C TRP B 478 56.71 46.21 -11.19
N ASN B 479 57.54 45.18 -11.31
CA ASN B 479 58.20 44.87 -12.57
C ASN B 479 58.43 43.38 -12.73
N GLU B 480 59.00 43.00 -13.88
CA GLU B 480 59.27 41.61 -14.20
C GLU B 480 60.11 40.90 -13.14
N LYS B 481 61.08 41.63 -12.58
CA LYS B 481 61.95 41.07 -11.56
C LYS B 481 61.13 40.68 -10.33
N LEU B 482 60.16 41.54 -9.97
CA LEU B 482 59.32 41.26 -8.81
C LEU B 482 58.44 40.04 -9.08
N LEU B 483 57.90 39.94 -10.28
CA LEU B 483 57.07 38.81 -10.65
C LEU B 483 57.87 37.52 -10.48
N GLN B 484 59.08 37.53 -11.01
CA GLN B 484 59.97 36.36 -10.91
C GLN B 484 60.29 36.00 -9.46
N ASP B 485 60.64 37.02 -8.67
CA ASP B 485 60.99 36.78 -7.27
C ASP B 485 59.79 36.29 -6.46
N VAL B 486 58.61 36.87 -6.70
CA VAL B 486 57.43 36.45 -5.98
C VAL B 486 57.08 35.01 -6.34
N CYS B 487 57.14 34.67 -7.62
CA CYS B 487 56.83 33.31 -8.04
C CYS B 487 57.80 32.31 -7.42
N ALA B 488 59.09 32.66 -7.42
CA ALA B 488 60.10 31.79 -6.83
C ALA B 488 59.83 31.69 -5.34
N GLY B 489 59.45 32.80 -4.74
CA GLY B 489 59.16 32.82 -3.31
C GLY B 489 57.95 31.96 -2.99
N LEU B 490 56.87 32.15 -3.73
CA LEU B 490 55.64 31.38 -3.52
C LEU B 490 55.90 29.89 -3.68
N ALA B 491 56.71 29.54 -4.69
CA ALA B 491 57.03 28.15 -4.95
C ALA B 491 57.76 27.50 -3.77
N GLU B 492 58.53 28.32 -3.05
CA GLU B 492 59.28 27.83 -1.90
C GLU B 492 58.49 27.90 -0.61
N GLU B 493 57.81 29.02 -0.39
CA GLU B 493 57.05 29.22 0.83
C GLU B 493 55.76 28.40 0.91
N LEU B 494 54.98 28.39 -0.17
CA LEU B 494 53.73 27.63 -0.19
C LEU B 494 53.97 26.21 -0.67
N SER B 495 54.77 25.49 0.09
CA SER B 495 55.11 24.11 -0.23
C SER B 495 53.98 23.17 0.17
N LEU B 496 53.95 22.01 -0.47
CA LEU B 496 52.94 21.00 -0.18
C LEU B 496 53.63 19.64 -0.09
N SER B 497 53.39 18.93 1.00
CA SER B 497 53.99 17.61 1.18
C SER B 497 53.24 16.64 0.28
N PRO B 498 53.91 15.57 -0.16
CA PRO B 498 53.28 14.58 -1.04
C PRO B 498 51.97 14.04 -0.48
N ASP B 499 51.83 14.10 0.84
CA ASP B 499 50.63 13.59 1.52
C ASP B 499 49.65 14.68 1.93
N ALA B 500 49.76 15.86 1.32
CA ALA B 500 48.87 16.96 1.67
C ALA B 500 47.42 16.57 1.36
N PRO B 501 46.51 16.82 2.31
CA PRO B 501 45.10 16.49 2.11
C PRO B 501 44.59 17.16 0.84
N GLY B 502 43.87 16.41 0.02
CA GLY B 502 43.33 16.96 -1.21
C GLY B 502 44.15 16.67 -2.44
N GLY B 503 45.41 16.30 -2.24
CA GLY B 503 46.28 16.00 -3.37
C GLY B 503 46.42 17.13 -4.37
N MET B 504 46.60 16.77 -5.64
CA MET B 504 46.75 17.75 -6.71
C MET B 504 47.80 18.77 -6.30
N ILE B 505 48.93 18.25 -5.82
CA ILE B 505 50.05 19.05 -5.36
C ILE B 505 50.59 20.04 -6.37
N GLU B 506 51.01 19.54 -7.54
CA GLU B 506 51.57 20.41 -8.57
C GLU B 506 50.55 21.42 -9.08
N PHE B 507 49.32 20.98 -9.27
CA PHE B 507 48.25 21.86 -9.75
C PHE B 507 48.02 23.02 -8.77
N ARG B 508 47.88 22.69 -7.49
CA ARG B 508 47.64 23.72 -6.49
C ARG B 508 48.80 24.71 -6.39
N ARG B 509 50.03 24.20 -6.41
CA ARG B 509 51.18 25.08 -6.34
C ARG B 509 51.21 25.96 -7.59
N THR B 510 50.91 25.35 -8.73
CA THR B 510 50.90 26.09 -9.98
C THR B 510 49.86 27.21 -9.93
N LEU B 511 48.73 26.91 -9.31
CA LEU B 511 47.65 27.89 -9.19
C LEU B 511 48.07 29.09 -8.34
N THR B 512 48.83 28.84 -7.27
CA THR B 512 49.25 29.93 -6.41
C THR B 512 50.09 30.92 -7.20
N LEU B 513 50.97 30.40 -8.06
CA LEU B 513 51.80 31.27 -8.88
C LEU B 513 51.00 31.91 -10.01
N SER B 514 50.15 31.11 -10.66
CA SER B 514 49.32 31.59 -11.76
C SER B 514 48.40 32.72 -11.30
N PHE B 515 47.85 32.58 -10.10
CA PHE B 515 46.98 33.60 -9.56
C PHE B 515 47.79 34.87 -9.35
N PHE B 516 49.00 34.76 -8.80
CA PHE B 516 49.78 35.96 -8.61
C PHE B 516 50.11 36.60 -9.95
N PHE B 517 50.40 35.77 -10.95
CA PHE B 517 50.72 36.26 -12.28
C PHE B 517 49.54 37.09 -12.80
N LYS B 518 48.33 36.57 -12.63
CA LYS B 518 47.15 37.29 -13.07
C LYS B 518 47.03 38.60 -12.31
N PHE B 519 47.33 38.55 -11.01
CA PHE B 519 47.28 39.74 -10.17
C PHE B 519 48.32 40.73 -10.66
N TYR B 520 49.52 40.22 -10.96
CA TYR B 520 50.62 41.03 -11.43
C TYR B 520 50.26 41.80 -12.70
N LEU B 521 49.70 41.09 -13.68
CA LEU B 521 49.31 41.71 -14.93
C LEU B 521 48.14 42.67 -14.73
N THR B 522 47.20 42.29 -13.88
CA THR B 522 46.03 43.13 -13.61
C THR B 522 46.45 44.45 -12.99
N VAL B 523 47.43 44.38 -12.09
CA VAL B 523 47.92 45.59 -11.42
C VAL B 523 48.65 46.48 -12.44
N LEU B 524 49.42 45.87 -13.33
CA LEU B 524 50.12 46.65 -14.34
C LEU B 524 49.09 47.43 -15.16
N LYS B 525 47.98 46.76 -15.49
CA LYS B 525 46.93 47.39 -16.27
C LYS B 525 46.27 48.51 -15.47
N LYS B 526 45.98 48.25 -14.20
CA LYS B 526 45.36 49.25 -13.34
C LYS B 526 46.31 50.40 -13.07
N LEU B 527 47.61 50.13 -13.15
CA LEU B 527 48.62 51.16 -12.92
C LEU B 527 48.79 52.02 -14.17
N GLY B 528 48.26 51.55 -15.28
CA GLY B 528 48.38 52.29 -16.53
C GLY B 528 47.05 52.92 -16.92
N LYS B 537 51.24 49.82 -20.93
CA LYS B 537 50.13 48.87 -21.16
C LYS B 537 50.65 47.44 -21.28
N LEU B 538 49.73 46.48 -21.36
CA LEU B 538 50.10 45.08 -21.48
C LEU B 538 50.14 44.65 -22.95
N ASP B 539 50.90 43.60 -23.21
CA ASP B 539 50.98 43.04 -24.55
C ASP B 539 49.55 42.61 -24.87
N PRO B 540 49.05 42.96 -26.07
CA PRO B 540 47.68 42.58 -26.44
C PRO B 540 47.40 41.10 -26.26
N THR B 541 48.44 40.27 -26.39
CA THR B 541 48.30 38.82 -26.24
C THR B 541 48.27 38.40 -24.78
N TYR B 542 48.49 39.35 -23.88
CA TYR B 542 48.49 39.09 -22.44
C TYR B 542 47.22 39.60 -21.77
N THR B 543 46.53 40.52 -22.44
CA THR B 543 45.32 41.13 -21.90
C THR B 543 44.25 40.18 -21.37
N SER B 544 43.86 39.18 -22.14
CA SER B 544 42.81 38.27 -21.70
C SER B 544 43.13 37.58 -20.38
N ALA B 545 44.40 37.55 -19.99
CA ALA B 545 44.80 36.92 -18.73
C ALA B 545 44.26 37.70 -17.54
N THR B 546 43.97 38.98 -17.74
CA THR B 546 43.48 39.82 -16.65
C THR B 546 41.96 39.95 -16.62
N LEU B 547 41.28 39.38 -17.60
CA LEU B 547 39.83 39.47 -17.65
C LEU B 547 39.15 38.50 -16.71
N LEU B 548 38.13 38.98 -16.00
CA LEU B 548 37.38 38.11 -15.09
C LEU B 548 36.43 37.31 -15.97
N PHE B 549 35.97 36.17 -15.48
CA PHE B 549 35.08 35.34 -16.26
C PHE B 549 33.87 36.09 -16.82
N GLN B 550 33.61 35.84 -18.10
CA GLN B 550 32.47 36.45 -18.78
C GLN B 550 32.02 35.51 -19.88
N LYS B 551 30.73 35.24 -19.91
CA LYS B 551 30.17 34.35 -20.92
C LYS B 551 29.25 35.12 -21.85
N ASP B 552 29.23 34.72 -23.12
CA ASP B 552 28.36 35.37 -24.10
C ASP B 552 26.94 34.84 -23.91
N PRO B 553 25.95 35.50 -24.51
CA PRO B 553 24.57 35.03 -24.37
C PRO B 553 24.38 33.67 -25.01
N PRO B 554 23.44 32.87 -24.50
CA PRO B 554 23.20 31.54 -25.07
C PRO B 554 22.53 31.60 -26.43
N ALA B 555 22.75 30.56 -27.22
CA ALA B 555 22.15 30.44 -28.54
C ALA B 555 21.85 28.96 -28.75
N ASN B 556 20.57 28.62 -28.80
CA ASN B 556 20.19 27.22 -28.99
C ASN B 556 19.28 27.04 -30.18
N ILE B 557 19.60 26.04 -31.00
CA ILE B 557 18.82 25.74 -32.18
C ILE B 557 18.60 24.25 -32.24
N GLN B 558 17.35 23.83 -32.41
CA GLN B 558 17.05 22.41 -32.53
C GLN B 558 16.38 22.22 -33.87
N LEU B 559 16.91 21.30 -34.67
CA LEU B 559 16.35 21.02 -35.98
C LEU B 559 15.86 19.60 -36.03
N PHE B 560 14.62 19.41 -36.43
CA PHE B 560 14.07 18.07 -36.57
C PHE B 560 13.09 18.09 -37.72
N GLN B 561 12.53 16.94 -38.04
CA GLN B 561 11.63 16.83 -39.17
C GLN B 561 10.15 16.90 -38.83
N GLU B 562 9.42 17.67 -39.63
CA GLU B 562 7.99 17.81 -39.45
C GLU B 562 7.37 16.48 -39.86
N VAL B 563 6.21 16.17 -39.31
CA VAL B 563 5.55 14.92 -39.67
C VAL B 563 4.84 15.17 -41.01
N PRO B 564 4.51 14.09 -41.74
CA PRO B 564 3.83 14.26 -43.03
C PRO B 564 2.70 15.29 -42.93
N ASN B 565 2.63 16.17 -43.93
CA ASN B 565 1.63 17.24 -43.98
C ASN B 565 0.19 16.84 -43.63
N GLY B 566 -0.22 15.64 -44.04
CA GLY B 566 -1.59 15.21 -43.77
C GLY B 566 -1.78 14.22 -42.64
N GLN B 567 -0.77 14.06 -41.78
CA GLN B 567 -0.89 13.12 -40.67
C GLN B 567 -1.95 13.56 -39.66
N SER B 568 -2.78 12.62 -39.24
CA SER B 568 -3.84 12.93 -38.28
C SER B 568 -3.26 13.54 -37.02
N LYS B 569 -3.95 14.57 -36.50
CA LYS B 569 -3.51 15.22 -35.28
C LYS B 569 -3.50 14.21 -34.13
N GLU B 570 -4.32 13.18 -34.23
CA GLU B 570 -4.39 12.16 -33.19
C GLU B 570 -3.18 11.24 -33.23
N ASP B 571 -2.50 11.21 -34.38
CA ASP B 571 -1.31 10.39 -34.53
C ASP B 571 -0.15 11.27 -34.06
N THR B 572 0.30 11.06 -32.84
CA THR B 572 1.38 11.87 -32.29
C THR B 572 2.78 11.33 -32.55
N VAL B 573 2.87 10.18 -33.19
CA VAL B 573 4.19 9.61 -33.48
C VAL B 573 4.93 10.56 -34.40
N GLY B 574 6.10 11.01 -33.96
CA GLY B 574 6.88 11.93 -34.75
C GLY B 574 6.68 13.37 -34.30
N ARG B 575 5.74 13.59 -33.39
CA ARG B 575 5.48 14.93 -32.89
C ARG B 575 6.21 15.13 -31.56
N PRO B 576 6.56 16.39 -31.25
CA PRO B 576 7.26 16.77 -30.02
C PRO B 576 6.36 16.80 -28.78
N LEU B 577 5.72 15.67 -28.50
CA LEU B 577 4.83 15.57 -27.35
C LEU B 577 5.63 15.56 -26.06
N PRO B 578 5.30 16.47 -25.13
CA PRO B 578 6.03 16.51 -23.85
C PRO B 578 5.85 15.21 -23.06
N HIS B 579 6.84 14.89 -22.23
CA HIS B 579 6.81 13.71 -21.37
C HIS B 579 5.45 13.76 -20.66
N LEU B 580 4.72 12.64 -20.68
CA LEU B 580 3.38 12.59 -20.09
C LEU B 580 3.30 12.97 -18.61
N ALA B 581 4.38 12.81 -17.88
CA ALA B 581 4.37 13.13 -16.45
C ALA B 581 5.07 14.45 -16.12
N ALA B 582 5.53 15.17 -17.15
CA ALA B 582 6.24 16.43 -16.93
C ALA B 582 5.48 17.42 -16.06
N ALA B 583 4.20 17.62 -16.34
CA ALA B 583 3.42 18.57 -15.57
C ALA B 583 3.37 18.16 -14.10
N MET B 584 3.15 16.88 -13.84
CA MET B 584 3.09 16.42 -12.46
C MET B 584 4.46 16.48 -11.79
N GLN B 585 5.52 16.35 -12.59
CA GLN B 585 6.86 16.43 -12.06
C GLN B 585 7.15 17.89 -11.70
N ALA B 586 6.64 18.80 -12.52
CA ALA B 586 6.82 20.23 -12.28
C ALA B 586 6.01 20.67 -11.07
N SER B 587 4.94 19.94 -10.78
CA SER B 587 4.07 20.29 -9.65
C SER B 587 4.41 19.57 -8.35
N GLY B 588 5.30 18.58 -8.44
CA GLY B 588 5.67 17.85 -7.24
C GLY B 588 4.63 16.79 -6.93
N GLU B 589 3.72 16.53 -7.87
CA GLU B 589 2.69 15.52 -7.68
C GLU B 589 3.15 14.14 -8.12
N ALA B 590 4.15 14.09 -9.00
CA ALA B 590 4.66 12.81 -9.45
C ALA B 590 5.21 12.08 -8.24
N VAL B 591 4.78 10.84 -8.04
CA VAL B 591 5.23 10.08 -6.90
C VAL B 591 6.46 9.21 -7.18
N TYR B 592 7.52 9.43 -6.41
CA TYR B 592 8.72 8.62 -6.52
C TYR B 592 8.66 7.70 -5.32
N CYS B 593 9.45 6.64 -5.31
CA CYS B 593 9.42 5.66 -4.23
C CYS B 593 9.25 6.17 -2.81
N ASP B 594 10.13 7.06 -2.36
CA ASP B 594 10.02 7.54 -0.99
C ASP B 594 8.85 8.48 -0.75
N ASP B 595 8.22 8.95 -1.82
CA ASP B 595 7.06 9.84 -1.70
C ASP B 595 5.83 9.03 -1.32
N ILE B 596 5.91 7.71 -1.52
CA ILE B 596 4.80 6.85 -1.16
C ILE B 596 4.64 6.97 0.35
N PRO B 597 3.43 7.26 0.82
CA PRO B 597 3.21 7.40 2.26
C PRO B 597 3.69 6.16 3.02
N ARG B 598 4.17 6.35 4.24
CA ARG B 598 4.63 5.21 5.03
C ARG B 598 3.45 4.66 5.82
N TYR B 599 3.46 3.36 6.05
CA TYR B 599 2.40 2.75 6.86
C TYR B 599 2.66 3.17 8.30
N GLU B 600 1.61 3.14 9.11
CA GLU B 600 1.71 3.53 10.51
C GLU B 600 2.78 2.71 11.23
N ASN B 601 2.94 1.46 10.81
CA ASN B 601 3.91 0.57 11.44
C ASN B 601 5.17 0.38 10.59
N GLU B 602 5.38 1.25 9.61
CA GLU B 602 6.53 1.13 8.73
C GLU B 602 7.84 1.49 9.44
N LEU B 603 8.83 0.63 9.30
CA LEU B 603 10.13 0.83 9.92
C LEU B 603 11.16 1.29 8.90
N PHE B 604 12.32 1.72 9.40
CA PHE B 604 13.38 2.19 8.52
C PHE B 604 14.65 1.40 8.68
N LEU B 605 15.30 1.14 7.55
CA LEU B 605 16.54 0.39 7.53
C LEU B 605 17.71 1.25 7.12
N ARG B 606 18.84 1.03 7.81
CA ARG B 606 20.08 1.73 7.53
C ARG B 606 21.13 0.65 7.38
N LEU B 607 21.80 0.63 6.23
CA LEU B 607 22.82 -0.37 5.98
C LEU B 607 24.06 -0.14 6.83
N VAL B 608 24.67 -1.24 7.27
CA VAL B 608 25.91 -1.17 8.03
C VAL B 608 26.93 -1.70 7.03
N THR B 609 27.90 -0.87 6.68
CA THR B 609 28.87 -1.27 5.68
C THR B 609 30.31 -1.31 6.18
N SER B 610 31.13 -2.08 5.48
CA SER B 610 32.53 -2.24 5.80
C SER B 610 33.31 -0.94 5.65
N THR B 611 34.25 -0.71 6.56
CA THR B 611 35.08 0.48 6.50
C THR B 611 36.48 0.06 6.05
N ARG B 612 36.62 -1.20 5.69
CA ARG B 612 37.89 -1.76 5.24
C ARG B 612 37.77 -2.32 3.82
N ALA B 613 38.82 -2.15 3.02
CA ALA B 613 38.82 -2.65 1.65
C ALA B 613 38.83 -4.18 1.60
N HIS B 614 39.58 -4.79 2.51
CA HIS B 614 39.67 -6.25 2.53
C HIS B 614 40.08 -6.72 3.93
N ALA B 615 39.20 -7.45 4.59
CA ALA B 615 39.51 -7.93 5.93
C ALA B 615 38.55 -9.00 6.40
N LYS B 616 38.96 -9.68 7.46
CA LYS B 616 38.13 -10.72 8.05
C LYS B 616 37.28 -9.99 9.09
N ILE B 617 36.01 -10.38 9.19
CA ILE B 617 35.14 -9.79 10.19
C ILE B 617 35.38 -10.65 11.41
N LYS B 618 36.01 -10.07 12.43
CA LYS B 618 36.29 -10.81 13.65
C LYS B 618 35.09 -10.87 14.56
N SER B 619 34.42 -9.73 14.72
CA SER B 619 33.23 -9.68 15.56
C SER B 619 32.42 -8.43 15.29
N ILE B 620 31.15 -8.48 15.68
CA ILE B 620 30.26 -7.35 15.49
C ILE B 620 29.55 -7.10 16.80
N ASP B 621 29.72 -5.90 17.34
CA ASP B 621 29.09 -5.55 18.60
C ASP B 621 28.01 -4.51 18.37
N VAL B 622 26.78 -4.85 18.75
CA VAL B 622 25.65 -3.95 18.57
C VAL B 622 25.13 -3.46 19.91
N SER B 623 25.91 -3.67 20.97
CA SER B 623 25.50 -3.25 22.30
C SER B 623 25.23 -1.75 22.38
N GLU B 624 25.96 -0.95 21.62
CA GLU B 624 25.73 0.49 21.64
C GLU B 624 24.53 0.85 20.77
N ALA B 625 24.38 0.17 19.65
CA ALA B 625 23.26 0.42 18.75
C ALA B 625 21.95 0.14 19.46
N GLN B 626 21.90 -0.94 20.23
CA GLN B 626 20.70 -1.33 20.97
C GLN B 626 20.22 -0.26 21.96
N LYS B 627 21.09 0.68 22.32
CA LYS B 627 20.73 1.73 23.26
C LYS B 627 20.05 2.90 22.59
N VAL B 628 20.24 3.03 21.28
CA VAL B 628 19.63 4.12 20.54
C VAL B 628 18.11 3.99 20.59
N PRO B 629 17.43 5.08 20.95
CA PRO B 629 15.97 5.02 21.03
C PRO B 629 15.40 4.56 19.68
N GLY B 630 14.32 3.78 19.72
CA GLY B 630 13.72 3.32 18.48
C GLY B 630 14.39 2.14 17.80
N PHE B 631 15.53 1.71 18.33
CA PHE B 631 16.22 0.57 17.75
C PHE B 631 15.29 -0.64 17.77
N VAL B 632 15.19 -1.33 16.64
CA VAL B 632 14.35 -2.51 16.56
C VAL B 632 15.23 -3.74 16.50
N CYS B 633 16.18 -3.75 15.57
CA CYS B 633 17.07 -4.90 15.43
C CYS B 633 18.23 -4.65 14.49
N PHE B 634 19.22 -5.53 14.59
CA PHE B 634 20.37 -5.49 13.70
C PHE B 634 20.28 -6.79 12.93
N LEU B 635 20.30 -6.69 11.60
CA LEU B 635 20.20 -7.87 10.74
C LEU B 635 21.54 -8.20 10.13
N SER B 636 21.84 -9.49 10.03
CA SER B 636 23.10 -9.93 9.45
C SER B 636 22.88 -11.23 8.65
N ALA B 637 23.95 -11.77 8.10
CA ALA B 637 23.88 -12.98 7.30
C ALA B 637 23.05 -14.11 7.90
N ASP B 638 23.22 -14.37 9.19
CA ASP B 638 22.48 -15.46 9.82
C ASP B 638 20.97 -15.27 9.87
N ASP B 639 20.49 -14.05 9.63
CA ASP B 639 19.06 -13.79 9.66
C ASP B 639 18.37 -14.20 8.37
N ILE B 640 19.15 -14.40 7.31
CA ILE B 640 18.59 -14.77 6.02
C ILE B 640 18.01 -16.18 6.06
N PRO B 641 16.71 -16.31 5.75
CA PRO B 641 16.04 -17.62 5.77
C PRO B 641 16.33 -18.46 4.54
N GLY B 642 16.66 -17.80 3.45
CA GLY B 642 16.95 -18.51 2.21
C GLY B 642 18.42 -18.63 1.89
N SER B 643 18.87 -17.89 0.87
CA SER B 643 20.27 -17.93 0.46
C SER B 643 20.98 -16.60 0.61
N ASN B 644 22.23 -16.65 1.04
CA ASN B 644 23.01 -15.42 1.19
C ASN B 644 23.86 -15.24 -0.07
N GLU B 645 23.63 -16.08 -1.07
CA GLU B 645 24.36 -16.00 -2.32
C GLU B 645 23.49 -15.20 -3.30
N THR B 646 24.02 -14.09 -3.78
CA THR B 646 23.26 -13.24 -4.70
C THR B 646 24.15 -12.67 -5.78
N GLY B 647 23.63 -11.73 -6.55
CA GLY B 647 24.41 -11.13 -7.61
C GLY B 647 24.13 -11.81 -8.92
N LEU B 648 24.33 -11.08 -10.01
CA LEU B 648 24.08 -11.61 -11.34
C LEU B 648 24.76 -12.96 -11.56
N PHE B 649 25.97 -13.12 -11.04
CA PHE B 649 26.69 -14.37 -11.21
C PHE B 649 26.90 -15.15 -9.92
N ASN B 650 25.99 -14.96 -8.97
CA ASN B 650 26.05 -15.65 -7.69
C ASN B 650 27.39 -15.62 -7.00
N ASP B 651 28.10 -14.50 -7.13
CA ASP B 651 29.41 -14.35 -6.51
C ASP B 651 29.40 -13.27 -5.45
N GLU B 652 28.22 -12.94 -4.94
CA GLU B 652 28.09 -11.91 -3.92
C GLU B 652 27.29 -12.39 -2.73
N THR B 653 27.49 -11.73 -1.60
CA THR B 653 26.73 -12.05 -0.39
C THR B 653 25.66 -10.97 -0.28
N VAL B 654 24.56 -11.29 0.39
CA VAL B 654 23.51 -10.31 0.60
C VAL B 654 24.05 -9.48 1.75
N PHE B 655 24.66 -10.20 2.70
CA PHE B 655 25.27 -9.62 3.88
C PHE B 655 26.62 -10.31 4.03
N ALA B 656 27.68 -9.50 4.18
CA ALA B 656 29.03 -10.04 4.31
C ALA B 656 29.12 -11.13 5.37
N LYS B 657 29.82 -12.21 5.02
CA LYS B 657 30.02 -13.35 5.91
C LYS B 657 31.50 -13.67 6.00
N ASP B 658 32.07 -13.53 7.21
CA ASP B 658 33.48 -13.82 7.46
C ASP B 658 34.46 -12.75 6.98
N THR B 659 34.26 -12.23 5.77
CA THR B 659 35.17 -11.21 5.26
C THR B 659 34.46 -10.15 4.42
N VAL B 660 35.04 -8.96 4.43
CA VAL B 660 34.52 -7.84 3.65
C VAL B 660 35.54 -7.68 2.52
N THR B 661 35.06 -7.40 1.31
CA THR B 661 35.94 -7.27 0.16
C THR B 661 35.97 -5.90 -0.49
N CYS B 662 35.51 -4.88 0.23
CA CYS B 662 35.54 -3.51 -0.27
C CYS B 662 34.93 -2.57 0.75
N VAL B 663 35.35 -1.31 0.72
CA VAL B 663 34.78 -0.33 1.62
C VAL B 663 33.38 -0.17 1.06
N GLY B 664 32.37 -0.28 1.92
CA GLY B 664 30.99 -0.17 1.47
C GLY B 664 30.32 -1.53 1.40
N HIS B 665 31.11 -2.58 1.51
CA HIS B 665 30.59 -3.95 1.47
C HIS B 665 29.54 -4.05 2.57
N ILE B 666 28.31 -4.40 2.20
CA ILE B 666 27.23 -4.50 3.17
C ILE B 666 27.39 -5.68 4.12
N ILE B 667 27.55 -5.37 5.40
CA ILE B 667 27.73 -6.37 6.44
C ILE B 667 26.41 -6.71 7.10
N GLY B 668 25.54 -5.71 7.20
CA GLY B 668 24.25 -5.94 7.83
C GLY B 668 23.39 -4.71 7.74
N ALA B 669 22.40 -4.62 8.60
CA ALA B 669 21.50 -3.49 8.58
C ALA B 669 20.80 -3.29 9.90
N VAL B 670 20.55 -2.03 10.23
CA VAL B 670 19.84 -1.69 11.44
C VAL B 670 18.43 -1.27 11.04
N VAL B 671 17.45 -1.72 11.81
CA VAL B 671 16.07 -1.35 11.57
C VAL B 671 15.64 -0.57 12.80
N ALA B 672 15.03 0.60 12.57
CA ALA B 672 14.58 1.44 13.67
C ALA B 672 13.25 2.10 13.32
N ASP B 673 12.66 2.78 14.30
CA ASP B 673 11.38 3.44 14.10
C ASP B 673 11.48 4.70 13.26
N THR B 674 12.67 5.27 13.15
CA THR B 674 12.85 6.47 12.34
C THR B 674 14.18 6.38 11.60
N PRO B 675 14.31 7.12 10.49
CA PRO B 675 15.55 7.09 9.70
C PRO B 675 16.72 7.58 10.55
N GLU B 676 16.49 8.64 11.32
CA GLU B 676 17.55 9.20 12.17
C GLU B 676 18.03 8.18 13.19
N HIS B 677 17.11 7.47 13.83
CA HIS B 677 17.48 6.47 14.81
C HIS B 677 18.22 5.31 14.17
N ALA B 678 17.79 4.90 12.98
CA ALA B 678 18.42 3.81 12.28
C ALA B 678 19.85 4.21 11.92
N GLU B 679 20.00 5.44 11.44
CA GLU B 679 21.30 5.96 11.06
C GLU B 679 22.23 6.03 12.28
N ARG B 680 21.73 6.62 13.36
CA ARG B 680 22.53 6.75 14.56
C ARG B 680 22.95 5.39 15.12
N ALA B 681 22.02 4.44 15.13
CA ALA B 681 22.32 3.11 15.63
C ALA B 681 23.35 2.41 14.73
N ALA B 682 23.16 2.52 13.43
CA ALA B 682 24.08 1.90 12.49
C ALA B 682 25.48 2.48 12.65
N HIS B 683 25.54 3.78 12.94
CA HIS B 683 26.82 4.45 13.12
C HIS B 683 27.63 3.87 14.28
N VAL B 684 26.94 3.45 15.34
CA VAL B 684 27.63 2.88 16.49
C VAL B 684 27.77 1.36 16.52
N VAL B 685 27.41 0.69 15.42
CA VAL B 685 27.60 -0.76 15.38
C VAL B 685 29.11 -0.91 15.27
N LYS B 686 29.72 -1.63 16.21
CA LYS B 686 31.16 -1.80 16.21
C LYS B 686 31.63 -3.09 15.57
N VAL B 687 32.36 -2.95 14.47
CA VAL B 687 32.89 -4.10 13.75
C VAL B 687 34.40 -4.21 13.98
N THR B 688 34.85 -5.39 14.36
CA THR B 688 36.27 -5.62 14.59
C THR B 688 36.81 -6.32 13.36
N TYR B 689 37.84 -5.75 12.76
CA TYR B 689 38.43 -6.34 11.55
C TYR B 689 39.87 -6.81 11.73
N GLU B 690 40.30 -7.60 10.75
CA GLU B 690 41.65 -8.11 10.67
C GLU B 690 41.94 -7.99 9.18
N ASP B 691 42.67 -6.94 8.81
CA ASP B 691 42.99 -6.68 7.41
C ASP B 691 43.63 -7.83 6.65
N LEU B 692 43.34 -7.87 5.35
CA LEU B 692 43.88 -8.86 4.44
C LEU B 692 44.46 -8.09 3.27
N PRO B 693 45.48 -8.66 2.60
CA PRO B 693 46.09 -7.97 1.46
C PRO B 693 45.01 -7.52 0.48
N ALA B 694 45.02 -6.24 0.13
CA ALA B 694 44.02 -5.71 -0.79
C ALA B 694 44.59 -5.40 -2.17
N ILE B 695 43.73 -5.54 -3.18
CA ILE B 695 44.08 -5.24 -4.57
C ILE B 695 43.08 -4.16 -4.95
N ILE B 696 43.54 -2.93 -5.05
CA ILE B 696 42.66 -1.80 -5.35
C ILE B 696 42.63 -1.34 -6.80
N THR B 697 43.81 -1.18 -7.39
CA THR B 697 43.90 -0.67 -8.75
C THR B 697 44.04 -1.71 -9.85
N ILE B 698 43.83 -1.23 -11.08
CA ILE B 698 43.97 -2.07 -12.26
C ILE B 698 45.42 -2.55 -12.30
N GLU B 699 46.34 -1.68 -11.91
CA GLU B 699 47.76 -2.05 -11.89
C GLU B 699 47.95 -3.17 -10.87
N ASP B 700 47.39 -3.00 -9.68
CA ASP B 700 47.49 -3.99 -8.61
C ASP B 700 46.97 -5.33 -9.13
N ALA B 701 45.80 -5.28 -9.76
CA ALA B 701 45.15 -6.45 -10.31
C ALA B 701 46.03 -7.15 -11.34
N ILE B 702 46.53 -6.39 -12.30
CA ILE B 702 47.39 -6.94 -13.34
C ILE B 702 48.61 -7.61 -12.73
N LYS B 703 49.30 -6.88 -11.84
CA LYS B 703 50.49 -7.41 -11.19
C LYS B 703 50.19 -8.66 -10.38
N ASN B 704 48.98 -8.74 -9.84
CA ASN B 704 48.58 -9.88 -9.02
C ASN B 704 47.75 -10.91 -9.78
N ASN B 705 47.60 -10.71 -11.09
CA ASN B 705 46.83 -11.62 -11.91
C ASN B 705 45.44 -11.82 -11.30
N SER B 706 44.85 -10.73 -10.81
CA SER B 706 43.53 -10.77 -10.19
C SER B 706 42.46 -10.37 -11.19
N PHE B 707 41.91 -11.35 -11.88
CA PHE B 707 40.88 -11.06 -12.87
C PHE B 707 39.65 -11.95 -12.73
N TYR B 708 38.59 -11.56 -13.44
CA TYR B 708 37.36 -12.32 -13.48
C TYR B 708 37.33 -13.01 -14.82
N GLY B 709 37.44 -14.34 -14.82
CA GLY B 709 37.41 -15.08 -16.06
C GLY B 709 38.64 -14.89 -16.92
N SER B 710 38.55 -15.33 -18.16
CA SER B 710 39.67 -15.22 -19.09
C SER B 710 39.57 -14.01 -20.01
N GLU B 711 40.62 -13.82 -20.80
CA GLU B 711 40.72 -12.73 -21.73
C GLU B 711 39.67 -12.75 -22.85
N LEU B 712 39.07 -11.59 -23.09
CA LEU B 712 38.09 -11.46 -24.15
C LEU B 712 38.88 -10.93 -25.34
N LYS B 713 38.52 -11.34 -26.55
CA LYS B 713 39.25 -10.88 -27.71
C LYS B 713 38.52 -10.94 -29.04
N ILE B 714 38.79 -9.95 -29.87
CA ILE B 714 38.24 -9.87 -31.20
C ILE B 714 39.45 -9.57 -32.07
N GLU B 715 39.72 -10.42 -33.05
CA GLU B 715 40.86 -10.20 -33.93
C GLU B 715 40.47 -10.47 -35.38
N LYS B 716 40.90 -9.58 -36.25
CA LYS B 716 40.62 -9.69 -37.67
C LYS B 716 41.83 -9.23 -38.46
N GLY B 717 42.07 -9.88 -39.60
CA GLY B 717 43.20 -9.51 -40.43
C GLY B 717 44.50 -10.10 -39.94
N ASP B 718 45.61 -9.50 -40.38
CA ASP B 718 46.94 -9.95 -40.02
C ASP B 718 47.69 -8.77 -39.39
N LEU B 719 47.78 -8.76 -38.07
CA LEU B 719 48.45 -7.68 -37.35
C LEU B 719 49.91 -7.52 -37.76
N LYS B 720 50.68 -8.60 -37.63
CA LYS B 720 52.09 -8.56 -37.99
C LYS B 720 52.27 -7.98 -39.38
N LYS B 721 51.47 -8.45 -40.33
CA LYS B 721 51.55 -7.96 -41.70
C LYS B 721 51.14 -6.50 -41.76
N GLY B 722 50.10 -6.15 -41.02
CA GLY B 722 49.62 -4.78 -41.01
C GLY B 722 50.69 -3.79 -40.54
N PHE B 723 51.31 -4.10 -39.41
CA PHE B 723 52.35 -3.21 -38.89
C PHE B 723 53.54 -3.12 -39.85
N SER B 724 53.86 -4.22 -40.52
CA SER B 724 54.98 -4.23 -41.45
C SER B 724 54.73 -3.26 -42.60
N GLU B 725 53.46 -3.11 -42.99
CA GLU B 725 53.10 -2.22 -44.08
C GLU B 725 52.95 -0.77 -43.65
N ALA B 726 52.66 -0.56 -42.37
CA ALA B 726 52.47 0.78 -41.83
C ALA B 726 53.72 1.66 -41.91
N ASP B 727 53.54 2.89 -42.36
CA ASP B 727 54.66 3.82 -42.45
C ASP B 727 55.06 4.23 -41.05
N ASN B 728 54.06 4.44 -40.20
CA ASN B 728 54.30 4.86 -38.82
C ASN B 728 53.58 3.99 -37.81
N VAL B 729 54.15 3.88 -36.62
CA VAL B 729 53.57 3.10 -35.54
C VAL B 729 53.64 3.90 -34.25
N VAL B 730 52.49 4.07 -33.61
CA VAL B 730 52.42 4.82 -32.36
C VAL B 730 51.91 3.90 -31.25
N SER B 731 52.64 3.85 -30.15
CA SER B 731 52.24 3.03 -29.01
C SER B 731 52.05 3.91 -27.78
N GLY B 732 51.11 3.54 -26.94
CA GLY B 732 50.87 4.34 -25.75
C GLY B 732 49.96 3.67 -24.75
N GLU B 733 49.64 4.43 -23.71
CA GLU B 733 48.77 3.97 -22.65
C GLU B 733 47.77 5.09 -22.39
N LEU B 734 46.53 4.71 -22.09
CA LEU B 734 45.49 5.70 -21.83
C LEU B 734 44.62 5.23 -20.69
N TYR B 735 44.13 6.17 -19.90
CA TYR B 735 43.26 5.86 -18.77
C TYR B 735 42.02 6.74 -18.80
N ILE B 736 40.89 6.17 -18.42
CA ILE B 736 39.65 6.92 -18.37
C ILE B 736 39.03 6.60 -17.01
N GLY B 737 38.85 7.65 -16.22
CA GLY B 737 38.29 7.48 -14.89
C GLY B 737 36.85 6.99 -14.94
N GLY B 738 36.38 6.48 -13.81
CA GLY B 738 35.02 5.98 -13.72
C GLY B 738 34.01 7.12 -13.67
N GLN B 739 32.82 6.82 -13.18
CA GLN B 739 31.78 7.83 -13.11
C GLN B 739 30.65 7.36 -12.22
N ASP B 740 30.13 8.29 -11.43
CA ASP B 740 29.01 7.96 -10.55
C ASP B 740 27.74 8.38 -11.29
N HIS B 741 26.75 7.50 -11.27
CA HIS B 741 25.50 7.80 -11.97
C HIS B 741 24.87 9.11 -11.58
N PHE B 742 24.93 9.40 -10.28
CA PHE B 742 24.32 10.59 -9.72
C PHE B 742 22.90 10.84 -10.21
N TYR B 743 22.06 9.79 -10.20
CA TYR B 743 20.66 9.97 -10.57
C TYR B 743 20.19 10.85 -9.40
N LEU B 744 19.35 11.85 -9.67
CA LEU B 744 18.93 12.73 -8.59
C LEU B 744 18.22 11.98 -7.48
N GLU B 745 17.52 10.91 -7.82
CA GLU B 745 16.86 10.09 -6.80
C GLU B 745 17.80 8.91 -6.55
N THR B 746 18.25 8.76 -5.31
CA THR B 746 19.13 7.66 -4.97
C THR B 746 18.33 6.36 -4.92
N HIS B 747 19.02 5.26 -4.69
CA HIS B 747 18.37 3.94 -4.59
C HIS B 747 17.35 3.96 -3.47
N CYS B 748 16.23 3.29 -3.69
N CYS B 748 16.27 3.24 -3.65
CA CYS B 748 15.18 3.27 -2.69
CA CYS B 748 15.25 3.16 -2.61
C CYS B 748 14.27 2.06 -2.87
C CYS B 748 14.29 2.02 -2.83
N THR B 749 13.90 1.45 -1.75
CA THR B 749 13.00 0.30 -1.77
C THR B 749 12.09 0.31 -0.55
N ILE B 750 10.83 -0.05 -0.77
CA ILE B 750 9.86 -0.17 0.28
C ILE B 750 9.43 -1.63 0.12
N ALA B 751 9.48 -2.39 1.22
CA ALA B 751 9.09 -3.79 1.16
C ALA B 751 7.91 -4.00 2.08
N ILE B 752 6.82 -4.55 1.54
CA ILE B 752 5.62 -4.80 2.33
C ILE B 752 5.40 -6.29 2.53
N PRO B 753 5.59 -6.80 3.75
CA PRO B 753 5.38 -8.22 4.01
C PRO B 753 3.89 -8.45 4.19
N LYS B 754 3.32 -9.37 3.43
CA LYS B 754 1.88 -9.63 3.53
C LYS B 754 1.52 -10.55 4.69
N GLY B 755 2.47 -11.37 5.12
CA GLY B 755 2.20 -12.28 6.21
C GLY B 755 1.57 -13.59 5.76
N GLU B 756 1.38 -13.74 4.46
CA GLU B 756 0.79 -14.94 3.89
C GLU B 756 1.68 -15.62 2.87
N GLU B 757 1.93 -16.90 3.07
CA GLU B 757 2.71 -17.70 2.12
C GLU B 757 3.99 -17.04 1.62
N GLY B 758 4.62 -16.22 2.47
CA GLY B 758 5.85 -15.57 2.08
C GLY B 758 5.68 -14.43 1.11
N GLU B 759 4.43 -14.05 0.85
CA GLU B 759 4.13 -12.96 -0.07
C GLU B 759 4.74 -11.63 0.36
N MET B 760 5.28 -10.90 -0.61
CA MET B 760 5.85 -9.59 -0.33
C MET B 760 5.68 -8.71 -1.56
N GLU B 761 5.27 -7.47 -1.32
CA GLU B 761 5.07 -6.50 -2.39
C GLU B 761 6.09 -5.42 -2.18
N LEU B 762 6.89 -5.12 -3.21
CA LEU B 762 7.92 -4.10 -3.08
C LEU B 762 7.77 -3.00 -4.10
N PHE B 763 8.03 -1.77 -3.65
CA PHE B 763 8.00 -0.59 -4.52
C PHE B 763 9.47 -0.28 -4.58
N VAL B 764 10.01 -0.30 -5.80
CA VAL B 764 11.44 -0.11 -5.96
C VAL B 764 11.84 0.83 -7.06
N SER B 765 12.90 1.58 -6.81
CA SER B 765 13.43 2.48 -7.82
C SER B 765 14.44 1.62 -8.57
N THR B 766 13.96 0.84 -9.54
CA THR B 766 14.85 -0.05 -10.28
C THR B 766 14.46 -0.18 -11.76
N GLN B 767 15.44 -0.50 -12.59
CA GLN B 767 15.22 -0.69 -14.02
C GLN B 767 15.05 -2.19 -14.25
N ASN B 768 15.16 -2.96 -13.18
CA ASN B 768 15.11 -4.42 -13.30
C ASN B 768 14.20 -5.06 -12.27
N ALA B 769 12.89 -4.98 -12.50
CA ALA B 769 11.93 -5.56 -11.58
C ALA B 769 12.07 -7.08 -11.54
N MET B 770 12.45 -7.68 -12.66
CA MET B 770 12.60 -9.13 -12.73
C MET B 770 13.68 -9.65 -11.77
N LYS B 771 14.89 -9.09 -11.87
CA LYS B 771 15.97 -9.51 -11.00
C LYS B 771 15.71 -9.13 -9.56
N THR B 772 15.06 -7.99 -9.33
CA THR B 772 14.74 -7.59 -7.98
C THR B 772 13.85 -8.69 -7.40
N GLN B 773 12.87 -9.09 -8.20
CA GLN B 773 11.94 -10.12 -7.78
C GLN B 773 12.61 -11.45 -7.51
N SER B 774 13.43 -11.91 -8.44
CA SER B 774 14.09 -13.20 -8.25
C SER B 774 15.12 -13.17 -7.12
N PHE B 775 15.87 -12.08 -7.02
CA PHE B 775 16.87 -11.96 -5.96
C PHE B 775 16.22 -11.91 -4.58
N VAL B 776 15.08 -11.24 -4.47
CA VAL B 776 14.39 -11.16 -3.20
C VAL B 776 13.85 -12.55 -2.86
N ALA B 777 13.27 -13.22 -3.85
CA ALA B 777 12.71 -14.57 -3.64
C ALA B 777 13.82 -15.55 -3.24
N LYS B 778 14.99 -15.41 -3.87
CA LYS B 778 16.13 -16.27 -3.59
C LYS B 778 16.62 -16.09 -2.16
N MET B 779 16.71 -14.84 -1.73
CA MET B 779 17.16 -14.54 -0.38
C MET B 779 16.17 -15.08 0.64
N LEU B 780 14.88 -14.89 0.35
CA LEU B 780 13.83 -15.36 1.24
C LEU B 780 13.65 -16.88 1.18
N GLY B 781 14.01 -17.47 0.05
CA GLY B 781 13.85 -18.90 -0.10
C GLY B 781 12.42 -19.26 -0.42
N VAL B 782 11.76 -18.41 -1.19
CA VAL B 782 10.37 -18.65 -1.57
C VAL B 782 10.23 -18.62 -3.09
N PRO B 783 9.16 -19.21 -3.61
CA PRO B 783 8.98 -19.20 -5.07
C PRO B 783 8.88 -17.77 -5.58
N VAL B 784 9.34 -17.54 -6.80
CA VAL B 784 9.29 -16.22 -7.40
C VAL B 784 7.86 -15.67 -7.50
N ASN B 785 6.88 -16.56 -7.66
CA ASN B 785 5.49 -16.13 -7.78
C ASN B 785 4.92 -15.51 -6.50
N ARG B 786 5.71 -15.49 -5.43
CA ARG B 786 5.26 -14.92 -4.17
C ARG B 786 5.67 -13.47 -4.03
N ILE B 787 6.56 -13.03 -4.92
CA ILE B 787 7.10 -11.68 -4.85
C ILE B 787 6.60 -10.78 -5.96
N LEU B 788 6.06 -9.63 -5.59
CA LEU B 788 5.55 -8.67 -6.54
C LEU B 788 6.40 -7.41 -6.48
N VAL B 789 6.96 -7.02 -7.62
CA VAL B 789 7.78 -5.81 -7.64
C VAL B 789 7.09 -4.79 -8.55
N ARG B 790 6.90 -3.60 -8.00
CA ARG B 790 6.22 -2.53 -8.70
C ARG B 790 7.13 -1.32 -8.83
N VAL B 791 7.25 -0.83 -10.06
CA VAL B 791 8.08 0.33 -10.33
C VAL B 791 7.23 1.38 -11.03
N LYS B 792 6.94 2.47 -10.33
CA LYS B 792 6.17 3.57 -10.89
C LYS B 792 7.10 4.34 -11.81
N ARG B 793 8.17 4.87 -11.23
CA ARG B 793 9.16 5.62 -11.98
C ARG B 793 10.42 5.74 -11.14
N MET B 794 11.50 6.14 -11.79
CA MET B 794 12.77 6.35 -11.12
C MET B 794 13.18 7.78 -11.37
N GLY B 795 13.75 8.42 -10.36
CA GLY B 795 14.25 9.77 -10.54
C GLY B 795 15.64 9.56 -11.12
N GLY B 796 15.70 8.92 -12.28
CA GLY B 796 16.98 8.63 -12.93
C GLY B 796 17.49 7.23 -12.62
N GLY B 797 18.19 6.62 -13.58
CA GLY B 797 18.73 5.28 -13.40
C GLY B 797 20.09 5.18 -14.06
N PHE B 798 20.12 5.50 -15.36
CA PHE B 798 21.35 5.50 -16.15
C PHE B 798 22.17 4.22 -16.08
N GLY B 799 21.51 3.10 -15.80
CA GLY B 799 22.21 1.83 -15.71
C GLY B 799 22.57 1.49 -14.28
N GLY B 800 22.62 2.50 -13.42
CA GLY B 800 22.97 2.27 -12.03
C GLY B 800 21.89 1.56 -11.24
N LYS B 801 20.70 1.44 -11.83
CA LYS B 801 19.61 0.77 -11.18
C LYS B 801 19.21 -0.46 -11.96
N GLU B 802 20.11 -0.89 -12.85
CA GLU B 802 19.85 -2.08 -13.66
C GLU B 802 20.05 -3.34 -12.80
N THR B 803 21.04 -3.33 -11.93
CA THR B 803 21.28 -4.49 -11.07
C THR B 803 21.57 -4.13 -9.62
N ARG B 804 22.35 -3.08 -9.40
CA ARG B 804 22.75 -2.71 -8.05
C ARG B 804 21.66 -2.29 -7.09
N SER B 805 20.47 -2.02 -7.62
CA SER B 805 19.36 -1.63 -6.77
C SER B 805 18.99 -2.79 -5.84
N THR B 806 19.35 -4.01 -6.22
CA THR B 806 19.01 -5.16 -5.39
C THR B 806 19.77 -5.16 -4.07
N LEU B 807 20.90 -4.43 -4.01
CA LEU B 807 21.68 -4.37 -2.78
C LEU B 807 20.77 -3.84 -1.67
N VAL B 808 19.99 -2.82 -1.99
CA VAL B 808 19.06 -2.26 -1.01
C VAL B 808 17.77 -3.07 -0.92
N SER B 809 17.20 -3.42 -2.07
CA SER B 809 15.96 -4.17 -2.10
C SER B 809 15.99 -5.45 -1.27
N VAL B 810 17.04 -6.25 -1.43
CA VAL B 810 17.13 -7.50 -0.69
C VAL B 810 17.30 -7.27 0.80
N ALA B 811 18.04 -6.23 1.17
CA ALA B 811 18.22 -5.94 2.58
C ALA B 811 16.90 -5.51 3.18
N VAL B 812 16.20 -4.62 2.49
CA VAL B 812 14.91 -4.14 2.98
C VAL B 812 13.91 -5.29 3.03
N ALA B 813 13.98 -6.18 2.05
CA ALA B 813 13.08 -7.33 2.01
C ALA B 813 13.32 -8.21 3.23
N LEU B 814 14.59 -8.39 3.59
CA LEU B 814 14.92 -9.22 4.74
C LEU B 814 14.33 -8.57 5.99
N ALA B 815 14.46 -7.26 6.10
CA ALA B 815 13.94 -6.53 7.24
C ALA B 815 12.43 -6.73 7.36
N ALA B 816 11.72 -6.64 6.24
CA ALA B 816 10.27 -6.82 6.25
C ALA B 816 9.95 -8.25 6.68
N TYR B 817 10.67 -9.21 6.12
CA TYR B 817 10.46 -10.61 6.45
C TYR B 817 10.65 -10.86 7.96
N LYS B 818 11.77 -10.39 8.50
CA LYS B 818 12.08 -10.60 9.90
C LYS B 818 11.15 -9.90 10.87
N THR B 819 10.83 -8.64 10.60
CA THR B 819 9.96 -7.88 11.50
C THR B 819 8.48 -8.11 11.26
N GLY B 820 8.11 -8.37 10.01
CA GLY B 820 6.71 -8.55 9.69
C GLY B 820 6.07 -7.19 9.47
N HIS B 821 6.91 -6.15 9.47
CA HIS B 821 6.45 -4.78 9.28
C HIS B 821 6.91 -4.26 7.93
N PRO B 822 6.19 -3.27 7.39
CA PRO B 822 6.64 -2.74 6.10
C PRO B 822 7.96 -2.06 6.48
N VAL B 823 8.93 -2.07 5.58
CA VAL B 823 10.21 -1.43 5.86
C VAL B 823 10.68 -0.72 4.61
N ARG B 824 11.38 0.40 4.79
CA ARG B 824 11.89 1.11 3.63
C ARG B 824 13.28 1.65 3.89
N CYS B 825 13.96 1.97 2.81
CA CYS B 825 15.29 2.53 2.87
C CYS B 825 15.59 3.29 1.60
N MET B 826 15.98 4.55 1.77
CA MET B 826 16.39 5.37 0.65
C MET B 826 17.81 5.74 1.02
N LEU B 827 18.74 5.51 0.11
CA LEU B 827 20.13 5.79 0.39
C LEU B 827 20.44 7.27 0.41
N ASP B 828 21.27 7.68 1.36
CA ASP B 828 21.72 9.07 1.38
C ASP B 828 22.71 9.09 0.23
N ARG B 829 23.03 10.26 -0.29
CA ARG B 829 23.95 10.35 -1.41
C ARG B 829 25.32 9.72 -1.14
N ASN B 830 25.88 9.96 0.04
CA ASN B 830 27.19 9.40 0.33
C ASN B 830 27.18 7.87 0.37
N GLU B 831 26.08 7.30 0.85
CA GLU B 831 25.95 5.84 0.89
C GLU B 831 25.89 5.31 -0.54
N ASP B 832 25.03 5.93 -1.33
CA ASP B 832 24.81 5.54 -2.73
C ASP B 832 26.12 5.54 -3.53
N MET B 833 26.84 6.66 -3.49
CA MET B 833 28.09 6.76 -4.23
C MET B 833 29.14 5.74 -3.80
N LEU B 834 29.17 5.45 -2.50
CA LEU B 834 30.14 4.50 -1.97
C LEU B 834 29.83 3.04 -2.29
N ILE B 835 28.58 2.66 -2.10
CA ILE B 835 28.13 1.29 -2.25
C ILE B 835 27.68 0.72 -3.59
N THR B 836 26.90 1.50 -4.33
CA THR B 836 26.30 1.00 -5.56
C THR B 836 27.07 0.85 -6.86
N GLY B 837 28.35 1.21 -6.87
CA GLY B 837 29.14 1.07 -8.08
C GLY B 837 28.84 2.12 -9.13
N GLY B 838 29.78 2.29 -10.07
CA GLY B 838 29.60 3.26 -11.12
C GLY B 838 30.16 2.73 -12.42
N ARG B 839 30.51 3.64 -13.33
CA ARG B 839 31.06 3.25 -14.60
C ARG B 839 32.42 2.63 -14.33
N HIS B 840 32.83 1.73 -15.22
CA HIS B 840 34.12 1.06 -15.08
C HIS B 840 35.30 1.90 -15.52
N PRO B 841 36.27 2.08 -14.61
CA PRO B 841 37.44 2.86 -15.02
C PRO B 841 38.09 1.92 -16.04
N PHE B 842 38.77 2.47 -17.04
CA PHE B 842 39.43 1.66 -18.04
C PHE B 842 40.87 2.09 -18.22
N LEU B 843 41.75 1.12 -18.40
CA LEU B 843 43.16 1.37 -18.66
C LEU B 843 43.38 0.69 -20.01
N ALA B 844 43.97 1.40 -20.95
CA ALA B 844 44.20 0.80 -22.26
C ALA B 844 45.64 0.95 -22.70
N ARG B 845 46.17 -0.12 -23.29
CA ARG B 845 47.52 -0.12 -23.82
C ARG B 845 47.29 -0.41 -25.29
N TYR B 846 47.64 0.56 -26.13
CA TYR B 846 47.42 0.45 -27.56
C TYR B 846 48.65 0.64 -28.42
N LYS B 847 48.52 0.24 -29.69
CA LYS B 847 49.57 0.33 -30.68
C LYS B 847 48.85 0.45 -32.02
N VAL B 848 49.07 1.56 -32.72
CA VAL B 848 48.42 1.74 -34.00
C VAL B 848 49.40 1.99 -35.15
N GLY B 849 49.21 1.25 -36.23
CA GLY B 849 50.03 1.38 -37.41
C GLY B 849 49.26 2.10 -38.49
N PHE B 850 49.88 3.08 -39.12
CA PHE B 850 49.22 3.86 -40.15
C PHE B 850 50.17 4.37 -41.21
N MET B 851 49.61 4.82 -42.33
CA MET B 851 50.41 5.34 -43.43
C MET B 851 50.58 6.85 -43.22
N LYS B 852 51.50 7.45 -43.96
CA LYS B 852 51.75 8.88 -43.86
C LYS B 852 50.51 9.68 -44.21
N THR B 853 49.60 9.05 -44.94
CA THR B 853 48.35 9.69 -45.36
C THR B 853 47.35 9.71 -44.20
N GLY B 854 47.67 8.98 -43.15
CA GLY B 854 46.78 8.92 -42.00
C GLY B 854 45.88 7.69 -42.02
N THR B 855 45.96 6.92 -43.11
CA THR B 855 45.16 5.71 -43.25
C THR B 855 45.64 4.65 -42.25
N ILE B 856 44.70 4.13 -41.46
CA ILE B 856 45.01 3.11 -40.47
C ILE B 856 45.15 1.75 -41.15
N VAL B 857 46.18 1.00 -40.78
CA VAL B 857 46.40 -0.32 -41.37
C VAL B 857 46.50 -1.40 -40.31
N ALA B 858 46.76 -1.01 -39.07
CA ALA B 858 46.88 -1.97 -37.98
C ALA B 858 46.55 -1.34 -36.64
N LEU B 859 45.85 -2.10 -35.78
CA LEU B 859 45.49 -1.61 -34.47
C LEU B 859 45.47 -2.72 -33.43
N GLU B 860 46.11 -2.45 -32.30
CA GLU B 860 46.17 -3.38 -31.20
C GLU B 860 45.81 -2.63 -29.93
N VAL B 861 44.78 -3.07 -29.24
CA VAL B 861 44.37 -2.42 -28.00
C VAL B 861 44.01 -3.46 -26.95
N ASP B 862 44.67 -3.36 -25.80
CA ASP B 862 44.39 -4.26 -24.69
C ASP B 862 43.69 -3.44 -23.63
N HIS B 863 42.43 -3.78 -23.36
CA HIS B 863 41.63 -3.06 -22.37
C HIS B 863 41.64 -3.76 -21.02
N TYR B 864 41.61 -2.96 -19.96
CA TYR B 864 41.55 -3.46 -18.60
C TYR B 864 40.56 -2.58 -17.87
N SER B 865 39.52 -3.18 -17.31
CA SER B 865 38.52 -2.43 -16.59
C SER B 865 38.63 -2.78 -15.12
N ASN B 866 38.32 -1.83 -14.25
CA ASN B 866 38.35 -2.12 -12.83
C ASN B 866 36.91 -2.54 -12.54
N ALA B 867 36.73 -3.85 -12.37
CA ALA B 867 35.42 -4.44 -12.14
C ALA B 867 34.86 -4.37 -10.73
N GLY B 868 35.74 -4.24 -9.74
CA GLY B 868 35.23 -4.19 -8.38
C GLY B 868 35.14 -5.58 -7.76
N ASN B 869 34.45 -5.68 -6.63
CA ASN B 869 34.36 -6.95 -5.91
C ASN B 869 33.37 -8.02 -6.32
N SER B 870 32.78 -7.89 -7.51
CA SER B 870 31.89 -8.93 -8.01
C SER B 870 31.86 -8.77 -9.52
N ARG B 871 31.40 -9.80 -10.23
CA ARG B 871 31.35 -9.72 -11.67
C ARG B 871 30.28 -8.76 -12.19
N ASP B 872 29.06 -8.96 -11.74
CA ASP B 872 27.94 -8.14 -12.17
C ASP B 872 27.94 -8.07 -13.70
N LEU B 873 27.80 -6.88 -14.27
CA LEU B 873 27.76 -6.74 -15.71
C LEU B 873 29.10 -6.46 -16.39
N SER B 874 30.19 -6.60 -15.64
CA SER B 874 31.51 -6.32 -16.17
C SER B 874 31.88 -7.03 -17.46
N HIS B 875 31.50 -8.29 -17.59
CA HIS B 875 31.84 -9.04 -18.80
C HIS B 875 31.14 -8.49 -20.03
N SER B 876 29.84 -8.28 -19.96
CA SER B 876 29.11 -7.75 -21.10
C SER B 876 29.60 -6.35 -21.44
N ILE B 877 29.98 -5.61 -20.40
CA ILE B 877 30.48 -4.26 -20.58
C ILE B 877 31.77 -4.30 -21.40
N MET B 878 32.67 -5.23 -21.06
CA MET B 878 33.92 -5.34 -21.80
C MET B 878 33.61 -5.77 -23.23
N GLU B 879 32.60 -6.63 -23.39
CA GLU B 879 32.23 -7.07 -24.72
C GLU B 879 31.77 -5.90 -25.56
N ARG B 880 30.91 -5.05 -25.00
CA ARG B 880 30.44 -3.90 -25.74
C ARG B 880 31.63 -2.98 -26.06
N ALA B 881 32.57 -2.89 -25.12
CA ALA B 881 33.75 -2.07 -25.34
C ALA B 881 34.47 -2.58 -26.59
N LEU B 882 34.76 -3.87 -26.62
CA LEU B 882 35.44 -4.45 -27.78
C LEU B 882 34.66 -4.24 -29.07
N PHE B 883 33.33 -4.30 -28.98
CA PHE B 883 32.48 -4.10 -30.15
C PHE B 883 32.57 -2.67 -30.69
N HIS B 884 33.09 -1.75 -29.88
CA HIS B 884 33.19 -0.35 -30.31
C HIS B 884 34.59 0.24 -30.38
N MET B 885 35.62 -0.61 -30.33
CA MET B 885 36.99 -0.10 -30.36
C MET B 885 37.34 0.47 -31.74
N ASP B 886 36.43 0.30 -32.69
CA ASP B 886 36.61 0.77 -34.06
C ASP B 886 35.92 2.10 -34.28
N ASN B 887 34.97 2.40 -33.41
CA ASN B 887 34.14 3.58 -33.55
C ASN B 887 33.60 3.57 -34.98
N CYS B 888 33.96 4.57 -35.79
CA CYS B 888 33.46 4.62 -37.16
C CYS B 888 34.54 4.44 -38.21
N TYR B 889 35.61 3.74 -37.86
CA TYR B 889 36.72 3.57 -38.78
C TYR B 889 37.03 2.14 -39.19
N LYS B 890 37.27 1.97 -40.49
CA LYS B 890 37.60 0.67 -41.06
C LYS B 890 39.07 0.39 -40.77
N ILE B 891 39.33 -0.70 -40.06
CA ILE B 891 40.69 -1.09 -39.70
C ILE B 891 40.90 -2.54 -40.13
N PRO B 892 41.53 -2.75 -41.30
CA PRO B 892 41.80 -4.08 -41.87
C PRO B 892 42.49 -5.09 -40.96
N ASN B 893 43.42 -4.62 -40.14
CA ASN B 893 44.14 -5.50 -39.23
C ASN B 893 43.95 -4.98 -37.82
N ILE B 894 43.16 -5.72 -37.04
CA ILE B 894 42.85 -5.28 -35.69
C ILE B 894 42.77 -6.41 -34.67
N ARG B 895 43.22 -6.11 -33.46
CA ARG B 895 43.19 -7.06 -32.36
C ARG B 895 42.87 -6.32 -31.08
N GLY B 896 41.73 -6.66 -30.49
CA GLY B 896 41.32 -6.02 -29.26
C GLY B 896 41.12 -7.06 -28.18
N THR B 897 41.68 -6.83 -27.01
CA THR B 897 41.53 -7.75 -25.91
C THR B 897 40.97 -6.99 -24.72
N GLY B 898 40.46 -7.73 -23.75
CA GLY B 898 39.92 -7.11 -22.56
C GLY B 898 40.00 -8.06 -21.39
N ARG B 899 40.33 -7.52 -20.22
CA ARG B 899 40.39 -8.30 -18.99
C ARG B 899 39.63 -7.54 -17.93
N LEU B 900 38.92 -8.27 -17.08
CA LEU B 900 38.15 -7.67 -16.00
C LEU B 900 38.97 -7.78 -14.74
N CYS B 901 39.37 -6.64 -14.19
CA CYS B 901 40.18 -6.65 -12.97
C CYS B 901 39.35 -6.84 -11.71
N LYS B 902 39.66 -7.89 -10.97
CA LYS B 902 38.97 -8.19 -9.72
C LYS B 902 39.66 -7.40 -8.62
N THR B 903 38.95 -6.43 -8.06
CA THR B 903 39.52 -5.57 -7.03
C THR B 903 38.64 -5.44 -5.79
N ASN B 904 39.23 -4.87 -4.74
CA ASN B 904 38.51 -4.67 -3.49
C ASN B 904 37.85 -3.30 -3.44
N LEU B 905 37.00 -3.06 -4.43
CA LEU B 905 36.24 -1.82 -4.54
C LEU B 905 34.81 -2.26 -4.81
N SER B 906 33.85 -1.36 -4.60
CA SER B 906 32.47 -1.69 -4.86
C SER B 906 32.39 -2.14 -6.31
N SER B 907 31.56 -3.14 -6.58
CA SER B 907 31.42 -3.67 -7.92
C SER B 907 30.87 -2.63 -8.89
N ASN B 908 31.59 -2.41 -9.99
CA ASN B 908 31.09 -1.45 -10.95
C ASN B 908 30.06 -2.12 -11.83
N THR B 909 29.19 -1.31 -12.40
CA THR B 909 28.09 -1.86 -13.16
C THR B 909 27.81 -1.11 -14.44
N ALA B 910 26.59 -1.24 -14.94
CA ALA B 910 26.20 -0.57 -16.15
C ALA B 910 26.05 0.92 -15.90
N PHE B 911 26.46 1.72 -16.89
CA PHE B 911 26.33 3.16 -16.84
C PHE B 911 26.22 3.57 -18.30
N ARG B 912 25.12 4.25 -18.62
CA ARG B 912 24.82 4.75 -19.96
C ARG B 912 26.04 4.70 -20.88
N GLY B 913 26.02 3.76 -21.83
CA GLY B 913 27.15 3.62 -22.73
C GLY B 913 27.62 2.19 -22.61
N PHE B 914 27.60 1.68 -21.37
CA PHE B 914 27.92 0.29 -21.09
C PHE B 914 29.24 -0.19 -21.71
N GLY B 915 30.33 0.52 -21.44
CA GLY B 915 31.62 0.12 -22.00
C GLY B 915 31.93 0.79 -23.33
N GLY B 916 30.88 1.17 -24.05
CA GLY B 916 31.08 1.82 -25.34
C GLY B 916 31.89 3.10 -25.23
N PRO B 917 31.49 4.03 -24.36
CA PRO B 917 32.21 5.30 -24.20
C PRO B 917 33.71 5.10 -23.98
N GLN B 918 34.07 4.15 -23.11
CA GLN B 918 35.47 3.89 -22.82
C GLN B 918 36.23 3.47 -24.07
N ALA B 919 35.72 2.46 -24.78
CA ALA B 919 36.38 1.97 -25.98
C ALA B 919 36.41 3.05 -27.07
N LEU B 920 35.31 3.78 -27.21
CA LEU B 920 35.24 4.84 -28.21
C LEU B 920 36.26 5.93 -27.91
N PHE B 921 36.41 6.24 -26.62
CA PHE B 921 37.37 7.25 -26.18
C PHE B 921 38.78 6.84 -26.55
N ILE B 922 39.11 5.59 -26.26
CA ILE B 922 40.43 5.06 -26.55
C ILE B 922 40.66 5.11 -28.06
N ALA B 923 39.64 4.82 -28.84
CA ALA B 923 39.75 4.84 -30.29
C ALA B 923 40.06 6.25 -30.79
N GLU B 924 39.25 7.21 -30.38
CA GLU B 924 39.47 8.59 -30.81
C GLU B 924 40.81 9.15 -30.33
N ASN B 925 41.30 8.63 -29.22
CA ASN B 925 42.57 9.10 -28.70
C ASN B 925 43.72 8.74 -29.66
N TRP B 926 43.84 7.46 -30.04
CA TRP B 926 44.92 7.15 -30.95
C TRP B 926 44.65 7.76 -32.32
N MET B 927 43.38 7.97 -32.66
CA MET B 927 43.06 8.59 -33.94
C MET B 927 43.58 10.03 -33.93
N SER B 928 43.39 10.71 -32.81
CA SER B 928 43.86 12.09 -32.68
C SER B 928 45.38 12.09 -32.78
N GLU B 929 46.01 11.04 -32.24
CA GLU B 929 47.47 10.96 -32.29
C GLU B 929 47.95 10.68 -33.70
N VAL B 930 47.16 9.97 -34.49
CA VAL B 930 47.53 9.68 -35.87
C VAL B 930 47.55 10.98 -36.67
N ALA B 931 46.51 11.80 -36.50
CA ALA B 931 46.42 13.07 -37.21
C ALA B 931 47.63 13.95 -36.89
N VAL B 932 47.93 14.09 -35.61
CA VAL B 932 49.07 14.89 -35.19
C VAL B 932 50.37 14.37 -35.79
N THR B 933 50.63 13.08 -35.62
CA THR B 933 51.84 12.47 -36.15
C THR B 933 51.99 12.71 -37.65
N CYS B 934 50.88 12.57 -38.38
CA CYS B 934 50.90 12.76 -39.82
C CYS B 934 50.91 14.23 -40.22
N GLY B 935 50.63 15.11 -39.26
CA GLY B 935 50.59 16.54 -39.55
C GLY B 935 49.48 16.87 -40.51
N LEU B 936 48.34 16.19 -40.35
CA LEU B 936 47.19 16.41 -41.21
C LEU B 936 45.97 16.84 -40.41
N PRO B 937 45.06 17.62 -41.01
CA PRO B 937 43.86 18.06 -40.29
C PRO B 937 43.14 16.81 -39.78
N ALA B 938 42.79 16.81 -38.50
CA ALA B 938 42.12 15.66 -37.90
C ALA B 938 40.85 15.21 -38.63
N GLU B 939 40.04 16.16 -39.07
CA GLU B 939 38.80 15.79 -39.77
C GLU B 939 39.10 15.05 -41.06
N GLU B 940 40.23 15.37 -41.67
CA GLU B 940 40.63 14.73 -42.91
C GLU B 940 41.01 13.29 -42.64
N VAL B 941 41.75 13.09 -41.56
CA VAL B 941 42.19 11.77 -41.17
C VAL B 941 41.00 10.91 -40.78
N ARG B 942 40.08 11.48 -40.01
CA ARG B 942 38.91 10.74 -39.59
C ARG B 942 38.06 10.36 -40.80
N TRP B 943 37.83 11.32 -41.69
CA TRP B 943 37.02 11.06 -42.87
C TRP B 943 37.56 9.94 -43.76
N LYS B 944 38.85 10.01 -44.10
CA LYS B 944 39.44 9.00 -44.97
C LYS B 944 39.48 7.60 -44.34
N ASN B 945 39.35 7.54 -43.01
CA ASN B 945 39.36 6.25 -42.32
C ASN B 945 37.96 5.74 -42.02
N MET B 946 36.96 6.57 -42.27
CA MET B 946 35.58 6.20 -42.00
C MET B 946 35.06 5.04 -42.84
N TYR B 947 34.22 4.22 -42.21
CA TYR B 947 33.60 3.10 -42.90
C TYR B 947 32.76 3.69 -44.02
N LYS B 948 32.33 2.84 -44.95
CA LYS B 948 31.47 3.26 -46.03
C LYS B 948 30.29 2.29 -46.00
N GLU B 949 29.19 2.69 -46.63
CA GLU B 949 28.00 1.86 -46.69
C GLU B 949 28.39 0.43 -47.09
N GLY B 950 27.96 -0.54 -46.31
CA GLY B 950 28.26 -1.93 -46.64
C GLY B 950 29.50 -2.56 -46.04
N ASP B 951 30.42 -1.75 -45.52
CA ASP B 951 31.62 -2.31 -44.92
C ASP B 951 31.29 -3.20 -43.74
N LEU B 952 32.20 -4.11 -43.41
CA LEU B 952 32.02 -5.01 -42.29
C LEU B 952 32.85 -4.43 -41.14
N THR B 953 32.33 -4.55 -39.93
CA THR B 953 33.06 -4.07 -38.75
C THR B 953 34.13 -5.11 -38.44
N HIS B 954 34.90 -4.87 -37.39
CA HIS B 954 35.95 -5.79 -37.01
C HIS B 954 35.35 -7.09 -36.49
N PHE B 955 34.06 -7.05 -36.12
CA PHE B 955 33.38 -8.26 -35.66
C PHE B 955 32.51 -8.81 -36.78
N ASN B 956 32.85 -8.41 -38.01
CA ASN B 956 32.20 -8.84 -39.23
C ASN B 956 30.72 -8.57 -39.46
N GLN B 957 30.19 -7.50 -38.88
CA GLN B 957 28.79 -7.20 -39.12
C GLN B 957 28.72 -6.12 -40.19
N ARG B 958 27.82 -6.30 -41.14
CA ARG B 958 27.68 -5.34 -42.24
C ARG B 958 26.98 -4.07 -41.76
N LEU B 959 27.51 -2.94 -42.20
CA LEU B 959 26.94 -1.65 -41.84
C LEU B 959 25.93 -1.23 -42.90
N GLU B 960 24.66 -1.47 -42.62
CA GLU B 960 23.59 -1.10 -43.55
C GLU B 960 22.91 0.17 -43.07
N GLY B 961 22.71 1.10 -43.99
CA GLY B 961 22.10 2.36 -43.62
C GLY B 961 23.07 3.15 -42.76
N PHE B 962 24.35 3.06 -43.13
CA PHE B 962 25.42 3.74 -42.41
C PHE B 962 25.30 5.24 -42.71
N SER B 963 24.74 5.99 -41.76
CA SER B 963 24.52 7.41 -41.96
C SER B 963 25.57 8.39 -41.43
N VAL B 964 26.67 7.87 -40.89
CA VAL B 964 27.69 8.77 -40.35
C VAL B 964 28.14 9.81 -41.37
N PRO B 965 28.37 9.40 -42.64
CA PRO B 965 28.79 10.36 -43.65
C PRO B 965 27.84 11.55 -43.78
N ARG B 966 26.54 11.28 -43.76
CA ARG B 966 25.55 12.36 -43.85
C ARG B 966 25.62 13.24 -42.61
N CYS B 967 25.68 12.63 -41.44
CA CYS B 967 25.76 13.37 -40.19
C CYS B 967 27.03 14.18 -40.17
N TRP B 968 28.10 13.59 -40.70
CA TRP B 968 29.41 14.22 -40.75
C TRP B 968 29.38 15.46 -41.64
N ASP B 969 28.95 15.30 -42.88
CA ASP B 969 28.89 16.43 -43.80
C ASP B 969 27.95 17.53 -43.30
N GLU B 970 26.75 17.13 -42.86
CA GLU B 970 25.80 18.11 -42.38
C GLU B 970 26.37 18.89 -41.19
N CYS B 971 26.94 18.15 -40.23
CA CYS B 971 27.50 18.80 -39.06
C CYS B 971 28.64 19.75 -39.44
N LEU B 972 29.49 19.32 -40.37
CA LEU B 972 30.59 20.18 -40.81
C LEU B 972 30.02 21.48 -41.35
N LYS B 973 28.98 21.37 -42.16
CA LYS B 973 28.34 22.53 -42.76
C LYS B 973 27.59 23.40 -41.75
N SER B 974 26.61 22.82 -41.06
CA SER B 974 25.83 23.59 -40.11
C SER B 974 26.67 24.19 -38.99
N SER B 975 27.78 23.54 -38.63
CA SER B 975 28.64 24.05 -37.57
C SER B 975 29.65 25.06 -38.11
N GLN B 976 29.73 25.18 -39.43
CA GLN B 976 30.68 26.10 -40.05
C GLN B 976 32.08 25.77 -39.57
N TYR B 977 32.35 24.47 -39.44
CA TYR B 977 33.63 23.95 -38.98
C TYR B 977 34.85 24.63 -39.59
N TYR B 978 35.00 24.54 -40.92
CA TYR B 978 36.14 25.12 -41.60
C TYR B 978 36.36 26.61 -41.35
N ALA B 979 35.29 27.38 -41.40
CA ALA B 979 35.41 28.82 -41.17
C ALA B 979 35.88 29.07 -39.74
N ARG B 980 35.32 28.32 -38.79
CA ARG B 980 35.69 28.49 -37.40
C ARG B 980 37.09 28.02 -37.07
N LYS B 981 37.59 27.03 -37.80
CA LYS B 981 38.94 26.54 -37.55
C LYS B 981 39.95 27.67 -37.71
N SER B 982 39.75 28.51 -38.73
CA SER B 982 40.67 29.62 -38.95
C SER B 982 40.49 30.65 -37.83
N GLU B 983 39.25 30.79 -37.36
CA GLU B 983 38.97 31.73 -36.28
C GLU B 983 39.71 31.30 -35.02
N VAL B 984 39.73 29.99 -34.78
CA VAL B 984 40.40 29.45 -33.61
C VAL B 984 41.91 29.73 -33.67
N ASP B 985 42.53 29.47 -34.82
CA ASP B 985 43.95 29.72 -34.97
C ASP B 985 44.25 31.19 -34.74
N LYS B 986 43.38 32.05 -35.25
CA LYS B 986 43.54 33.48 -35.09
C LYS B 986 43.53 33.81 -33.60
N PHE B 987 42.50 33.33 -32.90
CA PHE B 987 42.39 33.57 -31.47
C PHE B 987 43.67 33.13 -30.74
N ASN B 988 44.15 31.94 -31.08
CA ASN B 988 45.35 31.42 -30.44
C ASN B 988 46.60 32.25 -30.70
N LYS B 989 46.66 32.90 -31.85
CA LYS B 989 47.81 33.73 -32.16
C LYS B 989 47.72 35.03 -31.37
N GLU B 990 46.49 35.47 -31.13
CA GLU B 990 46.23 36.70 -30.40
C GLU B 990 46.13 36.58 -28.88
N ASN B 991 46.14 35.35 -28.37
CA ASN B 991 46.04 35.13 -26.93
C ASN B 991 47.12 34.17 -26.44
N CYS B 992 47.89 34.65 -25.47
N CYS B 992 48.01 34.59 -25.43
CA CYS B 992 48.97 33.87 -24.92
CA CYS B 992 49.06 33.74 -24.87
C CYS B 992 48.58 32.98 -23.73
C CYS B 992 48.61 32.89 -23.69
N TRP B 993 47.57 33.39 -22.97
CA TRP B 993 47.17 32.62 -21.79
C TRP B 993 45.78 32.02 -21.84
N LYS B 994 45.20 32.03 -23.03
CA LYS B 994 43.89 31.44 -23.28
C LYS B 994 44.02 30.86 -24.66
N LYS B 995 43.49 29.66 -24.86
CA LYS B 995 43.57 29.02 -26.17
C LYS B 995 42.23 28.37 -26.48
N ARG B 996 41.90 28.31 -27.76
CA ARG B 996 40.66 27.67 -28.14
C ARG B 996 40.96 26.39 -28.87
N GLY B 997 40.02 25.45 -28.78
CA GLY B 997 40.19 24.16 -29.43
C GLY B 997 38.89 23.85 -30.14
N LEU B 998 39.00 23.07 -31.21
CA LEU B 998 37.83 22.71 -32.01
C LEU B 998 38.00 21.28 -32.50
N CYS B 999 36.99 20.46 -32.31
CA CYS B 999 37.08 19.08 -32.76
C CYS B 999 35.72 18.53 -33.14
N ILE B 1000 35.69 17.73 -34.19
CA ILE B 1000 34.46 17.12 -34.64
C ILE B 1000 34.71 15.62 -34.66
N ILE B 1001 33.86 14.88 -33.95
CA ILE B 1001 34.02 13.44 -33.89
C ILE B 1001 32.72 12.72 -34.17
N PRO B 1002 32.80 11.55 -34.79
CA PRO B 1002 31.61 10.77 -35.11
C PRO B 1002 31.45 9.66 -34.09
N THR B 1003 30.35 8.94 -34.19
CA THR B 1003 30.14 7.82 -33.31
C THR B 1003 29.07 6.91 -33.87
N LYS B 1004 29.19 5.64 -33.53
CA LYS B 1004 28.22 4.64 -33.95
C LYS B 1004 28.06 3.79 -32.70
N PHE B 1005 26.84 3.38 -32.41
CA PHE B 1005 26.57 2.60 -31.23
C PHE B 1005 25.66 1.43 -31.59
N GLY B 1006 26.13 0.21 -31.32
CA GLY B 1006 25.36 -0.98 -31.64
C GLY B 1006 24.11 -1.07 -30.80
N ILE B 1007 22.98 -1.35 -31.45
CA ILE B 1007 21.71 -1.45 -30.73
C ILE B 1007 21.19 -2.87 -30.55
N SER B 1008 21.05 -3.25 -29.27
CA SER B 1008 20.56 -4.56 -28.81
C SER B 1008 21.38 -5.04 -27.64
N PHE B 1009 20.80 -5.92 -26.82
CA PHE B 1009 21.55 -6.48 -25.70
C PHE B 1009 22.53 -7.43 -26.36
N THR B 1010 23.78 -7.41 -25.93
CA THR B 1010 24.77 -8.31 -26.51
C THR B 1010 24.54 -9.74 -26.02
N VAL B 1011 23.61 -9.89 -25.08
CA VAL B 1011 23.22 -11.20 -24.59
C VAL B 1011 21.90 -11.43 -25.31
N PRO B 1012 21.91 -12.32 -26.31
CA PRO B 1012 20.71 -12.64 -27.11
C PRO B 1012 19.36 -12.77 -26.41
N PHE B 1013 19.27 -13.59 -25.38
CA PHE B 1013 17.99 -13.81 -24.72
C PHE B 1013 17.35 -12.60 -24.05
N LEU B 1014 18.12 -11.55 -23.80
CA LEU B 1014 17.55 -10.35 -23.19
C LEU B 1014 16.75 -9.54 -24.19
N ASN B 1015 16.92 -9.83 -25.47
CA ASN B 1015 16.20 -9.11 -26.51
C ASN B 1015 14.79 -9.63 -26.72
N GLN B 1016 13.99 -9.55 -25.67
CA GLN B 1016 12.61 -9.98 -25.70
C GLN B 1016 11.82 -8.95 -24.89
N ALA B 1017 10.56 -8.76 -25.24
CA ALA B 1017 9.74 -7.79 -24.54
C ALA B 1017 8.27 -8.18 -24.56
N GLY B 1018 7.61 -7.96 -23.43
CA GLY B 1018 6.20 -8.29 -23.35
C GLY B 1018 5.38 -7.07 -22.97
N ALA B 1019 4.10 -7.11 -23.35
CA ALA B 1019 3.18 -6.04 -23.04
C ALA B 1019 1.86 -6.70 -22.69
N LEU B 1020 1.03 -5.98 -21.94
CA LEU B 1020 -0.27 -6.47 -21.54
C LEU B 1020 -1.18 -5.27 -21.70
N ILE B 1021 -2.22 -5.42 -22.51
CA ILE B 1021 -3.15 -4.31 -22.72
C ILE B 1021 -4.59 -4.69 -22.42
N HIS B 1022 -5.26 -3.84 -21.66
CA HIS B 1022 -6.66 -4.05 -21.32
C HIS B 1022 -7.44 -2.86 -21.85
N VAL B 1023 -8.61 -3.12 -22.41
CA VAL B 1023 -9.46 -2.03 -22.85
C VAL B 1023 -10.67 -2.19 -21.94
N TYR B 1024 -10.94 -1.19 -21.13
CA TYR B 1024 -12.09 -1.28 -20.23
C TYR B 1024 -13.34 -0.92 -21.00
N THR B 1025 -14.50 -1.23 -20.41
CA THR B 1025 -15.76 -1.00 -21.10
C THR B 1025 -16.12 0.44 -21.43
N ASP B 1026 -15.40 1.41 -20.88
CA ASP B 1026 -15.67 2.81 -21.20
C ASP B 1026 -14.79 3.19 -22.37
N GLY B 1027 -14.00 2.23 -22.85
CA GLY B 1027 -13.11 2.50 -23.96
C GLY B 1027 -11.73 2.97 -23.56
N SER B 1028 -11.53 3.27 -22.27
CA SER B 1028 -10.21 3.70 -21.83
C SER B 1028 -9.28 2.49 -21.87
N VAL B 1029 -8.03 2.73 -22.23
CA VAL B 1029 -7.05 1.67 -22.37
C VAL B 1029 -5.94 1.75 -21.33
N LEU B 1030 -5.59 0.62 -20.73
CA LEU B 1030 -4.52 0.58 -19.75
C LEU B 1030 -3.41 -0.27 -20.35
N VAL B 1031 -2.28 0.36 -20.62
CA VAL B 1031 -1.15 -0.34 -21.19
C VAL B 1031 -0.10 -0.64 -20.13
N SER B 1032 0.41 -1.86 -20.16
CA SER B 1032 1.46 -2.27 -19.25
C SER B 1032 2.50 -2.97 -20.12
N HIS B 1033 3.77 -2.75 -19.82
CA HIS B 1033 4.85 -3.38 -20.58
C HIS B 1033 6.03 -3.61 -19.64
N GLY B 1034 7.00 -4.39 -20.09
CA GLY B 1034 8.15 -4.68 -19.25
C GLY B 1034 9.11 -3.55 -18.97
N GLY B 1035 9.05 -2.49 -19.76
CA GLY B 1035 9.95 -1.36 -19.56
C GLY B 1035 9.59 -0.48 -18.38
N THR B 1036 10.59 0.21 -17.84
CA THR B 1036 10.39 1.12 -16.72
C THR B 1036 10.72 2.54 -17.14
N GLU B 1037 10.10 3.50 -16.46
CA GLU B 1037 10.31 4.92 -16.74
C GLU B 1037 11.33 5.48 -15.77
N MET B 1038 12.40 6.05 -16.32
CA MET B 1038 13.43 6.65 -15.48
C MET B 1038 13.71 8.06 -15.96
N GLY B 1039 12.77 8.60 -16.75
CA GLY B 1039 12.89 9.95 -17.27
C GLY B 1039 13.13 10.03 -18.76
N GLN B 1040 13.39 8.88 -19.39
CA GLN B 1040 13.65 8.85 -20.82
C GLN B 1040 12.39 8.98 -21.67
N GLY B 1041 11.24 8.99 -21.01
CA GLY B 1041 9.98 9.12 -21.74
C GLY B 1041 9.52 7.86 -22.45
N LEU B 1042 9.86 6.70 -21.87
CA LEU B 1042 9.46 5.43 -22.46
C LEU B 1042 7.94 5.24 -22.47
N HIS B 1043 7.29 5.53 -21.35
CA HIS B 1043 5.85 5.37 -21.31
C HIS B 1043 5.17 6.33 -22.27
N THR B 1044 5.70 7.55 -22.35
CA THR B 1044 5.16 8.55 -23.26
C THR B 1044 5.20 7.97 -24.68
N LYS B 1045 6.35 7.42 -25.05
CA LYS B 1045 6.51 6.84 -26.38
C LYS B 1045 5.61 5.63 -26.61
N MET B 1046 5.42 4.81 -25.57
CA MET B 1046 4.57 3.63 -25.69
C MET B 1046 3.11 4.06 -25.88
N VAL B 1047 2.71 5.14 -25.21
CA VAL B 1047 1.34 5.64 -25.34
C VAL B 1047 1.18 6.19 -26.75
N GLN B 1048 2.22 6.84 -27.26
CA GLN B 1048 2.19 7.40 -28.59
C GLN B 1048 2.04 6.28 -29.61
N VAL B 1049 2.79 5.20 -29.39
CA VAL B 1049 2.74 4.03 -30.26
C VAL B 1049 1.36 3.39 -30.20
N ALA B 1050 0.88 3.13 -28.98
CA ALA B 1050 -0.43 2.51 -28.81
C ALA B 1050 -1.52 3.34 -29.47
N SER B 1051 -1.43 4.66 -29.32
CA SER B 1051 -2.40 5.57 -29.91
C SER B 1051 -2.38 5.47 -31.44
N LYS B 1052 -1.20 5.46 -32.02
CA LYS B 1052 -1.10 5.37 -33.47
C LYS B 1052 -1.67 4.04 -33.95
N ALA B 1053 -1.23 2.95 -33.33
CA ALA B 1053 -1.67 1.61 -33.70
C ALA B 1053 -3.18 1.42 -33.59
N LEU B 1054 -3.76 1.87 -32.48
CA LEU B 1054 -5.19 1.72 -32.27
C LEU B 1054 -6.00 2.80 -32.96
N LYS B 1055 -5.32 3.84 -33.43
CA LYS B 1055 -5.98 4.96 -34.10
C LYS B 1055 -7.00 5.65 -33.18
N ILE B 1056 -6.58 5.94 -31.95
CA ILE B 1056 -7.43 6.63 -30.98
C ILE B 1056 -6.52 7.66 -30.29
N PRO B 1057 -7.11 8.74 -29.74
CA PRO B 1057 -6.32 9.77 -29.08
C PRO B 1057 -5.51 9.19 -27.91
N ILE B 1058 -4.36 9.79 -27.64
CA ILE B 1058 -3.52 9.32 -26.53
C ILE B 1058 -4.26 9.54 -25.20
N SER B 1059 -5.21 10.46 -25.18
CA SER B 1059 -5.98 10.76 -23.98
C SER B 1059 -6.77 9.54 -23.49
N LYS B 1060 -7.01 8.59 -24.38
CA LYS B 1060 -7.75 7.40 -23.97
C LYS B 1060 -6.85 6.27 -23.53
N ILE B 1061 -5.54 6.52 -23.53
CA ILE B 1061 -4.57 5.51 -23.14
C ILE B 1061 -3.79 5.94 -21.91
N TYR B 1062 -3.47 4.97 -21.05
CA TYR B 1062 -2.75 5.29 -19.84
C TYR B 1062 -1.78 4.18 -19.43
N ILE B 1063 -0.65 4.58 -18.86
CA ILE B 1063 0.33 3.63 -18.36
C ILE B 1063 0.58 4.08 -16.94
N SER B 1064 0.23 3.23 -16.00
CA SER B 1064 0.38 3.54 -14.59
C SER B 1064 1.73 3.14 -14.01
N GLU B 1065 2.15 1.91 -14.27
CA GLU B 1065 3.41 1.45 -13.71
C GLU B 1065 3.88 0.18 -14.36
N THR B 1066 5.03 -0.28 -13.89
CA THR B 1066 5.64 -1.51 -14.38
C THR B 1066 5.53 -2.46 -13.18
N SER B 1067 5.05 -3.68 -13.41
CA SER B 1067 4.90 -4.64 -12.33
C SER B 1067 5.09 -6.08 -12.79
N THR B 1068 5.71 -6.88 -11.93
CA THR B 1068 5.98 -8.27 -12.26
C THR B 1068 4.75 -9.15 -12.38
N ASN B 1069 3.60 -8.67 -11.93
CA ASN B 1069 2.39 -9.48 -12.03
C ASN B 1069 1.54 -9.10 -13.25
N THR B 1070 2.04 -8.21 -14.08
CA THR B 1070 1.35 -7.82 -15.31
C THR B 1070 2.20 -8.33 -16.48
N VAL B 1071 3.50 -8.05 -16.43
CA VAL B 1071 4.43 -8.51 -17.45
C VAL B 1071 5.59 -9.17 -16.70
N PRO B 1072 5.71 -10.49 -16.82
CA PRO B 1072 6.76 -11.24 -16.14
C PRO B 1072 8.03 -11.42 -16.96
N ASN B 1073 9.08 -11.87 -16.27
CA ASN B 1073 10.38 -12.17 -16.90
C ASN B 1073 10.91 -11.10 -17.82
N SER B 1074 10.70 -9.85 -17.45
CA SER B 1074 11.15 -8.73 -18.26
C SER B 1074 12.65 -8.52 -18.15
N SER B 1075 13.26 -8.12 -19.26
CA SER B 1075 14.69 -7.82 -19.26
C SER B 1075 14.78 -6.47 -18.58
N PRO B 1076 15.96 -6.13 -18.02
CA PRO B 1076 16.05 -4.82 -17.37
C PRO B 1076 15.84 -3.76 -18.44
N THR B 1077 15.36 -2.59 -18.03
CA THR B 1077 15.16 -1.50 -18.98
C THR B 1077 16.54 -0.97 -19.26
N ALA B 1078 17.13 -1.41 -20.37
CA ALA B 1078 18.49 -1.01 -20.69
C ALA B 1078 18.87 -1.24 -22.14
N ALA B 1079 20.14 -0.94 -22.45
CA ALA B 1079 20.67 -1.11 -23.81
C ALA B 1079 19.98 -0.22 -24.83
N SER B 1080 19.30 0.82 -24.34
CA SER B 1080 18.61 1.76 -25.21
C SER B 1080 17.59 1.13 -26.15
N VAL B 1081 17.24 -0.13 -25.93
CA VAL B 1081 16.30 -0.80 -26.82
C VAL B 1081 14.86 -0.87 -26.32
N SER B 1082 14.58 -0.28 -25.16
CA SER B 1082 13.23 -0.34 -24.60
C SER B 1082 12.15 0.14 -25.56
N THR B 1083 12.36 1.31 -26.18
CA THR B 1083 11.39 1.83 -27.13
C THR B 1083 11.21 0.81 -28.25
N ASP B 1084 12.33 0.32 -28.76
CA ASP B 1084 12.32 -0.66 -29.84
C ASP B 1084 11.49 -1.89 -29.53
N ILE B 1085 11.88 -2.61 -28.48
CA ILE B 1085 11.20 -3.85 -28.14
C ILE B 1085 9.84 -3.77 -27.48
N TYR B 1086 9.65 -2.84 -26.54
CA TYR B 1086 8.34 -2.72 -25.91
C TYR B 1086 7.39 -2.08 -26.90
N GLY B 1087 7.94 -1.25 -27.79
CA GLY B 1087 7.13 -0.61 -28.80
C GLY B 1087 6.51 -1.67 -29.68
N GLN B 1088 7.30 -2.69 -30.01
CA GLN B 1088 6.80 -3.79 -30.83
C GLN B 1088 5.77 -4.61 -30.06
N ALA B 1089 6.09 -4.92 -28.81
CA ALA B 1089 5.19 -5.70 -27.96
C ALA B 1089 3.86 -4.99 -27.80
N VAL B 1090 3.91 -3.68 -27.56
CA VAL B 1090 2.70 -2.89 -27.42
C VAL B 1090 1.96 -2.88 -28.75
N TYR B 1091 2.72 -2.73 -29.82
CA TYR B 1091 2.16 -2.71 -31.18
C TYR B 1091 1.38 -4.00 -31.43
N GLU B 1092 2.01 -5.13 -31.16
CA GLU B 1092 1.37 -6.43 -31.38
C GLU B 1092 0.10 -6.60 -30.55
N ALA B 1093 0.16 -6.19 -29.28
CA ALA B 1093 -1.00 -6.30 -28.41
C ALA B 1093 -2.12 -5.48 -29.04
N CYS B 1094 -1.79 -4.30 -29.53
CA CYS B 1094 -2.79 -3.45 -30.16
C CYS B 1094 -3.39 -4.11 -31.39
N GLN B 1095 -2.57 -4.81 -32.17
CA GLN B 1095 -3.07 -5.48 -33.37
C GLN B 1095 -4.10 -6.53 -33.01
N THR B 1096 -3.84 -7.25 -31.93
CA THR B 1096 -4.76 -8.28 -31.48
C THR B 1096 -6.09 -7.67 -31.10
N ILE B 1097 -6.03 -6.54 -30.41
CA ILE B 1097 -7.22 -5.83 -29.99
C ILE B 1097 -8.02 -5.39 -31.23
N LEU B 1098 -7.34 -4.78 -32.20
CA LEU B 1098 -7.99 -4.33 -33.42
C LEU B 1098 -8.69 -5.47 -34.15
N LYS B 1099 -8.04 -6.63 -34.20
CA LYS B 1099 -8.61 -7.79 -34.87
C LYS B 1099 -9.87 -8.28 -34.18
N ARG B 1100 -9.90 -8.17 -32.86
CA ARG B 1100 -11.08 -8.59 -32.11
C ARG B 1100 -12.22 -7.60 -32.27
N LEU B 1101 -11.86 -6.33 -32.45
CA LEU B 1101 -12.86 -5.29 -32.62
C LEU B 1101 -13.35 -5.16 -34.07
N GLU B 1102 -12.56 -5.69 -35.00
CA GLU B 1102 -12.90 -5.59 -36.42
C GLU B 1102 -14.32 -5.99 -36.79
N PRO B 1103 -14.81 -7.12 -36.26
CA PRO B 1103 -16.18 -7.54 -36.59
C PRO B 1103 -17.20 -6.46 -36.23
N PHE B 1104 -16.99 -5.81 -35.08
CA PHE B 1104 -17.91 -4.78 -34.62
C PHE B 1104 -17.76 -3.47 -35.38
N LYS B 1105 -16.56 -3.22 -35.88
CA LYS B 1105 -16.32 -2.00 -36.65
C LYS B 1105 -17.06 -2.16 -37.99
N LYS B 1106 -16.91 -3.34 -38.60
CA LYS B 1106 -17.56 -3.63 -39.87
C LYS B 1106 -19.07 -3.57 -39.69
N LYS B 1107 -19.54 -4.10 -38.57
CA LYS B 1107 -20.95 -4.15 -38.23
C LYS B 1107 -21.54 -2.75 -38.07
N ASN B 1108 -20.72 -1.83 -37.55
CA ASN B 1108 -21.16 -0.46 -37.33
C ASN B 1108 -20.00 0.51 -37.60
N PRO B 1109 -19.62 0.65 -38.88
CA PRO B 1109 -18.53 1.51 -39.36
C PRO B 1109 -18.60 2.97 -38.95
N ASP B 1110 -19.80 3.50 -38.74
CA ASP B 1110 -19.94 4.90 -38.35
C ASP B 1110 -19.91 5.04 -36.83
N GLY B 1111 -19.78 3.91 -36.14
CA GLY B 1111 -19.75 3.93 -34.69
C GLY B 1111 -18.47 4.53 -34.13
N SER B 1112 -18.44 4.69 -32.81
CA SER B 1112 -17.27 5.26 -32.14
C SER B 1112 -16.45 4.13 -31.52
N TRP B 1113 -15.24 4.46 -31.12
CA TRP B 1113 -14.36 3.49 -30.49
C TRP B 1113 -15.11 2.92 -29.29
N GLU B 1114 -15.79 3.79 -28.56
CA GLU B 1114 -16.56 3.37 -27.40
C GLU B 1114 -17.67 2.40 -27.78
N ASP B 1115 -18.36 2.66 -28.89
CA ASP B 1115 -19.43 1.77 -29.34
C ASP B 1115 -18.90 0.37 -29.62
N TRP B 1116 -17.80 0.30 -30.38
CA TRP B 1116 -17.22 -0.98 -30.72
C TRP B 1116 -16.75 -1.75 -29.50
N VAL B 1117 -16.09 -1.05 -28.58
CA VAL B 1117 -15.59 -1.68 -27.37
C VAL B 1117 -16.75 -2.27 -26.57
N MET B 1118 -17.79 -1.49 -26.33
CA MET B 1118 -18.95 -1.97 -25.58
C MET B 1118 -19.61 -3.14 -26.32
N ALA B 1119 -19.72 -3.02 -27.64
CA ALA B 1119 -20.32 -4.09 -28.43
C ALA B 1119 -19.50 -5.35 -28.23
N ALA B 1120 -18.18 -5.23 -28.32
CA ALA B 1120 -17.29 -6.37 -28.14
C ALA B 1120 -17.50 -6.99 -26.77
N TYR B 1121 -17.55 -6.15 -25.75
CA TYR B 1121 -17.76 -6.65 -24.39
C TYR B 1121 -19.09 -7.40 -24.30
N GLN B 1122 -20.16 -6.74 -24.75
CA GLN B 1122 -21.50 -7.32 -24.73
C GLN B 1122 -21.56 -8.65 -25.48
N ASP B 1123 -20.68 -8.81 -26.46
CA ASP B 1123 -20.66 -10.03 -27.25
C ASP B 1123 -19.67 -11.04 -26.67
N ARG B 1124 -19.20 -10.73 -25.46
CA ARG B 1124 -18.25 -11.57 -24.76
C ARG B 1124 -16.98 -11.88 -25.54
N VAL B 1125 -16.36 -10.82 -26.04
CA VAL B 1125 -15.10 -10.89 -26.76
C VAL B 1125 -14.09 -10.29 -25.79
N SER B 1126 -13.01 -11.01 -25.53
CA SER B 1126 -11.99 -10.53 -24.61
C SER B 1126 -11.33 -9.23 -25.07
N LEU B 1127 -11.23 -8.27 -24.16
CA LEU B 1127 -10.61 -7.00 -24.47
C LEU B 1127 -9.26 -6.91 -23.76
N SER B 1128 -8.66 -8.06 -23.50
CA SER B 1128 -7.37 -8.11 -22.83
C SER B 1128 -6.45 -9.02 -23.61
N THR B 1129 -5.21 -8.57 -23.80
CA THR B 1129 -4.25 -9.39 -24.53
C THR B 1129 -2.82 -9.03 -24.22
N THR B 1130 -1.94 -9.99 -24.47
CA THR B 1130 -0.53 -9.77 -24.27
C THR B 1130 0.05 -9.44 -25.64
N GLY B 1131 1.24 -8.87 -25.64
CA GLY B 1131 1.94 -8.55 -26.86
C GLY B 1131 3.34 -9.01 -26.57
N PHE B 1132 4.08 -9.46 -27.57
CA PHE B 1132 5.44 -9.92 -27.32
C PHE B 1132 6.32 -9.67 -28.54
N TYR B 1133 7.61 -9.46 -28.29
CA TYR B 1133 8.55 -9.22 -29.36
C TYR B 1133 9.89 -9.87 -29.05
N ARG B 1134 10.52 -10.39 -30.09
CA ARG B 1134 11.80 -11.05 -29.99
C ARG B 1134 12.62 -10.47 -31.14
N THR B 1135 13.72 -9.79 -30.83
CA THR B 1135 14.52 -9.19 -31.89
C THR B 1135 15.10 -10.32 -32.75
N PRO B 1136 14.84 -10.27 -34.06
CA PRO B 1136 15.33 -11.31 -34.96
C PRO B 1136 16.78 -11.20 -35.40
N ASN B 1137 17.29 -12.32 -35.91
CA ASN B 1137 18.64 -12.44 -36.45
C ASN B 1137 19.79 -11.92 -35.59
N LEU B 1138 19.79 -12.27 -34.31
CA LEU B 1138 20.86 -11.86 -33.40
C LEU B 1138 21.61 -13.09 -32.91
N GLY B 1139 22.92 -12.93 -32.74
CA GLY B 1139 23.70 -14.05 -32.26
C GLY B 1139 25.15 -13.99 -32.72
N TYR B 1140 25.93 -13.17 -32.02
CA TYR B 1140 27.34 -13.03 -32.34
C TYR B 1140 28.13 -14.02 -31.52
N SER B 1141 29.21 -14.54 -32.11
CA SER B 1141 30.07 -15.49 -31.43
C SER B 1141 31.50 -14.96 -31.42
N PHE B 1142 32.11 -14.92 -30.25
CA PHE B 1142 33.48 -14.45 -30.14
C PHE B 1142 34.42 -15.52 -30.67
N GLU B 1143 33.98 -16.78 -30.64
CA GLU B 1143 34.79 -17.88 -31.13
C GLU B 1143 34.95 -17.85 -32.64
N THR B 1144 33.86 -17.54 -33.34
CA THR B 1144 33.88 -17.51 -34.80
C THR B 1144 33.93 -16.10 -35.36
N ASN B 1145 33.79 -15.10 -34.50
CA ASN B 1145 33.80 -13.70 -34.92
C ASN B 1145 32.80 -13.52 -36.07
N SER B 1146 31.59 -14.02 -35.87
CA SER B 1146 30.53 -13.91 -36.87
C SER B 1146 29.18 -13.90 -36.19
N GLY B 1147 28.15 -13.51 -36.93
CA GLY B 1147 26.81 -13.44 -36.36
C GLY B 1147 26.53 -12.02 -35.92
N ASN B 1148 25.30 -11.56 -36.12
CA ASN B 1148 24.94 -10.19 -35.76
C ASN B 1148 24.97 -9.93 -34.27
N ALA B 1149 25.79 -8.95 -33.87
CA ALA B 1149 25.88 -8.58 -32.48
C ALA B 1149 24.76 -7.60 -32.18
N PHE B 1150 24.44 -6.78 -33.18
CA PHE B 1150 23.39 -5.78 -33.01
C PHE B 1150 22.35 -5.84 -34.12
N HIS B 1151 21.20 -5.24 -33.86
CA HIS B 1151 20.11 -5.21 -34.82
C HIS B 1151 20.39 -4.12 -35.84
N TYR B 1152 21.03 -3.06 -35.37
CA TYR B 1152 21.42 -1.93 -36.22
C TYR B 1152 22.25 -0.99 -35.37
N PHE B 1153 22.68 0.12 -35.96
CA PHE B 1153 23.48 1.08 -35.23
C PHE B 1153 22.86 2.46 -35.28
N THR B 1154 23.07 3.23 -34.21
CA THR B 1154 22.58 4.59 -34.16
C THR B 1154 23.84 5.41 -34.37
N TYR B 1155 23.74 6.46 -35.18
CA TYR B 1155 24.91 7.27 -35.48
C TYR B 1155 24.70 8.75 -35.15
N GLY B 1156 25.81 9.46 -35.04
CA GLY B 1156 25.77 10.87 -34.74
C GLY B 1156 27.16 11.48 -34.86
N VAL B 1157 27.19 12.80 -34.98
CA VAL B 1157 28.45 13.53 -35.09
C VAL B 1157 28.30 14.80 -34.28
N ALA B 1158 29.36 15.15 -33.56
CA ALA B 1158 29.34 16.36 -32.75
C ALA B 1158 30.60 17.20 -32.95
N CYS B 1159 30.41 18.50 -33.12
CA CYS B 1159 31.51 19.42 -33.29
C CYS B 1159 31.49 20.33 -32.07
N SER B 1160 32.60 20.38 -31.33
CA SER B 1160 32.66 21.22 -30.15
C SER B 1160 33.86 22.14 -30.13
N GLU B 1161 33.66 23.34 -29.62
CA GLU B 1161 34.72 24.33 -29.52
C GLU B 1161 34.78 24.78 -28.06
N VAL B 1162 36.01 24.91 -27.55
CA VAL B 1162 36.20 25.33 -26.17
C VAL B 1162 37.26 26.41 -26.10
N GLU B 1163 37.35 27.03 -24.94
CA GLU B 1163 38.35 28.05 -24.68
C GLU B 1163 38.88 27.70 -23.30
N ILE B 1164 40.17 27.36 -23.22
CA ILE B 1164 40.75 27.02 -21.94
C ILE B 1164 41.52 28.19 -21.37
N ASP B 1165 41.54 28.28 -20.04
CA ASP B 1165 42.31 29.31 -19.36
C ASP B 1165 43.58 28.55 -19.05
N CYS B 1166 44.65 28.87 -19.77
CA CYS B 1166 45.93 28.19 -19.60
C CYS B 1166 46.58 28.41 -18.23
N LEU B 1167 46.07 29.39 -17.49
CA LEU B 1167 46.62 29.71 -16.19
C LEU B 1167 45.87 29.06 -15.02
N THR B 1168 44.62 28.65 -15.24
CA THR B 1168 43.84 28.06 -14.16
C THR B 1168 43.29 26.66 -14.44
N GLY B 1169 43.18 26.30 -15.71
CA GLY B 1169 42.65 24.99 -16.04
C GLY B 1169 41.16 25.03 -16.29
N ASP B 1170 40.52 26.15 -15.99
CA ASP B 1170 39.09 26.28 -16.24
C ASP B 1170 38.91 26.41 -17.74
N HIS B 1171 37.71 26.16 -18.24
CA HIS B 1171 37.45 26.29 -19.66
C HIS B 1171 35.98 26.56 -19.92
N LYS B 1172 35.70 27.12 -21.09
CA LYS B 1172 34.35 27.41 -21.50
C LYS B 1172 34.00 26.48 -22.65
N ASN B 1173 32.76 26.00 -22.67
CA ASN B 1173 32.30 25.17 -23.77
C ASN B 1173 31.54 26.20 -24.59
N LEU B 1174 32.27 26.77 -25.57
CA LEU B 1174 31.74 27.82 -26.43
C LEU B 1174 30.59 27.41 -27.32
N ARG B 1175 30.76 26.32 -28.04
CA ARG B 1175 29.70 25.88 -28.94
C ARG B 1175 29.82 24.41 -29.28
N THR B 1176 28.67 23.78 -29.41
CA THR B 1176 28.58 22.37 -29.77
C THR B 1176 27.45 22.22 -30.77
N ASP B 1177 27.74 21.52 -31.86
CA ASP B 1177 26.78 21.26 -32.91
C ASP B 1177 26.69 19.75 -33.02
N ILE B 1178 25.48 19.21 -32.91
CA ILE B 1178 25.27 17.77 -32.99
C ILE B 1178 24.28 17.40 -34.08
N VAL B 1179 24.61 16.37 -34.84
CA VAL B 1179 23.71 15.87 -35.87
C VAL B 1179 23.55 14.41 -35.50
N MET B 1180 22.36 14.05 -35.07
CA MET B 1180 22.09 12.69 -34.63
C MET B 1180 21.13 11.96 -35.54
N ASP B 1181 21.46 10.71 -35.84
CA ASP B 1181 20.60 9.89 -36.68
C ASP B 1181 19.78 8.97 -35.78
N VAL B 1182 18.54 9.37 -35.54
CA VAL B 1182 17.65 8.56 -34.72
C VAL B 1182 16.50 8.06 -35.59
N GLY B 1183 16.79 7.88 -36.87
CA GLY B 1183 15.79 7.42 -37.81
C GLY B 1183 14.62 8.37 -37.81
N SER B 1184 13.41 7.83 -37.94
CA SER B 1184 12.21 8.66 -37.90
C SER B 1184 11.81 8.70 -36.43
N SER B 1185 12.24 9.73 -35.73
CA SER B 1185 11.94 9.88 -34.31
C SER B 1185 10.46 9.72 -33.98
N LEU B 1186 10.17 8.99 -32.92
CA LEU B 1186 8.80 8.81 -32.48
C LEU B 1186 8.39 10.09 -31.77
N ASN B 1187 9.39 10.77 -31.20
CA ASN B 1187 9.16 12.01 -30.47
C ASN B 1187 10.44 12.82 -30.50
N PRO B 1188 10.55 13.77 -31.44
CA PRO B 1188 11.76 14.60 -31.55
C PRO B 1188 12.12 15.39 -30.29
N ALA B 1189 11.13 15.71 -29.47
CA ALA B 1189 11.39 16.47 -28.25
C ALA B 1189 12.12 15.56 -27.26
N ILE B 1190 11.57 14.37 -27.06
CA ILE B 1190 12.19 13.42 -26.14
C ILE B 1190 13.54 12.95 -26.69
N ASP B 1191 13.63 12.76 -28.00
CA ASP B 1191 14.90 12.32 -28.57
C ASP B 1191 15.98 13.38 -28.53
N ILE B 1192 15.62 14.64 -28.79
CA ILE B 1192 16.62 15.69 -28.71
C ILE B 1192 17.00 15.81 -27.24
N GLY B 1193 16.03 15.54 -26.36
CA GLY B 1193 16.27 15.61 -24.93
C GLY B 1193 17.28 14.55 -24.51
N GLN B 1194 17.17 13.38 -25.14
CA GLN B 1194 18.07 12.28 -24.85
C GLN B 1194 19.46 12.62 -25.40
N VAL B 1195 19.48 13.20 -26.59
CA VAL B 1195 20.75 13.58 -27.21
C VAL B 1195 21.50 14.58 -26.32
N GLU B 1196 20.80 15.63 -25.89
CA GLU B 1196 21.44 16.65 -25.05
C GLU B 1196 21.81 16.08 -23.69
N GLY B 1197 20.90 15.33 -23.08
CA GLY B 1197 21.16 14.76 -21.77
C GLY B 1197 22.35 13.81 -21.79
N ALA B 1198 22.37 12.91 -22.76
CA ALA B 1198 23.48 11.95 -22.88
C ALA B 1198 24.78 12.70 -23.16
N PHE B 1199 24.71 13.66 -24.08
CA PHE B 1199 25.88 14.46 -24.42
C PHE B 1199 26.48 15.12 -23.18
N VAL B 1200 25.63 15.71 -22.36
CA VAL B 1200 26.10 16.38 -21.16
C VAL B 1200 26.68 15.40 -20.14
N GLN B 1201 26.07 14.23 -20.01
CA GLN B 1201 26.62 13.24 -19.09
C GLN B 1201 27.98 12.81 -19.63
N GLY B 1202 28.12 12.82 -20.94
CA GLY B 1202 29.38 12.45 -21.56
C GLY B 1202 30.39 13.55 -21.28
N LEU B 1203 29.93 14.78 -21.44
CA LEU B 1203 30.75 15.96 -21.17
C LEU B 1203 31.26 15.83 -19.74
N GLY B 1204 30.38 15.42 -18.83
CA GLY B 1204 30.76 15.28 -17.44
C GLY B 1204 31.82 14.21 -17.27
N LEU B 1205 31.61 13.06 -17.91
CA LEU B 1205 32.54 11.94 -17.84
C LEU B 1205 33.95 12.33 -18.29
N PHE B 1206 34.02 13.04 -19.41
CA PHE B 1206 35.30 13.42 -19.99
C PHE B 1206 35.95 14.72 -19.53
N THR B 1207 35.23 15.55 -18.78
CA THR B 1207 35.82 16.83 -18.38
C THR B 1207 35.60 17.36 -16.97
N LEU B 1208 34.67 16.79 -16.21
CA LEU B 1208 34.41 17.33 -14.88
C LEU B 1208 34.36 16.34 -13.74
N GLU B 1209 33.73 15.20 -14.02
CA GLU B 1209 33.52 14.18 -13.01
C GLU B 1209 34.72 13.30 -12.74
N GLU B 1210 35.11 13.24 -11.48
CA GLU B 1210 36.23 12.42 -11.10
C GLU B 1210 36.05 11.92 -9.68
N LEU B 1211 36.24 10.63 -9.49
CA LEU B 1211 36.11 10.02 -8.18
C LEU B 1211 37.52 9.82 -7.63
N HIS B 1212 37.75 10.26 -6.39
CA HIS B 1212 39.06 10.10 -5.79
C HIS B 1212 39.00 9.06 -4.68
N TYR B 1213 39.97 8.15 -4.67
CA TYR B 1213 40.03 7.12 -3.65
C TYR B 1213 41.36 7.17 -2.93
N SER B 1214 41.35 6.85 -1.64
CA SER B 1214 42.58 6.83 -0.86
C SER B 1214 43.36 5.61 -1.36
N PRO B 1215 44.66 5.55 -1.08
CA PRO B 1215 45.45 4.40 -1.54
C PRO B 1215 44.89 3.10 -0.98
N GLU B 1216 44.21 3.19 0.16
CA GLU B 1216 43.61 2.02 0.81
C GLU B 1216 42.28 1.61 0.20
N GLY B 1217 41.82 2.33 -0.82
CA GLY B 1217 40.57 1.98 -1.47
C GLY B 1217 39.32 2.62 -0.90
N SER B 1218 39.47 3.70 -0.14
CA SER B 1218 38.30 4.38 0.42
C SER B 1218 37.93 5.59 -0.43
N LEU B 1219 36.69 5.61 -0.92
CA LEU B 1219 36.22 6.71 -1.73
C LEU B 1219 36.22 8.02 -0.94
N HIS B 1220 36.84 9.05 -1.50
CA HIS B 1220 36.88 10.37 -0.86
C HIS B 1220 35.68 11.22 -1.27
N THR B 1221 35.34 11.13 -2.56
CA THR B 1221 34.24 11.92 -3.13
C THR B 1221 32.90 11.22 -3.00
N ARG B 1222 32.08 11.68 -2.06
CA ARG B 1222 30.79 11.07 -1.80
C ARG B 1222 29.61 12.02 -1.79
N GLY B 1223 29.73 13.15 -2.48
CA GLY B 1223 28.64 14.11 -2.54
C GLY B 1223 28.86 15.13 -3.63
N PRO B 1224 27.82 15.90 -3.99
CA PRO B 1224 27.97 16.92 -5.05
C PRO B 1224 29.02 17.98 -4.71
N SER B 1225 29.37 18.09 -3.43
CA SER B 1225 30.39 19.07 -3.04
C SER B 1225 31.75 18.69 -3.61
N THR B 1226 32.03 17.39 -3.67
CA THR B 1226 33.31 16.91 -4.15
C THR B 1226 33.24 16.24 -5.52
N TYR B 1227 32.06 15.79 -5.90
CA TYR B 1227 31.88 15.13 -7.20
C TYR B 1227 31.09 16.13 -8.03
N LYS B 1228 31.75 16.71 -9.03
CA LYS B 1228 31.11 17.74 -9.83
C LYS B 1228 30.55 17.32 -11.18
N ILE B 1229 29.24 17.14 -11.22
CA ILE B 1229 28.60 16.78 -12.48
C ILE B 1229 28.35 18.10 -13.20
N PRO B 1230 28.02 18.05 -14.49
CA PRO B 1230 27.79 19.30 -15.22
C PRO B 1230 26.71 20.13 -14.54
N ALA B 1231 26.93 21.45 -14.48
CA ALA B 1231 25.98 22.38 -13.88
C ALA B 1231 25.30 23.15 -15.01
N PHE B 1232 24.30 23.98 -14.69
CA PHE B 1232 23.63 24.76 -15.72
C PHE B 1232 24.68 25.51 -16.54
N GLY B 1233 25.67 26.07 -15.84
CA GLY B 1233 26.71 26.84 -16.52
C GLY B 1233 27.78 26.04 -17.26
N SER B 1234 27.71 24.72 -17.18
CA SER B 1234 28.70 23.86 -17.83
C SER B 1234 28.41 23.53 -19.29
N ILE B 1235 27.17 23.71 -19.72
CA ILE B 1235 26.81 23.36 -21.09
C ILE B 1235 27.31 24.33 -22.15
N PRO B 1236 27.39 23.87 -23.41
CA PRO B 1236 27.85 24.74 -24.48
C PRO B 1236 26.95 25.96 -24.59
N THR B 1237 27.54 27.14 -24.59
CA THR B 1237 26.78 28.39 -24.68
C THR B 1237 25.91 28.39 -25.93
N GLU B 1238 26.50 27.97 -27.05
CA GLU B 1238 25.77 27.85 -28.30
C GLU B 1238 25.63 26.33 -28.43
N PHE B 1239 24.40 25.85 -28.24
CA PHE B 1239 24.11 24.43 -28.25
C PHE B 1239 23.10 24.12 -29.35
N ARG B 1240 23.56 23.47 -30.42
CA ARG B 1240 22.70 23.12 -31.53
C ARG B 1240 22.59 21.62 -31.72
N VAL B 1241 21.36 21.14 -31.87
CA VAL B 1241 21.12 19.72 -32.07
C VAL B 1241 20.21 19.54 -33.27
N SER B 1242 20.59 18.61 -34.15
CA SER B 1242 19.78 18.35 -35.33
C SER B 1242 19.56 16.86 -35.48
N LEU B 1243 18.32 16.48 -35.75
CA LEU B 1243 18.01 15.07 -35.96
C LEU B 1243 18.06 14.90 -37.48
N LEU B 1244 18.82 13.91 -37.92
CA LEU B 1244 18.96 13.65 -39.36
C LEU B 1244 17.61 13.47 -40.03
N ARG B 1245 17.42 14.16 -41.16
CA ARG B 1245 16.17 14.09 -41.91
C ARG B 1245 16.15 12.93 -42.88
N ASP B 1246 14.94 12.46 -43.20
CA ASP B 1246 14.73 11.37 -44.15
C ASP B 1246 15.71 10.21 -44.00
N CYS B 1247 15.61 9.49 -42.89
CA CYS B 1247 16.48 8.36 -42.65
C CYS B 1247 15.72 7.30 -41.87
N PRO B 1248 14.56 6.87 -42.39
CA PRO B 1248 13.76 5.85 -41.71
C PRO B 1248 14.54 4.56 -41.46
N ASN B 1249 14.36 4.00 -40.27
CA ASN B 1249 15.03 2.77 -39.88
C ASN B 1249 14.01 1.64 -39.90
N LYS B 1250 14.01 0.87 -40.98
CA LYS B 1250 13.05 -0.22 -41.14
C LYS B 1250 13.24 -1.34 -40.10
N LYS B 1251 14.36 -1.29 -39.38
CA LYS B 1251 14.65 -2.32 -38.38
C LYS B 1251 13.90 -2.13 -37.06
N ALA B 1252 13.30 -0.96 -36.85
CA ALA B 1252 12.59 -0.73 -35.59
C ALA B 1252 11.20 -0.08 -35.71
N ILE B 1253 10.47 -0.11 -34.60
CA ILE B 1253 9.12 0.43 -34.49
C ILE B 1253 8.95 1.80 -35.16
N TYR B 1254 8.02 1.86 -36.11
CA TYR B 1254 7.72 3.08 -36.85
C TYR B 1254 8.95 3.81 -37.39
N ALA B 1255 9.93 3.02 -37.83
CA ALA B 1255 11.16 3.53 -38.43
C ALA B 1255 12.06 4.39 -37.53
N SER B 1256 11.90 4.25 -36.22
CA SER B 1256 12.70 5.03 -35.28
C SER B 1256 14.00 4.31 -34.93
N LYS B 1257 14.81 4.94 -34.08
CA LYS B 1257 16.08 4.36 -33.63
C LYS B 1257 16.33 4.63 -32.15
N ALA B 1258 17.01 3.71 -31.49
CA ALA B 1258 17.36 3.84 -30.09
C ALA B 1258 18.22 5.11 -29.96
N VAL B 1259 18.00 5.87 -28.90
CA VAL B 1259 18.74 7.12 -28.69
C VAL B 1259 19.32 7.28 -27.28
N GLY B 1260 18.87 6.44 -26.36
CA GLY B 1260 19.33 6.54 -24.98
C GLY B 1260 20.81 6.72 -24.74
N GLU B 1261 21.60 5.73 -25.13
CA GLU B 1261 23.05 5.75 -24.92
C GLU B 1261 23.95 6.29 -26.04
N PRO B 1262 23.59 6.02 -27.31
CA PRO B 1262 24.39 6.48 -28.46
C PRO B 1262 25.00 7.88 -28.45
N PRO B 1263 24.26 8.90 -28.01
CA PRO B 1263 24.84 10.26 -28.01
C PRO B 1263 25.83 10.58 -26.90
N LEU B 1264 25.89 9.76 -25.86
CA LEU B 1264 26.79 10.09 -24.75
C LEU B 1264 28.25 10.28 -25.15
N PHE B 1265 28.79 9.37 -25.95
CA PHE B 1265 30.18 9.50 -26.34
C PHE B 1265 30.47 10.81 -27.07
N LEU B 1266 29.46 11.39 -27.72
CA LEU B 1266 29.68 12.63 -28.46
C LEU B 1266 30.19 13.73 -27.54
N GLY B 1267 30.05 13.53 -26.23
CA GLY B 1267 30.56 14.50 -25.28
C GLY B 1267 32.07 14.56 -25.38
N ALA B 1268 32.67 13.50 -25.93
CA ALA B 1268 34.12 13.46 -26.06
C ALA B 1268 34.62 14.55 -27.00
N SER B 1269 33.71 15.13 -27.80
CA SER B 1269 34.12 16.18 -28.71
C SER B 1269 34.66 17.36 -27.91
N VAL B 1270 34.15 17.54 -26.70
CA VAL B 1270 34.63 18.61 -25.83
C VAL B 1270 36.03 18.23 -25.35
N PHE B 1271 36.20 16.97 -25.00
CA PHE B 1271 37.49 16.49 -24.52
C PHE B 1271 38.58 16.74 -25.56
N PHE B 1272 38.33 16.33 -26.80
CA PHE B 1272 39.34 16.52 -27.82
C PHE B 1272 39.48 17.97 -28.28
N ALA B 1273 38.47 18.78 -28.03
CA ALA B 1273 38.56 20.19 -28.38
C ALA B 1273 39.55 20.75 -27.37
N ILE B 1274 39.39 20.34 -26.11
CA ILE B 1274 40.27 20.76 -25.03
C ILE B 1274 41.70 20.33 -25.31
N LYS B 1275 41.85 19.10 -25.82
CA LYS B 1275 43.19 18.60 -26.13
C LYS B 1275 43.78 19.49 -27.21
N ASP B 1276 42.94 19.84 -28.18
CA ASP B 1276 43.36 20.70 -29.29
C ASP B 1276 43.88 22.02 -28.70
N ALA B 1277 43.15 22.55 -27.73
CA ALA B 1277 43.52 23.81 -27.09
C ALA B 1277 44.83 23.67 -26.32
N ILE B 1278 44.98 22.56 -25.61
CA ILE B 1278 46.20 22.33 -24.85
C ILE B 1278 47.42 22.26 -25.76
N ARG B 1279 47.25 21.68 -26.95
CA ARG B 1279 48.36 21.58 -27.89
C ARG B 1279 48.81 22.99 -28.29
N ALA B 1280 47.84 23.87 -28.50
CA ALA B 1280 48.14 25.25 -28.86
C ALA B 1280 48.89 25.92 -27.72
N ALA B 1281 48.46 25.63 -26.49
CA ALA B 1281 49.09 26.21 -25.30
C ALA B 1281 50.53 25.73 -25.18
N ARG B 1282 50.75 24.43 -25.39
CA ARG B 1282 52.09 23.87 -25.30
C ARG B 1282 52.97 24.43 -26.40
N ALA B 1283 52.41 24.62 -27.58
CA ALA B 1283 53.16 25.17 -28.70
C ALA B 1283 53.55 26.61 -28.35
N GLN B 1284 52.75 27.24 -27.50
CA GLN B 1284 52.98 28.61 -27.07
C GLN B 1284 54.09 28.75 -26.02
N HIS B 1285 54.08 27.88 -25.01
CA HIS B 1285 55.06 27.97 -23.94
C HIS B 1285 55.89 26.73 -23.60
N THR B 1286 55.46 25.57 -24.09
CA THR B 1286 56.19 24.34 -23.78
C THR B 1286 57.36 24.11 -24.72
N ASN B 1287 57.10 23.46 -25.86
CA ASN B 1287 58.16 23.19 -26.82
C ASN B 1287 57.74 23.56 -28.24
N ASN B 1288 58.58 23.24 -29.21
CA ASN B 1288 58.30 23.54 -30.60
C ASN B 1288 58.02 22.29 -31.43
N ASN B 1289 57.94 21.14 -30.77
CA ASN B 1289 57.66 19.89 -31.47
C ASN B 1289 56.19 19.85 -31.87
N THR B 1290 55.92 20.17 -33.13
CA THR B 1290 54.55 20.20 -33.65
C THR B 1290 53.91 18.82 -33.75
N LYS B 1291 54.71 17.77 -33.60
CA LYS B 1291 54.19 16.40 -33.68
C LYS B 1291 54.28 15.68 -32.34
N GLU B 1292 54.43 16.46 -31.26
CA GLU B 1292 54.51 15.89 -29.93
C GLU B 1292 53.20 15.18 -29.58
N LEU B 1293 53.31 14.07 -28.86
CA LEU B 1293 52.13 13.32 -28.46
C LEU B 1293 52.05 13.23 -26.94
N PHE B 1294 51.52 14.27 -26.32
CA PHE B 1294 51.40 14.28 -24.86
C PHE B 1294 50.13 13.55 -24.45
N ARG B 1295 50.25 12.77 -23.38
CA ARG B 1295 49.13 12.00 -22.89
C ARG B 1295 48.16 12.84 -22.08
N LEU B 1296 46.87 12.64 -22.33
CA LEU B 1296 45.82 13.34 -21.63
C LEU B 1296 44.75 12.32 -21.29
N ASP B 1297 44.72 11.88 -20.03
CA ASP B 1297 43.73 10.91 -19.61
C ASP B 1297 42.42 11.61 -19.33
N SER B 1298 41.35 10.83 -19.25
CA SER B 1298 40.03 11.35 -18.94
C SER B 1298 39.80 11.08 -17.46
N PRO B 1299 39.13 12.01 -16.76
CA PRO B 1299 38.59 13.26 -17.30
C PRO B 1299 39.62 14.36 -17.40
N ALA B 1300 39.48 15.21 -18.42
CA ALA B 1300 40.37 16.34 -18.61
C ALA B 1300 39.87 17.46 -17.71
N THR B 1301 40.18 17.32 -16.43
CA THR B 1301 39.79 18.27 -15.39
C THR B 1301 40.69 19.50 -15.39
N PRO B 1302 40.33 20.51 -14.59
CA PRO B 1302 41.18 21.71 -14.55
C PRO B 1302 42.61 21.31 -14.17
N GLU B 1303 42.73 20.31 -13.29
CA GLU B 1303 44.06 19.86 -12.88
C GLU B 1303 44.85 19.35 -14.08
N LYS B 1304 44.25 18.45 -14.85
CA LYS B 1304 44.95 17.91 -16.01
C LYS B 1304 45.20 18.96 -17.07
N ILE B 1305 44.23 19.85 -17.28
CA ILE B 1305 44.40 20.88 -18.27
C ILE B 1305 45.52 21.83 -17.87
N ARG B 1306 45.48 22.33 -16.65
CA ARG B 1306 46.50 23.26 -16.18
C ARG B 1306 47.89 22.65 -16.21
N ASN B 1307 48.01 21.44 -15.68
CA ASN B 1307 49.30 20.74 -15.66
C ASN B 1307 49.86 20.46 -17.05
N ALA B 1308 48.96 20.33 -18.04
CA ALA B 1308 49.39 20.07 -19.40
C ALA B 1308 49.89 21.35 -20.07
N CYS B 1309 49.47 22.49 -19.54
CA CYS B 1309 49.88 23.77 -20.07
C CYS B 1309 51.20 24.18 -19.44
N VAL B 1310 52.22 23.35 -19.69
CA VAL B 1310 53.56 23.57 -19.16
C VAL B 1310 54.06 24.96 -19.53
N ASP B 1311 54.53 25.68 -18.53
CA ASP B 1311 55.05 27.03 -18.73
C ASP B 1311 56.08 27.34 -17.66
N LYS B 1312 56.44 28.61 -17.54
CA LYS B 1312 57.44 28.99 -16.55
C LYS B 1312 56.93 28.78 -15.12
N PHE B 1313 55.61 28.73 -14.96
CA PHE B 1313 55.04 28.54 -13.62
C PHE B 1313 55.01 27.08 -13.19
N THR B 1314 54.51 26.21 -14.06
CA THR B 1314 54.46 24.79 -13.76
C THR B 1314 55.88 24.29 -13.52
N THR B 1315 56.83 24.86 -14.26
CA THR B 1315 58.23 24.48 -14.15
C THR B 1315 58.78 24.73 -12.74
N LEU B 1316 58.35 25.84 -12.14
CA LEU B 1316 58.79 26.18 -10.79
C LEU B 1316 58.06 25.35 -9.74
N CYS B 1317 56.96 24.71 -10.14
CA CYS B 1317 56.15 23.92 -9.20
C CYS B 1317 56.22 22.40 -9.34
N VAL B 1318 56.91 21.91 -10.36
CA VAL B 1318 57.02 20.46 -10.57
C VAL B 1318 57.63 19.77 -9.34
N THR B 1319 57.00 18.68 -8.90
CA THR B 1319 57.47 17.95 -7.73
C THR B 1319 58.87 17.39 -7.98
N CYS B 1325 68.00 23.47 -2.02
CA CYS B 1325 68.47 22.20 -1.40
C CYS B 1325 68.75 21.15 -2.46
N LYS B 1326 69.93 21.23 -3.07
CA LYS B 1326 70.31 20.28 -4.11
C LYS B 1326 71.23 19.18 -3.61
N PRO B 1327 71.26 18.04 -4.31
CA PRO B 1327 72.10 16.90 -3.92
C PRO B 1327 73.59 17.23 -3.98
N TRP B 1328 74.35 16.61 -3.08
CA TRP B 1328 75.78 16.82 -3.01
C TRP B 1328 76.44 16.57 -4.36
N SER B 1329 76.00 15.52 -5.04
CA SER B 1329 76.55 15.18 -6.35
C SER B 1329 75.47 14.73 -7.33
N LEU B 1330 75.80 14.80 -8.61
CA LEU B 1330 74.89 14.40 -9.67
C LEU B 1330 75.76 13.88 -10.81
N ARG B 1331 75.48 12.66 -11.26
CA ARG B 1331 76.27 12.08 -12.35
C ARG B 1331 76.22 12.97 -13.57
N VAL B 1332 77.34 13.05 -14.29
CA VAL B 1332 77.40 13.90 -15.48
C VAL B 1332 77.02 13.14 -16.76
#